data_5O2Q
#
_entry.id   5O2Q
#
_entity_poly.entity_id   1
_entity_poly.type   'polypeptide(L)'
_entity_poly.pdbx_seq_one_letter_code
;GSMKYLNVLAKALYDNVAESPDELSFRKGDIMTVLERDTQGLDGWWLCSLHGRQGIVPGNRLKILVGMYDKKPAGSGGSG
SGLTDELAPPKPPLPEGEV
;
_entity_poly.pdbx_strand_id   A
#
# COMPACT_ATOMS: atom_id res chain seq x y z
N GLY A 1 22.85 -2.93 6.84
CA GLY A 1 22.12 -4.11 6.27
C GLY A 1 22.08 -4.18 4.75
N SER A 2 22.17 -5.41 4.22
CA SER A 2 22.12 -5.62 2.77
C SER A 2 20.74 -5.24 2.25
N MET A 3 20.70 -4.33 1.27
CA MET A 3 19.44 -3.84 0.73
C MET A 3 18.82 -4.85 -0.26
N LYS A 4 18.18 -5.88 0.28
CA LYS A 4 17.55 -6.93 -0.53
C LYS A 4 16.18 -6.48 -1.04
N TYR A 5 15.78 -5.27 -0.69
CA TYR A 5 14.45 -4.78 -1.00
C TYR A 5 14.46 -3.38 -1.58
N LEU A 6 13.35 -3.00 -2.20
CA LEU A 6 13.21 -1.71 -2.89
C LEU A 6 13.30 -0.54 -1.91
N ASN A 7 12.65 -0.69 -0.76
CA ASN A 7 12.61 0.33 0.31
C ASN A 7 12.16 1.71 -0.19
N VAL A 8 11.01 1.76 -0.84
CA VAL A 8 10.46 3.02 -1.36
C VAL A 8 9.28 3.40 -0.49
N LEU A 9 8.86 4.65 -0.49
CA LEU A 9 7.70 5.05 0.29
C LEU A 9 6.45 5.06 -0.59
N ALA A 10 5.33 4.64 -0.04
CA ALA A 10 4.06 4.63 -0.77
C ALA A 10 2.94 5.14 0.13
N LYS A 11 1.97 5.86 -0.43
CA LYS A 11 0.82 6.39 0.31
C LYS A 11 -0.44 5.58 0.05
N ALA A 12 -1.19 5.31 1.11
CA ALA A 12 -2.49 4.66 1.00
C ALA A 12 -3.53 5.64 0.42
N LEU A 13 -4.23 5.25 -0.65
CA LEU A 13 -5.28 6.09 -1.22
C LEU A 13 -6.61 5.80 -0.53
N TYR A 14 -6.67 4.65 0.10
CA TYR A 14 -7.88 4.17 0.77
C TYR A 14 -7.36 3.47 2.00
N ASP A 15 -8.21 3.20 2.97
CA ASP A 15 -7.82 2.44 4.14
C ASP A 15 -7.85 0.95 3.77
N ASN A 16 -7.34 0.12 4.67
CA ASN A 16 -7.33 -1.31 4.45
C ASN A 16 -7.51 -2.04 5.76
N VAL A 17 -8.29 -3.10 5.73
CA VAL A 17 -8.50 -3.95 6.89
C VAL A 17 -7.80 -5.25 6.55
N ALA A 18 -6.90 -5.65 7.42
CA ALA A 18 -6.14 -6.86 7.23
C ALA A 18 -7.02 -8.05 7.59
N GLU A 19 -7.29 -8.89 6.61
CA GLU A 19 -8.14 -10.06 6.79
C GLU A 19 -7.27 -11.30 6.88
N SER A 20 -6.11 -11.24 6.26
CA SER A 20 -5.14 -12.33 6.30
C SER A 20 -4.08 -11.98 7.33
N PRO A 21 -3.43 -12.99 7.92
CA PRO A 21 -2.39 -12.70 8.92
C PRO A 21 -1.14 -12.11 8.30
N ASP A 22 -1.03 -12.21 6.98
CA ASP A 22 0.11 -11.68 6.26
C ASP A 22 -0.14 -10.24 5.87
N GLU A 23 -1.35 -9.76 6.06
CA GLU A 23 -1.75 -8.46 5.52
C GLU A 23 -1.58 -7.31 6.52
N LEU A 24 -1.35 -6.11 6.00
CA LEU A 24 -1.29 -4.90 6.84
C LEU A 24 -2.58 -4.13 6.82
N SER A 25 -2.94 -3.61 7.98
CA SER A 25 -4.10 -2.75 8.14
C SER A 25 -3.57 -1.35 8.34
N PHE A 26 -4.16 -0.41 7.62
CA PHE A 26 -3.74 0.99 7.66
C PHE A 26 -4.88 1.90 7.26
N ARG A 27 -4.68 3.20 7.45
CA ARG A 27 -5.67 4.21 7.13
C ARG A 27 -5.30 4.89 5.82
N LYS A 28 -6.28 5.47 5.15
CA LYS A 28 -6.05 6.29 3.98
C LYS A 28 -5.11 7.42 4.38
N GLY A 29 -4.08 7.63 3.57
CA GLY A 29 -3.12 8.70 3.82
C GLY A 29 -1.86 8.24 4.51
N ASP A 30 -1.85 7.00 5.01
CA ASP A 30 -0.68 6.48 5.72
C ASP A 30 0.44 6.24 4.74
N ILE A 31 1.67 6.22 5.26
CA ILE A 31 2.87 5.96 4.47
C ILE A 31 3.50 4.68 4.96
N MET A 32 3.77 3.77 4.05
CA MET A 32 4.45 2.51 4.38
C MET A 32 5.62 2.32 3.44
N THR A 33 6.59 1.55 3.90
CA THR A 33 7.81 1.28 3.15
C THR A 33 7.61 0.04 2.30
N VAL A 34 7.57 0.20 0.99
CA VAL A 34 7.41 -0.93 0.07
C VAL A 34 8.73 -1.63 -0.05
N LEU A 35 8.72 -2.92 0.27
CA LEU A 35 9.92 -3.73 0.25
C LEU A 35 9.99 -4.46 -1.07
N GLU A 36 8.89 -5.05 -1.51
CA GLU A 36 8.84 -5.65 -2.84
C GLU A 36 7.40 -5.62 -3.35
N ARG A 37 7.20 -6.01 -4.59
CA ARG A 37 5.86 -6.05 -5.17
C ARG A 37 5.72 -7.45 -5.72
N ASP A 38 4.48 -7.92 -5.78
CA ASP A 38 4.15 -9.23 -6.33
C ASP A 38 4.90 -10.31 -5.54
N THR A 39 5.00 -10.02 -4.25
CA THR A 39 5.73 -10.84 -3.29
C THR A 39 5.07 -12.20 -3.14
N GLN A 40 5.89 -13.22 -2.91
CA GLN A 40 5.44 -14.62 -2.80
C GLN A 40 4.70 -15.12 -4.06
N GLY A 41 4.77 -14.37 -5.14
CA GLY A 41 4.05 -14.71 -6.35
C GLY A 41 2.61 -14.24 -6.29
N LEU A 42 2.31 -13.39 -5.31
CA LEU A 42 0.97 -12.86 -5.13
C LEU A 42 0.87 -11.60 -5.97
N ASP A 43 0.52 -11.77 -7.24
CA ASP A 43 0.42 -10.64 -8.15
C ASP A 43 -0.52 -9.58 -7.59
N GLY A 44 -0.05 -8.34 -7.59
CA GLY A 44 -0.86 -7.23 -7.09
C GLY A 44 -0.70 -6.97 -5.61
N TRP A 45 -0.13 -7.91 -4.86
CA TRP A 45 0.11 -7.72 -3.44
C TRP A 45 1.52 -7.18 -3.27
N TRP A 46 1.67 -6.10 -2.51
CA TRP A 46 2.98 -5.48 -2.33
C TRP A 46 3.41 -5.66 -0.88
N LEU A 47 4.62 -6.18 -0.68
CA LEU A 47 5.15 -6.37 0.66
C LEU A 47 5.58 -5.01 1.15
N CYS A 48 5.03 -4.58 2.27
CA CYS A 48 5.39 -3.30 2.84
C CYS A 48 5.62 -3.44 4.33
N SER A 49 6.14 -2.38 4.92
CA SER A 49 6.37 -2.32 6.36
C SER A 49 5.73 -1.04 6.88
N LEU A 50 4.94 -1.18 7.93
CA LEU A 50 4.22 -0.08 8.54
C LEU A 50 4.20 -0.33 10.04
N HIS A 51 4.55 0.69 10.82
CA HIS A 51 4.60 0.59 12.30
C HIS A 51 5.53 -0.55 12.77
N GLY A 52 6.54 -0.87 11.97
CA GLY A 52 7.46 -1.94 12.32
C GLY A 52 6.92 -3.34 12.05
N ARG A 53 5.76 -3.43 11.42
CA ARG A 53 5.13 -4.72 11.11
C ARG A 53 5.22 -4.85 9.61
N GLN A 54 5.57 -6.02 9.15
CA GLN A 54 5.69 -6.28 7.71
C GLN A 54 4.47 -7.06 7.25
N GLY A 55 4.06 -6.85 6.01
CA GLY A 55 2.94 -7.60 5.47
C GLY A 55 2.56 -7.17 4.06
N ILE A 56 1.68 -7.94 3.43
CA ILE A 56 1.23 -7.64 2.08
C ILE A 56 0.12 -6.59 2.10
N VAL A 57 0.01 -5.87 1.00
CA VAL A 57 -0.96 -4.78 0.86
C VAL A 57 -1.49 -4.82 -0.58
N PRO A 58 -2.80 -4.57 -0.77
CA PRO A 58 -3.29 -4.52 -2.15
C PRO A 58 -2.73 -3.28 -2.87
N GLY A 59 -1.94 -3.53 -3.92
CA GLY A 59 -1.24 -2.45 -4.61
C GLY A 59 -2.15 -1.44 -5.25
N ASN A 60 -3.37 -1.83 -5.58
CA ASN A 60 -4.33 -0.92 -6.21
C ASN A 60 -4.95 0.07 -5.21
N ARG A 61 -4.61 -0.06 -3.93
CA ARG A 61 -5.01 0.93 -2.92
C ARG A 61 -3.80 1.72 -2.47
N LEU A 62 -2.66 1.49 -3.12
CA LEU A 62 -1.42 2.19 -2.78
C LEU A 62 -0.90 2.99 -3.95
N LYS A 63 -0.13 4.01 -3.61
CA LYS A 63 0.55 4.80 -4.61
C LYS A 63 2.00 4.94 -4.25
N ILE A 64 2.86 4.47 -5.13
CA ILE A 64 4.29 4.61 -4.95
C ILE A 64 4.60 6.08 -5.07
N LEU A 65 5.29 6.63 -4.08
CA LEU A 65 5.68 8.02 -4.11
C LEU A 65 7.08 8.07 -4.72
N VAL A 66 7.12 8.23 -6.03
CA VAL A 66 8.37 8.20 -6.77
C VAL A 66 9.17 9.47 -6.50
N GLY A 67 10.19 9.35 -5.65
CA GLY A 67 11.00 10.49 -5.26
C GLY A 67 12.06 10.92 -6.27
N MET A 68 11.81 10.65 -7.54
CA MET A 68 12.72 11.07 -8.61
C MET A 68 12.38 12.50 -9.03
N TYR A 69 11.30 13.03 -8.47
CA TYR A 69 10.79 14.33 -8.85
C TYR A 69 10.44 15.16 -7.62
N ASP A 70 10.94 16.38 -7.57
CA ASP A 70 10.65 17.28 -6.45
C ASP A 70 9.19 17.71 -6.50
N LYS A 71 8.55 17.75 -5.34
CA LYS A 71 7.18 18.25 -5.25
C LYS A 71 6.98 18.98 -3.95
N LYS A 72 6.50 20.22 -4.05
CA LYS A 72 6.23 21.04 -2.87
C LYS A 72 4.83 20.69 -2.35
N PRO A 73 4.61 20.76 -1.02
CA PRO A 73 3.29 20.39 -0.50
C PRO A 73 2.22 21.46 -0.76
N ALA A 74 0.95 21.06 -0.68
CA ALA A 74 -0.17 21.97 -0.90
C ALA A 74 -0.42 22.87 0.33
N GLY A 75 -0.23 22.31 1.51
CA GLY A 75 -0.48 23.07 2.75
C GLY A 75 -1.94 23.29 3.07
N SER A 76 -2.83 22.64 2.33
CA SER A 76 -4.28 22.81 2.46
C SER A 76 -4.89 22.07 3.65
N GLY A 77 -4.32 22.26 4.83
CA GLY A 77 -4.83 21.60 6.03
C GLY A 77 -4.50 20.12 6.06
N GLY A 78 -5.11 19.39 6.99
CA GLY A 78 -4.85 17.97 7.11
C GLY A 78 -5.85 17.20 7.95
N SER A 79 -7.10 17.64 7.94
CA SER A 79 -8.14 16.99 8.77
C SER A 79 -8.50 15.59 8.29
N GLY A 80 -8.39 15.35 6.99
CA GLY A 80 -8.68 14.03 6.43
C GLY A 80 -10.14 13.60 6.58
N SER A 81 -11.04 14.57 6.68
CA SER A 81 -12.45 14.28 6.90
C SER A 81 -13.12 13.74 5.64
N GLY A 82 -13.56 12.49 5.71
CA GLY A 82 -14.33 11.89 4.61
C GLY A 82 -15.78 12.30 4.79
N LEU A 83 -16.20 13.33 4.07
CA LEU A 83 -17.55 13.87 4.22
C LEU A 83 -18.53 13.20 3.24
N THR A 84 -17.99 12.34 2.38
CA THR A 84 -18.78 11.62 1.41
C THR A 84 -18.14 10.25 1.23
N ASP A 85 -18.87 9.32 0.61
CA ASP A 85 -18.38 7.97 0.38
C ASP A 85 -17.17 7.93 -0.55
N GLU A 86 -16.11 7.27 -0.11
CA GLU A 86 -14.90 7.09 -0.93
C GLU A 86 -14.60 5.60 -0.99
N LEU A 87 -15.48 4.88 -1.67
CA LEU A 87 -15.41 3.42 -1.75
C LEU A 87 -14.12 2.96 -2.42
N ALA A 88 -13.45 2.01 -1.78
CA ALA A 88 -12.17 1.52 -2.24
C ALA A 88 -12.31 0.42 -3.30
N PRO A 89 -11.32 0.28 -4.20
CA PRO A 89 -11.42 -0.84 -5.14
C PRO A 89 -11.20 -2.19 -4.44
N PRO A 90 -11.63 -3.29 -5.06
CA PRO A 90 -11.47 -4.57 -4.38
C PRO A 90 -10.01 -5.02 -4.33
N LYS A 91 -9.66 -5.76 -3.29
CA LYS A 91 -8.29 -6.29 -3.17
C LYS A 91 -8.17 -7.49 -4.12
N PRO A 92 -6.95 -7.77 -4.62
CA PRO A 92 -6.80 -8.96 -5.45
C PRO A 92 -6.97 -10.22 -4.59
N PRO A 93 -7.22 -11.39 -5.23
CA PRO A 93 -7.44 -12.61 -4.45
C PRO A 93 -6.17 -13.17 -3.82
N LEU A 94 -6.33 -14.22 -3.03
CA LEU A 94 -5.22 -14.89 -2.37
C LEU A 94 -5.39 -16.40 -2.54
N PRO A 95 -4.28 -17.17 -2.46
CA PRO A 95 -4.31 -18.63 -2.62
C PRO A 95 -4.84 -19.37 -1.40
N GLU A 96 -4.94 -20.69 -1.53
CA GLU A 96 -5.43 -21.58 -0.48
C GLU A 96 -4.36 -21.91 0.58
N GLY A 97 -3.54 -20.92 0.92
CA GLY A 97 -2.51 -21.08 1.93
C GLY A 97 -1.09 -20.81 1.45
N GLU A 98 -0.17 -20.68 2.40
CA GLU A 98 1.22 -20.39 2.09
C GLU A 98 1.92 -21.62 1.51
N VAL A 99 2.55 -21.45 0.34
CA VAL A 99 3.27 -22.55 -0.31
C VAL A 99 4.78 -22.55 0.00
N GLY A 1 26.17 -0.67 3.75
CA GLY A 1 24.85 -1.35 3.62
C GLY A 1 24.82 -2.52 2.65
N SER A 2 23.62 -2.95 2.29
CA SER A 2 23.45 -4.02 1.31
C SER A 2 22.14 -3.77 0.58
N MET A 3 22.05 -4.24 -0.65
CA MET A 3 20.86 -4.05 -1.46
C MET A 3 19.82 -5.11 -1.09
N LYS A 4 18.95 -4.77 -0.14
CA LYS A 4 17.85 -5.63 0.25
C LYS A 4 16.60 -4.83 0.03
N TYR A 5 15.68 -5.41 -0.74
CA TYR A 5 14.40 -4.80 -1.04
C TYR A 5 14.48 -3.44 -1.77
N LEU A 6 13.31 -2.96 -2.19
CA LEU A 6 13.21 -1.74 -2.98
C LEU A 6 13.35 -0.49 -2.11
N ASN A 7 12.89 -0.60 -0.87
CA ASN A 7 12.94 0.48 0.14
C ASN A 7 12.31 1.82 -0.32
N VAL A 8 11.15 1.77 -0.98
CA VAL A 8 10.50 2.99 -1.48
C VAL A 8 9.33 3.32 -0.55
N LEU A 9 8.84 4.55 -0.59
CA LEU A 9 7.68 4.93 0.22
C LEU A 9 6.42 4.92 -0.65
N ALA A 10 5.29 4.54 -0.06
CA ALA A 10 4.02 4.54 -0.77
C ALA A 10 2.90 5.05 0.14
N LYS A 11 1.94 5.77 -0.43
CA LYS A 11 0.81 6.32 0.31
C LYS A 11 -0.46 5.52 0.05
N ALA A 12 -1.23 5.28 1.10
CA ALA A 12 -2.55 4.66 1.00
C ALA A 12 -3.55 5.65 0.41
N LEU A 13 -4.23 5.28 -0.67
CA LEU A 13 -5.28 6.13 -1.24
C LEU A 13 -6.59 5.81 -0.56
N TYR A 14 -6.65 4.66 0.08
CA TYR A 14 -7.85 4.18 0.74
C TYR A 14 -7.46 3.45 1.99
N ASP A 15 -8.38 3.33 2.92
CA ASP A 15 -8.18 2.53 4.11
C ASP A 15 -8.11 1.06 3.73
N ASN A 16 -7.45 0.26 4.55
CA ASN A 16 -7.39 -1.17 4.33
C ASN A 16 -7.55 -1.91 5.64
N VAL A 17 -8.33 -2.98 5.59
CA VAL A 17 -8.52 -3.84 6.73
C VAL A 17 -7.86 -5.14 6.35
N ALA A 18 -6.95 -5.58 7.20
CA ALA A 18 -6.20 -6.79 6.97
C ALA A 18 -7.12 -7.98 7.24
N GLU A 19 -7.31 -8.82 6.23
CA GLU A 19 -8.19 -9.98 6.35
C GLU A 19 -7.34 -11.23 6.52
N SER A 20 -6.09 -11.12 6.11
CA SER A 20 -5.12 -12.19 6.30
C SER A 20 -4.13 -11.74 7.37
N PRO A 21 -3.55 -12.68 8.12
CA PRO A 21 -2.59 -12.28 9.16
C PRO A 21 -1.27 -11.78 8.55
N ASP A 22 -1.10 -11.99 7.26
CA ASP A 22 0.08 -11.60 6.53
C ASP A 22 -0.12 -10.23 5.93
N GLU A 23 -1.31 -9.67 6.08
CA GLU A 23 -1.68 -8.39 5.45
C GLU A 23 -1.58 -7.23 6.44
N LEU A 24 -1.30 -6.04 5.93
CA LEU A 24 -1.27 -4.84 6.76
C LEU A 24 -2.59 -4.10 6.71
N SER A 25 -2.98 -3.58 7.86
CA SER A 25 -4.16 -2.74 7.97
C SER A 25 -3.62 -1.34 8.17
N PHE A 26 -4.21 -0.40 7.46
CA PHE A 26 -3.80 1.00 7.54
C PHE A 26 -4.91 1.95 7.13
N ARG A 27 -4.70 3.22 7.40
CA ARG A 27 -5.66 4.27 7.12
C ARG A 27 -5.31 4.96 5.81
N LYS A 28 -6.30 5.53 5.16
CA LYS A 28 -6.09 6.37 3.98
C LYS A 28 -5.15 7.51 4.37
N GLY A 29 -4.10 7.69 3.59
CA GLY A 29 -3.12 8.73 3.85
C GLY A 29 -1.84 8.23 4.49
N ASP A 30 -1.86 7.02 5.03
CA ASP A 30 -0.69 6.45 5.71
C ASP A 30 0.44 6.20 4.73
N ILE A 31 1.66 6.20 5.24
CA ILE A 31 2.85 5.94 4.43
C ILE A 31 3.49 4.66 4.93
N MET A 32 3.76 3.74 4.02
CA MET A 32 4.45 2.50 4.35
C MET A 32 5.64 2.33 3.42
N THR A 33 6.60 1.57 3.91
CA THR A 33 7.83 1.30 3.15
C THR A 33 7.61 0.06 2.32
N VAL A 34 7.60 0.20 1.00
CA VAL A 34 7.44 -0.93 0.10
C VAL A 34 8.77 -1.64 0.01
N LEU A 35 8.74 -2.92 0.31
CA LEU A 35 9.92 -3.75 0.30
C LEU A 35 10.01 -4.47 -1.02
N GLU A 36 8.90 -5.05 -1.46
CA GLU A 36 8.86 -5.63 -2.80
C GLU A 36 7.43 -5.58 -3.31
N ARG A 37 7.24 -5.92 -4.57
CA ARG A 37 5.91 -5.93 -5.17
C ARG A 37 5.72 -7.30 -5.76
N ASP A 38 4.47 -7.73 -5.77
CA ASP A 38 4.08 -9.01 -6.36
C ASP A 38 4.86 -10.14 -5.67
N THR A 39 5.00 -9.92 -4.36
CA THR A 39 5.76 -10.80 -3.47
C THR A 39 5.11 -12.17 -3.41
N GLN A 40 5.95 -13.20 -3.31
CA GLN A 40 5.50 -14.61 -3.27
C GLN A 40 4.72 -15.04 -4.51
N GLY A 41 4.76 -14.21 -5.54
CA GLY A 41 3.99 -14.48 -6.75
C GLY A 41 2.55 -14.05 -6.58
N LEU A 42 2.27 -13.28 -5.55
CA LEU A 42 0.93 -12.80 -5.28
C LEU A 42 0.76 -11.51 -6.08
N ASP A 43 0.27 -11.64 -7.30
CA ASP A 43 0.12 -10.49 -8.18
C ASP A 43 -0.75 -9.42 -7.54
N GLY A 44 -0.24 -8.19 -7.54
CA GLY A 44 -0.97 -7.08 -6.96
C GLY A 44 -0.73 -6.89 -5.47
N TRP A 45 -0.17 -7.87 -4.80
CA TRP A 45 0.14 -7.75 -3.38
C TRP A 45 1.55 -7.24 -3.22
N TRP A 46 1.73 -6.17 -2.47
CA TRP A 46 3.03 -5.55 -2.31
C TRP A 46 3.47 -5.69 -0.86
N LEU A 47 4.66 -6.23 -0.65
CA LEU A 47 5.19 -6.39 0.69
C LEU A 47 5.62 -5.03 1.19
N CYS A 48 5.06 -4.60 2.31
CA CYS A 48 5.42 -3.32 2.88
C CYS A 48 5.65 -3.44 4.38
N SER A 49 6.20 -2.40 4.95
CA SER A 49 6.41 -2.32 6.39
C SER A 49 5.77 -1.04 6.89
N LEU A 50 4.94 -1.17 7.91
CA LEU A 50 4.22 -0.05 8.51
C LEU A 50 4.19 -0.27 10.02
N HIS A 51 4.58 0.76 10.76
CA HIS A 51 4.62 0.72 12.24
C HIS A 51 5.48 -0.46 12.76
N GLY A 52 6.49 -0.85 12.00
CA GLY A 52 7.36 -1.95 12.40
C GLY A 52 6.79 -3.34 12.14
N ARG A 53 5.64 -3.42 11.48
CA ARG A 53 5.01 -4.70 11.15
C ARG A 53 5.16 -4.83 9.65
N GLN A 54 5.52 -6.01 9.19
CA GLN A 54 5.66 -6.28 7.77
C GLN A 54 4.49 -7.12 7.28
N GLY A 55 4.01 -6.85 6.09
CA GLY A 55 2.91 -7.61 5.53
C GLY A 55 2.58 -7.20 4.12
N ILE A 56 1.70 -7.94 3.46
CA ILE A 56 1.30 -7.64 2.10
C ILE A 56 0.23 -6.56 2.10
N VAL A 57 0.11 -5.86 0.99
CA VAL A 57 -0.82 -4.75 0.84
C VAL A 57 -1.40 -4.79 -0.56
N PRO A 58 -2.72 -4.53 -0.71
CA PRO A 58 -3.27 -4.46 -2.07
C PRO A 58 -2.77 -3.20 -2.80
N GLY A 59 -1.93 -3.40 -3.80
CA GLY A 59 -1.36 -2.29 -4.56
C GLY A 59 -2.42 -1.44 -5.24
N ASN A 60 -3.59 -2.02 -5.46
CA ASN A 60 -4.71 -1.30 -6.07
C ASN A 60 -5.24 -0.16 -5.18
N ARG A 61 -4.83 -0.14 -3.91
CA ARG A 61 -5.22 0.91 -2.98
C ARG A 61 -4.00 1.71 -2.52
N LEU A 62 -2.87 1.47 -3.17
CA LEU A 62 -1.61 2.09 -2.77
C LEU A 62 -0.94 2.83 -3.92
N LYS A 63 -0.28 3.94 -3.59
CA LYS A 63 0.45 4.70 -4.60
C LYS A 63 1.89 4.85 -4.23
N ILE A 64 2.73 4.35 -5.11
CA ILE A 64 4.18 4.46 -4.94
C ILE A 64 4.55 5.92 -5.09
N LEU A 65 5.24 6.46 -4.10
CA LEU A 65 5.64 7.86 -4.11
C LEU A 65 7.05 7.99 -4.67
N VAL A 66 7.13 8.00 -5.98
CA VAL A 66 8.41 8.18 -6.67
C VAL A 66 8.75 9.66 -6.54
N GLY A 67 10.02 9.97 -6.29
CA GLY A 67 10.46 11.35 -6.20
C GLY A 67 10.66 11.96 -7.58
N MET A 68 11.88 12.45 -7.84
CA MET A 68 12.20 13.05 -9.13
C MET A 68 13.40 12.34 -9.74
N TYR A 69 13.50 12.38 -11.06
CA TYR A 69 14.58 11.71 -11.80
C TYR A 69 14.68 12.28 -13.23
N ASP A 70 13.61 12.14 -13.99
CA ASP A 70 13.55 12.61 -15.38
C ASP A 70 13.30 14.12 -15.46
N LYS A 71 12.64 14.66 -14.44
CA LYS A 71 12.26 16.07 -14.42
C LYS A 71 12.63 16.71 -13.09
N LYS A 72 12.63 18.04 -13.09
CA LYS A 72 12.98 18.82 -11.89
C LYS A 72 11.96 18.55 -10.78
N PRO A 73 12.37 18.63 -9.50
CA PRO A 73 11.40 18.37 -8.43
C PRO A 73 10.35 19.46 -8.27
N ALA A 74 9.26 19.10 -7.61
CA ALA A 74 8.16 20.02 -7.30
C ALA A 74 7.48 19.40 -6.09
N GLY A 75 6.51 20.09 -5.50
CA GLY A 75 5.78 19.56 -4.37
C GLY A 75 4.50 20.35 -4.17
N SER A 76 3.60 19.86 -3.34
CA SER A 76 2.29 20.52 -3.14
C SER A 76 1.91 20.73 -1.68
N GLY A 77 2.73 20.24 -0.76
CA GLY A 77 2.40 20.35 0.66
C GLY A 77 1.30 19.37 1.04
N GLY A 78 0.51 19.74 2.04
CA GLY A 78 -0.59 18.91 2.49
C GLY A 78 -1.87 19.71 2.45
N SER A 79 -3.01 19.04 2.44
CA SER A 79 -4.31 19.70 2.38
C SER A 79 -5.30 18.80 3.09
N GLY A 80 -6.45 19.35 3.47
CA GLY A 80 -7.49 18.57 4.11
C GLY A 80 -8.80 18.81 3.41
N SER A 81 -9.57 17.76 3.18
CA SER A 81 -10.84 17.88 2.47
C SER A 81 -11.78 16.80 2.99
N GLY A 82 -13.08 17.02 2.83
CA GLY A 82 -14.06 16.03 3.25
C GLY A 82 -14.29 15.05 2.13
N LEU A 83 -13.63 13.90 2.21
CA LEU A 83 -13.76 12.88 1.18
C LEU A 83 -14.59 11.71 1.71
N THR A 84 -15.89 11.84 1.56
CA THR A 84 -16.86 10.83 2.01
C THR A 84 -17.49 10.25 0.76
N ASP A 85 -18.10 9.07 0.91
CA ASP A 85 -18.73 8.31 -0.19
C ASP A 85 -17.71 7.85 -1.25
N GLU A 86 -16.44 8.01 -0.92
CA GLU A 86 -15.34 7.59 -1.79
C GLU A 86 -15.03 6.12 -1.50
N LEU A 87 -15.75 5.23 -2.16
CA LEU A 87 -15.61 3.80 -1.91
C LEU A 87 -14.30 3.26 -2.49
N ALA A 88 -13.65 2.39 -1.74
CA ALA A 88 -12.36 1.84 -2.13
C ALA A 88 -12.52 0.74 -3.20
N PRO A 89 -11.55 0.64 -4.14
CA PRO A 89 -11.64 -0.42 -5.15
C PRO A 89 -11.31 -1.80 -4.58
N PRO A 90 -11.66 -2.89 -5.31
CA PRO A 90 -11.36 -4.24 -4.78
C PRO A 90 -9.86 -4.51 -4.57
N LYS A 91 -9.58 -5.51 -3.74
CA LYS A 91 -8.21 -5.98 -3.53
C LYS A 91 -8.04 -7.25 -4.37
N PRO A 92 -6.81 -7.58 -4.79
CA PRO A 92 -6.63 -8.82 -5.56
C PRO A 92 -6.85 -10.06 -4.68
N PRO A 93 -7.10 -11.24 -5.29
CA PRO A 93 -7.35 -12.45 -4.49
C PRO A 93 -6.09 -13.04 -3.88
N LEU A 94 -6.26 -14.08 -3.06
CA LEU A 94 -5.15 -14.78 -2.42
C LEU A 94 -5.37 -16.29 -2.57
N PRO A 95 -4.29 -17.08 -2.49
CA PRO A 95 -4.39 -18.55 -2.55
C PRO A 95 -4.89 -19.14 -1.23
N GLU A 96 -5.18 -20.43 -1.27
CA GLU A 96 -5.69 -21.16 -0.09
C GLU A 96 -4.57 -21.96 0.61
N GLY A 97 -3.32 -21.54 0.41
CA GLY A 97 -2.20 -22.25 1.01
C GLY A 97 -0.90 -21.95 0.30
N GLU A 98 0.16 -22.66 0.68
CA GLU A 98 1.47 -22.48 0.05
C GLU A 98 1.42 -23.02 -1.39
N VAL A 99 1.39 -22.11 -2.35
CA VAL A 99 1.25 -22.45 -3.78
C VAL A 99 2.58 -22.88 -4.45
N GLY A 1 26.47 1.03 -3.01
CA GLY A 1 25.77 0.65 -1.75
C GLY A 1 25.22 -0.78 -1.73
N SER A 2 24.38 -1.06 -0.73
CA SER A 2 23.74 -2.37 -0.60
C SER A 2 22.34 -2.17 -0.04
N MET A 3 21.37 -2.83 -0.65
CA MET A 3 19.97 -2.73 -0.25
C MET A 3 19.44 -4.15 -0.23
N LYS A 4 18.40 -4.40 0.57
CA LYS A 4 17.82 -5.74 0.68
C LYS A 4 16.53 -5.83 -0.09
N TYR A 5 15.93 -4.67 -0.29
CA TYR A 5 14.61 -4.54 -0.87
C TYR A 5 14.57 -3.25 -1.68
N LEU A 6 13.43 -2.97 -2.31
CA LEU A 6 13.24 -1.72 -3.05
C LEU A 6 13.31 -0.55 -2.08
N ASN A 7 12.73 -0.73 -0.90
CA ASN A 7 12.75 0.28 0.18
C ASN A 7 12.27 1.67 -0.27
N VAL A 8 11.09 1.73 -0.88
CA VAL A 8 10.51 2.98 -1.37
C VAL A 8 9.32 3.33 -0.49
N LEU A 9 8.87 4.58 -0.50
CA LEU A 9 7.69 4.97 0.28
C LEU A 9 6.44 4.94 -0.60
N ALA A 10 5.31 4.55 -0.03
CA ALA A 10 4.03 4.57 -0.75
C ALA A 10 2.93 5.09 0.16
N LYS A 11 1.98 5.84 -0.40
CA LYS A 11 0.84 6.39 0.35
C LYS A 11 -0.45 5.65 0.05
N ALA A 12 -1.22 5.39 1.09
CA ALA A 12 -2.52 4.74 0.97
C ALA A 12 -3.56 5.70 0.38
N LEU A 13 -4.25 5.30 -0.69
CA LEU A 13 -5.33 6.11 -1.27
C LEU A 13 -6.64 5.77 -0.61
N TYR A 14 -6.68 4.61 0.03
CA TYR A 14 -7.87 4.11 0.69
C TYR A 14 -7.34 3.42 1.93
N ASP A 15 -8.19 3.23 2.92
CA ASP A 15 -7.79 2.50 4.11
C ASP A 15 -7.86 1.01 3.79
N ASN A 16 -7.30 0.19 4.65
CA ASN A 16 -7.29 -1.24 4.45
C ASN A 16 -7.46 -1.95 5.77
N VAL A 17 -8.24 -3.02 5.74
CA VAL A 17 -8.45 -3.86 6.91
C VAL A 17 -7.77 -5.16 6.54
N ALA A 18 -6.86 -5.59 7.40
CA ALA A 18 -6.10 -6.80 7.18
C ALA A 18 -7.00 -7.99 7.50
N GLU A 19 -7.20 -8.84 6.51
CA GLU A 19 -8.05 -10.02 6.65
C GLU A 19 -7.18 -11.27 6.65
N SER A 20 -6.02 -11.15 6.01
CA SER A 20 -5.02 -12.21 6.04
C SER A 20 -4.08 -11.89 7.18
N PRO A 21 -3.53 -12.91 7.84
CA PRO A 21 -2.57 -12.64 8.91
C PRO A 21 -1.26 -12.04 8.38
N ASP A 22 -1.07 -12.12 7.07
CA ASP A 22 0.12 -11.60 6.42
C ASP A 22 -0.12 -10.19 5.93
N GLU A 23 -1.33 -9.67 6.09
CA GLU A 23 -1.69 -8.38 5.51
C GLU A 23 -1.54 -7.23 6.52
N LEU A 24 -1.31 -6.03 6.01
CA LEU A 24 -1.24 -4.83 6.86
C LEU A 24 -2.55 -4.06 6.85
N SER A 25 -2.88 -3.52 8.02
CA SER A 25 -4.04 -2.68 8.18
C SER A 25 -3.54 -1.26 8.38
N PHE A 26 -4.12 -0.33 7.63
CA PHE A 26 -3.71 1.07 7.67
C PHE A 26 -4.86 1.98 7.24
N ARG A 27 -4.67 3.29 7.44
CA ARG A 27 -5.68 4.27 7.09
C ARG A 27 -5.31 4.98 5.78
N LYS A 28 -6.31 5.56 5.15
CA LYS A 28 -6.10 6.37 3.95
C LYS A 28 -5.19 7.54 4.32
N GLY A 29 -4.13 7.71 3.54
CA GLY A 29 -3.15 8.76 3.80
C GLY A 29 -1.88 8.26 4.45
N ASP A 30 -1.91 7.05 5.00
CA ASP A 30 -0.75 6.50 5.72
C ASP A 30 0.39 6.21 4.77
N ILE A 31 1.60 6.13 5.31
CA ILE A 31 2.80 5.85 4.53
C ILE A 31 3.42 4.54 5.00
N MET A 32 3.70 3.65 4.06
CA MET A 32 4.38 2.40 4.36
C MET A 32 5.58 2.26 3.44
N THR A 33 6.55 1.50 3.91
CA THR A 33 7.78 1.26 3.15
C THR A 33 7.59 0.02 2.29
N VAL A 34 7.55 0.19 0.97
CA VAL A 34 7.41 -0.93 0.06
C VAL A 34 8.75 -1.64 -0.03
N LEU A 35 8.73 -2.91 0.28
CA LEU A 35 9.92 -3.73 0.27
C LEU A 35 10.02 -4.44 -1.07
N GLU A 36 8.93 -5.06 -1.51
CA GLU A 36 8.88 -5.64 -2.84
C GLU A 36 7.45 -5.60 -3.33
N ARG A 37 7.24 -5.95 -4.59
CA ARG A 37 5.91 -6.01 -5.17
C ARG A 37 5.74 -7.40 -5.73
N ASP A 38 4.49 -7.84 -5.78
CA ASP A 38 4.13 -9.14 -6.36
C ASP A 38 4.87 -10.25 -5.60
N THR A 39 4.98 -10.01 -4.30
CA THR A 39 5.71 -10.86 -3.36
C THR A 39 5.05 -12.23 -3.25
N GLN A 40 5.85 -13.26 -3.06
CA GLN A 40 5.39 -14.65 -2.96
C GLN A 40 4.63 -15.14 -4.20
N GLY A 41 4.73 -14.38 -5.29
CA GLY A 41 3.99 -14.71 -6.50
C GLY A 41 2.55 -14.22 -6.41
N LEU A 42 2.27 -13.37 -5.44
CA LEU A 42 0.94 -12.84 -5.24
C LEU A 42 0.84 -11.56 -6.05
N ASP A 43 0.49 -11.71 -7.31
CA ASP A 43 0.39 -10.55 -8.21
C ASP A 43 -0.56 -9.51 -7.63
N GLY A 44 -0.09 -8.27 -7.58
CA GLY A 44 -0.91 -7.19 -7.05
C GLY A 44 -0.74 -6.96 -5.56
N TRP A 45 -0.15 -7.91 -4.84
CA TRP A 45 0.12 -7.72 -3.42
C TRP A 45 1.53 -7.19 -3.27
N TRP A 46 1.69 -6.11 -2.51
CA TRP A 46 3.01 -5.50 -2.33
C TRP A 46 3.44 -5.68 -0.88
N LEU A 47 4.63 -6.22 -0.67
CA LEU A 47 5.16 -6.40 0.67
C LEU A 47 5.60 -5.05 1.16
N CYS A 48 5.03 -4.61 2.27
CA CYS A 48 5.39 -3.33 2.84
C CYS A 48 5.63 -3.46 4.33
N SER A 49 6.15 -2.41 4.91
CA SER A 49 6.38 -2.33 6.34
C SER A 49 5.74 -1.05 6.86
N LEU A 50 4.95 -1.19 7.92
CA LEU A 50 4.21 -0.08 8.51
C LEU A 50 4.20 -0.29 10.01
N HIS A 51 4.57 0.75 10.76
CA HIS A 51 4.61 0.71 12.23
C HIS A 51 5.50 -0.44 12.76
N GLY A 52 6.52 -0.80 11.99
CA GLY A 52 7.41 -1.88 12.39
C GLY A 52 6.87 -3.28 12.14
N ARG A 53 5.74 -3.37 11.45
CA ARG A 53 5.12 -4.66 11.14
C ARG A 53 5.22 -4.81 9.65
N GLN A 54 5.56 -6.00 9.19
CA GLN A 54 5.69 -6.28 7.77
C GLN A 54 4.48 -7.06 7.30
N GLY A 55 4.08 -6.84 6.06
CA GLY A 55 2.95 -7.58 5.51
C GLY A 55 2.59 -7.16 4.11
N ILE A 56 1.72 -7.91 3.46
CA ILE A 56 1.29 -7.61 2.09
C ILE A 56 0.18 -6.56 2.12
N VAL A 57 0.07 -5.84 1.02
CA VAL A 57 -0.90 -4.75 0.88
C VAL A 57 -1.44 -4.79 -0.54
N PRO A 58 -2.75 -4.55 -0.73
CA PRO A 58 -3.24 -4.49 -2.11
C PRO A 58 -2.70 -3.25 -2.83
N GLY A 59 -1.91 -3.49 -3.88
CA GLY A 59 -1.24 -2.40 -4.59
C GLY A 59 -2.18 -1.42 -5.24
N ASN A 60 -3.39 -1.84 -5.54
CA ASN A 60 -4.38 -0.95 -6.16
C ASN A 60 -4.99 0.04 -5.16
N ARG A 61 -4.62 -0.05 -3.89
CA ARG A 61 -5.01 0.94 -2.89
C ARG A 61 -3.78 1.76 -2.47
N LEU A 62 -2.66 1.54 -3.15
CA LEU A 62 -1.42 2.24 -2.84
C LEU A 62 -0.90 3.06 -4.01
N LYS A 63 -0.15 4.09 -3.65
CA LYS A 63 0.53 4.93 -4.64
C LYS A 63 1.97 5.05 -4.26
N ILE A 64 2.84 4.62 -5.16
CA ILE A 64 4.27 4.71 -4.95
C ILE A 64 4.65 6.18 -5.02
N LEU A 65 5.36 6.67 -4.01
CA LEU A 65 5.77 8.07 -3.96
C LEU A 65 7.16 8.23 -4.53
N VAL A 66 7.23 8.49 -5.83
CA VAL A 66 8.52 8.72 -6.49
C VAL A 66 8.93 10.20 -6.31
N GLY A 67 8.08 10.94 -5.60
CA GLY A 67 8.33 12.35 -5.35
C GLY A 67 7.93 13.22 -6.51
N MET A 68 8.66 13.15 -7.62
CA MET A 68 8.35 13.94 -8.80
C MET A 68 7.09 13.40 -9.49
N TYR A 69 6.90 12.09 -9.41
CA TYR A 69 5.70 11.47 -9.96
C TYR A 69 4.70 11.25 -8.84
N ASP A 70 3.71 12.13 -8.79
CA ASP A 70 2.60 12.05 -7.85
C ASP A 70 1.41 12.63 -8.61
N LYS A 71 0.22 12.57 -8.05
CA LYS A 71 -0.98 13.10 -8.69
C LYS A 71 -1.91 13.64 -7.61
N LYS A 72 -2.41 14.85 -7.83
CA LYS A 72 -3.34 15.48 -6.90
C LYS A 72 -4.66 14.69 -6.84
N PRO A 73 -5.34 14.69 -5.67
CA PRO A 73 -6.65 14.03 -5.61
C PRO A 73 -7.71 14.85 -6.33
N ALA A 74 -8.95 14.37 -6.34
CA ALA A 74 -10.05 15.05 -7.02
C ALA A 74 -10.31 16.47 -6.46
N GLY A 75 -10.04 16.68 -5.18
CA GLY A 75 -10.20 18.00 -4.60
C GLY A 75 -11.64 18.36 -4.26
N SER A 76 -12.35 17.44 -3.63
CA SER A 76 -13.74 17.70 -3.22
C SER A 76 -13.78 18.89 -2.27
N GLY A 77 -14.76 19.76 -2.47
CA GLY A 77 -14.89 20.96 -1.65
C GLY A 77 -15.83 20.78 -0.47
N GLY A 78 -15.99 19.54 -0.02
CA GLY A 78 -16.87 19.27 1.11
C GLY A 78 -16.28 19.82 2.40
N SER A 79 -17.07 20.60 3.13
CA SER A 79 -16.61 21.21 4.39
C SER A 79 -16.48 20.16 5.50
N GLY A 80 -17.22 19.07 5.36
CA GLY A 80 -17.20 18.00 6.34
C GLY A 80 -17.94 16.83 5.75
N SER A 81 -18.08 15.75 6.51
CA SER A 81 -18.81 14.58 6.04
C SER A 81 -20.29 14.91 5.92
N GLY A 82 -20.93 14.43 4.88
CA GLY A 82 -22.36 14.68 4.68
C GLY A 82 -22.93 13.73 3.65
N LEU A 83 -23.06 12.46 4.02
CA LEU A 83 -23.54 11.39 3.11
C LEU A 83 -22.65 11.32 1.87
N THR A 84 -21.36 11.32 2.12
CA THR A 84 -20.33 11.29 1.07
C THR A 84 -19.44 10.08 1.32
N ASP A 85 -19.23 9.26 0.31
CA ASP A 85 -18.42 8.05 0.43
C ASP A 85 -17.51 7.87 -0.77
N GLU A 86 -16.36 7.22 -0.53
CA GLU A 86 -15.42 6.88 -1.60
C GLU A 86 -15.11 5.39 -1.46
N LEU A 87 -15.80 4.59 -2.27
CA LEU A 87 -15.62 3.13 -2.19
C LEU A 87 -14.23 2.74 -2.68
N ALA A 88 -13.57 1.90 -1.91
CA ALA A 88 -12.24 1.44 -2.24
C ALA A 88 -12.31 0.30 -3.26
N PRO A 89 -11.28 0.16 -4.12
CA PRO A 89 -11.34 -0.99 -5.04
C PRO A 89 -11.11 -2.31 -4.30
N PRO A 90 -11.55 -3.43 -4.90
CA PRO A 90 -11.37 -4.69 -4.17
C PRO A 90 -9.92 -5.14 -4.16
N LYS A 91 -9.52 -5.82 -3.11
CA LYS A 91 -8.15 -6.34 -3.00
C LYS A 91 -8.06 -7.56 -3.93
N PRO A 92 -6.87 -7.85 -4.48
CA PRO A 92 -6.76 -9.07 -5.29
C PRO A 92 -6.92 -10.32 -4.41
N PRO A 93 -7.23 -11.48 -5.02
CA PRO A 93 -7.46 -12.68 -4.19
C PRO A 93 -6.17 -13.25 -3.61
N LEU A 94 -6.33 -14.27 -2.77
CA LEU A 94 -5.20 -14.96 -2.15
C LEU A 94 -5.39 -16.48 -2.27
N PRO A 95 -4.29 -17.25 -2.23
CA PRO A 95 -4.35 -18.72 -2.27
C PRO A 95 -4.74 -19.34 -0.94
N GLU A 96 -4.84 -20.66 -0.93
CA GLU A 96 -5.17 -21.45 0.25
C GLU A 96 -3.95 -21.62 1.19
N GLY A 97 -3.10 -20.61 1.26
CA GLY A 97 -1.90 -20.66 2.09
C GLY A 97 -0.65 -21.05 1.30
N GLU A 98 0.45 -21.25 2.02
CA GLU A 98 1.73 -21.62 1.41
C GLU A 98 1.62 -23.04 0.84
N VAL A 99 2.04 -23.20 -0.42
CA VAL A 99 2.01 -24.50 -1.10
C VAL A 99 3.34 -24.78 -1.81
N GLY A 1 21.98 -2.59 8.51
CA GLY A 1 21.68 -3.93 7.93
C GLY A 1 21.75 -4.02 6.41
N SER A 2 22.00 -5.25 5.92
CA SER A 2 22.12 -5.48 4.48
C SER A 2 20.77 -5.31 3.79
N MET A 3 20.68 -4.34 2.90
CA MET A 3 19.45 -4.08 2.17
C MET A 3 19.19 -5.19 1.17
N LYS A 4 17.95 -5.66 1.12
CA LYS A 4 17.54 -6.72 0.20
C LYS A 4 16.22 -6.38 -0.46
N TYR A 5 15.80 -5.14 -0.31
CA TYR A 5 14.48 -4.71 -0.75
C TYR A 5 14.52 -3.36 -1.43
N LEU A 6 13.41 -3.00 -2.07
CA LEU A 6 13.27 -1.74 -2.80
C LEU A 6 13.33 -0.53 -1.85
N ASN A 7 12.70 -0.67 -0.69
CA ASN A 7 12.65 0.38 0.35
C ASN A 7 12.18 1.74 -0.16
N VAL A 8 11.04 1.76 -0.86
CA VAL A 8 10.48 3.00 -1.39
C VAL A 8 9.28 3.35 -0.52
N LEU A 9 8.85 4.59 -0.51
CA LEU A 9 7.68 4.98 0.28
C LEU A 9 6.44 4.98 -0.60
N ALA A 10 5.31 4.58 -0.04
CA ALA A 10 4.04 4.60 -0.77
C ALA A 10 2.94 5.13 0.14
N LYS A 11 2.01 5.90 -0.43
CA LYS A 11 0.88 6.45 0.33
C LYS A 11 -0.40 5.67 0.04
N ALA A 12 -1.15 5.40 1.09
CA ALA A 12 -2.44 4.73 0.98
C ALA A 12 -3.48 5.70 0.41
N LEU A 13 -4.18 5.31 -0.65
CA LEU A 13 -5.25 6.14 -1.23
C LEU A 13 -6.55 5.84 -0.54
N TYR A 14 -6.59 4.69 0.11
CA TYR A 14 -7.79 4.21 0.79
C TYR A 14 -7.28 3.54 2.04
N ASP A 15 -8.16 3.23 2.98
CA ASP A 15 -7.76 2.48 4.16
C ASP A 15 -7.68 1.01 3.76
N ASN A 16 -7.24 0.16 4.67
CA ASN A 16 -7.21 -1.27 4.44
C ASN A 16 -7.40 -2.00 5.75
N VAL A 17 -8.17 -3.08 5.70
CA VAL A 17 -8.38 -3.93 6.84
C VAL A 17 -7.66 -5.22 6.51
N ALA A 18 -6.76 -5.61 7.38
CA ALA A 18 -5.99 -6.83 7.21
C ALA A 18 -6.90 -8.01 7.56
N GLU A 19 -7.24 -8.78 6.56
CA GLU A 19 -8.12 -9.95 6.74
C GLU A 19 -7.26 -11.19 6.84
N SER A 20 -6.06 -11.09 6.29
CA SER A 20 -5.10 -12.18 6.34
C SER A 20 -4.09 -11.87 7.43
N PRO A 21 -3.51 -12.90 8.06
CA PRO A 21 -2.52 -12.64 9.11
C PRO A 21 -1.21 -12.10 8.54
N ASP A 22 -1.10 -12.09 7.22
CA ASP A 22 0.08 -11.66 6.52
C ASP A 22 -0.11 -10.28 5.93
N GLU A 23 -1.29 -9.71 6.12
CA GLU A 23 -1.65 -8.42 5.53
C GLU A 23 -1.49 -7.27 6.52
N LEU A 24 -1.30 -6.07 6.03
CA LEU A 24 -1.22 -4.86 6.87
C LEU A 24 -2.52 -4.08 6.87
N SER A 25 -2.85 -3.52 8.02
CA SER A 25 -4.01 -2.68 8.19
C SER A 25 -3.53 -1.27 8.39
N PHE A 26 -4.11 -0.35 7.63
CA PHE A 26 -3.73 1.07 7.66
C PHE A 26 -4.88 1.97 7.25
N ARG A 27 -4.67 3.28 7.38
CA ARG A 27 -5.67 4.28 7.06
C ARG A 27 -5.28 4.99 5.76
N LYS A 28 -6.28 5.57 5.10
CA LYS A 28 -6.03 6.40 3.92
C LYS A 28 -5.10 7.55 4.33
N GLY A 29 -4.05 7.74 3.55
CA GLY A 29 -3.10 8.80 3.80
C GLY A 29 -1.84 8.33 4.52
N ASP A 30 -1.84 7.08 4.99
CA ASP A 30 -0.68 6.54 5.72
C ASP A 30 0.45 6.28 4.75
N ILE A 31 1.66 6.18 5.30
CA ILE A 31 2.86 5.89 4.50
C ILE A 31 3.45 4.58 4.98
N MET A 32 3.73 3.68 4.05
CA MET A 32 4.39 2.43 4.37
C MET A 32 5.57 2.26 3.44
N THR A 33 6.54 1.49 3.90
CA THR A 33 7.76 1.25 3.15
C THR A 33 7.57 0.02 2.28
N VAL A 34 7.54 0.20 0.97
CA VAL A 34 7.38 -0.93 0.04
C VAL A 34 8.70 -1.64 -0.07
N LEU A 35 8.69 -2.90 0.28
CA LEU A 35 9.87 -3.73 0.28
C LEU A 35 9.97 -4.45 -1.05
N GLU A 36 8.87 -5.02 -1.50
CA GLU A 36 8.83 -5.63 -2.83
C GLU A 36 7.41 -5.64 -3.38
N ARG A 37 7.25 -6.01 -4.63
CA ARG A 37 5.93 -6.06 -5.28
C ARG A 37 5.83 -7.42 -5.90
N ASP A 38 4.62 -7.96 -5.99
CA ASP A 38 4.38 -9.35 -6.46
C ASP A 38 5.17 -10.27 -5.52
N THR A 39 5.08 -9.92 -4.24
CA THR A 39 5.78 -10.64 -3.20
C THR A 39 5.20 -12.03 -3.09
N GLN A 40 6.07 -13.01 -2.89
CA GLN A 40 5.70 -14.43 -2.81
C GLN A 40 4.94 -14.95 -4.04
N GLY A 41 5.01 -14.21 -5.15
CA GLY A 41 4.29 -14.59 -6.35
C GLY A 41 2.83 -14.18 -6.29
N LEU A 42 2.51 -13.31 -5.36
CA LEU A 42 1.15 -12.83 -5.18
C LEU A 42 1.00 -11.55 -5.97
N ASP A 43 0.64 -11.67 -7.24
CA ASP A 43 0.46 -10.49 -8.07
C ASP A 43 -0.59 -9.60 -7.44
N GLY A 44 -0.38 -8.31 -7.58
CA GLY A 44 -1.27 -7.34 -6.99
C GLY A 44 -0.91 -7.02 -5.56
N TRP A 45 -0.27 -7.94 -4.85
CA TRP A 45 0.13 -7.73 -3.47
C TRP A 45 1.54 -7.16 -3.41
N TRP A 46 1.74 -6.14 -2.60
CA TRP A 46 3.04 -5.52 -2.43
C TRP A 46 3.44 -5.70 -0.97
N LEU A 47 4.65 -6.18 -0.73
CA LEU A 47 5.15 -6.36 0.63
C LEU A 47 5.55 -5.00 1.14
N CYS A 48 5.00 -4.59 2.26
CA CYS A 48 5.35 -3.32 2.85
C CYS A 48 5.58 -3.45 4.34
N SER A 49 6.10 -2.40 4.92
CA SER A 49 6.36 -2.34 6.35
C SER A 49 5.71 -1.08 6.90
N LEU A 50 4.96 -1.25 7.97
CA LEU A 50 4.18 -0.17 8.59
C LEU A 50 4.07 -0.48 10.07
N HIS A 51 4.28 0.53 10.92
CA HIS A 51 4.21 0.39 12.38
C HIS A 51 5.15 -0.71 12.92
N GLY A 52 6.27 -0.92 12.25
CA GLY A 52 7.22 -1.95 12.68
C GLY A 52 6.75 -3.37 12.38
N ARG A 53 5.74 -3.51 11.55
CA ARG A 53 5.18 -4.81 11.19
C ARG A 53 5.29 -4.90 9.69
N GLN A 54 5.53 -6.09 9.18
CA GLN A 54 5.64 -6.32 7.73
C GLN A 54 4.44 -7.11 7.28
N GLY A 55 4.02 -6.89 6.05
CA GLY A 55 2.90 -7.64 5.50
C GLY A 55 2.55 -7.21 4.10
N ILE A 56 1.68 -7.96 3.45
CA ILE A 56 1.26 -7.66 2.09
C ILE A 56 0.18 -6.59 2.11
N VAL A 57 0.06 -5.86 1.02
CA VAL A 57 -0.90 -4.77 0.87
C VAL A 57 -1.43 -4.80 -0.56
N PRO A 58 -2.73 -4.57 -0.76
CA PRO A 58 -3.21 -4.53 -2.14
C PRO A 58 -2.70 -3.28 -2.86
N GLY A 59 -1.96 -3.50 -3.94
CA GLY A 59 -1.39 -2.39 -4.72
C GLY A 59 -2.45 -1.48 -5.29
N ASN A 60 -3.66 -2.00 -5.47
CA ASN A 60 -4.78 -1.22 -5.98
C ASN A 60 -5.20 -0.08 -5.02
N ARG A 61 -4.74 -0.13 -3.78
CA ARG A 61 -5.05 0.91 -2.80
C ARG A 61 -3.80 1.73 -2.43
N LEU A 62 -2.71 1.52 -3.15
CA LEU A 62 -1.45 2.21 -2.87
C LEU A 62 -0.92 3.03 -4.02
N LYS A 63 -0.20 4.09 -3.67
CA LYS A 63 0.51 4.90 -4.66
C LYS A 63 1.95 5.02 -4.28
N ILE A 64 2.82 4.55 -5.15
CA ILE A 64 4.25 4.66 -4.96
C ILE A 64 4.62 6.13 -5.04
N LEU A 65 5.34 6.62 -4.04
CA LEU A 65 5.79 8.01 -4.04
C LEU A 65 7.18 8.04 -4.66
N VAL A 66 7.21 8.21 -5.96
CA VAL A 66 8.45 8.18 -6.74
C VAL A 66 9.34 9.39 -6.39
N GLY A 67 8.71 10.47 -5.94
CA GLY A 67 9.44 11.66 -5.53
C GLY A 67 9.05 12.86 -6.35
N MET A 68 9.89 13.23 -7.31
CA MET A 68 9.62 14.39 -8.17
C MET A 68 8.49 14.13 -9.15
N TYR A 69 8.14 12.86 -9.35
CA TYR A 69 7.08 12.49 -10.27
C TYR A 69 5.74 12.43 -9.54
N ASP A 70 4.82 13.30 -9.94
CA ASP A 70 3.43 13.27 -9.46
C ASP A 70 2.57 13.58 -10.68
N LYS A 71 1.31 13.17 -10.64
CA LYS A 71 0.39 13.38 -11.76
C LYS A 71 -0.27 14.75 -11.70
N LYS A 72 0.10 15.55 -10.70
CA LYS A 72 -0.42 16.91 -10.55
C LYS A 72 0.76 17.87 -10.56
N PRO A 73 0.65 19.02 -11.24
CA PRO A 73 1.80 19.93 -11.33
C PRO A 73 2.03 20.80 -10.10
N ALA A 74 1.16 20.69 -9.10
CA ALA A 74 1.25 21.52 -7.90
C ALA A 74 0.94 20.68 -6.65
N GLY A 75 1.16 19.38 -6.72
CA GLY A 75 0.88 18.51 -5.59
C GLY A 75 -0.60 18.31 -5.33
N SER A 76 -0.93 17.86 -4.12
CA SER A 76 -2.31 17.58 -3.74
C SER A 76 -3.11 18.86 -3.49
N GLY A 77 -4.28 18.94 -4.11
CA GLY A 77 -5.17 20.08 -3.90
C GLY A 77 -6.05 19.91 -2.67
N GLY A 78 -5.42 19.79 -1.51
CA GLY A 78 -6.15 19.59 -0.28
C GLY A 78 -6.80 18.21 -0.22
N SER A 79 -7.87 18.08 0.55
CA SER A 79 -8.63 16.84 0.65
C SER A 79 -10.05 17.19 1.03
N GLY A 80 -11.02 16.38 0.59
CA GLY A 80 -12.43 16.64 0.89
C GLY A 80 -13.19 17.05 -0.37
N SER A 81 -13.70 16.07 -1.10
CA SER A 81 -14.40 16.32 -2.36
C SER A 81 -15.90 16.59 -2.18
N GLY A 82 -16.33 16.80 -0.95
CA GLY A 82 -17.74 17.02 -0.66
C GLY A 82 -18.53 15.73 -0.50
N LEU A 83 -18.06 14.66 -1.14
CA LEU A 83 -18.71 13.35 -1.10
C LEU A 83 -18.81 12.80 0.32
N THR A 84 -17.78 13.06 1.11
CA THR A 84 -17.66 12.62 2.52
C THR A 84 -17.45 11.10 2.69
N ASP A 85 -17.89 10.32 1.72
CA ASP A 85 -17.64 8.87 1.67
C ASP A 85 -16.88 8.56 0.37
N GLU A 86 -16.16 7.46 0.36
CA GLU A 86 -15.37 7.04 -0.81
C GLU A 86 -15.11 5.54 -0.74
N LEU A 87 -15.87 4.75 -1.49
CA LEU A 87 -15.71 3.29 -1.47
C LEU A 87 -14.40 2.88 -2.11
N ALA A 88 -13.66 2.03 -1.41
CA ALA A 88 -12.35 1.58 -1.84
C ALA A 88 -12.45 0.41 -2.85
N PRO A 89 -11.47 0.27 -3.77
CA PRO A 89 -11.50 -0.84 -4.72
C PRO A 89 -11.18 -2.19 -4.05
N PRO A 90 -11.49 -3.31 -4.73
CA PRO A 90 -11.22 -4.60 -4.09
C PRO A 90 -9.73 -4.95 -4.02
N LYS A 91 -9.42 -5.98 -3.24
CA LYS A 91 -8.05 -6.49 -3.11
C LYS A 91 -7.94 -7.73 -4.00
N PRO A 92 -6.72 -8.04 -4.50
CA PRO A 92 -6.57 -9.26 -5.31
C PRO A 92 -6.72 -10.52 -4.43
N PRO A 93 -6.96 -11.69 -5.05
CA PRO A 93 -7.17 -12.90 -4.25
C PRO A 93 -5.89 -13.47 -3.64
N LEU A 94 -6.05 -14.46 -2.78
CA LEU A 94 -4.94 -15.14 -2.12
C LEU A 94 -5.11 -16.66 -2.17
N PRO A 95 -4.00 -17.42 -2.07
CA PRO A 95 -4.04 -18.88 -2.02
C PRO A 95 -4.42 -19.43 -0.66
N GLU A 96 -4.68 -20.73 -0.62
CA GLU A 96 -5.02 -21.44 0.62
C GLU A 96 -3.75 -21.90 1.36
N GLY A 97 -2.86 -20.95 1.63
CA GLY A 97 -1.63 -21.26 2.36
C GLY A 97 -0.47 -21.69 1.50
N GLU A 98 0.54 -22.25 2.16
CA GLU A 98 1.77 -22.69 1.49
C GLU A 98 1.51 -23.91 0.60
N VAL A 99 2.20 -23.94 -0.53
CA VAL A 99 2.09 -25.01 -1.53
C VAL A 99 3.42 -25.23 -2.28
N GLY A 1 29.01 -4.78 0.73
CA GLY A 1 27.63 -5.31 0.85
C GLY A 1 26.65 -4.82 -0.21
N SER A 2 25.35 -5.03 0.04
CA SER A 2 24.29 -4.58 -0.85
C SER A 2 23.07 -4.31 0.01
N MET A 3 22.16 -3.48 -0.47
CA MET A 3 20.95 -3.18 0.27
C MET A 3 19.87 -4.14 -0.18
N LYS A 4 19.11 -4.66 0.79
CA LYS A 4 18.01 -5.57 0.49
C LYS A 4 16.78 -4.75 0.20
N TYR A 5 15.88 -5.30 -0.61
CA TYR A 5 14.57 -4.71 -0.92
C TYR A 5 14.58 -3.33 -1.58
N LEU A 6 13.42 -2.96 -2.10
CA LEU A 6 13.24 -1.71 -2.83
C LEU A 6 13.32 -0.50 -1.90
N ASN A 7 12.69 -0.62 -0.73
CA ASN A 7 12.63 0.45 0.30
C ASN A 7 12.17 1.81 -0.24
N VAL A 8 11.03 1.81 -0.93
CA VAL A 8 10.45 3.03 -1.47
C VAL A 8 9.27 3.38 -0.58
N LEU A 9 8.82 4.62 -0.59
CA LEU A 9 7.67 5.01 0.22
C LEU A 9 6.41 4.91 -0.63
N ALA A 10 5.31 4.54 -0.02
CA ALA A 10 4.02 4.48 -0.73
C ALA A 10 2.92 5.01 0.16
N LYS A 11 1.95 5.69 -0.43
CA LYS A 11 0.80 6.26 0.30
C LYS A 11 -0.49 5.50 0.03
N ALA A 12 -1.27 5.30 1.08
CA ALA A 12 -2.58 4.70 0.97
C ALA A 12 -3.59 5.70 0.39
N LEU A 13 -4.29 5.33 -0.68
CA LEU A 13 -5.33 6.19 -1.25
C LEU A 13 -6.67 5.89 -0.61
N TYR A 14 -6.74 4.73 0.00
CA TYR A 14 -7.96 4.24 0.63
C TYR A 14 -7.58 3.54 1.90
N ASP A 15 -8.55 3.37 2.78
CA ASP A 15 -8.35 2.68 4.04
C ASP A 15 -8.26 1.18 3.79
N ASN A 16 -7.57 0.46 4.66
CA ASN A 16 -7.42 -0.98 4.51
C ASN A 16 -7.50 -1.74 5.83
N VAL A 17 -8.31 -2.79 5.84
CA VAL A 17 -8.43 -3.66 6.99
C VAL A 17 -7.79 -4.97 6.58
N ALA A 18 -6.86 -5.43 7.38
CA ALA A 18 -6.17 -6.69 7.12
C ALA A 18 -7.15 -7.82 7.42
N GLU A 19 -7.34 -8.70 6.45
CA GLU A 19 -8.25 -9.82 6.57
C GLU A 19 -7.46 -11.12 6.59
N SER A 20 -6.24 -11.04 6.09
CA SER A 20 -5.33 -12.19 6.07
C SER A 20 -4.23 -11.94 7.09
N PRO A 21 -3.62 -13.00 7.64
CA PRO A 21 -2.57 -12.83 8.64
C PRO A 21 -1.28 -12.23 8.08
N ASP A 22 -1.15 -12.26 6.76
CA ASP A 22 0.01 -11.71 6.07
C ASP A 22 -0.20 -10.24 5.79
N GLU A 23 -1.41 -9.73 5.97
CA GLU A 23 -1.77 -8.41 5.47
C GLU A 23 -1.59 -7.29 6.49
N LEU A 24 -1.26 -6.10 6.01
CA LEU A 24 -1.18 -4.91 6.85
C LEU A 24 -2.50 -4.16 6.89
N SER A 25 -2.77 -3.58 8.04
CA SER A 25 -3.96 -2.76 8.23
C SER A 25 -3.47 -1.33 8.38
N PHE A 26 -4.06 -0.43 7.61
CA PHE A 26 -3.66 0.99 7.60
C PHE A 26 -4.85 1.77 7.11
N ARG A 27 -4.76 3.09 7.15
CA ARG A 27 -5.86 3.93 6.72
C ARG A 27 -5.44 4.92 5.64
N LYS A 28 -6.40 5.57 5.00
CA LYS A 28 -6.13 6.49 3.88
C LYS A 28 -5.17 7.61 4.31
N GLY A 29 -4.11 7.77 3.53
CA GLY A 29 -3.13 8.81 3.79
C GLY A 29 -1.87 8.31 4.47
N ASP A 30 -1.90 7.09 4.99
CA ASP A 30 -0.76 6.53 5.71
C ASP A 30 0.38 6.23 4.74
N ILE A 31 1.60 6.22 5.26
CA ILE A 31 2.80 5.95 4.47
C ILE A 31 3.47 4.68 4.98
N MET A 32 3.78 3.78 4.06
CA MET A 32 4.48 2.54 4.40
C MET A 32 5.68 2.37 3.48
N THR A 33 6.64 1.58 3.93
CA THR A 33 7.85 1.31 3.16
C THR A 33 7.64 0.05 2.33
N VAL A 34 7.66 0.18 1.01
CA VAL A 34 7.49 -0.97 0.12
C VAL A 34 8.82 -1.68 -0.02
N LEU A 35 8.80 -2.96 0.31
CA LEU A 35 9.98 -3.78 0.28
C LEU A 35 10.06 -4.50 -1.05
N GLU A 36 8.96 -5.07 -1.49
CA GLU A 36 8.89 -5.68 -2.83
C GLU A 36 7.46 -5.65 -3.33
N ARG A 37 7.26 -5.99 -4.59
CA ARG A 37 5.92 -6.00 -5.18
C ARG A 37 5.72 -7.35 -5.80
N ASP A 38 4.47 -7.78 -5.86
CA ASP A 38 4.08 -9.09 -6.41
C ASP A 38 4.81 -10.17 -5.61
N THR A 39 4.93 -9.85 -4.33
CA THR A 39 5.65 -10.65 -3.35
C THR A 39 5.05 -12.03 -3.20
N GLN A 40 5.90 -13.03 -2.99
CA GLN A 40 5.48 -14.43 -2.86
C GLN A 40 4.72 -14.96 -4.10
N GLY A 41 4.77 -14.22 -5.19
CA GLY A 41 4.04 -14.60 -6.40
C GLY A 41 2.59 -14.14 -6.33
N LEU A 42 2.29 -13.28 -5.38
CA LEU A 42 0.94 -12.79 -5.19
C LEU A 42 0.75 -11.52 -6.03
N ASP A 43 0.24 -11.70 -7.23
CA ASP A 43 0.08 -10.58 -8.17
C ASP A 43 -0.75 -9.46 -7.54
N GLY A 44 -0.23 -8.25 -7.59
CA GLY A 44 -0.95 -7.10 -7.06
C GLY A 44 -0.74 -6.87 -5.57
N TRP A 45 -0.19 -7.83 -4.85
CA TRP A 45 0.10 -7.68 -3.43
C TRP A 45 1.52 -7.17 -3.28
N TRP A 46 1.71 -6.12 -2.50
CA TRP A 46 3.02 -5.52 -2.34
C TRP A 46 3.47 -5.67 -0.88
N LEU A 47 4.67 -6.20 -0.67
CA LEU A 47 5.21 -6.38 0.68
C LEU A 47 5.64 -5.03 1.18
N CYS A 48 5.08 -4.59 2.29
CA CYS A 48 5.43 -3.32 2.87
C CYS A 48 5.66 -3.45 4.35
N SER A 49 6.18 -2.38 4.93
CA SER A 49 6.42 -2.32 6.36
C SER A 49 5.77 -1.05 6.91
N LEU A 50 5.01 -1.21 7.97
CA LEU A 50 4.23 -0.14 8.59
C LEU A 50 4.11 -0.45 10.08
N HIS A 51 4.31 0.55 10.93
CA HIS A 51 4.22 0.39 12.40
C HIS A 51 5.15 -0.71 12.93
N GLY A 52 6.28 -0.92 12.25
CA GLY A 52 7.22 -1.95 12.67
C GLY A 52 6.75 -3.37 12.38
N ARG A 53 5.72 -3.50 11.55
CA ARG A 53 5.17 -4.81 11.18
C ARG A 53 5.32 -4.88 9.69
N GLN A 54 5.53 -6.09 9.18
CA GLN A 54 5.68 -6.32 7.76
C GLN A 54 4.51 -7.14 7.27
N GLY A 55 4.07 -6.91 6.04
CA GLY A 55 2.98 -7.67 5.47
C GLY A 55 2.62 -7.23 4.07
N ILE A 56 1.73 -7.96 3.42
CA ILE A 56 1.30 -7.65 2.06
C ILE A 56 0.24 -6.56 2.10
N VAL A 57 0.11 -5.86 1.00
CA VAL A 57 -0.82 -4.73 0.86
C VAL A 57 -1.41 -4.77 -0.54
N PRO A 58 -2.72 -4.48 -0.68
CA PRO A 58 -3.28 -4.42 -2.02
C PRO A 58 -2.77 -3.18 -2.77
N GLY A 59 -1.96 -3.39 -3.81
CA GLY A 59 -1.42 -2.30 -4.60
C GLY A 59 -2.51 -1.46 -5.24
N ASN A 60 -3.69 -2.05 -5.40
CA ASN A 60 -4.85 -1.35 -5.97
C ASN A 60 -5.35 -0.19 -5.09
N ARG A 61 -4.91 -0.15 -3.83
CA ARG A 61 -5.26 0.93 -2.91
C ARG A 61 -4.02 1.73 -2.49
N LEU A 62 -2.89 1.46 -3.14
CA LEU A 62 -1.62 2.07 -2.77
C LEU A 62 -0.95 2.79 -3.93
N LYS A 63 -0.29 3.89 -3.62
CA LYS A 63 0.46 4.65 -4.62
C LYS A 63 1.90 4.74 -4.24
N ILE A 64 2.75 4.25 -5.12
CA ILE A 64 4.19 4.36 -4.93
C ILE A 64 4.57 5.82 -5.07
N LEU A 65 5.22 6.35 -4.06
CA LEU A 65 5.70 7.71 -4.06
C LEU A 65 7.13 7.64 -4.57
N VAL A 66 7.26 7.76 -5.89
CA VAL A 66 8.54 7.58 -6.58
C VAL A 66 9.62 8.59 -6.19
N GLY A 67 9.24 9.65 -5.50
CA GLY A 67 10.19 10.68 -5.07
C GLY A 67 10.63 11.61 -6.19
N MET A 68 10.22 11.28 -7.42
CA MET A 68 10.63 12.03 -8.60
C MET A 68 9.51 12.90 -9.21
N TYR A 69 8.37 12.28 -9.50
CA TYR A 69 7.30 12.97 -10.24
C TYR A 69 5.89 12.65 -9.72
N ASP A 70 5.77 12.42 -8.42
CA ASP A 70 4.44 12.15 -7.85
C ASP A 70 3.51 13.35 -8.04
N LYS A 71 2.26 13.06 -8.40
CA LYS A 71 1.27 14.10 -8.64
C LYS A 71 0.82 14.66 -7.30
N LYS A 72 1.23 15.89 -7.01
CA LYS A 72 0.92 16.53 -5.74
C LYS A 72 -0.60 16.63 -5.53
N PRO A 73 -1.07 16.47 -4.28
CA PRO A 73 -2.51 16.54 -4.03
C PRO A 73 -3.05 17.96 -4.04
N ALA A 74 -4.37 18.08 -4.06
CA ALA A 74 -5.06 19.35 -4.00
C ALA A 74 -6.44 19.03 -3.41
N GLY A 75 -7.17 20.06 -2.98
CA GLY A 75 -8.51 19.85 -2.43
C GLY A 75 -8.83 20.94 -1.44
N SER A 76 -10.05 20.92 -0.90
CA SER A 76 -10.48 21.92 0.07
C SER A 76 -9.84 21.64 1.42
N GLY A 77 -9.30 22.68 2.06
CA GLY A 77 -8.63 22.49 3.33
C GLY A 77 -9.54 22.03 4.44
N GLY A 78 -10.82 22.37 4.35
CA GLY A 78 -11.79 21.97 5.36
C GLY A 78 -12.22 20.52 5.19
N SER A 79 -11.84 19.91 4.07
CA SER A 79 -12.22 18.54 3.76
C SER A 79 -11.03 17.61 3.95
N GLY A 80 -10.21 17.89 4.95
CA GLY A 80 -9.01 17.11 5.21
C GLY A 80 -9.26 15.71 5.75
N SER A 81 -10.49 15.41 6.12
CA SER A 81 -10.84 14.11 6.67
C SER A 81 -12.19 13.66 6.14
N GLY A 82 -12.41 12.34 6.10
CA GLY A 82 -13.68 11.80 5.66
C GLY A 82 -13.65 11.28 4.23
N LEU A 83 -14.78 10.75 3.79
CA LEU A 83 -14.95 10.23 2.43
C LEU A 83 -16.36 10.63 2.01
N THR A 84 -16.54 11.02 0.76
CA THR A 84 -17.87 11.33 0.23
C THR A 84 -18.13 10.52 -1.02
N ASP A 85 -18.85 9.42 -0.86
CA ASP A 85 -19.18 8.45 -1.94
C ASP A 85 -17.93 7.82 -2.56
N GLU A 86 -16.80 7.99 -1.89
CA GLU A 86 -15.53 7.43 -2.34
C GLU A 86 -15.37 5.99 -1.87
N LEU A 87 -16.01 5.06 -2.55
CA LEU A 87 -15.89 3.66 -2.21
C LEU A 87 -14.54 3.14 -2.68
N ALA A 88 -13.90 2.35 -1.82
CA ALA A 88 -12.57 1.84 -2.10
C ALA A 88 -12.64 0.70 -3.13
N PRO A 89 -11.63 0.58 -4.00
CA PRO A 89 -11.64 -0.52 -4.97
C PRO A 89 -11.30 -1.86 -4.31
N PRO A 90 -11.58 -2.98 -4.99
CA PRO A 90 -11.31 -4.27 -4.34
C PRO A 90 -9.83 -4.62 -4.24
N LYS A 91 -9.50 -5.53 -3.33
CA LYS A 91 -8.15 -6.04 -3.18
C LYS A 91 -8.00 -7.23 -4.14
N PRO A 92 -6.78 -7.51 -4.63
CA PRO A 92 -6.63 -8.68 -5.51
C PRO A 92 -6.85 -9.99 -4.73
N PRO A 93 -7.08 -11.11 -5.43
CA PRO A 93 -7.33 -12.38 -4.73
C PRO A 93 -6.09 -12.97 -4.08
N LEU A 94 -6.28 -14.03 -3.33
CA LEU A 94 -5.19 -14.74 -2.66
C LEU A 94 -5.37 -16.25 -2.89
N PRO A 95 -4.27 -17.03 -2.79
CA PRO A 95 -4.34 -18.47 -3.00
C PRO A 95 -4.99 -19.20 -1.83
N GLU A 96 -5.31 -20.47 -2.08
CA GLU A 96 -5.99 -21.33 -1.10
C GLU A 96 -5.09 -22.51 -0.71
N GLY A 97 -4.05 -22.23 0.06
CA GLY A 97 -3.14 -23.28 0.47
C GLY A 97 -2.06 -22.75 1.40
N GLU A 98 -1.21 -23.63 1.89
CA GLU A 98 -0.12 -23.24 2.79
C GLU A 98 1.13 -24.01 2.39
N VAL A 99 2.30 -23.46 2.75
CA VAL A 99 3.59 -24.09 2.43
C VAL A 99 3.95 -25.25 3.38
N GLY A 1 23.14 -10.38 -5.59
CA GLY A 1 22.60 -9.27 -6.42
C GLY A 1 21.62 -8.32 -5.72
N SER A 2 21.43 -7.16 -6.37
CA SER A 2 20.59 -6.06 -5.88
C SER A 2 21.10 -5.59 -4.50
N MET A 3 20.26 -4.88 -3.76
CA MET A 3 20.60 -4.42 -2.42
C MET A 3 19.38 -4.69 -1.54
N LYS A 4 19.08 -5.96 -1.36
CA LYS A 4 17.88 -6.42 -0.63
C LYS A 4 16.59 -5.93 -1.29
N TYR A 5 15.93 -4.98 -0.65
CA TYR A 5 14.58 -4.57 -1.03
C TYR A 5 14.56 -3.24 -1.77
N LEU A 6 13.40 -2.92 -2.34
CA LEU A 6 13.19 -1.67 -3.06
C LEU A 6 13.27 -0.49 -2.08
N ASN A 7 12.69 -0.69 -0.89
CA ASN A 7 12.70 0.30 0.19
C ASN A 7 12.22 1.69 -0.24
N VAL A 8 11.06 1.74 -0.90
CA VAL A 8 10.48 2.99 -1.37
C VAL A 8 9.31 3.35 -0.46
N LEU A 9 8.86 4.59 -0.48
CA LEU A 9 7.69 4.98 0.32
C LEU A 9 6.44 5.03 -0.56
N ALA A 10 5.31 4.61 0.00
CA ALA A 10 4.05 4.63 -0.73
C ALA A 10 2.92 5.14 0.18
N LYS A 11 1.97 5.88 -0.40
CA LYS A 11 0.83 6.43 0.33
C LYS A 11 -0.45 5.65 0.05
N ALA A 12 -1.24 5.42 1.10
CA ALA A 12 -2.54 4.78 0.97
C ALA A 12 -3.57 5.75 0.39
N LEU A 13 -4.32 5.31 -0.62
CA LEU A 13 -5.39 6.13 -1.20
C LEU A 13 -6.71 5.80 -0.54
N TYR A 14 -6.76 4.66 0.13
CA TYR A 14 -7.96 4.17 0.78
C TYR A 14 -7.55 3.46 2.04
N ASP A 15 -8.52 3.20 2.91
CA ASP A 15 -8.27 2.40 4.09
C ASP A 15 -8.06 0.96 3.65
N ASN A 16 -7.38 0.19 4.48
CA ASN A 16 -7.26 -1.25 4.24
C ASN A 16 -7.44 -1.98 5.55
N VAL A 17 -8.27 -3.01 5.51
CA VAL A 17 -8.51 -3.86 6.66
C VAL A 17 -7.83 -5.16 6.33
N ALA A 18 -6.93 -5.57 7.21
CA ALA A 18 -6.18 -6.79 7.02
C ALA A 18 -7.10 -7.96 7.35
N GLU A 19 -7.21 -8.90 6.42
CA GLU A 19 -8.06 -10.08 6.61
C GLU A 19 -7.17 -11.30 6.80
N SER A 20 -6.00 -11.26 6.20
CA SER A 20 -5.03 -12.35 6.31
C SER A 20 -3.97 -11.99 7.34
N PRO A 21 -3.34 -13.01 7.95
CA PRO A 21 -2.30 -12.72 8.96
C PRO A 21 -1.04 -12.12 8.35
N ASP A 22 -0.91 -12.20 7.03
CA ASP A 22 0.22 -11.63 6.32
C ASP A 22 -0.08 -10.21 5.89
N GLU A 23 -1.30 -9.74 6.08
CA GLU A 23 -1.71 -8.45 5.51
C GLU A 23 -1.58 -7.30 6.52
N LEU A 24 -1.33 -6.10 6.01
CA LEU A 24 -1.28 -4.90 6.84
C LEU A 24 -2.57 -4.11 6.79
N SER A 25 -2.93 -3.53 7.92
CA SER A 25 -4.10 -2.68 8.03
C SER A 25 -3.63 -1.26 8.24
N PHE A 26 -4.20 -0.35 7.48
CA PHE A 26 -3.84 1.07 7.54
C PHE A 26 -4.99 1.98 7.10
N ARG A 27 -4.79 3.28 7.30
CA ARG A 27 -5.78 4.30 7.01
C ARG A 27 -5.39 5.05 5.73
N LYS A 28 -6.37 5.61 5.05
CA LYS A 28 -6.13 6.46 3.89
C LYS A 28 -5.21 7.61 4.28
N GLY A 29 -4.15 7.79 3.52
CA GLY A 29 -3.18 8.84 3.78
C GLY A 29 -1.91 8.36 4.47
N ASP A 30 -1.90 7.13 4.98
CA ASP A 30 -0.75 6.58 5.70
C ASP A 30 0.39 6.30 4.74
N ILE A 31 1.61 6.20 5.28
CA ILE A 31 2.81 5.92 4.50
C ILE A 31 3.43 4.62 4.98
N MET A 32 3.73 3.71 4.06
CA MET A 32 4.43 2.48 4.39
C MET A 32 5.63 2.31 3.47
N THR A 33 6.59 1.54 3.94
CA THR A 33 7.81 1.27 3.19
C THR A 33 7.62 0.04 2.33
N VAL A 34 7.59 0.20 1.02
CA VAL A 34 7.43 -0.93 0.10
C VAL A 34 8.75 -1.64 -0.02
N LEU A 35 8.73 -2.93 0.25
CA LEU A 35 9.92 -3.75 0.23
C LEU A 35 10.02 -4.47 -1.10
N GLU A 36 8.92 -5.09 -1.53
CA GLU A 36 8.88 -5.71 -2.85
C GLU A 36 7.46 -5.72 -3.37
N ARG A 37 7.26 -6.07 -4.62
CA ARG A 37 5.93 -6.09 -5.22
C ARG A 37 5.73 -7.46 -5.82
N ASP A 38 4.47 -7.89 -5.86
CA ASP A 38 4.08 -9.19 -6.42
C ASP A 38 4.81 -10.27 -5.63
N THR A 39 4.94 -9.97 -4.34
CA THR A 39 5.66 -10.78 -3.37
C THR A 39 5.02 -12.15 -3.22
N GLN A 40 5.85 -13.16 -3.01
CA GLN A 40 5.42 -14.57 -2.87
C GLN A 40 4.63 -15.08 -4.09
N GLY A 41 4.69 -14.36 -5.21
CA GLY A 41 3.94 -14.73 -6.39
C GLY A 41 2.50 -14.27 -6.31
N LEU A 42 2.20 -13.42 -5.34
CA LEU A 42 0.87 -12.91 -5.12
C LEU A 42 0.70 -11.66 -5.97
N ASP A 43 0.14 -11.82 -7.15
CA ASP A 43 0.00 -10.70 -8.09
C ASP A 43 -0.79 -9.57 -7.46
N GLY A 44 -0.25 -8.36 -7.57
CA GLY A 44 -0.93 -7.19 -7.04
C GLY A 44 -0.69 -6.93 -5.56
N TRP A 45 -0.18 -7.91 -4.82
CA TRP A 45 0.13 -7.74 -3.42
C TRP A 45 1.55 -7.20 -3.30
N TRP A 46 1.72 -6.14 -2.54
CA TRP A 46 3.04 -5.52 -2.37
C TRP A 46 3.47 -5.68 -0.92
N LEU A 47 4.65 -6.23 -0.71
CA LEU A 47 5.18 -6.41 0.65
C LEU A 47 5.62 -5.05 1.13
N CYS A 48 5.07 -4.62 2.25
CA CYS A 48 5.44 -3.35 2.84
C CYS A 48 5.66 -3.49 4.33
N SER A 49 6.16 -2.43 4.94
CA SER A 49 6.36 -2.37 6.37
C SER A 49 5.72 -1.10 6.90
N LEU A 50 4.93 -1.26 7.96
CA LEU A 50 4.17 -0.16 8.56
C LEU A 50 4.08 -0.45 10.05
N HIS A 51 4.32 0.56 10.89
CA HIS A 51 4.26 0.42 12.35
C HIS A 51 5.20 -0.68 12.87
N GLY A 52 6.31 -0.90 12.18
CA GLY A 52 7.27 -1.92 12.58
C GLY A 52 6.78 -3.34 12.31
N ARG A 53 5.73 -3.47 11.51
CA ARG A 53 5.14 -4.76 11.19
C ARG A 53 5.25 -4.89 9.69
N GLN A 54 5.59 -6.07 9.21
CA GLN A 54 5.71 -6.32 7.78
C GLN A 54 4.50 -7.09 7.31
N GLY A 55 4.11 -6.88 6.06
CA GLY A 55 2.99 -7.62 5.50
C GLY A 55 2.63 -7.18 4.09
N ILE A 56 1.76 -7.93 3.44
CA ILE A 56 1.33 -7.61 2.08
C ILE A 56 0.23 -6.55 2.12
N VAL A 57 0.14 -5.82 1.03
CA VAL A 57 -0.80 -4.72 0.87
C VAL A 57 -1.35 -4.76 -0.55
N PRO A 58 -2.65 -4.51 -0.75
CA PRO A 58 -3.13 -4.45 -2.12
C PRO A 58 -2.61 -3.19 -2.83
N GLY A 59 -1.79 -3.37 -3.85
CA GLY A 59 -1.25 -2.26 -4.60
C GLY A 59 -2.34 -1.41 -5.24
N ASN A 60 -3.50 -2.01 -5.44
CA ASN A 60 -4.66 -1.33 -6.01
C ASN A 60 -5.19 -0.19 -5.11
N ARG A 61 -4.75 -0.17 -3.85
CA ARG A 61 -5.14 0.88 -2.90
C ARG A 61 -3.93 1.69 -2.46
N LEU A 62 -2.80 1.48 -3.13
CA LEU A 62 -1.55 2.10 -2.73
C LEU A 62 -0.88 2.87 -3.88
N LYS A 63 -0.24 3.98 -3.55
CA LYS A 63 0.46 4.79 -4.54
C LYS A 63 1.91 4.99 -4.19
N ILE A 64 2.77 4.53 -5.08
CA ILE A 64 4.20 4.66 -4.90
C ILE A 64 4.59 6.13 -5.05
N LEU A 65 5.32 6.66 -4.08
CA LEU A 65 5.74 8.05 -4.10
C LEU A 65 7.13 8.22 -4.71
N VAL A 66 7.21 8.05 -6.03
CA VAL A 66 8.49 8.21 -6.76
C VAL A 66 8.94 9.66 -6.86
N GLY A 67 8.10 10.59 -6.43
CA GLY A 67 8.43 12.00 -6.50
C GLY A 67 7.90 12.61 -7.77
N MET A 68 8.79 13.03 -8.67
CA MET A 68 8.37 13.63 -9.93
C MET A 68 8.26 12.56 -11.02
N TYR A 69 7.46 12.85 -12.03
CA TYR A 69 7.10 11.87 -13.06
C TYR A 69 7.59 12.29 -14.44
N ASP A 70 8.65 13.09 -14.46
CA ASP A 70 9.19 13.72 -15.69
C ASP A 70 8.11 14.56 -16.36
N LYS A 71 7.21 15.08 -15.53
CA LYS A 71 6.03 15.78 -15.98
C LYS A 71 5.63 16.73 -14.87
N LYS A 72 4.97 17.82 -15.22
CA LYS A 72 4.41 18.73 -14.21
C LYS A 72 3.38 17.94 -13.38
N PRO A 73 3.19 18.31 -12.10
CA PRO A 73 2.22 17.51 -11.35
C PRO A 73 0.79 17.73 -11.82
N ALA A 74 -0.06 16.75 -11.58
CA ALA A 74 -1.48 16.80 -11.95
C ALA A 74 -2.30 16.16 -10.83
N GLY A 75 -1.87 16.39 -9.59
CA GLY A 75 -2.51 15.73 -8.45
C GLY A 75 -3.81 16.37 -8.00
N SER A 76 -3.95 17.68 -8.20
CA SER A 76 -5.17 18.44 -7.84
C SER A 76 -5.68 18.22 -6.41
N GLY A 77 -4.78 17.96 -5.47
CA GLY A 77 -5.17 17.77 -4.08
C GLY A 77 -5.55 19.09 -3.45
N GLY A 78 -6.27 19.04 -2.34
CA GLY A 78 -6.72 20.24 -1.66
C GLY A 78 -8.11 20.65 -2.15
N SER A 79 -8.65 19.87 -3.07
CA SER A 79 -9.99 20.09 -3.57
C SER A 79 -11.00 19.47 -2.60
N GLY A 80 -12.22 20.00 -2.58
CA GLY A 80 -13.26 19.51 -1.70
C GLY A 80 -13.89 20.68 -0.97
N SER A 81 -14.99 20.45 -0.27
CA SER A 81 -15.68 21.52 0.47
C SER A 81 -16.65 20.90 1.48
N GLY A 82 -17.58 20.11 0.98
CA GLY A 82 -18.51 19.38 1.83
C GLY A 82 -17.99 17.98 2.03
N LEU A 83 -18.82 17.09 2.56
CA LEU A 83 -18.44 15.69 2.73
C LEU A 83 -18.25 15.06 1.36
N THR A 84 -17.27 14.16 1.25
CA THR A 84 -17.04 13.41 0.02
C THR A 84 -16.87 11.96 0.42
N ASP A 85 -17.34 11.05 -0.42
CA ASP A 85 -17.30 9.62 -0.13
C ASP A 85 -16.72 8.89 -1.33
N GLU A 86 -15.67 8.11 -1.09
CA GLU A 86 -14.99 7.38 -2.16
C GLU A 86 -14.79 5.93 -1.72
N LEU A 87 -15.50 5.03 -2.37
CA LEU A 87 -15.41 3.61 -2.04
C LEU A 87 -14.13 3.04 -2.62
N ALA A 88 -13.50 2.15 -1.87
CA ALA A 88 -12.21 1.58 -2.25
C ALA A 88 -12.36 0.50 -3.34
N PRO A 89 -11.39 0.40 -4.26
CA PRO A 89 -11.45 -0.71 -5.22
C PRO A 89 -11.12 -2.04 -4.55
N PRO A 90 -11.41 -3.18 -5.22
CA PRO A 90 -11.16 -4.45 -4.54
C PRO A 90 -9.67 -4.81 -4.40
N LYS A 91 -9.38 -5.67 -3.43
CA LYS A 91 -8.03 -6.19 -3.25
C LYS A 91 -7.93 -7.44 -4.14
N PRO A 92 -6.71 -7.78 -4.63
CA PRO A 92 -6.61 -9.03 -5.39
C PRO A 92 -6.80 -10.25 -4.47
N PRO A 93 -7.11 -11.43 -5.03
CA PRO A 93 -7.38 -12.59 -4.18
C PRO A 93 -6.12 -13.20 -3.57
N LEU A 94 -6.30 -14.16 -2.66
CA LEU A 94 -5.21 -14.86 -2.01
C LEU A 94 -5.45 -16.37 -1.99
N PRO A 95 -4.38 -17.17 -1.90
CA PRO A 95 -4.49 -18.62 -1.74
C PRO A 95 -4.82 -19.03 -0.30
N GLU A 96 -5.10 -20.30 -0.11
CA GLU A 96 -5.40 -20.85 1.22
C GLU A 96 -4.12 -21.27 1.96
N GLY A 97 -3.12 -20.39 1.99
CA GLY A 97 -1.86 -20.70 2.64
C GLY A 97 -0.93 -21.46 1.71
N GLU A 98 -0.34 -22.54 2.21
CA GLU A 98 0.58 -23.36 1.41
C GLU A 98 -0.15 -23.96 0.22
N VAL A 99 0.27 -23.52 -0.98
CA VAL A 99 -0.29 -23.90 -2.29
C VAL A 99 -1.66 -23.25 -2.53
N GLY A 1 26.74 -2.83 -5.99
CA GLY A 1 26.41 -3.90 -5.01
C GLY A 1 24.96 -4.38 -5.02
N SER A 2 24.75 -5.61 -4.53
CA SER A 2 23.41 -6.19 -4.47
C SER A 2 22.66 -5.56 -3.29
N MET A 3 21.45 -5.08 -3.56
CA MET A 3 20.63 -4.45 -2.54
C MET A 3 19.63 -5.47 -2.00
N LYS A 4 18.99 -5.14 -0.88
CA LYS A 4 17.94 -5.97 -0.31
C LYS A 4 16.71 -5.11 -0.25
N TYR A 5 15.65 -5.57 -0.92
CA TYR A 5 14.38 -4.86 -1.07
C TYR A 5 14.47 -3.48 -1.76
N LEU A 6 13.31 -3.01 -2.18
CA LEU A 6 13.18 -1.75 -2.91
C LEU A 6 13.30 -0.55 -1.97
N ASN A 7 12.67 -0.68 -0.80
CA ASN A 7 12.68 0.34 0.26
C ASN A 7 12.22 1.73 -0.22
N VAL A 8 11.06 1.77 -0.85
CA VAL A 8 10.48 3.02 -1.37
C VAL A 8 9.29 3.36 -0.50
N LEU A 9 8.82 4.60 -0.52
CA LEU A 9 7.66 4.97 0.28
C LEU A 9 6.40 4.94 -0.60
N ALA A 10 5.27 4.57 -0.02
CA ALA A 10 4.00 4.56 -0.75
C ALA A 10 2.87 5.09 0.15
N LYS A 11 1.93 5.83 -0.43
CA LYS A 11 0.79 6.39 0.31
C LYS A 11 -0.49 5.60 0.06
N ALA A 12 -1.25 5.35 1.12
CA ALA A 12 -2.54 4.70 1.02
C ALA A 12 -3.59 5.67 0.44
N LEU A 13 -4.29 5.27 -0.61
CA LEU A 13 -5.37 6.09 -1.16
C LEU A 13 -6.67 5.70 -0.50
N TYR A 14 -6.67 4.57 0.16
CA TYR A 14 -7.85 4.05 0.82
C TYR A 14 -7.43 3.37 2.11
N ASP A 15 -8.34 3.32 3.06
CA ASP A 15 -8.15 2.58 4.29
C ASP A 15 -8.11 1.10 3.94
N ASN A 16 -7.44 0.31 4.76
CA ASN A 16 -7.36 -1.12 4.53
C ASN A 16 -7.51 -1.89 5.82
N VAL A 17 -8.38 -2.86 5.81
CA VAL A 17 -8.58 -3.75 6.94
C VAL A 17 -7.97 -5.05 6.50
N ALA A 18 -7.05 -5.54 7.30
CA ALA A 18 -6.34 -6.76 6.99
C ALA A 18 -7.27 -7.95 7.22
N GLU A 19 -7.41 -8.80 6.21
CA GLU A 19 -8.27 -9.99 6.30
C GLU A 19 -7.39 -11.23 6.40
N SER A 20 -6.15 -11.08 5.98
CA SER A 20 -5.15 -12.13 6.07
C SER A 20 -4.18 -11.76 7.18
N PRO A 21 -3.62 -12.75 7.90
CA PRO A 21 -2.67 -12.43 8.97
C PRO A 21 -1.34 -11.87 8.46
N ASP A 22 -1.11 -11.99 7.15
CA ASP A 22 0.09 -11.47 6.51
C ASP A 22 -0.19 -10.11 5.91
N GLU A 23 -1.42 -9.63 6.00
CA GLU A 23 -1.79 -8.36 5.38
C GLU A 23 -1.67 -7.22 6.40
N LEU A 24 -1.30 -6.04 5.92
CA LEU A 24 -1.24 -4.86 6.79
C LEU A 24 -2.56 -4.12 6.80
N SER A 25 -2.90 -3.58 7.96
CA SER A 25 -4.06 -2.75 8.11
C SER A 25 -3.54 -1.35 8.34
N PHE A 26 -4.14 -0.41 7.63
CA PHE A 26 -3.71 1.00 7.66
C PHE A 26 -4.84 1.95 7.28
N ARG A 27 -4.57 3.23 7.45
CA ARG A 27 -5.54 4.30 7.23
C ARG A 27 -5.20 5.05 5.95
N LYS A 28 -6.23 5.57 5.31
CA LYS A 28 -6.07 6.39 4.11
C LYS A 28 -5.18 7.59 4.40
N GLY A 29 -4.11 7.71 3.62
CA GLY A 29 -3.15 8.78 3.81
C GLY A 29 -1.87 8.31 4.48
N ASP A 30 -1.85 7.08 4.99
CA ASP A 30 -0.68 6.54 5.70
C ASP A 30 0.45 6.30 4.71
N ILE A 31 1.66 6.23 5.23
CA ILE A 31 2.85 5.95 4.43
C ILE A 31 3.47 4.66 4.93
N MET A 32 3.72 3.72 4.01
CA MET A 32 4.40 2.47 4.35
C MET A 32 5.59 2.30 3.43
N THR A 33 6.56 1.53 3.91
CA THR A 33 7.78 1.27 3.15
C THR A 33 7.59 0.03 2.29
N VAL A 34 7.58 0.19 0.97
CA VAL A 34 7.43 -0.93 0.06
C VAL A 34 8.75 -1.65 -0.07
N LEU A 35 8.73 -2.93 0.27
CA LEU A 35 9.91 -3.75 0.25
C LEU A 35 10.00 -4.51 -1.05
N GLU A 36 8.90 -5.09 -1.49
CA GLU A 36 8.86 -5.71 -2.82
C GLU A 36 7.44 -5.70 -3.34
N ARG A 37 7.24 -6.10 -4.59
CA ARG A 37 5.92 -6.13 -5.19
C ARG A 37 5.75 -7.50 -5.78
N ASP A 38 4.51 -7.95 -5.85
CA ASP A 38 4.15 -9.26 -6.41
C ASP A 38 4.88 -10.33 -5.59
N THR A 39 4.98 -10.01 -4.31
CA THR A 39 5.68 -10.82 -3.32
C THR A 39 5.04 -12.17 -3.15
N GLN A 40 5.84 -13.20 -2.92
CA GLN A 40 5.39 -14.59 -2.77
C GLN A 40 4.60 -15.11 -3.98
N GLY A 41 4.69 -14.41 -5.11
CA GLY A 41 3.94 -14.81 -6.30
C GLY A 41 2.52 -14.31 -6.23
N LEU A 42 2.24 -13.41 -5.30
CA LEU A 42 0.91 -12.86 -5.12
C LEU A 42 0.82 -11.60 -5.96
N ASP A 43 0.43 -11.77 -7.21
CA ASP A 43 0.34 -10.65 -8.15
C ASP A 43 -0.56 -9.55 -7.58
N GLY A 44 -0.05 -8.33 -7.60
CA GLY A 44 -0.82 -7.20 -7.10
C GLY A 44 -0.64 -6.94 -5.61
N TRP A 45 -0.09 -7.90 -4.87
CA TRP A 45 0.18 -7.70 -3.46
C TRP A 45 1.59 -7.16 -3.30
N TRP A 46 1.74 -6.09 -2.54
CA TRP A 46 3.06 -5.47 -2.35
C TRP A 46 3.48 -5.64 -0.91
N LEU A 47 4.66 -6.20 -0.68
CA LEU A 47 5.18 -6.38 0.65
C LEU A 47 5.61 -5.03 1.16
N CYS A 48 5.06 -4.60 2.27
CA CYS A 48 5.42 -3.32 2.85
C CYS A 48 5.63 -3.45 4.35
N SER A 49 6.15 -2.39 4.94
CA SER A 49 6.39 -2.33 6.36
C SER A 49 5.74 -1.06 6.90
N LEU A 50 4.97 -1.22 7.96
CA LEU A 50 4.22 -0.12 8.56
C LEU A 50 4.13 -0.39 10.05
N HIS A 51 4.43 0.62 10.87
CA HIS A 51 4.38 0.52 12.33
C HIS A 51 5.23 -0.63 12.89
N GLY A 52 6.31 -0.97 12.20
CA GLY A 52 7.17 -2.05 12.65
C GLY A 52 6.65 -3.45 12.34
N ARG A 53 5.60 -3.54 11.52
CA ARG A 53 5.01 -4.82 11.15
C ARG A 53 5.20 -4.91 9.65
N GLN A 54 5.58 -6.09 9.16
CA GLN A 54 5.74 -6.31 7.74
C GLN A 54 4.56 -7.11 7.25
N GLY A 55 4.09 -6.84 6.04
CA GLY A 55 2.99 -7.60 5.50
C GLY A 55 2.62 -7.15 4.10
N ILE A 56 1.73 -7.89 3.44
CA ILE A 56 1.33 -7.58 2.08
C ILE A 56 0.22 -6.53 2.09
N VAL A 57 0.10 -5.83 0.99
CA VAL A 57 -0.88 -4.74 0.83
C VAL A 57 -1.39 -4.79 -0.60
N PRO A 58 -2.70 -4.58 -0.82
CA PRO A 58 -3.12 -4.54 -2.22
C PRO A 58 -2.62 -3.27 -2.93
N GLY A 59 -1.85 -3.45 -3.98
CA GLY A 59 -1.29 -2.33 -4.72
C GLY A 59 -2.37 -1.44 -5.31
N ASN A 60 -3.54 -2.01 -5.52
CA ASN A 60 -4.70 -1.28 -6.05
C ASN A 60 -5.19 -0.17 -5.11
N ARG A 61 -4.71 -0.17 -3.87
CA ARG A 61 -5.08 0.85 -2.89
C ARG A 61 -3.87 1.69 -2.47
N LEU A 62 -2.75 1.51 -3.16
CA LEU A 62 -1.51 2.21 -2.84
C LEU A 62 -0.96 3.04 -4.00
N LYS A 63 -0.21 4.06 -3.63
CA LYS A 63 0.50 4.89 -4.62
C LYS A 63 1.95 5.00 -4.25
N ILE A 64 2.80 4.54 -5.14
CA ILE A 64 4.24 4.63 -4.94
C ILE A 64 4.65 6.10 -5.01
N LEU A 65 5.37 6.57 -4.01
CA LEU A 65 5.86 7.93 -3.97
C LEU A 65 7.34 7.89 -4.32
N VAL A 66 7.67 8.23 -5.56
CA VAL A 66 9.06 8.21 -6.00
C VAL A 66 9.76 9.46 -5.45
N GLY A 67 11.06 9.35 -5.24
CA GLY A 67 11.83 10.49 -4.76
C GLY A 67 12.28 11.31 -5.95
N MET A 68 12.54 12.60 -5.71
CA MET A 68 12.98 13.54 -6.75
C MET A 68 11.95 13.65 -7.90
N TYR A 69 12.39 14.18 -9.04
CA TYR A 69 11.53 14.43 -10.21
C TYR A 69 10.33 15.32 -9.84
N ASP A 70 9.22 15.10 -10.55
CA ASP A 70 7.92 15.79 -10.34
C ASP A 70 7.95 17.29 -10.00
N LYS A 71 8.85 18.03 -10.64
CA LYS A 71 8.97 19.49 -10.43
C LYS A 71 7.86 20.26 -11.16
N LYS A 72 6.63 20.09 -10.71
CA LYS A 72 5.46 20.73 -11.32
C LYS A 72 4.57 21.22 -10.18
N PRO A 73 3.71 22.23 -10.41
CA PRO A 73 2.86 22.69 -9.31
C PRO A 73 1.64 21.79 -9.01
N ALA A 74 1.37 20.83 -9.89
CA ALA A 74 0.23 19.93 -9.70
C ALA A 74 0.63 18.78 -8.78
N GLY A 75 -0.32 18.37 -7.92
CA GLY A 75 -0.07 17.25 -7.02
C GLY A 75 0.15 17.70 -5.59
N SER A 76 0.82 16.85 -4.82
CA SER A 76 1.12 17.11 -3.40
C SER A 76 -0.11 17.39 -2.51
N GLY A 77 -0.46 18.67 -2.34
CA GLY A 77 -1.56 19.05 -1.47
C GLY A 77 -2.93 18.96 -2.12
N GLY A 78 -3.21 17.85 -2.78
CA GLY A 78 -4.47 17.68 -3.49
C GLY A 78 -5.71 17.69 -2.60
N SER A 79 -5.56 17.23 -1.37
CA SER A 79 -6.66 17.27 -0.39
C SER A 79 -6.03 17.31 0.99
N GLY A 80 -6.62 18.06 1.90
CA GLY A 80 -6.08 18.21 3.23
C GLY A 80 -6.60 17.20 4.25
N SER A 81 -7.87 16.82 4.12
CA SER A 81 -8.49 15.93 5.11
C SER A 81 -9.47 14.92 4.51
N GLY A 82 -9.52 14.84 3.19
CA GLY A 82 -10.45 13.94 2.52
C GLY A 82 -11.84 14.56 2.43
N LEU A 83 -12.55 14.59 3.56
CA LEU A 83 -13.91 15.17 3.67
C LEU A 83 -14.86 14.55 2.64
N THR A 84 -14.71 13.25 2.43
CA THR A 84 -15.49 12.51 1.44
C THR A 84 -15.59 11.07 1.93
N ASP A 85 -16.47 10.29 1.30
CA ASP A 85 -16.60 8.86 1.57
C ASP A 85 -16.40 8.18 0.23
N GLU A 86 -15.41 7.33 0.14
CA GLU A 86 -14.98 6.74 -1.13
C GLU A 86 -14.68 5.27 -0.89
N LEU A 87 -15.60 4.42 -1.30
CA LEU A 87 -15.44 2.98 -1.13
C LEU A 87 -14.25 2.50 -1.95
N ALA A 88 -13.38 1.74 -1.30
CA ALA A 88 -12.14 1.31 -1.90
C ALA A 88 -12.34 0.28 -3.02
N PRO A 89 -11.47 0.31 -4.05
CA PRO A 89 -11.61 -0.71 -5.09
C PRO A 89 -11.21 -2.09 -4.56
N PRO A 90 -11.65 -3.17 -5.22
CA PRO A 90 -11.32 -4.51 -4.69
C PRO A 90 -9.84 -4.82 -4.58
N LYS A 91 -9.50 -5.69 -3.63
CA LYS A 91 -8.14 -6.17 -3.47
C LYS A 91 -8.04 -7.43 -4.34
N PRO A 92 -6.83 -7.77 -4.84
CA PRO A 92 -6.74 -9.02 -5.59
C PRO A 92 -6.92 -10.22 -4.65
N PRO A 93 -7.22 -11.42 -5.19
CA PRO A 93 -7.48 -12.55 -4.29
C PRO A 93 -6.22 -13.10 -3.63
N LEU A 94 -6.41 -14.03 -2.71
CA LEU A 94 -5.32 -14.69 -2.01
C LEU A 94 -5.57 -16.20 -1.97
N PRO A 95 -4.49 -17.00 -1.84
CA PRO A 95 -4.63 -18.46 -1.67
C PRO A 95 -5.07 -18.83 -0.26
N GLU A 96 -5.38 -20.10 -0.06
CA GLU A 96 -5.78 -20.61 1.26
C GLU A 96 -4.55 -21.10 2.03
N GLY A 97 -3.42 -20.47 1.78
CA GLY A 97 -2.17 -20.84 2.43
C GLY A 97 -1.42 -21.94 1.70
N GLU A 98 -1.87 -22.23 0.49
CA GLU A 98 -1.22 -23.23 -0.36
C GLU A 98 0.05 -22.64 -0.98
N VAL A 99 0.76 -23.48 -1.76
CA VAL A 99 1.96 -23.05 -2.47
C VAL A 99 1.69 -21.84 -3.40
N GLY A 1 23.92 -1.83 6.42
CA GLY A 1 22.91 -2.90 6.24
C GLY A 1 22.65 -3.32 4.80
N SER A 2 22.26 -4.57 4.61
CA SER A 2 22.00 -5.11 3.28
C SER A 2 20.60 -4.77 2.80
N MET A 3 20.50 -4.14 1.64
CA MET A 3 19.21 -3.84 1.04
C MET A 3 18.91 -4.84 -0.06
N LYS A 4 17.95 -5.73 0.21
CA LYS A 4 17.50 -6.73 -0.78
C LYS A 4 16.12 -6.32 -1.25
N TYR A 5 15.78 -5.08 -0.98
CA TYR A 5 14.45 -4.58 -1.19
C TYR A 5 14.49 -3.24 -1.88
N LEU A 6 13.34 -2.85 -2.41
CA LEU A 6 13.19 -1.59 -3.13
C LEU A 6 13.32 -0.43 -2.14
N ASN A 7 12.76 -0.62 -0.95
CA ASN A 7 12.82 0.37 0.15
C ASN A 7 12.33 1.76 -0.27
N VAL A 8 11.16 1.81 -0.90
CA VAL A 8 10.55 3.05 -1.37
C VAL A 8 9.39 3.37 -0.42
N LEU A 9 8.83 4.57 -0.47
CA LEU A 9 7.66 4.89 0.34
C LEU A 9 6.41 4.87 -0.54
N ALA A 10 5.27 4.51 0.02
CA ALA A 10 4.01 4.52 -0.71
C ALA A 10 2.90 5.07 0.18
N LYS A 11 1.95 5.79 -0.42
CA LYS A 11 0.80 6.36 0.31
C LYS A 11 -0.47 5.59 0.01
N ALA A 12 -1.24 5.35 1.05
CA ALA A 12 -2.55 4.73 0.92
C ALA A 12 -3.57 5.72 0.33
N LEU A 13 -4.26 5.33 -0.73
CA LEU A 13 -5.31 6.18 -1.32
C LEU A 13 -6.62 5.92 -0.61
N TYR A 14 -6.70 4.76 0.03
CA TYR A 14 -7.90 4.31 0.73
C TYR A 14 -7.38 3.60 1.96
N ASP A 15 -8.23 3.35 2.94
CA ASP A 15 -7.82 2.58 4.10
C ASP A 15 -7.84 1.09 3.72
N ASN A 16 -7.28 0.27 4.59
CA ASN A 16 -7.28 -1.17 4.35
C ASN A 16 -7.44 -1.88 5.68
N VAL A 17 -8.31 -2.88 5.69
CA VAL A 17 -8.51 -3.71 6.86
C VAL A 17 -7.87 -5.03 6.49
N ALA A 18 -6.95 -5.47 7.33
CA ALA A 18 -6.23 -6.70 7.09
C ALA A 18 -7.15 -7.88 7.38
N GLU A 19 -7.30 -8.75 6.40
CA GLU A 19 -8.16 -9.93 6.54
C GLU A 19 -7.28 -11.18 6.56
N SER A 20 -6.07 -11.03 6.04
CA SER A 20 -5.08 -12.09 6.05
C SER A 20 -4.11 -11.80 7.20
N PRO A 21 -3.54 -12.86 7.82
CA PRO A 21 -2.58 -12.64 8.89
C PRO A 21 -1.26 -12.05 8.39
N ASP A 22 -1.07 -12.06 7.08
CA ASP A 22 0.13 -11.49 6.46
C ASP A 22 -0.15 -10.10 5.93
N GLU A 23 -1.37 -9.60 6.10
CA GLU A 23 -1.74 -8.32 5.51
C GLU A 23 -1.60 -7.16 6.49
N LEU A 24 -1.27 -5.99 5.98
CA LEU A 24 -1.20 -4.79 6.79
C LEU A 24 -2.49 -4.01 6.76
N SER A 25 -2.84 -3.47 7.92
CA SER A 25 -4.01 -2.63 8.06
C SER A 25 -3.51 -1.21 8.26
N PHE A 26 -4.08 -0.29 7.50
CA PHE A 26 -3.69 1.12 7.56
C PHE A 26 -4.85 2.02 7.16
N ARG A 27 -4.67 3.32 7.32
CA ARG A 27 -5.71 4.30 6.99
C ARG A 27 -5.36 5.01 5.69
N LYS A 28 -6.35 5.64 5.06
CA LYS A 28 -6.10 6.46 3.89
C LYS A 28 -5.13 7.56 4.30
N GLY A 29 -4.12 7.78 3.47
CA GLY A 29 -3.13 8.81 3.73
C GLY A 29 -1.91 8.31 4.46
N ASP A 30 -1.95 7.09 4.97
CA ASP A 30 -0.81 6.51 5.70
C ASP A 30 0.35 6.23 4.76
N ILE A 31 1.54 6.09 5.32
CA ILE A 31 2.76 5.85 4.53
C ILE A 31 3.43 4.58 5.01
N MET A 32 3.71 3.68 4.08
CA MET A 32 4.42 2.45 4.39
C MET A 32 5.63 2.32 3.49
N THR A 33 6.61 1.55 3.97
CA THR A 33 7.83 1.32 3.21
C THR A 33 7.64 0.08 2.35
N VAL A 34 7.65 0.23 1.04
CA VAL A 34 7.49 -0.89 0.13
C VAL A 34 8.81 -1.61 0.01
N LEU A 35 8.78 -2.90 0.29
CA LEU A 35 9.97 -3.72 0.27
C LEU A 35 10.06 -4.41 -1.07
N GLU A 36 8.98 -5.05 -1.51
CA GLU A 36 8.94 -5.63 -2.84
C GLU A 36 7.51 -5.59 -3.35
N ARG A 37 7.30 -5.94 -4.60
CA ARG A 37 5.96 -5.98 -5.17
C ARG A 37 5.75 -7.35 -5.73
N ASP A 38 4.49 -7.80 -5.73
CA ASP A 38 4.09 -9.08 -6.31
C ASP A 38 4.86 -10.21 -5.59
N THR A 39 5.02 -9.97 -4.29
CA THR A 39 5.76 -10.84 -3.39
C THR A 39 5.09 -12.20 -3.29
N GLN A 40 5.88 -13.25 -3.10
CA GLN A 40 5.39 -14.64 -2.97
C GLN A 40 4.61 -15.11 -4.21
N GLY A 41 4.71 -14.37 -5.30
CA GLY A 41 3.97 -14.69 -6.51
C GLY A 41 2.55 -14.20 -6.41
N LEU A 42 2.27 -13.35 -5.43
CA LEU A 42 0.94 -12.81 -5.21
C LEU A 42 0.81 -11.53 -6.03
N ASP A 43 0.38 -11.69 -7.27
CA ASP A 43 0.24 -10.53 -8.17
C ASP A 43 -0.70 -9.49 -7.55
N GLY A 44 -0.26 -8.25 -7.53
CA GLY A 44 -1.06 -7.17 -6.97
C GLY A 44 -0.87 -6.96 -5.48
N TRP A 45 -0.23 -7.90 -4.80
CA TRP A 45 0.06 -7.77 -3.38
C TRP A 45 1.49 -7.26 -3.24
N TRP A 46 1.69 -6.19 -2.49
CA TRP A 46 3.01 -5.59 -2.34
C TRP A 46 3.47 -5.71 -0.89
N LEU A 47 4.67 -6.24 -0.69
CA LEU A 47 5.21 -6.39 0.65
C LEU A 47 5.64 -5.02 1.13
N CYS A 48 5.10 -4.60 2.25
CA CYS A 48 5.46 -3.32 2.83
C CYS A 48 5.66 -3.46 4.32
N SER A 49 6.14 -2.40 4.94
CA SER A 49 6.35 -2.36 6.38
C SER A 49 5.69 -1.10 6.93
N LEU A 50 4.86 -1.29 7.95
CA LEU A 50 4.10 -0.21 8.59
C LEU A 50 3.98 -0.57 10.07
N HIS A 51 4.12 0.40 10.96
CA HIS A 51 4.06 0.19 12.42
C HIS A 51 5.09 -0.87 12.89
N GLY A 52 6.18 -1.00 12.15
CA GLY A 52 7.19 -1.99 12.50
C GLY A 52 6.76 -3.44 12.23
N ARG A 53 5.68 -3.60 11.48
CA ARG A 53 5.15 -4.92 11.14
C ARG A 53 5.28 -5.01 9.63
N GLN A 54 5.62 -6.19 9.15
CA GLN A 54 5.77 -6.40 7.72
C GLN A 54 4.59 -7.20 7.21
N GLY A 55 4.13 -6.90 6.01
CA GLY A 55 3.00 -7.62 5.44
C GLY A 55 2.64 -7.16 4.05
N ILE A 56 1.76 -7.91 3.40
CA ILE A 56 1.30 -7.61 2.05
C ILE A 56 0.23 -6.52 2.10
N VAL A 57 0.10 -5.82 0.99
CA VAL A 57 -0.85 -4.71 0.84
C VAL A 57 -1.42 -4.75 -0.57
N PRO A 58 -2.73 -4.49 -0.74
CA PRO A 58 -3.25 -4.43 -2.10
C PRO A 58 -2.75 -3.18 -2.83
N GLY A 59 -1.97 -3.38 -3.88
CA GLY A 59 -1.45 -2.27 -4.67
C GLY A 59 -2.55 -1.45 -5.30
N ASN A 60 -3.73 -2.04 -5.43
CA ASN A 60 -4.91 -1.36 -5.97
C ASN A 60 -5.36 -0.20 -5.07
N ARG A 61 -4.91 -0.17 -3.82
CA ARG A 61 -5.25 0.91 -2.89
C ARG A 61 -4.01 1.71 -2.49
N LEU A 62 -2.90 1.46 -3.18
CA LEU A 62 -1.62 2.08 -2.81
C LEU A 62 -0.94 2.81 -3.95
N LYS A 63 -0.32 3.95 -3.63
CA LYS A 63 0.42 4.73 -4.62
C LYS A 63 1.86 4.86 -4.22
N ILE A 64 2.73 4.36 -5.08
CA ILE A 64 4.16 4.47 -4.88
C ILE A 64 4.57 5.93 -4.97
N LEU A 65 5.27 6.41 -3.96
CA LEU A 65 5.79 7.75 -3.94
C LEU A 65 7.24 7.68 -4.40
N VAL A 66 7.44 7.88 -5.69
CA VAL A 66 8.76 7.79 -6.28
C VAL A 66 9.63 8.91 -5.71
N GLY A 67 10.85 8.57 -5.31
CA GLY A 67 11.77 9.56 -4.77
C GLY A 67 12.54 10.18 -5.91
N MET A 68 13.00 11.42 -5.70
CA MET A 68 13.74 12.21 -6.70
C MET A 68 12.80 12.67 -7.85
N TYR A 69 13.24 13.70 -8.57
CA TYR A 69 12.48 14.29 -9.68
C TYR A 69 11.10 14.82 -9.26
N ASP A 70 10.28 15.11 -10.26
CA ASP A 70 8.90 15.61 -10.11
C ASP A 70 8.77 16.93 -9.33
N LYS A 71 7.54 17.42 -9.22
CA LYS A 71 7.24 18.63 -8.48
C LYS A 71 6.63 18.23 -7.14
N LYS A 72 7.35 18.50 -6.07
CA LYS A 72 6.86 18.18 -4.72
C LYS A 72 5.54 18.95 -4.51
N PRO A 73 4.59 18.36 -3.78
CA PRO A 73 3.32 19.07 -3.60
C PRO A 73 3.47 20.30 -2.71
N ALA A 74 2.63 21.29 -2.95
CA ALA A 74 2.63 22.52 -2.17
C ALA A 74 1.20 23.06 -2.20
N GLY A 75 0.74 23.57 -1.06
CA GLY A 75 -0.64 24.04 -0.95
C GLY A 75 -1.58 22.88 -0.68
N SER A 76 -2.76 23.19 -0.16
CA SER A 76 -3.75 22.16 0.19
C SER A 76 -4.93 22.13 -0.78
N GLY A 77 -4.88 22.99 -1.80
CA GLY A 77 -5.99 23.11 -2.74
C GLY A 77 -5.85 22.20 -3.94
N GLY A 78 -6.82 22.28 -4.84
CA GLY A 78 -6.78 21.49 -6.06
C GLY A 78 -7.10 20.02 -5.81
N SER A 79 -6.07 19.21 -5.62
CA SER A 79 -6.25 17.78 -5.36
C SER A 79 -6.73 17.53 -3.94
N GLY A 80 -6.59 18.53 -3.08
CA GLY A 80 -7.08 18.43 -1.71
C GLY A 80 -8.51 18.89 -1.59
N SER A 81 -9.32 18.62 -2.60
CA SER A 81 -10.73 19.00 -2.59
C SER A 81 -11.47 18.18 -1.55
N GLY A 82 -12.56 18.73 -1.04
CA GLY A 82 -13.37 17.98 -0.09
C GLY A 82 -14.07 16.84 -0.79
N LEU A 83 -14.36 15.78 -0.06
CA LEU A 83 -15.04 14.61 -0.61
C LEU A 83 -16.19 14.29 0.32
N THR A 84 -17.25 13.72 -0.23
CA THR A 84 -18.43 13.34 0.57
C THR A 84 -18.50 11.81 0.68
N ASP A 85 -17.99 11.14 -0.35
CA ASP A 85 -17.95 9.68 -0.40
C ASP A 85 -16.60 9.30 -1.00
N GLU A 86 -16.12 8.11 -0.68
CA GLU A 86 -14.87 7.57 -1.23
C GLU A 86 -14.94 6.04 -1.11
N LEU A 87 -15.33 5.38 -2.18
CA LEU A 87 -15.46 3.92 -2.17
C LEU A 87 -14.18 3.27 -2.65
N ALA A 88 -13.57 2.49 -1.78
CA ALA A 88 -12.30 1.84 -2.09
C ALA A 88 -12.48 0.65 -3.06
N PRO A 89 -11.54 0.46 -4.00
CA PRO A 89 -11.65 -0.67 -4.92
C PRO A 89 -11.31 -2.01 -4.26
N PRO A 90 -11.67 -3.13 -4.89
CA PRO A 90 -11.40 -4.42 -4.24
C PRO A 90 -9.91 -4.80 -4.20
N LYS A 91 -9.58 -5.68 -3.27
CA LYS A 91 -8.22 -6.20 -3.14
C LYS A 91 -8.11 -7.46 -4.01
N PRO A 92 -6.90 -7.80 -4.50
CA PRO A 92 -6.78 -9.05 -5.28
C PRO A 92 -6.96 -10.30 -4.37
N PRO A 93 -7.24 -11.46 -4.97
CA PRO A 93 -7.46 -12.67 -4.16
C PRO A 93 -6.17 -13.26 -3.57
N LEU A 94 -6.31 -14.31 -2.78
CA LEU A 94 -5.17 -15.01 -2.19
C LEU A 94 -5.35 -16.52 -2.36
N PRO A 95 -4.23 -17.28 -2.38
CA PRO A 95 -4.25 -18.74 -2.52
C PRO A 95 -4.56 -19.47 -1.22
N GLU A 96 -4.76 -20.78 -1.33
CA GLU A 96 -5.05 -21.64 -0.19
C GLU A 96 -3.77 -22.24 0.42
N GLY A 97 -2.74 -21.42 0.54
CA GLY A 97 -1.48 -21.86 1.15
C GLY A 97 -0.42 -22.32 0.16
N GLU A 98 0.68 -22.82 0.69
CA GLU A 98 1.79 -23.29 -0.13
C GLU A 98 1.43 -24.59 -0.85
N VAL A 99 1.55 -24.57 -2.17
CA VAL A 99 1.26 -25.74 -3.02
C VAL A 99 2.42 -26.13 -3.95
N GLY A 1 26.46 -2.41 -2.19
CA GLY A 1 26.40 -2.86 -0.77
C GLY A 1 25.38 -2.16 0.10
N SER A 2 25.07 -2.81 1.25
CA SER A 2 24.12 -2.34 2.26
C SER A 2 22.68 -2.11 1.76
N MET A 3 22.34 -2.66 0.61
CA MET A 3 21.00 -2.53 0.05
C MET A 3 20.26 -3.86 0.13
N LYS A 4 19.00 -3.80 0.52
CA LYS A 4 18.11 -4.96 0.55
C LYS A 4 16.75 -4.39 0.20
N TYR A 5 15.94 -5.16 -0.54
CA TYR A 5 14.60 -4.76 -0.96
C TYR A 5 14.57 -3.43 -1.75
N LEU A 6 13.37 -3.06 -2.22
CA LEU A 6 13.19 -1.81 -2.97
C LEU A 6 13.31 -0.61 -2.03
N ASN A 7 12.72 -0.76 -0.84
CA ASN A 7 12.75 0.29 0.21
C ASN A 7 12.28 1.68 -0.30
N VAL A 8 11.08 1.72 -0.86
CA VAL A 8 10.50 2.97 -1.39
C VAL A 8 9.30 3.32 -0.52
N LEU A 9 8.87 4.57 -0.52
CA LEU A 9 7.70 4.95 0.28
C LEU A 9 6.44 4.92 -0.57
N ALA A 10 5.31 4.58 0.02
CA ALA A 10 4.03 4.56 -0.70
C ALA A 10 2.92 5.10 0.21
N LYS A 11 1.97 5.83 -0.38
CA LYS A 11 0.83 6.39 0.36
C LYS A 11 -0.44 5.61 0.07
N ALA A 12 -1.24 5.37 1.10
CA ALA A 12 -2.53 4.73 0.97
C ALA A 12 -3.56 5.68 0.36
N LEU A 13 -4.27 5.23 -0.66
CA LEU A 13 -5.34 6.03 -1.27
C LEU A 13 -6.66 5.72 -0.59
N TYR A 14 -6.71 4.59 0.09
CA TYR A 14 -7.93 4.11 0.74
C TYR A 14 -7.55 3.43 2.03
N ASP A 15 -8.51 3.24 2.90
CA ASP A 15 -8.31 2.47 4.12
C ASP A 15 -8.17 1.00 3.73
N ASN A 16 -7.48 0.22 4.55
CA ASN A 16 -7.36 -1.21 4.33
C ASN A 16 -7.51 -1.95 5.64
N VAL A 17 -8.29 -3.02 5.62
CA VAL A 17 -8.49 -3.87 6.77
C VAL A 17 -7.83 -5.17 6.39
N ALA A 18 -6.92 -5.62 7.24
CA ALA A 18 -6.17 -6.84 6.99
C ALA A 18 -7.08 -8.03 7.29
N GLU A 19 -7.16 -8.94 6.34
CA GLU A 19 -8.00 -10.13 6.46
C GLU A 19 -7.10 -11.35 6.55
N SER A 20 -5.88 -11.20 6.07
CA SER A 20 -4.86 -12.24 6.14
C SER A 20 -3.91 -11.86 7.26
N PRO A 21 -3.34 -12.85 7.97
CA PRO A 21 -2.36 -12.51 9.02
C PRO A 21 -1.07 -11.92 8.45
N ASP A 22 -0.89 -12.07 7.14
CA ASP A 22 0.28 -11.57 6.44
C ASP A 22 -0.01 -10.20 5.87
N GLU A 23 -1.20 -9.66 6.08
CA GLU A 23 -1.59 -8.38 5.47
C GLU A 23 -1.51 -7.22 6.46
N LEU A 24 -1.22 -6.03 5.95
CA LEU A 24 -1.21 -4.82 6.78
C LEU A 24 -2.55 -4.11 6.74
N SER A 25 -2.92 -3.56 7.89
CA SER A 25 -4.11 -2.74 7.99
C SER A 25 -3.61 -1.31 8.17
N PHE A 26 -4.26 -0.39 7.49
CA PHE A 26 -3.88 1.02 7.53
C PHE A 26 -5.02 1.95 7.13
N ARG A 27 -4.79 3.24 7.32
CA ARG A 27 -5.75 4.27 7.02
C ARG A 27 -5.34 5.01 5.75
N LYS A 28 -6.32 5.59 5.08
CA LYS A 28 -6.10 6.42 3.91
C LYS A 28 -5.16 7.56 4.28
N GLY A 29 -4.09 7.70 3.52
CA GLY A 29 -3.09 8.73 3.77
C GLY A 29 -1.83 8.24 4.45
N ASP A 30 -1.85 7.04 5.02
CA ASP A 30 -0.69 6.48 5.73
C ASP A 30 0.46 6.22 4.76
N ILE A 31 1.68 6.22 5.30
CA ILE A 31 2.88 5.97 4.50
C ILE A 31 3.55 4.70 4.99
N MET A 32 3.78 3.77 4.07
CA MET A 32 4.48 2.52 4.38
C MET A 32 5.66 2.35 3.45
N THR A 33 6.62 1.56 3.90
CA THR A 33 7.83 1.29 3.13
C THR A 33 7.63 0.03 2.30
N VAL A 34 7.60 0.16 0.99
CA VAL A 34 7.45 -0.98 0.09
C VAL A 34 8.77 -1.69 -0.04
N LEU A 35 8.75 -2.97 0.29
CA LEU A 35 9.93 -3.80 0.28
C LEU A 35 10.02 -4.53 -1.05
N GLU A 36 8.92 -5.12 -1.48
CA GLU A 36 8.88 -5.73 -2.80
C GLU A 36 7.44 -5.72 -3.30
N ARG A 37 7.24 -6.05 -4.57
CA ARG A 37 5.91 -6.05 -5.16
C ARG A 37 5.73 -7.40 -5.79
N ASP A 38 4.49 -7.86 -5.83
CA ASP A 38 4.12 -9.15 -6.42
C ASP A 38 4.88 -10.25 -5.67
N THR A 39 4.99 -10.01 -4.37
CA THR A 39 5.70 -10.86 -3.42
C THR A 39 5.03 -12.21 -3.34
N GLN A 40 5.82 -13.27 -3.15
CA GLN A 40 5.33 -14.66 -3.07
C GLN A 40 4.57 -15.10 -4.33
N GLY A 41 4.71 -14.32 -5.41
CA GLY A 41 4.00 -14.60 -6.64
C GLY A 41 2.57 -14.10 -6.58
N LEU A 42 2.26 -13.30 -5.58
CA LEU A 42 0.92 -12.78 -5.38
C LEU A 42 0.79 -11.49 -6.17
N ASP A 43 0.36 -11.61 -7.42
CA ASP A 43 0.23 -10.46 -8.30
C ASP A 43 -0.67 -9.40 -7.67
N GLY A 44 -0.17 -8.17 -7.61
CA GLY A 44 -0.92 -7.07 -7.05
C GLY A 44 -0.75 -6.89 -5.55
N TRP A 45 -0.16 -7.86 -4.86
CA TRP A 45 0.11 -7.74 -3.44
C TRP A 45 1.54 -7.22 -3.27
N TRP A 46 1.69 -6.16 -2.50
CA TRP A 46 3.00 -5.52 -2.32
C TRP A 46 3.44 -5.66 -0.87
N LEU A 47 4.61 -6.24 -0.65
CA LEU A 47 5.15 -6.41 0.69
C LEU A 47 5.60 -5.04 1.17
N CYS A 48 5.05 -4.60 2.28
CA CYS A 48 5.43 -3.31 2.85
C CYS A 48 5.64 -3.42 4.35
N SER A 49 6.15 -2.36 4.93
CA SER A 49 6.37 -2.29 6.37
C SER A 49 5.75 -1.01 6.90
N LEU A 50 4.97 -1.15 7.98
CA LEU A 50 4.25 -0.04 8.60
C LEU A 50 4.16 -0.33 10.08
N HIS A 51 4.42 0.68 10.91
CA HIS A 51 4.36 0.55 12.39
C HIS A 51 5.27 -0.58 12.92
N GLY A 52 6.33 -0.88 12.19
CA GLY A 52 7.24 -1.96 12.58
C GLY A 52 6.70 -3.36 12.32
N ARG A 53 5.63 -3.45 11.54
CA ARG A 53 5.01 -4.73 11.19
C ARG A 53 5.20 -4.84 9.68
N GLN A 54 5.52 -6.02 9.19
CA GLN A 54 5.68 -6.25 7.77
C GLN A 54 4.48 -7.04 7.27
N GLY A 55 4.03 -6.76 6.07
CA GLY A 55 2.92 -7.52 5.49
C GLY A 55 2.57 -7.09 4.09
N ILE A 56 1.75 -7.87 3.41
CA ILE A 56 1.34 -7.56 2.05
C ILE A 56 0.23 -6.51 2.07
N VAL A 57 0.09 -5.82 0.95
CA VAL A 57 -0.87 -4.74 0.80
C VAL A 57 -1.43 -4.78 -0.62
N PRO A 58 -2.73 -4.55 -0.81
CA PRO A 58 -3.22 -4.48 -2.18
C PRO A 58 -2.73 -3.21 -2.90
N GLY A 59 -1.95 -3.39 -3.94
CA GLY A 59 -1.42 -2.26 -4.71
C GLY A 59 -2.51 -1.41 -5.31
N ASN A 60 -3.69 -1.99 -5.48
CA ASN A 60 -4.85 -1.28 -6.02
C ASN A 60 -5.30 -0.13 -5.08
N ARG A 61 -4.86 -0.17 -3.83
CA ARG A 61 -5.20 0.87 -2.85
C ARG A 61 -3.96 1.64 -2.42
N LEU A 62 -2.84 1.42 -3.11
CA LEU A 62 -1.57 2.03 -2.72
C LEU A 62 -0.90 2.78 -3.86
N LYS A 63 -0.23 3.87 -3.52
CA LYS A 63 0.48 4.67 -4.51
C LYS A 63 1.93 4.87 -4.15
N ILE A 64 2.81 4.40 -5.03
CA ILE A 64 4.24 4.56 -4.85
C ILE A 64 4.60 6.04 -4.95
N LEU A 65 5.29 6.55 -3.94
CA LEU A 65 5.75 7.92 -3.92
C LEU A 65 7.19 7.95 -4.41
N VAL A 66 7.36 8.15 -5.71
CA VAL A 66 8.68 8.13 -6.34
C VAL A 66 9.51 9.38 -6.02
N GLY A 67 9.00 10.25 -5.15
CA GLY A 67 9.72 11.45 -4.77
C GLY A 67 9.61 12.59 -5.77
N MET A 68 9.13 12.30 -6.96
CA MET A 68 9.03 13.30 -8.03
C MET A 68 7.80 14.19 -7.90
N TYR A 69 6.92 13.91 -6.95
CA TYR A 69 5.67 14.66 -6.81
C TYR A 69 5.29 14.88 -5.34
N ASP A 70 4.57 15.96 -5.07
CA ASP A 70 4.00 16.23 -3.74
C ASP A 70 2.58 16.78 -3.93
N LYS A 71 1.75 16.66 -2.91
CA LYS A 71 0.42 17.24 -2.89
C LYS A 71 -0.08 17.34 -1.45
N LYS A 72 -0.10 18.56 -0.92
CA LYS A 72 -0.62 18.78 0.43
C LYS A 72 -2.15 18.74 0.37
N PRO A 73 -2.81 18.14 1.37
CA PRO A 73 -4.28 18.11 1.33
C PRO A 73 -4.91 19.45 1.71
N ALA A 74 -5.48 20.14 0.74
CA ALA A 74 -6.15 21.42 0.96
C ALA A 74 -7.16 21.63 -0.17
N GLY A 75 -8.20 22.41 0.09
CA GLY A 75 -9.19 22.71 -0.93
C GLY A 75 -10.56 22.94 -0.33
N SER A 76 -11.52 23.33 -1.16
CA SER A 76 -12.89 23.56 -0.72
C SER A 76 -13.60 22.22 -0.62
N GLY A 77 -14.75 22.19 0.04
CA GLY A 77 -15.52 20.95 0.18
C GLY A 77 -15.08 20.12 1.37
N GLY A 78 -13.77 20.03 1.58
CA GLY A 78 -13.23 19.31 2.72
C GLY A 78 -13.38 20.07 4.03
N SER A 79 -14.15 21.13 3.98
CA SER A 79 -14.46 21.95 5.15
C SER A 79 -15.70 21.42 5.87
N GLY A 80 -16.38 20.46 5.24
CA GLY A 80 -17.57 19.88 5.84
C GLY A 80 -17.21 18.64 6.63
N SER A 81 -18.06 18.25 7.57
CA SER A 81 -17.80 17.06 8.40
C SER A 81 -17.90 15.78 7.60
N GLY A 82 -18.69 15.81 6.53
CA GLY A 82 -18.83 14.68 5.64
C GLY A 82 -19.87 15.07 4.61
N LEU A 83 -19.80 14.50 3.41
CA LEU A 83 -20.75 14.82 2.33
C LEU A 83 -20.88 13.65 1.36
N THR A 84 -19.74 13.11 0.95
CA THR A 84 -19.69 12.00 0.01
C THR A 84 -18.65 11.03 0.54
N ASP A 85 -18.62 9.82 0.01
CA ASP A 85 -17.68 8.79 0.43
C ASP A 85 -17.00 8.18 -0.79
N GLU A 86 -15.81 7.63 -0.59
CA GLU A 86 -15.04 7.00 -1.66
C GLU A 86 -14.80 5.54 -1.30
N LEU A 87 -15.67 4.67 -1.77
CA LEU A 87 -15.54 3.23 -1.51
C LEU A 87 -14.31 2.70 -2.22
N ALA A 88 -13.55 1.89 -1.51
CA ALA A 88 -12.27 1.39 -2.02
C ALA A 88 -12.44 0.31 -3.10
N PRO A 89 -11.49 0.24 -4.06
CA PRO A 89 -11.57 -0.85 -5.04
C PRO A 89 -11.25 -2.20 -4.38
N PRO A 90 -11.57 -3.32 -5.07
CA PRO A 90 -11.31 -4.61 -4.42
C PRO A 90 -9.82 -4.93 -4.30
N LYS A 91 -9.51 -5.88 -3.44
CA LYS A 91 -8.15 -6.38 -3.29
C LYS A 91 -8.05 -7.66 -4.13
N PRO A 92 -6.86 -7.98 -4.67
CA PRO A 92 -6.78 -9.24 -5.40
C PRO A 92 -6.92 -10.44 -4.45
N PRO A 93 -7.25 -11.63 -4.97
CA PRO A 93 -7.44 -12.78 -4.08
C PRO A 93 -6.14 -13.34 -3.51
N LEU A 94 -6.28 -14.31 -2.62
CA LEU A 94 -5.12 -14.98 -2.00
C LEU A 94 -5.32 -16.50 -2.00
N PRO A 95 -4.20 -17.25 -1.99
CA PRO A 95 -4.24 -18.71 -1.85
C PRO A 95 -4.39 -19.11 -0.39
N GLU A 96 -4.48 -20.41 -0.13
CA GLU A 96 -4.58 -20.94 1.24
C GLU A 96 -3.19 -21.25 1.79
N GLY A 97 -2.19 -20.54 1.29
CA GLY A 97 -0.81 -20.74 1.71
C GLY A 97 0.07 -21.18 0.54
N GLU A 98 1.36 -21.33 0.80
CA GLU A 98 2.31 -21.76 -0.22
C GLU A 98 3.10 -22.94 0.33
N VAL A 99 3.39 -23.91 -0.54
CA VAL A 99 4.08 -25.16 -0.15
C VAL A 99 5.28 -25.49 -1.07
N GLY A 1 19.89 -6.22 5.65
CA GLY A 1 21.02 -6.59 4.75
C GLY A 1 21.36 -5.57 3.68
N SER A 2 22.60 -5.61 3.20
CA SER A 2 23.07 -4.69 2.18
C SER A 2 22.32 -4.89 0.87
N MET A 3 21.80 -3.78 0.33
CA MET A 3 21.11 -3.77 -0.97
C MET A 3 19.97 -4.81 -1.05
N LYS A 4 19.09 -4.78 -0.06
CA LYS A 4 17.93 -5.67 -0.04
C LYS A 4 16.67 -4.85 -0.12
N TYR A 5 15.71 -5.35 -0.88
CA TYR A 5 14.41 -4.71 -1.11
C TYR A 5 14.47 -3.33 -1.78
N LEU A 6 13.30 -2.86 -2.21
CA LEU A 6 13.18 -1.62 -2.96
C LEU A 6 13.29 -0.38 -2.06
N ASN A 7 12.82 -0.51 -0.82
CA ASN A 7 12.83 0.56 0.19
C ASN A 7 12.24 1.89 -0.28
N VAL A 8 11.09 1.86 -0.94
CA VAL A 8 10.44 3.07 -1.44
C VAL A 8 9.28 3.40 -0.50
N LEU A 9 8.79 4.62 -0.53
CA LEU A 9 7.64 5.00 0.29
C LEU A 9 6.39 5.02 -0.59
N ALA A 10 5.27 4.58 -0.03
CA ALA A 10 4.00 4.58 -0.75
C ALA A 10 2.89 5.10 0.15
N LYS A 11 1.94 5.84 -0.42
CA LYS A 11 0.80 6.39 0.32
C LYS A 11 -0.47 5.61 0.04
N ALA A 12 -1.23 5.35 1.08
CA ALA A 12 -2.54 4.72 0.96
C ALA A 12 -3.56 5.71 0.38
N LEU A 13 -4.29 5.29 -0.64
CA LEU A 13 -5.37 6.13 -1.21
C LEU A 13 -6.68 5.84 -0.50
N TYR A 14 -6.75 4.69 0.14
CA TYR A 14 -7.96 4.25 0.81
C TYR A 14 -7.56 3.56 2.10
N ASP A 15 -8.51 3.41 3.01
CA ASP A 15 -8.29 2.63 4.22
C ASP A 15 -8.16 1.15 3.79
N ASN A 16 -7.45 0.36 4.58
CA ASN A 16 -7.35 -1.07 4.32
C ASN A 16 -7.49 -1.84 5.62
N VAL A 17 -8.29 -2.88 5.57
CA VAL A 17 -8.49 -3.75 6.72
C VAL A 17 -7.82 -5.06 6.34
N ALA A 18 -6.92 -5.49 7.20
CA ALA A 18 -6.19 -6.72 6.98
C ALA A 18 -7.13 -7.90 7.24
N GLU A 19 -7.29 -8.74 6.23
CA GLU A 19 -8.18 -9.89 6.31
C GLU A 19 -7.35 -11.14 6.42
N SER A 20 -6.09 -11.00 6.05
CA SER A 20 -5.10 -12.07 6.14
C SER A 20 -4.14 -11.70 7.26
N PRO A 21 -3.61 -12.69 8.00
CA PRO A 21 -2.63 -12.37 9.02
C PRO A 21 -1.28 -11.91 8.44
N ASP A 22 -1.13 -12.03 7.13
CA ASP A 22 0.07 -11.58 6.44
C ASP A 22 -0.14 -10.18 5.90
N GLU A 23 -1.32 -9.61 6.08
CA GLU A 23 -1.66 -8.33 5.47
C GLU A 23 -1.55 -7.17 6.47
N LEU A 24 -1.26 -5.99 5.96
CA LEU A 24 -1.20 -4.78 6.78
C LEU A 24 -2.52 -4.02 6.76
N SER A 25 -2.87 -3.48 7.90
CA SER A 25 -4.06 -2.67 8.06
C SER A 25 -3.60 -1.23 8.26
N PHE A 26 -4.18 -0.33 7.49
CA PHE A 26 -3.80 1.08 7.54
C PHE A 26 -4.92 2.01 7.13
N ARG A 27 -4.70 3.30 7.36
CA ARG A 27 -5.65 4.36 7.07
C ARG A 27 -5.28 5.02 5.75
N LYS A 28 -6.27 5.59 5.09
CA LYS A 28 -6.03 6.43 3.92
C LYS A 28 -5.07 7.54 4.33
N GLY A 29 -4.05 7.74 3.52
CA GLY A 29 -3.07 8.78 3.79
C GLY A 29 -1.84 8.29 4.52
N ASP A 30 -1.85 7.05 5.00
CA ASP A 30 -0.69 6.50 5.71
C ASP A 30 0.44 6.25 4.74
N ILE A 31 1.65 6.15 5.27
CA ILE A 31 2.85 5.88 4.47
C ILE A 31 3.46 4.59 4.98
N MET A 32 3.75 3.69 4.06
CA MET A 32 4.43 2.44 4.39
C MET A 32 5.62 2.28 3.46
N THR A 33 6.60 1.53 3.94
CA THR A 33 7.83 1.29 3.19
C THR A 33 7.64 0.05 2.32
N VAL A 34 7.61 0.21 1.01
CA VAL A 34 7.46 -0.92 0.11
C VAL A 34 8.78 -1.63 -0.01
N LEU A 35 8.76 -2.92 0.28
CA LEU A 35 9.93 -3.74 0.25
C LEU A 35 10.02 -4.45 -1.07
N GLU A 36 8.92 -5.06 -1.50
CA GLU A 36 8.87 -5.66 -2.84
C GLU A 36 7.44 -5.64 -3.34
N ARG A 37 7.25 -6.00 -4.60
CA ARG A 37 5.93 -6.03 -5.19
C ARG A 37 5.74 -7.42 -5.72
N ASP A 38 4.49 -7.86 -5.76
CA ASP A 38 4.11 -9.14 -6.34
C ASP A 38 4.87 -10.25 -5.60
N THR A 39 5.00 -9.99 -4.30
CA THR A 39 5.73 -10.85 -3.37
C THR A 39 5.06 -12.21 -3.25
N GLN A 40 5.86 -13.25 -3.04
CA GLN A 40 5.38 -14.64 -2.92
C GLN A 40 4.62 -15.13 -4.16
N GLY A 41 4.71 -14.38 -5.25
CA GLY A 41 3.98 -14.71 -6.46
C GLY A 41 2.54 -14.22 -6.38
N LEU A 42 2.26 -13.37 -5.41
CA LEU A 42 0.93 -12.83 -5.21
C LEU A 42 0.81 -11.56 -6.04
N ASP A 43 0.39 -11.70 -7.28
CA ASP A 43 0.27 -10.55 -8.17
C ASP A 43 -0.65 -9.48 -7.57
N GLY A 44 -0.16 -8.25 -7.55
CA GLY A 44 -0.95 -7.15 -7.01
C GLY A 44 -0.76 -6.94 -5.52
N TRP A 45 -0.19 -7.90 -4.82
CA TRP A 45 0.10 -7.76 -3.40
C TRP A 45 1.52 -7.24 -3.25
N TRP A 46 1.71 -6.18 -2.49
CA TRP A 46 3.02 -5.57 -2.34
C TRP A 46 3.46 -5.69 -0.89
N LEU A 47 4.65 -6.24 -0.67
CA LEU A 47 5.20 -6.39 0.66
C LEU A 47 5.62 -5.04 1.15
N CYS A 48 5.09 -4.62 2.28
CA CYS A 48 5.45 -3.33 2.86
C CYS A 48 5.67 -3.46 4.35
N SER A 49 6.18 -2.41 4.94
CA SER A 49 6.42 -2.34 6.37
C SER A 49 5.74 -1.09 6.92
N LEU A 50 4.98 -1.28 7.98
CA LEU A 50 4.16 -0.23 8.59
C LEU A 50 3.95 -0.62 10.05
N HIS A 51 4.01 0.37 10.95
CA HIS A 51 3.82 0.16 12.40
C HIS A 51 4.79 -0.88 12.98
N GLY A 52 5.97 -1.00 12.38
CA GLY A 52 6.94 -1.97 12.84
C GLY A 52 6.57 -3.41 12.50
N ARG A 53 5.63 -3.60 11.58
CA ARG A 53 5.20 -4.92 11.16
C ARG A 53 5.40 -4.97 9.67
N GLN A 54 5.57 -6.17 9.15
CA GLN A 54 5.72 -6.37 7.71
C GLN A 54 4.52 -7.17 7.25
N GLY A 55 4.07 -6.92 6.03
CA GLY A 55 2.94 -7.64 5.49
C GLY A 55 2.59 -7.19 4.08
N ILE A 56 1.72 -7.93 3.43
CA ILE A 56 1.30 -7.62 2.06
C ILE A 56 0.24 -6.53 2.09
N VAL A 57 0.10 -5.85 0.97
CA VAL A 57 -0.84 -4.73 0.82
C VAL A 57 -1.42 -4.78 -0.59
N PRO A 58 -2.73 -4.52 -0.75
CA PRO A 58 -3.28 -4.45 -2.11
C PRO A 58 -2.76 -3.21 -2.85
N GLY A 59 -1.90 -3.43 -3.83
CA GLY A 59 -1.25 -2.35 -4.55
C GLY A 59 -2.21 -1.42 -5.27
N ASN A 60 -3.40 -1.89 -5.59
CA ASN A 60 -4.39 -1.06 -6.27
C ASN A 60 -5.09 -0.05 -5.32
N ARG A 61 -4.75 -0.10 -4.03
CA ARG A 61 -5.20 0.90 -3.06
C ARG A 61 -4.01 1.73 -2.58
N LEU A 62 -2.86 1.51 -3.22
CA LEU A 62 -1.62 2.15 -2.80
C LEU A 62 -0.97 2.95 -3.93
N LYS A 63 -0.30 4.03 -3.58
CA LYS A 63 0.40 4.85 -4.55
C LYS A 63 1.86 4.97 -4.22
N ILE A 64 2.70 4.51 -5.12
CA ILE A 64 4.13 4.60 -4.95
C ILE A 64 4.54 6.07 -5.10
N LEU A 65 5.23 6.59 -4.10
CA LEU A 65 5.66 7.99 -4.10
C LEU A 65 7.06 8.08 -4.65
N VAL A 66 7.19 7.95 -5.97
CA VAL A 66 8.49 8.01 -6.64
C VAL A 66 9.10 9.41 -6.47
N GLY A 67 8.26 10.41 -6.30
CA GLY A 67 8.73 11.79 -6.15
C GLY A 67 8.89 12.48 -7.48
N MET A 68 9.18 11.70 -8.51
CA MET A 68 9.36 12.17 -9.89
C MET A 68 8.04 12.55 -10.59
N TYR A 69 7.07 13.04 -9.82
CA TYR A 69 5.76 13.36 -10.35
C TYR A 69 5.24 14.63 -9.72
N ASP A 70 4.83 15.58 -10.55
CA ASP A 70 4.30 16.86 -10.06
C ASP A 70 2.92 16.70 -9.44
N LYS A 71 2.18 15.72 -9.93
CA LYS A 71 0.80 15.45 -9.47
C LYS A 71 0.77 14.77 -8.09
N LYS A 72 1.35 15.44 -7.11
CA LYS A 72 1.39 14.98 -5.73
C LYS A 72 0.01 15.25 -5.14
N PRO A 73 -0.46 14.40 -4.21
CA PRO A 73 -1.82 14.64 -3.68
C PRO A 73 -1.93 15.87 -2.79
N ALA A 74 -0.79 16.39 -2.33
CA ALA A 74 -0.79 17.60 -1.52
C ALA A 74 -1.31 18.81 -2.31
N GLY A 75 -1.22 18.75 -3.63
CA GLY A 75 -1.69 19.84 -4.48
C GLY A 75 -3.19 19.81 -4.71
N SER A 76 -3.86 18.81 -4.17
CA SER A 76 -5.31 18.69 -4.34
C SER A 76 -6.05 19.47 -3.26
N GLY A 77 -5.31 19.92 -2.25
CA GLY A 77 -5.92 20.64 -1.15
C GLY A 77 -6.75 19.72 -0.28
N GLY A 78 -7.74 20.29 0.41
CA GLY A 78 -8.66 19.50 1.21
C GLY A 78 -10.03 20.10 0.99
N SER A 79 -11.06 19.30 1.05
CA SER A 79 -12.43 19.77 0.77
C SER A 79 -13.39 18.80 1.43
N GLY A 80 -14.67 19.16 1.44
CA GLY A 80 -15.72 18.32 2.02
C GLY A 80 -16.45 19.08 3.11
N SER A 81 -17.72 18.73 3.32
CA SER A 81 -18.55 19.39 4.33
C SER A 81 -19.66 18.44 4.78
N GLY A 82 -19.37 17.15 4.71
CA GLY A 82 -20.35 16.13 5.06
C GLY A 82 -19.61 14.83 5.14
N LEU A 83 -20.31 13.73 5.39
CA LEU A 83 -19.66 12.43 5.52
C LEU A 83 -18.99 12.02 4.22
N THR A 84 -19.72 12.20 3.11
CA THR A 84 -19.28 11.84 1.75
C THR A 84 -19.05 10.32 1.62
N ASP A 85 -18.82 9.86 0.39
CA ASP A 85 -18.59 8.44 0.12
C ASP A 85 -17.35 8.29 -0.73
N GLU A 86 -16.53 7.30 -0.41
CA GLU A 86 -15.34 6.98 -1.20
C GLU A 86 -15.08 5.48 -1.09
N LEU A 87 -15.64 4.73 -2.02
CA LEU A 87 -15.52 3.28 -1.97
C LEU A 87 -14.20 2.82 -2.59
N ALA A 88 -13.47 2.00 -1.85
CA ALA A 88 -12.19 1.49 -2.30
C ALA A 88 -12.39 0.38 -3.35
N PRO A 89 -11.44 0.23 -4.29
CA PRO A 89 -11.60 -0.90 -5.22
C PRO A 89 -11.35 -2.24 -4.51
N PRO A 90 -11.82 -3.35 -5.11
CA PRO A 90 -11.62 -4.62 -4.41
C PRO A 90 -10.16 -5.06 -4.40
N LYS A 91 -9.75 -5.77 -3.37
CA LYS A 91 -8.38 -6.25 -3.25
C LYS A 91 -8.22 -7.52 -4.10
N PRO A 92 -7.00 -7.84 -4.57
CA PRO A 92 -6.83 -9.09 -5.30
C PRO A 92 -6.97 -10.31 -4.37
N PRO A 93 -7.24 -11.50 -4.93
CA PRO A 93 -7.46 -12.69 -4.08
C PRO A 93 -6.17 -13.25 -3.48
N LEU A 94 -6.32 -14.26 -2.62
CA LEU A 94 -5.19 -14.93 -1.99
C LEU A 94 -5.37 -16.46 -2.05
N PRO A 95 -4.24 -17.21 -1.99
CA PRO A 95 -4.29 -18.67 -1.98
C PRO A 95 -4.70 -19.27 -0.63
N GLU A 96 -5.00 -20.55 -0.65
CA GLU A 96 -5.45 -21.29 0.53
C GLU A 96 -4.31 -22.03 1.23
N GLY A 97 -3.16 -21.37 1.37
CA GLY A 97 -2.01 -21.96 2.05
C GLY A 97 -0.90 -22.37 1.10
N GLU A 98 -0.05 -23.27 1.55
CA GLU A 98 1.08 -23.74 0.73
C GLU A 98 0.56 -24.54 -0.47
N VAL A 99 0.80 -24.01 -1.66
CA VAL A 99 0.31 -24.60 -2.92
C VAL A 99 1.02 -25.93 -3.33
N GLY A 1 23.76 -8.85 1.98
CA GLY A 1 22.31 -9.12 2.18
C GLY A 1 21.48 -7.86 2.39
N SER A 2 22.22 -6.80 2.66
CA SER A 2 21.66 -5.47 2.86
C SER A 2 21.08 -4.94 1.56
N MET A 3 20.05 -4.10 1.67
CA MET A 3 19.39 -3.46 0.51
C MET A 3 18.95 -4.47 -0.56
N LYS A 4 18.45 -5.62 -0.12
CA LYS A 4 17.93 -6.63 -1.07
C LYS A 4 16.45 -6.40 -1.34
N TYR A 5 15.97 -5.22 -0.96
CA TYR A 5 14.58 -4.83 -1.11
C TYR A 5 14.55 -3.42 -1.69
N LEU A 6 13.41 -3.06 -2.26
CA LEU A 6 13.23 -1.77 -2.92
C LEU A 6 13.31 -0.60 -1.94
N ASN A 7 12.68 -0.75 -0.78
CA ASN A 7 12.65 0.27 0.28
C ASN A 7 12.20 1.65 -0.22
N VAL A 8 11.04 1.71 -0.86
CA VAL A 8 10.48 2.97 -1.38
C VAL A 8 9.28 3.34 -0.51
N LEU A 9 8.85 4.58 -0.54
CA LEU A 9 7.68 4.99 0.24
C LEU A 9 6.43 4.96 -0.64
N ALA A 10 5.30 4.55 -0.06
CA ALA A 10 4.03 4.54 -0.77
C ALA A 10 2.92 5.07 0.13
N LYS A 11 1.96 5.78 -0.45
CA LYS A 11 0.82 6.35 0.29
C LYS A 11 -0.47 5.56 0.03
N ALA A 12 -1.23 5.34 1.09
CA ALA A 12 -2.54 4.69 0.99
C ALA A 12 -3.56 5.67 0.40
N LEU A 13 -4.24 5.29 -0.67
CA LEU A 13 -5.30 6.12 -1.25
C LEU A 13 -6.61 5.82 -0.55
N TYR A 14 -6.66 4.67 0.09
CA TYR A 14 -7.87 4.19 0.75
C TYR A 14 -7.46 3.53 2.05
N ASP A 15 -8.42 3.36 2.94
CA ASP A 15 -8.19 2.66 4.19
C ASP A 15 -8.07 1.17 3.91
N ASN A 16 -7.39 0.42 4.77
CA ASN A 16 -7.28 -1.02 4.59
C ASN A 16 -7.41 -1.76 5.90
N VAL A 17 -8.32 -2.71 5.94
CA VAL A 17 -8.50 -3.58 7.09
C VAL A 17 -7.88 -4.88 6.63
N ALA A 18 -6.94 -5.36 7.40
CA ALA A 18 -6.25 -6.60 7.09
C ALA A 18 -7.24 -7.75 7.30
N GLU A 19 -7.41 -8.57 6.28
CA GLU A 19 -8.32 -9.72 6.35
C GLU A 19 -7.49 -10.99 6.47
N SER A 20 -6.26 -10.92 5.98
CA SER A 20 -5.33 -12.04 6.07
C SER A 20 -4.32 -11.76 7.16
N PRO A 21 -3.76 -12.80 7.78
CA PRO A 21 -2.78 -12.59 8.85
C PRO A 21 -1.46 -12.02 8.35
N ASP A 22 -1.25 -12.07 7.05
CA ASP A 22 -0.04 -11.57 6.44
C ASP A 22 -0.23 -10.15 5.94
N GLU A 23 -1.45 -9.63 6.03
CA GLU A 23 -1.77 -8.33 5.48
C GLU A 23 -1.61 -7.21 6.52
N LEU A 24 -1.32 -6.00 6.05
CA LEU A 24 -1.22 -4.83 6.93
C LEU A 24 -2.50 -4.03 6.98
N SER A 25 -2.79 -3.51 8.17
CA SER A 25 -3.94 -2.66 8.40
C SER A 25 -3.44 -1.23 8.54
N PHE A 26 -4.04 -0.34 7.76
CA PHE A 26 -3.70 1.08 7.76
C PHE A 26 -4.92 1.87 7.33
N ARG A 27 -4.83 3.18 7.34
CA ARG A 27 -5.94 4.03 6.92
C ARG A 27 -5.51 4.89 5.73
N LYS A 28 -6.42 5.60 5.10
CA LYS A 28 -6.10 6.46 3.98
C LYS A 28 -5.10 7.52 4.41
N GLY A 29 -4.09 7.73 3.57
CA GLY A 29 -3.08 8.74 3.82
C GLY A 29 -1.88 8.23 4.59
N ASP A 30 -1.90 6.95 4.97
CA ASP A 30 -0.76 6.37 5.68
C ASP A 30 0.40 6.22 4.73
N ILE A 31 1.61 6.11 5.27
CA ILE A 31 2.82 5.92 4.47
C ILE A 31 3.49 4.65 4.94
N MET A 32 3.76 3.74 4.03
CA MET A 32 4.45 2.49 4.35
C MET A 32 5.63 2.30 3.43
N THR A 33 6.59 1.53 3.90
CA THR A 33 7.81 1.25 3.16
C THR A 33 7.62 0.01 2.30
N VAL A 34 7.58 0.16 0.99
CA VAL A 34 7.43 -0.97 0.08
C VAL A 34 8.77 -1.67 -0.05
N LEU A 35 8.79 -2.94 0.33
CA LEU A 35 9.99 -3.74 0.29
C LEU A 35 10.06 -4.45 -1.04
N GLU A 36 8.95 -5.01 -1.48
CA GLU A 36 8.89 -5.59 -2.82
C GLU A 36 7.47 -5.56 -3.31
N ARG A 37 7.25 -5.86 -4.58
CA ARG A 37 5.92 -5.90 -5.15
C ARG A 37 5.73 -7.26 -5.75
N ASP A 38 4.49 -7.72 -5.80
CA ASP A 38 4.11 -8.99 -6.40
C ASP A 38 4.87 -10.11 -5.67
N THR A 39 4.99 -9.88 -4.36
CA THR A 39 5.75 -10.73 -3.46
C THR A 39 5.13 -12.12 -3.34
N GLN A 40 5.98 -13.12 -3.19
CA GLN A 40 5.57 -14.54 -3.07
C GLN A 40 4.77 -15.04 -4.27
N GLY A 41 4.77 -14.29 -5.36
CA GLY A 41 3.99 -14.65 -6.53
C GLY A 41 2.54 -14.20 -6.38
N LEU A 42 2.28 -13.35 -5.40
CA LEU A 42 0.95 -12.83 -5.15
C LEU A 42 0.81 -11.58 -5.99
N ASP A 43 0.35 -11.75 -7.22
CA ASP A 43 0.23 -10.63 -8.15
C ASP A 43 -0.63 -9.52 -7.56
N GLY A 44 -0.13 -8.30 -7.60
CA GLY A 44 -0.85 -7.16 -7.07
C GLY A 44 -0.66 -6.93 -5.59
N TRP A 45 -0.11 -7.90 -4.85
CA TRP A 45 0.15 -7.73 -3.44
C TRP A 45 1.55 -7.19 -3.26
N TRP A 46 1.69 -6.12 -2.49
CA TRP A 46 2.99 -5.48 -2.31
C TRP A 46 3.43 -5.64 -0.87
N LEU A 47 4.64 -6.16 -0.67
CA LEU A 47 5.17 -6.36 0.66
C LEU A 47 5.62 -5.01 1.17
N CYS A 48 5.03 -4.57 2.27
CA CYS A 48 5.39 -3.30 2.85
C CYS A 48 5.62 -3.46 4.34
N SER A 49 6.13 -2.40 4.94
CA SER A 49 6.37 -2.34 6.36
C SER A 49 5.73 -1.07 6.89
N LEU A 50 4.95 -1.21 7.95
CA LEU A 50 4.21 -0.11 8.56
C LEU A 50 4.14 -0.37 10.05
N HIS A 51 4.43 0.65 10.85
CA HIS A 51 4.42 0.55 12.33
C HIS A 51 5.36 -0.56 12.83
N GLY A 52 6.41 -0.86 12.07
CA GLY A 52 7.35 -1.91 12.45
C GLY A 52 6.84 -3.32 12.18
N ARG A 53 5.73 -3.45 11.47
CA ARG A 53 5.14 -4.74 11.14
C ARG A 53 5.23 -4.87 9.64
N GLN A 54 5.60 -6.04 9.17
CA GLN A 54 5.72 -6.30 7.74
C GLN A 54 4.51 -7.09 7.27
N GLY A 55 4.09 -6.88 6.04
CA GLY A 55 2.98 -7.64 5.50
C GLY A 55 2.61 -7.22 4.09
N ILE A 56 1.74 -7.98 3.45
CA ILE A 56 1.30 -7.67 2.09
C ILE A 56 0.21 -6.59 2.15
N VAL A 57 0.07 -5.88 1.05
CA VAL A 57 -0.90 -4.80 0.94
C VAL A 57 -1.44 -4.83 -0.50
N PRO A 58 -2.75 -4.60 -0.69
CA PRO A 58 -3.22 -4.56 -2.08
C PRO A 58 -2.68 -3.32 -2.80
N GLY A 59 -1.92 -3.53 -3.87
CA GLY A 59 -1.34 -2.41 -4.62
C GLY A 59 -2.41 -1.54 -5.24
N ASN A 60 -3.60 -2.11 -5.42
CA ASN A 60 -4.75 -1.39 -5.97
C ASN A 60 -5.21 -0.24 -5.06
N ARG A 61 -4.75 -0.22 -3.82
CA ARG A 61 -5.09 0.85 -2.87
C ARG A 61 -3.86 1.67 -2.48
N LEU A 62 -2.75 1.45 -3.16
CA LEU A 62 -1.50 2.15 -2.86
C LEU A 62 -0.96 2.96 -4.03
N LYS A 63 -0.22 3.99 -3.68
CA LYS A 63 0.49 4.80 -4.67
C LYS A 63 1.94 4.90 -4.30
N ILE A 64 2.79 4.42 -5.17
CA ILE A 64 4.23 4.54 -4.98
C ILE A 64 4.59 6.01 -5.11
N LEU A 65 5.28 6.55 -4.11
CA LEU A 65 5.70 7.94 -4.14
C LEU A 65 7.10 8.02 -4.73
N VAL A 66 7.17 8.20 -6.04
CA VAL A 66 8.44 8.22 -6.75
C VAL A 66 9.07 9.61 -6.59
N GLY A 67 10.34 9.65 -6.20
CA GLY A 67 11.03 10.92 -6.02
C GLY A 67 11.32 11.60 -7.34
N MET A 68 11.82 12.84 -7.27
CA MET A 68 12.17 13.70 -8.43
C MET A 68 10.92 14.27 -9.14
N TYR A 69 9.92 13.42 -9.35
CA TYR A 69 8.64 13.83 -9.93
C TYR A 69 7.76 14.49 -8.86
N ASP A 70 6.55 14.90 -9.27
CA ASP A 70 5.53 15.48 -8.37
C ASP A 70 6.06 16.67 -7.56
N LYS A 71 6.95 17.42 -8.19
CA LYS A 71 7.55 18.61 -7.59
C LYS A 71 6.53 19.74 -7.54
N LYS A 72 5.92 19.92 -6.36
CA LYS A 72 4.86 20.93 -6.08
C LYS A 72 3.55 20.46 -6.73
N PRO A 73 2.38 20.94 -6.26
CA PRO A 73 1.10 20.44 -6.82
C PRO A 73 0.73 21.00 -8.21
N ALA A 74 1.67 20.98 -9.14
CA ALA A 74 1.40 21.40 -10.50
C ALA A 74 0.50 20.33 -11.11
N GLY A 75 -0.52 20.74 -11.84
CA GLY A 75 -1.45 19.79 -12.45
C GLY A 75 -2.52 19.30 -11.49
N SER A 76 -2.13 18.87 -10.28
CA SER A 76 -3.10 18.40 -9.29
C SER A 76 -3.86 19.56 -8.65
N GLY A 77 -3.26 20.75 -8.66
CA GLY A 77 -3.91 21.93 -8.11
C GLY A 77 -3.77 22.08 -6.61
N GLY A 78 -3.89 20.97 -5.88
CA GLY A 78 -3.81 20.99 -4.44
C GLY A 78 -4.05 19.60 -3.88
N SER A 79 -4.92 19.51 -2.89
CA SER A 79 -5.30 18.22 -2.31
C SER A 79 -6.79 18.29 -2.00
N GLY A 80 -7.49 17.18 -2.12
CA GLY A 80 -8.93 17.16 -1.89
C GLY A 80 -9.28 16.45 -0.60
N SER A 81 -10.40 16.86 0.00
CA SER A 81 -10.86 16.27 1.26
C SER A 81 -12.39 16.35 1.32
N GLY A 82 -13.06 15.65 0.42
CA GLY A 82 -14.52 15.71 0.35
C GLY A 82 -15.19 15.12 1.58
N LEU A 83 -14.66 14.01 2.07
CA LEU A 83 -15.13 13.36 3.30
C LEU A 83 -16.65 13.09 3.30
N THR A 84 -17.19 12.75 2.14
CA THR A 84 -18.63 12.49 2.02
C THR A 84 -18.89 10.99 1.91
N ASP A 85 -18.34 10.38 0.86
CA ASP A 85 -18.44 8.94 0.64
C ASP A 85 -17.28 8.61 -0.28
N GLU A 86 -16.73 7.40 -0.18
CA GLU A 86 -15.62 6.96 -1.03
C GLU A 86 -15.51 5.44 -0.97
N LEU A 87 -15.80 4.77 -2.08
CA LEU A 87 -15.73 3.31 -2.12
C LEU A 87 -14.35 2.86 -2.57
N ALA A 88 -13.66 2.12 -1.72
CA ALA A 88 -12.33 1.60 -2.04
C ALA A 88 -12.44 0.47 -3.07
N PRO A 89 -11.46 0.36 -3.98
CA PRO A 89 -11.55 -0.71 -4.98
C PRO A 89 -11.24 -2.10 -4.41
N PRO A 90 -11.66 -3.17 -5.10
CA PRO A 90 -11.40 -4.53 -4.58
C PRO A 90 -9.92 -4.88 -4.45
N LYS A 91 -9.63 -5.85 -3.60
CA LYS A 91 -8.28 -6.37 -3.43
C LYS A 91 -8.06 -7.45 -4.47
N PRO A 92 -6.80 -7.69 -4.89
CA PRO A 92 -6.58 -8.86 -5.75
C PRO A 92 -6.77 -10.16 -4.92
N PRO A 93 -6.98 -11.31 -5.60
CA PRO A 93 -7.25 -12.54 -4.84
C PRO A 93 -6.02 -13.09 -4.13
N LEU A 94 -6.24 -14.14 -3.34
CA LEU A 94 -5.17 -14.81 -2.61
C LEU A 94 -5.31 -16.33 -2.78
N PRO A 95 -4.21 -17.09 -2.60
CA PRO A 95 -4.20 -18.55 -2.74
C PRO A 95 -4.85 -19.27 -1.56
N GLU A 96 -4.57 -20.58 -1.46
CA GLU A 96 -5.05 -21.49 -0.42
C GLU A 96 -6.50 -21.93 -0.60
N GLY A 97 -7.10 -21.38 -1.64
CA GLY A 97 -8.44 -21.81 -2.06
C GLY A 97 -9.34 -20.73 -2.59
N GLU A 98 -9.21 -20.42 -3.88
CA GLU A 98 -10.10 -19.45 -4.51
C GLU A 98 -11.48 -20.08 -4.72
N VAL A 99 -12.52 -19.36 -4.28
CA VAL A 99 -13.92 -19.81 -4.39
C VAL A 99 -14.78 -18.90 -5.28
N GLY A 1 25.52 -7.00 -2.17
CA GLY A 1 24.77 -7.46 -0.97
C GLY A 1 24.06 -6.34 -0.24
N SER A 2 24.46 -5.14 -0.65
CA SER A 2 23.88 -3.90 -0.16
C SER A 2 22.52 -3.65 -0.82
N MET A 3 21.76 -2.71 -0.28
CA MET A 3 20.47 -2.29 -0.85
C MET A 3 19.45 -3.45 -0.96
N LYS A 4 19.31 -4.19 0.12
CA LYS A 4 18.28 -5.24 0.18
C LYS A 4 16.92 -4.55 0.13
N TYR A 5 16.02 -5.08 -0.69
CA TYR A 5 14.66 -4.56 -0.91
C TYR A 5 14.59 -3.16 -1.52
N LEU A 6 13.43 -2.84 -2.08
CA LEU A 6 13.21 -1.57 -2.79
C LEU A 6 13.25 -0.37 -1.85
N ASN A 7 12.62 -0.52 -0.68
CA ASN A 7 12.54 0.54 0.35
C ASN A 7 12.07 1.90 -0.19
N VAL A 8 10.95 1.87 -0.90
CA VAL A 8 10.35 3.10 -1.44
C VAL A 8 9.19 3.43 -0.53
N LEU A 9 8.74 4.67 -0.51
CA LEU A 9 7.59 5.03 0.30
C LEU A 9 6.35 5.01 -0.57
N ALA A 10 5.23 4.55 -0.01
CA ALA A 10 3.97 4.53 -0.73
C ALA A 10 2.87 5.07 0.19
N LYS A 11 1.96 5.85 -0.38
CA LYS A 11 0.84 6.42 0.37
C LYS A 11 -0.45 5.66 0.07
N ALA A 12 -1.21 5.37 1.11
CA ALA A 12 -2.50 4.74 0.97
C ALA A 12 -3.51 5.72 0.39
N LEU A 13 -4.24 5.33 -0.64
CA LEU A 13 -5.30 6.18 -1.19
C LEU A 13 -6.62 5.87 -0.49
N TYR A 14 -6.67 4.71 0.15
CA TYR A 14 -7.89 4.23 0.78
C TYR A 14 -7.52 3.49 2.06
N ASP A 15 -8.49 3.28 2.92
CA ASP A 15 -8.28 2.48 4.13
C ASP A 15 -8.08 1.03 3.73
N ASN A 16 -7.43 0.26 4.58
CA ASN A 16 -7.35 -1.18 4.39
C ASN A 16 -7.51 -1.86 5.73
N VAL A 17 -8.38 -2.85 5.77
CA VAL A 17 -8.56 -3.67 6.97
C VAL A 17 -7.93 -4.99 6.58
N ALA A 18 -6.99 -5.43 7.39
CA ALA A 18 -6.28 -6.65 7.12
C ALA A 18 -7.22 -7.82 7.39
N GLU A 19 -7.37 -8.68 6.40
CA GLU A 19 -8.25 -9.86 6.50
C GLU A 19 -7.39 -11.10 6.61
N SER A 20 -6.14 -10.95 6.20
CA SER A 20 -5.18 -12.06 6.21
C SER A 20 -4.14 -11.82 7.30
N PRO A 21 -3.56 -12.89 7.85
CA PRO A 21 -2.54 -12.71 8.90
C PRO A 21 -1.25 -12.11 8.36
N ASP A 22 -1.10 -12.11 7.05
CA ASP A 22 0.08 -11.57 6.40
C ASP A 22 -0.17 -10.15 5.92
N GLU A 23 -1.38 -9.64 6.10
CA GLU A 23 -1.77 -8.36 5.51
C GLU A 23 -1.64 -7.21 6.52
N LEU A 24 -1.36 -6.01 6.01
CA LEU A 24 -1.30 -4.82 6.86
C LEU A 24 -2.60 -4.05 6.84
N SER A 25 -2.92 -3.47 7.98
CA SER A 25 -4.09 -2.63 8.13
C SER A 25 -3.60 -1.20 8.31
N PHE A 26 -4.21 -0.29 7.57
CA PHE A 26 -3.85 1.14 7.61
C PHE A 26 -5.00 2.04 7.16
N ARG A 27 -4.79 3.34 7.33
CA ARG A 27 -5.77 4.37 6.99
C ARG A 27 -5.38 5.05 5.68
N LYS A 28 -6.34 5.64 5.00
CA LYS A 28 -6.06 6.50 3.85
C LYS A 28 -5.09 7.59 4.29
N GLY A 29 -4.05 7.79 3.49
CA GLY A 29 -3.06 8.82 3.78
C GLY A 29 -1.85 8.30 4.52
N ASP A 30 -1.87 7.06 4.98
CA ASP A 30 -0.76 6.48 5.74
C ASP A 30 0.40 6.19 4.78
N ILE A 31 1.60 6.05 5.34
CA ILE A 31 2.81 5.80 4.56
C ILE A 31 3.47 4.51 5.01
N MET A 32 3.68 3.60 4.07
CA MET A 32 4.37 2.35 4.34
C MET A 32 5.56 2.22 3.41
N THR A 33 6.57 1.51 3.90
CA THR A 33 7.79 1.27 3.14
C THR A 33 7.62 0.02 2.28
N VAL A 34 7.59 0.18 0.97
CA VAL A 34 7.44 -0.97 0.07
C VAL A 34 8.77 -1.66 -0.06
N LEU A 35 8.80 -2.93 0.28
CA LEU A 35 10.02 -3.72 0.26
C LEU A 35 10.13 -4.46 -1.06
N GLU A 36 9.02 -5.01 -1.54
CA GLU A 36 8.98 -5.62 -2.86
C GLU A 36 7.53 -5.58 -3.34
N ARG A 37 7.29 -5.92 -4.60
CA ARG A 37 5.94 -5.97 -5.16
C ARG A 37 5.74 -7.36 -5.72
N ASP A 38 4.49 -7.79 -5.75
CA ASP A 38 4.09 -9.07 -6.32
C ASP A 38 4.84 -10.20 -5.59
N THR A 39 4.98 -9.94 -4.28
CA THR A 39 5.73 -10.79 -3.37
C THR A 39 5.09 -12.16 -3.22
N GLN A 40 5.90 -13.18 -3.01
CA GLN A 40 5.43 -14.57 -2.88
C GLN A 40 4.61 -15.02 -4.09
N GLY A 41 4.80 -14.35 -5.23
CA GLY A 41 4.02 -14.67 -6.41
C GLY A 41 2.57 -14.23 -6.31
N LEU A 42 2.27 -13.41 -5.31
CA LEU A 42 0.93 -12.91 -5.10
C LEU A 42 0.79 -11.67 -5.95
N ASP A 43 0.31 -11.84 -7.16
CA ASP A 43 0.21 -10.73 -8.10
C ASP A 43 -0.67 -9.65 -7.50
N GLY A 44 -0.22 -8.42 -7.60
CA GLY A 44 -0.98 -7.31 -7.08
C GLY A 44 -0.75 -7.02 -5.60
N TRP A 45 -0.16 -7.96 -4.87
CA TRP A 45 0.11 -7.76 -3.45
C TRP A 45 1.53 -7.26 -3.26
N TRP A 46 1.70 -6.19 -2.50
CA TRP A 46 3.02 -5.57 -2.31
C TRP A 46 3.47 -5.73 -0.87
N LEU A 47 4.67 -6.24 -0.67
CA LEU A 47 5.23 -6.41 0.66
C LEU A 47 5.66 -5.05 1.15
N CYS A 48 5.10 -4.63 2.27
CA CYS A 48 5.45 -3.34 2.85
C CYS A 48 5.67 -3.47 4.34
N SER A 49 6.18 -2.41 4.93
CA SER A 49 6.41 -2.35 6.37
C SER A 49 5.75 -1.08 6.89
N LEU A 50 4.95 -1.23 7.92
CA LEU A 50 4.21 -0.12 8.54
C LEU A 50 4.26 -0.33 10.05
N HIS A 51 4.65 0.68 10.80
CA HIS A 51 4.77 0.58 12.28
C HIS A 51 5.66 -0.60 12.73
N GLY A 52 6.64 -0.96 11.92
CA GLY A 52 7.54 -2.04 12.27
C GLY A 52 6.96 -3.42 12.04
N ARG A 53 5.79 -3.49 11.42
CA ARG A 53 5.14 -4.76 11.11
C ARG A 53 5.24 -4.89 9.62
N GLN A 54 5.59 -6.07 9.15
CA GLN A 54 5.73 -6.31 7.72
C GLN A 54 4.52 -7.10 7.25
N GLY A 55 4.09 -6.87 6.01
CA GLY A 55 2.96 -7.59 5.47
C GLY A 55 2.60 -7.17 4.06
N ILE A 56 1.71 -7.91 3.44
CA ILE A 56 1.28 -7.62 2.07
C ILE A 56 0.19 -6.56 2.10
N VAL A 57 0.07 -5.84 1.00
CA VAL A 57 -0.90 -4.75 0.86
C VAL A 57 -1.44 -4.80 -0.56
N PRO A 58 -2.74 -4.57 -0.77
CA PRO A 58 -3.22 -4.56 -2.15
C PRO A 58 -2.73 -3.31 -2.91
N GLY A 59 -1.98 -3.52 -3.99
CA GLY A 59 -1.42 -2.43 -4.76
C GLY A 59 -2.47 -1.49 -5.33
N ASN A 60 -3.68 -2.03 -5.53
CA ASN A 60 -4.81 -1.24 -6.05
C ASN A 60 -5.22 -0.10 -5.11
N ARG A 61 -4.78 -0.13 -3.86
CA ARG A 61 -5.12 0.91 -2.89
C ARG A 61 -3.88 1.71 -2.46
N LEU A 62 -2.76 1.48 -3.14
CA LEU A 62 -1.51 2.17 -2.83
C LEU A 62 -1.00 2.99 -3.98
N LYS A 63 -0.28 4.05 -3.64
CA LYS A 63 0.40 4.87 -4.62
C LYS A 63 1.85 4.98 -4.25
N ILE A 64 2.70 4.51 -5.13
CA ILE A 64 4.14 4.61 -4.94
C ILE A 64 4.51 6.09 -5.06
N LEU A 65 5.22 6.60 -4.07
CA LEU A 65 5.63 7.99 -4.09
C LEU A 65 7.00 8.05 -4.77
N VAL A 66 6.97 8.19 -6.08
CA VAL A 66 8.19 8.21 -6.88
C VAL A 66 8.88 9.56 -6.72
N GLY A 67 10.06 9.54 -6.11
CA GLY A 67 10.83 10.76 -5.92
C GLY A 67 11.74 10.99 -7.12
N MET A 68 12.57 12.01 -7.04
CA MET A 68 13.56 12.41 -8.08
C MET A 68 12.96 12.90 -9.42
N TYR A 69 11.65 12.79 -9.56
CA TYR A 69 10.96 13.34 -10.73
C TYR A 69 10.22 14.62 -10.35
N ASP A 70 10.24 14.94 -9.08
CA ASP A 70 9.65 16.18 -8.57
C ASP A 70 10.63 17.33 -8.78
N LYS A 71 10.09 18.55 -8.86
CA LYS A 71 10.92 19.76 -9.07
C LYS A 71 10.43 21.00 -8.34
N LYS A 72 9.11 21.14 -8.19
CA LYS A 72 8.56 22.30 -7.48
C LYS A 72 7.98 21.80 -6.17
N PRO A 73 8.06 22.60 -5.09
CA PRO A 73 7.50 22.16 -3.81
C PRO A 73 5.96 22.28 -3.72
N ALA A 74 5.34 22.62 -4.85
CA ALA A 74 3.89 22.76 -4.88
C ALA A 74 3.21 21.40 -4.74
N GLY A 75 2.21 21.32 -3.87
CA GLY A 75 1.49 20.08 -3.67
C GLY A 75 0.36 19.90 -4.65
N SER A 76 -0.16 18.68 -4.75
CA SER A 76 -1.25 18.37 -5.71
C SER A 76 -2.58 19.00 -5.30
N GLY A 77 -2.77 19.28 -4.02
CA GLY A 77 -4.02 19.85 -3.55
C GLY A 77 -5.09 18.82 -3.31
N GLY A 78 -6.31 19.28 -3.07
CA GLY A 78 -7.45 18.41 -2.80
C GLY A 78 -8.19 18.91 -1.57
N SER A 79 -9.51 18.75 -1.56
CA SER A 79 -10.32 19.30 -0.45
C SER A 79 -10.18 18.51 0.85
N GLY A 80 -10.19 17.18 0.75
CA GLY A 80 -10.04 16.30 1.92
C GLY A 80 -11.20 16.33 2.91
N SER A 81 -12.26 17.06 2.58
CA SER A 81 -13.38 17.26 3.51
C SER A 81 -14.45 16.16 3.47
N GLY A 82 -14.21 15.11 2.70
CA GLY A 82 -15.16 13.99 2.64
C GLY A 82 -16.40 14.28 1.83
N LEU A 83 -16.29 15.24 0.91
CA LEU A 83 -17.42 15.60 0.05
C LEU A 83 -17.82 14.41 -0.80
N THR A 84 -19.09 14.01 -0.70
CA THR A 84 -19.66 12.87 -1.46
C THR A 84 -19.04 11.50 -1.12
N ASP A 85 -18.24 11.47 -0.06
CA ASP A 85 -17.53 10.25 0.39
C ASP A 85 -16.60 9.69 -0.70
N GLU A 86 -15.93 8.58 -0.45
CA GLU A 86 -15.00 7.99 -1.41
C GLU A 86 -14.88 6.48 -1.23
N LEU A 87 -15.58 5.72 -2.06
CA LEU A 87 -15.58 4.26 -1.96
C LEU A 87 -14.26 3.68 -2.49
N ALA A 88 -13.78 2.64 -1.83
CA ALA A 88 -12.51 2.01 -2.19
C ALA A 88 -12.65 0.91 -3.27
N PRO A 89 -11.61 0.74 -4.12
CA PRO A 89 -11.62 -0.33 -5.13
C PRO A 89 -11.36 -1.71 -4.50
N PRO A 90 -11.60 -2.79 -5.27
CA PRO A 90 -11.37 -4.12 -4.70
C PRO A 90 -9.89 -4.46 -4.52
N LYS A 91 -9.62 -5.55 -3.80
CA LYS A 91 -8.25 -6.06 -3.60
C LYS A 91 -8.11 -7.35 -4.42
N PRO A 92 -6.89 -7.71 -4.86
CA PRO A 92 -6.74 -8.97 -5.59
C PRO A 92 -6.93 -10.19 -4.67
N PRO A 93 -7.18 -11.39 -5.24
CA PRO A 93 -7.42 -12.58 -4.41
C PRO A 93 -6.14 -13.15 -3.77
N LEU A 94 -6.32 -14.15 -2.92
CA LEU A 94 -5.21 -14.84 -2.27
C LEU A 94 -5.38 -16.36 -2.33
N PRO A 95 -4.27 -17.14 -2.23
CA PRO A 95 -4.32 -18.60 -2.17
C PRO A 95 -4.63 -19.10 -0.75
N GLU A 96 -4.74 -20.40 -0.60
CA GLU A 96 -5.03 -21.02 0.71
C GLU A 96 -3.77 -21.68 1.31
N GLY A 97 -2.60 -21.09 1.05
CA GLY A 97 -1.37 -21.64 1.60
C GLY A 97 -0.14 -20.80 1.32
N GLU A 98 0.97 -21.14 1.95
CA GLU A 98 2.24 -20.44 1.77
C GLU A 98 2.85 -20.82 0.42
N VAL A 99 2.81 -19.89 -0.53
CA VAL A 99 3.31 -20.11 -1.89
C VAL A 99 3.77 -18.81 -2.56
N GLY A 1 23.60 2.38 4.03
CA GLY A 1 22.67 2.41 2.86
C GLY A 1 21.74 1.21 2.75
N SER A 2 21.02 1.13 1.62
CA SER A 2 20.10 0.05 1.34
C SER A 2 20.29 -0.42 -0.10
N MET A 3 19.81 -1.61 -0.41
CA MET A 3 19.94 -2.21 -1.74
C MET A 3 19.12 -3.50 -1.83
N LYS A 4 19.01 -4.19 -0.71
CA LYS A 4 18.13 -5.35 -0.62
C LYS A 4 16.78 -4.73 -0.35
N TYR A 5 15.77 -5.23 -1.04
CA TYR A 5 14.44 -4.66 -1.12
C TYR A 5 14.43 -3.26 -1.74
N LEU A 6 13.26 -2.85 -2.19
CA LEU A 6 13.09 -1.59 -2.91
C LEU A 6 13.22 -0.38 -1.99
N ASN A 7 12.68 -0.53 -0.78
CA ASN A 7 12.70 0.51 0.26
C ASN A 7 12.17 1.88 -0.20
N VAL A 8 11.03 1.87 -0.88
CA VAL A 8 10.41 3.10 -1.38
C VAL A 8 9.27 3.44 -0.43
N LEU A 9 8.80 4.67 -0.47
CA LEU A 9 7.64 5.06 0.34
C LEU A 9 6.40 5.02 -0.54
N ALA A 10 5.28 4.58 0.02
CA ALA A 10 4.02 4.55 -0.71
C ALA A 10 2.89 5.07 0.17
N LYS A 11 1.96 5.80 -0.41
CA LYS A 11 0.82 6.36 0.33
C LYS A 11 -0.45 5.57 0.04
N ALA A 12 -1.20 5.31 1.09
CA ALA A 12 -2.51 4.69 0.98
C ALA A 12 -3.54 5.67 0.38
N LEU A 13 -4.18 5.28 -0.72
CA LEU A 13 -5.23 6.11 -1.31
C LEU A 13 -6.54 5.83 -0.63
N TYR A 14 -6.63 4.70 0.03
CA TYR A 14 -7.83 4.25 0.71
C TYR A 14 -7.35 3.54 1.94
N ASP A 15 -8.24 3.26 2.88
CA ASP A 15 -7.88 2.46 4.04
C ASP A 15 -7.84 0.99 3.62
N ASN A 16 -7.36 0.13 4.50
CA ASN A 16 -7.33 -1.29 4.24
C ASN A 16 -7.54 -2.05 5.53
N VAL A 17 -8.32 -3.11 5.45
CA VAL A 17 -8.58 -3.98 6.59
C VAL A 17 -7.86 -5.26 6.27
N ALA A 18 -6.98 -5.66 7.16
CA ALA A 18 -6.19 -6.86 6.99
C ALA A 18 -7.07 -8.06 7.31
N GLU A 19 -7.28 -8.92 6.33
CA GLU A 19 -8.11 -10.11 6.48
C GLU A 19 -7.22 -11.33 6.55
N SER A 20 -6.04 -11.21 5.97
CA SER A 20 -5.03 -12.26 6.04
C SER A 20 -4.10 -11.91 7.18
N PRO A 21 -3.56 -12.91 7.88
CA PRO A 21 -2.60 -12.62 8.96
C PRO A 21 -1.28 -12.05 8.43
N ASP A 22 -1.06 -12.11 7.13
CA ASP A 22 0.14 -11.56 6.52
C ASP A 22 -0.12 -10.18 5.97
N GLU A 23 -1.35 -9.71 6.05
CA GLU A 23 -1.73 -8.43 5.46
C GLU A 23 -1.60 -7.27 6.44
N LEU A 24 -1.33 -6.08 5.94
CA LEU A 24 -1.28 -4.88 6.77
C LEU A 24 -2.59 -4.12 6.72
N SER A 25 -2.95 -3.56 7.86
CA SER A 25 -4.12 -2.71 7.98
C SER A 25 -3.63 -1.31 8.20
N PHE A 26 -4.22 -0.38 7.48
CA PHE A 26 -3.87 1.05 7.56
C PHE A 26 -5.04 1.91 7.14
N ARG A 27 -4.90 3.22 7.31
CA ARG A 27 -5.92 4.17 6.93
C ARG A 27 -5.45 4.94 5.71
N LYS A 28 -6.39 5.53 4.97
CA LYS A 28 -6.06 6.41 3.86
C LYS A 28 -5.11 7.49 4.35
N GLY A 29 -4.06 7.71 3.57
CA GLY A 29 -3.08 8.73 3.89
C GLY A 29 -1.82 8.21 4.55
N ASP A 30 -1.85 6.98 5.06
CA ASP A 30 -0.70 6.41 5.75
C ASP A 30 0.43 6.15 4.77
N ILE A 31 1.65 6.13 5.29
CA ILE A 31 2.84 5.88 4.50
C ILE A 31 3.49 4.59 4.98
N MET A 32 3.73 3.67 4.06
CA MET A 32 4.42 2.43 4.37
C MET A 32 5.63 2.29 3.46
N THR A 33 6.60 1.54 3.93
CA THR A 33 7.82 1.30 3.18
C THR A 33 7.65 0.05 2.33
N VAL A 34 7.63 0.20 1.02
CA VAL A 34 7.47 -0.95 0.12
C VAL A 34 8.80 -1.65 -0.02
N LEU A 35 8.78 -2.94 0.27
CA LEU A 35 9.97 -3.76 0.24
C LEU A 35 10.04 -4.50 -1.08
N GLU A 36 8.93 -5.09 -1.51
CA GLU A 36 8.87 -5.71 -2.84
C GLU A 36 7.44 -5.70 -3.33
N ARG A 37 7.23 -6.05 -4.59
CA ARG A 37 5.90 -6.06 -5.17
C ARG A 37 5.71 -7.44 -5.76
N ASP A 38 4.46 -7.89 -5.81
CA ASP A 38 4.09 -9.18 -6.36
C ASP A 38 4.83 -10.28 -5.58
N THR A 39 4.96 -9.98 -4.29
CA THR A 39 5.67 -10.82 -3.33
C THR A 39 5.00 -12.17 -3.19
N GLN A 40 5.80 -13.21 -2.96
CA GLN A 40 5.33 -14.60 -2.84
C GLN A 40 4.57 -15.12 -4.07
N GLY A 41 4.61 -14.35 -5.15
CA GLY A 41 3.86 -14.70 -6.35
C GLY A 41 2.43 -14.24 -6.25
N LEU A 42 2.16 -13.35 -5.30
CA LEU A 42 0.83 -12.81 -5.09
C LEU A 42 0.72 -11.56 -5.95
N ASP A 43 0.27 -11.73 -7.17
CA ASP A 43 0.16 -10.62 -8.10
C ASP A 43 -0.71 -9.50 -7.52
N GLY A 44 -0.19 -8.29 -7.55
CA GLY A 44 -0.93 -7.15 -7.03
C GLY A 44 -0.73 -6.89 -5.55
N TRP A 45 -0.17 -7.86 -4.82
CA TRP A 45 0.11 -7.69 -3.41
C TRP A 45 1.53 -7.18 -3.24
N TRP A 46 1.71 -6.12 -2.48
CA TRP A 46 3.02 -5.51 -2.31
C TRP A 46 3.47 -5.66 -0.86
N LEU A 47 4.66 -6.21 -0.67
CA LEU A 47 5.20 -6.39 0.67
C LEU A 47 5.64 -5.04 1.16
N CYS A 48 5.08 -4.60 2.26
CA CYS A 48 5.44 -3.31 2.83
C CYS A 48 5.66 -3.44 4.33
N SER A 49 6.17 -2.37 4.92
CA SER A 49 6.39 -2.31 6.34
C SER A 49 5.75 -1.04 6.87
N LEU A 50 4.94 -1.19 7.91
CA LEU A 50 4.18 -0.09 8.50
C LEU A 50 4.18 -0.29 10.01
N HIS A 51 4.55 0.74 10.76
CA HIS A 51 4.69 0.65 12.23
C HIS A 51 5.63 -0.49 12.66
N GLY A 52 6.60 -0.82 11.82
CA GLY A 52 7.54 -1.89 12.14
C GLY A 52 6.98 -3.30 11.92
N ARG A 53 5.78 -3.39 11.36
CA ARG A 53 5.16 -4.68 11.08
C ARG A 53 5.25 -4.82 9.59
N GLN A 54 5.60 -6.01 9.13
CA GLN A 54 5.72 -6.27 7.71
C GLN A 54 4.49 -7.05 7.25
N GLY A 55 4.08 -6.84 6.01
CA GLY A 55 2.97 -7.58 5.46
C GLY A 55 2.60 -7.16 4.06
N ILE A 56 1.70 -7.90 3.44
CA ILE A 56 1.26 -7.62 2.07
C ILE A 56 0.19 -6.54 2.09
N VAL A 57 0.08 -5.83 0.99
CA VAL A 57 -0.85 -4.72 0.83
C VAL A 57 -1.42 -4.75 -0.59
N PRO A 58 -2.73 -4.49 -0.77
CA PRO A 58 -3.24 -4.43 -2.14
C PRO A 58 -2.74 -3.18 -2.87
N GLY A 59 -1.95 -3.37 -3.92
CA GLY A 59 -1.41 -2.27 -4.69
C GLY A 59 -2.49 -1.40 -5.31
N ASN A 60 -3.68 -1.96 -5.48
CA ASN A 60 -4.81 -1.22 -6.04
C ASN A 60 -5.27 -0.07 -5.12
N ARG A 61 -4.85 -0.10 -3.85
CA ARG A 61 -5.18 0.96 -2.89
C ARG A 61 -3.94 1.72 -2.49
N LEU A 62 -2.83 1.49 -3.17
CA LEU A 62 -1.55 2.11 -2.81
C LEU A 62 -0.88 2.84 -3.95
N LYS A 63 -0.25 3.96 -3.62
CA LYS A 63 0.49 4.74 -4.60
C LYS A 63 1.93 4.90 -4.22
N ILE A 64 2.79 4.40 -5.09
CA ILE A 64 4.22 4.54 -4.90
C ILE A 64 4.60 6.00 -5.05
N LEU A 65 5.26 6.54 -4.03
CA LEU A 65 5.68 7.94 -4.05
C LEU A 65 7.09 8.02 -4.61
N VAL A 66 7.18 8.27 -5.90
CA VAL A 66 8.46 8.34 -6.61
C VAL A 66 9.13 9.71 -6.44
N GLY A 67 8.54 10.57 -5.62
CA GLY A 67 9.08 11.91 -5.40
C GLY A 67 8.66 12.89 -6.49
N MET A 68 8.68 12.41 -7.72
CA MET A 68 8.23 13.17 -8.87
C MET A 68 6.70 13.22 -8.88
N TYR A 69 6.16 14.13 -9.67
CA TYR A 69 4.72 14.34 -9.84
C TYR A 69 4.04 14.77 -8.53
N ASP A 70 2.72 14.72 -8.49
CA ASP A 70 1.87 15.14 -7.33
C ASP A 70 1.99 16.60 -6.86
N LYS A 71 2.96 17.33 -7.39
CA LYS A 71 3.25 18.69 -6.93
C LYS A 71 2.24 19.74 -7.41
N LYS A 72 1.21 19.96 -6.59
CA LYS A 72 0.23 21.03 -6.79
C LYS A 72 -0.01 21.60 -5.39
N PRO A 73 -0.41 22.87 -5.28
CA PRO A 73 -0.65 23.38 -3.92
C PRO A 73 -1.92 22.80 -3.28
N ALA A 74 -2.84 22.33 -4.11
CA ALA A 74 -4.06 21.70 -3.66
C ALA A 74 -4.52 20.83 -4.81
N GLY A 75 -5.31 19.81 -4.53
CA GLY A 75 -5.82 18.95 -5.60
C GLY A 75 -7.05 19.54 -6.27
N SER A 76 -7.78 20.36 -5.50
CA SER A 76 -9.06 20.96 -5.92
C SER A 76 -10.13 19.86 -6.10
N GLY A 77 -11.36 20.27 -6.39
CA GLY A 77 -12.45 19.31 -6.55
C GLY A 77 -12.73 18.51 -5.29
N GLY A 78 -12.50 19.13 -4.13
CA GLY A 78 -12.65 18.43 -2.87
C GLY A 78 -12.49 19.40 -1.73
N SER A 79 -12.10 18.89 -0.56
CA SER A 79 -11.91 19.70 0.66
C SER A 79 -13.20 20.42 1.09
N GLY A 80 -14.31 19.78 0.79
CA GLY A 80 -15.63 20.27 1.19
C GLY A 80 -16.39 19.15 1.86
N SER A 81 -17.59 18.88 1.39
CA SER A 81 -18.39 17.76 1.92
C SER A 81 -19.16 17.14 0.76
N GLY A 82 -19.62 15.91 0.93
CA GLY A 82 -20.40 15.24 -0.09
C GLY A 82 -21.09 14.06 0.55
N LEU A 83 -22.02 13.44 -0.15
CA LEU A 83 -22.79 12.32 0.40
C LEU A 83 -22.22 10.97 -0.02
N THR A 84 -21.49 10.96 -1.13
CA THR A 84 -20.88 9.74 -1.64
C THR A 84 -19.50 9.58 -1.01
N ASP A 85 -19.28 8.44 -0.38
CA ASP A 85 -17.98 8.14 0.22
C ASP A 85 -17.01 7.70 -0.86
N GLU A 86 -15.73 7.88 -0.62
CA GLU A 86 -14.68 7.47 -1.56
C GLU A 86 -14.35 5.99 -1.33
N LEU A 87 -15.32 5.15 -1.67
CA LEU A 87 -15.24 3.71 -1.45
C LEU A 87 -14.08 3.11 -2.22
N ALA A 88 -13.39 2.19 -1.56
CA ALA A 88 -12.16 1.64 -2.07
C ALA A 88 -12.35 0.52 -3.11
N PRO A 89 -11.39 0.37 -4.05
CA PRO A 89 -11.46 -0.75 -5.00
C PRO A 89 -11.14 -2.08 -4.32
N PRO A 90 -11.42 -3.21 -4.99
CA PRO A 90 -11.14 -4.50 -4.33
C PRO A 90 -9.66 -4.81 -4.20
N LYS A 91 -9.35 -5.79 -3.37
CA LYS A 91 -7.99 -6.29 -3.20
C LYS A 91 -7.87 -7.50 -4.13
N PRO A 92 -6.64 -7.86 -4.55
CA PRO A 92 -6.50 -9.08 -5.36
C PRO A 92 -6.91 -10.32 -4.55
N PRO A 93 -7.14 -11.46 -5.22
CA PRO A 93 -7.46 -12.65 -4.42
C PRO A 93 -6.23 -13.17 -3.68
N LEU A 94 -6.47 -14.15 -2.81
CA LEU A 94 -5.39 -14.76 -2.03
C LEU A 94 -5.53 -16.28 -2.05
N PRO A 95 -4.41 -17.01 -1.82
CA PRO A 95 -4.43 -18.48 -1.77
C PRO A 95 -5.06 -19.03 -0.49
N GLU A 96 -5.00 -20.36 -0.35
CA GLU A 96 -5.56 -21.11 0.77
C GLU A 96 -7.10 -21.06 0.83
N GLY A 97 -7.67 -20.51 -0.23
CA GLY A 97 -9.10 -20.57 -0.44
C GLY A 97 -9.40 -21.81 -1.28
N GLU A 98 -10.64 -22.26 -1.28
CA GLU A 98 -10.99 -23.45 -2.06
C GLU A 98 -10.91 -23.18 -3.56
N VAL A 99 -10.33 -24.12 -4.30
CA VAL A 99 -10.16 -23.95 -5.75
C VAL A 99 -11.48 -24.27 -6.48
N GLY A 1 24.51 -0.69 4.90
CA GLY A 1 23.75 -1.97 4.89
C GLY A 1 23.82 -2.76 3.58
N SER A 2 23.08 -3.87 3.55
CA SER A 2 23.04 -4.72 2.36
C SER A 2 21.92 -4.26 1.45
N MET A 3 22.11 -4.37 0.15
CA MET A 3 21.06 -4.03 -0.82
C MET A 3 20.01 -5.13 -0.87
N LYS A 4 19.01 -5.02 0.00
CA LYS A 4 17.87 -5.94 0.02
C LYS A 4 16.65 -5.06 -0.08
N TYR A 5 15.67 -5.53 -0.85
CA TYR A 5 14.40 -4.85 -1.06
C TYR A 5 14.47 -3.44 -1.69
N LEU A 6 13.32 -2.97 -2.15
CA LEU A 6 13.20 -1.70 -2.87
C LEU A 6 13.30 -0.51 -1.90
N ASN A 7 12.67 -0.65 -0.75
CA ASN A 7 12.65 0.37 0.32
C ASN A 7 12.18 1.75 -0.15
N VAL A 8 11.04 1.79 -0.84
CA VAL A 8 10.48 3.05 -1.35
C VAL A 8 9.29 3.40 -0.48
N LEU A 9 8.85 4.65 -0.50
CA LEU A 9 7.68 5.05 0.27
C LEU A 9 6.44 5.02 -0.61
N ALA A 10 5.32 4.59 -0.06
CA ALA A 10 4.05 4.57 -0.78
C ALA A 10 2.93 5.09 0.12
N LYS A 11 1.96 5.80 -0.47
CA LYS A 11 0.81 6.34 0.27
C LYS A 11 -0.45 5.53 0.00
N ALA A 12 -1.19 5.26 1.05
CA ALA A 12 -2.49 4.62 0.95
C ALA A 12 -3.53 5.62 0.41
N LEU A 13 -4.25 5.24 -0.63
CA LEU A 13 -5.32 6.09 -1.17
C LEU A 13 -6.64 5.79 -0.48
N TYR A 14 -6.67 4.64 0.18
CA TYR A 14 -7.87 4.16 0.86
C TYR A 14 -7.43 3.47 2.13
N ASP A 15 -8.37 3.22 3.03
CA ASP A 15 -8.09 2.44 4.22
C ASP A 15 -8.05 0.97 3.83
N ASN A 16 -7.47 0.15 4.68
CA ASN A 16 -7.41 -1.29 4.46
C ASN A 16 -7.55 -2.01 5.77
N VAL A 17 -8.38 -3.04 5.81
CA VAL A 17 -8.55 -3.87 6.98
C VAL A 17 -7.89 -5.17 6.62
N ALA A 18 -6.93 -5.56 7.44
CA ALA A 18 -6.18 -6.79 7.21
C ALA A 18 -7.06 -7.98 7.53
N GLU A 19 -7.19 -8.89 6.58
CA GLU A 19 -8.00 -10.09 6.74
C GLU A 19 -7.10 -11.32 6.79
N SER A 20 -6.01 -11.25 6.06
CA SER A 20 -5.00 -12.31 6.09
C SER A 20 -4.05 -11.99 7.23
N PRO A 21 -3.49 -13.02 7.89
CA PRO A 21 -2.53 -12.75 8.97
C PRO A 21 -1.23 -12.13 8.45
N ASP A 22 -1.03 -12.15 7.13
CA ASP A 22 0.15 -11.57 6.52
C ASP A 22 -0.15 -10.19 5.96
N GLU A 23 -1.39 -9.73 6.06
CA GLU A 23 -1.78 -8.45 5.49
C GLU A 23 -1.62 -7.30 6.51
N LEU A 24 -1.40 -6.10 6.01
CA LEU A 24 -1.31 -4.91 6.86
C LEU A 24 -2.60 -4.11 6.85
N SER A 25 -2.92 -3.55 8.01
CA SER A 25 -4.08 -2.70 8.17
C SER A 25 -3.58 -1.28 8.37
N PHE A 26 -4.17 -0.36 7.62
CA PHE A 26 -3.80 1.05 7.65
C PHE A 26 -4.96 1.91 7.17
N ARG A 27 -4.79 3.22 7.21
CA ARG A 27 -5.82 4.16 6.80
C ARG A 27 -5.37 4.96 5.57
N LYS A 28 -6.34 5.53 4.86
CA LYS A 28 -6.07 6.44 3.77
C LYS A 28 -5.13 7.55 4.25
N GLY A 29 -4.06 7.77 3.51
CA GLY A 29 -3.09 8.80 3.84
C GLY A 29 -1.84 8.27 4.51
N ASP A 30 -1.85 7.03 4.98
CA ASP A 30 -0.70 6.46 5.67
C ASP A 30 0.43 6.20 4.69
N ILE A 31 1.65 6.17 5.21
CA ILE A 31 2.84 5.93 4.41
C ILE A 31 3.47 4.65 4.92
N MET A 32 3.75 3.72 4.00
CA MET A 32 4.43 2.48 4.34
C MET A 32 5.62 2.30 3.44
N THR A 33 6.59 1.52 3.92
CA THR A 33 7.82 1.26 3.17
C THR A 33 7.63 0.03 2.30
N VAL A 34 7.61 0.20 0.99
CA VAL A 34 7.45 -0.93 0.07
C VAL A 34 8.76 -1.65 -0.04
N LEU A 35 8.75 -2.91 0.30
CA LEU A 35 9.93 -3.74 0.28
C LEU A 35 9.99 -4.45 -1.06
N GLU A 36 8.88 -5.00 -1.50
CA GLU A 36 8.82 -5.58 -2.84
C GLU A 36 7.40 -5.56 -3.35
N ARG A 37 7.20 -5.86 -4.62
CA ARG A 37 5.87 -5.91 -5.21
C ARG A 37 5.69 -7.29 -5.77
N ASP A 38 4.45 -7.74 -5.84
CA ASP A 38 4.08 -9.04 -6.42
C ASP A 38 4.83 -10.13 -5.64
N THR A 39 4.94 -9.86 -4.35
CA THR A 39 5.67 -10.70 -3.40
C THR A 39 5.04 -12.07 -3.25
N GLN A 40 5.87 -13.08 -3.05
CA GLN A 40 5.45 -14.49 -2.91
C GLN A 40 4.67 -15.01 -4.12
N GLY A 41 4.72 -14.30 -5.24
CA GLY A 41 3.97 -14.67 -6.42
C GLY A 41 2.53 -14.21 -6.32
N LEU A 42 2.26 -13.33 -5.37
CA LEU A 42 0.92 -12.81 -5.17
C LEU A 42 0.81 -11.54 -6.00
N ASP A 43 0.39 -11.69 -7.23
CA ASP A 43 0.27 -10.55 -8.15
C ASP A 43 -0.63 -9.48 -7.55
N GLY A 44 -0.15 -8.25 -7.57
CA GLY A 44 -0.92 -7.14 -7.03
C GLY A 44 -0.72 -6.92 -5.54
N TRP A 45 -0.16 -7.87 -4.81
CA TRP A 45 0.12 -7.71 -3.40
C TRP A 45 1.53 -7.17 -3.25
N TRP A 46 1.70 -6.11 -2.48
CA TRP A 46 3.01 -5.49 -2.30
C TRP A 46 3.46 -5.67 -0.86
N LEU A 47 4.65 -6.19 -0.66
CA LEU A 47 5.20 -6.38 0.67
C LEU A 47 5.62 -5.02 1.17
N CYS A 48 5.06 -4.59 2.29
CA CYS A 48 5.41 -3.31 2.87
C CYS A 48 5.62 -3.44 4.35
N SER A 49 6.16 -2.38 4.93
CA SER A 49 6.39 -2.32 6.36
C SER A 49 5.74 -1.06 6.91
N LEU A 50 4.96 -1.25 7.96
CA LEU A 50 4.17 -0.19 8.58
C LEU A 50 4.03 -0.53 10.06
N HIS A 51 4.14 0.46 10.95
CA HIS A 51 4.04 0.24 12.40
C HIS A 51 5.06 -0.80 12.93
N GLY A 52 6.18 -0.93 12.23
CA GLY A 52 7.20 -1.89 12.63
C GLY A 52 6.80 -3.34 12.36
N ARG A 53 5.77 -3.53 11.54
CA ARG A 53 5.27 -4.84 11.19
C ARG A 53 5.41 -4.92 9.69
N GLN A 54 5.60 -6.12 9.17
CA GLN A 54 5.74 -6.33 7.75
C GLN A 54 4.55 -7.14 7.26
N GLY A 55 4.12 -6.89 6.04
CA GLY A 55 3.01 -7.65 5.49
C GLY A 55 2.64 -7.21 4.09
N ILE A 56 1.74 -7.96 3.46
CA ILE A 56 1.30 -7.66 2.10
C ILE A 56 0.20 -6.62 2.13
N VAL A 57 0.10 -5.88 1.05
CA VAL A 57 -0.87 -4.79 0.92
C VAL A 57 -1.43 -4.83 -0.50
N PRO A 58 -2.74 -4.62 -0.69
CA PRO A 58 -3.24 -4.58 -2.06
C PRO A 58 -2.74 -3.32 -2.79
N GLY A 59 -1.94 -3.52 -3.83
CA GLY A 59 -1.36 -2.41 -4.57
C GLY A 59 -2.40 -1.53 -5.23
N ASN A 60 -3.58 -2.08 -5.46
CA ASN A 60 -4.69 -1.32 -6.05
C ASN A 60 -5.19 -0.19 -5.12
N ARG A 61 -4.74 -0.19 -3.88
CA ARG A 61 -5.10 0.86 -2.91
C ARG A 61 -3.87 1.66 -2.49
N LEU A 62 -2.75 1.45 -3.18
CA LEU A 62 -1.50 2.14 -2.86
C LEU A 62 -0.95 2.95 -4.02
N LYS A 63 -0.20 3.98 -3.68
CA LYS A 63 0.50 4.79 -4.67
C LYS A 63 1.95 4.93 -4.30
N ILE A 64 2.82 4.47 -5.18
CA ILE A 64 4.26 4.61 -4.99
C ILE A 64 4.60 6.09 -5.09
N LEU A 65 5.26 6.62 -4.09
CA LEU A 65 5.66 8.01 -4.09
C LEU A 65 7.08 8.09 -4.63
N VAL A 66 7.18 8.23 -5.95
CA VAL A 66 8.46 8.20 -6.65
C VAL A 66 9.35 9.37 -6.23
N GLY A 67 8.74 10.53 -5.97
CA GLY A 67 9.51 11.70 -5.54
C GLY A 67 10.26 12.39 -6.66
N MET A 68 10.11 11.88 -7.88
CA MET A 68 10.76 12.46 -9.05
C MET A 68 9.78 13.38 -9.78
N TYR A 69 8.58 12.86 -10.00
CA TYR A 69 7.53 13.66 -10.65
C TYR A 69 7.01 14.72 -9.68
N ASP A 70 6.90 14.31 -8.43
CA ASP A 70 6.48 15.20 -7.35
C ASP A 70 7.70 15.97 -6.88
N LYS A 71 7.74 17.28 -7.12
CA LYS A 71 8.93 18.08 -6.77
C LYS A 71 9.19 18.20 -5.28
N LYS A 72 8.22 17.85 -4.45
CA LYS A 72 8.38 17.87 -2.98
C LYS A 72 7.31 16.99 -2.35
N PRO A 73 7.55 16.49 -1.13
CA PRO A 73 6.45 15.76 -0.49
C PRO A 73 5.35 16.70 -0.01
N ALA A 74 4.17 16.16 0.28
CA ALA A 74 3.03 16.97 0.72
C ALA A 74 3.27 17.66 2.07
N GLY A 75 4.03 17.00 2.95
CA GLY A 75 4.34 17.59 4.24
C GLY A 75 3.18 17.70 5.22
N SER A 76 2.17 16.85 5.08
CA SER A 76 1.00 16.89 5.95
C SER A 76 0.86 15.62 6.81
N GLY A 77 0.07 14.66 6.35
CA GLY A 77 -0.18 13.45 7.13
C GLY A 77 -1.40 13.65 8.00
N GLY A 78 -1.67 12.71 8.89
CA GLY A 78 -2.83 12.80 9.76
C GLY A 78 -4.09 12.30 9.07
N SER A 79 -5.23 12.48 9.72
CA SER A 79 -6.52 12.04 9.18
C SER A 79 -7.59 12.98 9.72
N GLY A 80 -8.79 12.94 9.13
CA GLY A 80 -9.89 13.77 9.59
C GLY A 80 -10.22 14.89 8.63
N SER A 81 -9.45 14.97 7.56
CA SER A 81 -9.67 15.96 6.51
C SER A 81 -9.27 15.28 5.20
N GLY A 82 -9.69 15.83 4.07
CA GLY A 82 -9.40 15.21 2.78
C GLY A 82 -10.60 14.46 2.22
N LEU A 83 -11.76 15.10 2.36
CA LEU A 83 -13.06 14.58 1.91
C LEU A 83 -13.47 13.23 2.51
N THR A 84 -14.68 12.82 2.17
CA THR A 84 -15.30 11.62 2.72
C THR A 84 -15.90 10.87 1.55
N ASP A 85 -16.43 9.67 1.81
CA ASP A 85 -17.22 8.89 0.85
C ASP A 85 -16.48 8.47 -0.42
N GLU A 86 -15.17 8.56 -0.39
CA GLU A 86 -14.32 8.12 -1.50
C GLU A 86 -14.08 6.61 -1.31
N LEU A 87 -14.98 5.82 -1.88
CA LEU A 87 -15.03 4.39 -1.67
C LEU A 87 -13.86 3.67 -2.33
N ALA A 88 -13.38 2.62 -1.67
CA ALA A 88 -12.21 1.90 -2.14
C ALA A 88 -12.51 0.86 -3.24
N PRO A 89 -11.59 0.68 -4.20
CA PRO A 89 -11.77 -0.36 -5.21
C PRO A 89 -11.48 -1.76 -4.65
N PRO A 90 -11.83 -2.83 -5.38
CA PRO A 90 -11.53 -4.18 -4.88
C PRO A 90 -10.05 -4.47 -4.68
N LYS A 91 -9.77 -5.47 -3.85
CA LYS A 91 -8.40 -5.94 -3.62
C LYS A 91 -8.22 -7.22 -4.43
N PRO A 92 -6.98 -7.55 -4.85
CA PRO A 92 -6.79 -8.81 -5.57
C PRO A 92 -7.02 -10.02 -4.66
N PRO A 93 -7.29 -11.20 -5.24
CA PRO A 93 -7.55 -12.39 -4.42
C PRO A 93 -6.29 -12.95 -3.76
N LEU A 94 -6.46 -13.99 -2.97
CA LEU A 94 -5.35 -14.68 -2.32
C LEU A 94 -5.57 -16.17 -2.50
N PRO A 95 -4.48 -16.97 -2.44
CA PRO A 95 -4.57 -18.44 -2.62
C PRO A 95 -5.20 -19.17 -1.42
N GLU A 96 -5.13 -20.51 -1.47
CA GLU A 96 -5.66 -21.46 -0.49
C GLU A 96 -7.17 -21.65 -0.58
N GLY A 97 -7.72 -20.85 -1.46
CA GLY A 97 -9.12 -20.97 -1.83
C GLY A 97 -9.34 -20.11 -3.05
N GLU A 98 -10.14 -20.59 -4.00
CA GLU A 98 -10.43 -19.85 -5.22
C GLU A 98 -11.77 -20.35 -5.72
N VAL A 99 -12.55 -19.48 -6.36
CA VAL A 99 -13.87 -19.85 -6.87
C VAL A 99 -13.81 -20.86 -8.03
N GLY A 1 18.69 -4.14 7.33
CA GLY A 1 19.97 -3.54 6.81
C GLY A 1 20.62 -4.39 5.74
N SER A 2 19.84 -5.41 5.35
CA SER A 2 20.24 -6.36 4.32
C SER A 2 20.25 -5.71 2.94
N MET A 3 19.38 -4.71 2.78
CA MET A 3 19.23 -3.95 1.51
C MET A 3 18.95 -4.86 0.32
N LYS A 4 17.98 -5.77 0.50
CA LYS A 4 17.57 -6.72 -0.56
C LYS A 4 16.15 -6.39 -0.98
N TYR A 5 15.77 -5.15 -0.76
CA TYR A 5 14.43 -4.68 -1.04
C TYR A 5 14.46 -3.33 -1.74
N LEU A 6 13.33 -2.96 -2.31
CA LEU A 6 13.19 -1.70 -3.03
C LEU A 6 13.30 -0.52 -2.06
N ASN A 7 12.70 -0.70 -0.89
CA ASN A 7 12.72 0.30 0.20
C ASN A 7 12.25 1.69 -0.25
N VAL A 8 11.08 1.75 -0.89
CA VAL A 8 10.51 3.02 -1.39
C VAL A 8 9.31 3.36 -0.51
N LEU A 9 8.86 4.61 -0.54
CA LEU A 9 7.68 4.99 0.24
C LEU A 9 6.43 5.02 -0.63
N ALA A 10 5.30 4.58 -0.08
CA ALA A 10 4.02 4.60 -0.78
C ALA A 10 2.92 5.11 0.14
N LYS A 11 1.96 5.84 -0.43
CA LYS A 11 0.83 6.39 0.34
C LYS A 11 -0.44 5.61 0.07
N ALA A 12 -1.20 5.34 1.11
CA ALA A 12 -2.50 4.70 1.01
C ALA A 12 -3.52 5.68 0.43
N LEU A 13 -4.26 5.27 -0.59
CA LEU A 13 -5.34 6.09 -1.15
C LEU A 13 -6.64 5.78 -0.48
N TYR A 14 -6.69 4.63 0.18
CA TYR A 14 -7.90 4.15 0.82
C TYR A 14 -7.52 3.47 2.11
N ASP A 15 -8.50 3.24 2.97
CA ASP A 15 -8.28 2.47 4.18
C ASP A 15 -8.09 1.02 3.75
N ASN A 16 -7.42 0.23 4.59
CA ASN A 16 -7.31 -1.19 4.34
C ASN A 16 -7.49 -1.93 5.64
N VAL A 17 -8.38 -2.92 5.62
CA VAL A 17 -8.61 -3.78 6.76
C VAL A 17 -7.96 -5.07 6.36
N ALA A 18 -7.05 -5.52 7.21
CA ALA A 18 -6.32 -6.74 6.97
C ALA A 18 -7.27 -7.92 7.20
N GLU A 19 -7.42 -8.75 6.18
CA GLU A 19 -8.32 -9.91 6.26
C GLU A 19 -7.48 -11.18 6.26
N SER A 20 -6.24 -11.04 5.83
CA SER A 20 -5.25 -12.11 5.86
C SER A 20 -4.31 -11.82 7.02
N PRO A 21 -3.77 -12.88 7.66
CA PRO A 21 -2.85 -12.65 8.78
C PRO A 21 -1.50 -12.05 8.37
N ASP A 22 -1.23 -12.05 7.08
CA ASP A 22 0.01 -11.48 6.54
C ASP A 22 -0.23 -10.08 6.04
N GLU A 23 -1.47 -9.64 6.04
CA GLU A 23 -1.83 -8.36 5.45
C GLU A 23 -1.72 -7.23 6.47
N LEU A 24 -1.38 -6.04 5.99
CA LEU A 24 -1.31 -4.86 6.84
C LEU A 24 -2.61 -4.07 6.83
N SER A 25 -2.94 -3.53 7.99
CA SER A 25 -4.11 -2.68 8.15
C SER A 25 -3.62 -1.26 8.36
N PHE A 26 -4.21 -0.35 7.62
CA PHE A 26 -3.85 1.07 7.66
C PHE A 26 -4.99 1.99 7.23
N ARG A 27 -4.78 3.29 7.41
CA ARG A 27 -5.76 4.32 7.08
C ARG A 27 -5.32 5.05 5.81
N LYS A 28 -6.28 5.60 5.09
CA LYS A 28 -6.01 6.46 3.95
C LYS A 28 -5.06 7.58 4.36
N GLY A 29 -4.01 7.74 3.56
CA GLY A 29 -3.02 8.78 3.82
C GLY A 29 -1.77 8.27 4.51
N ASP A 30 -1.80 7.04 5.01
CA ASP A 30 -0.65 6.48 5.73
C ASP A 30 0.47 6.20 4.75
N ILE A 31 1.70 6.19 5.27
CA ILE A 31 2.88 5.90 4.48
C ILE A 31 3.50 4.61 4.96
N MET A 32 3.74 3.70 4.04
CA MET A 32 4.41 2.44 4.35
C MET A 32 5.60 2.27 3.44
N THR A 33 6.57 1.52 3.91
CA THR A 33 7.80 1.26 3.17
C THR A 33 7.60 0.04 2.29
N VAL A 34 7.60 0.22 0.98
CA VAL A 34 7.43 -0.89 0.05
C VAL A 34 8.75 -1.62 -0.05
N LEU A 35 8.71 -2.90 0.28
CA LEU A 35 9.90 -3.72 0.27
C LEU A 35 9.99 -4.44 -1.06
N GLU A 36 8.90 -5.04 -1.50
CA GLU A 36 8.86 -5.64 -2.83
C GLU A 36 7.43 -5.61 -3.34
N ARG A 37 7.23 -5.99 -4.59
CA ARG A 37 5.91 -6.02 -5.20
C ARG A 37 5.75 -7.38 -5.79
N ASP A 38 4.50 -7.85 -5.84
CA ASP A 38 4.14 -9.16 -6.40
C ASP A 38 4.89 -10.24 -5.61
N THR A 39 5.00 -9.95 -4.32
CA THR A 39 5.71 -10.77 -3.35
C THR A 39 5.07 -12.14 -3.20
N GLN A 40 5.89 -13.15 -2.96
CA GLN A 40 5.44 -14.54 -2.78
C GLN A 40 4.67 -15.09 -4.00
N GLY A 41 4.75 -14.39 -5.12
CA GLY A 41 4.00 -14.78 -6.30
C GLY A 41 2.57 -14.30 -6.24
N LEU A 42 2.28 -13.43 -5.29
CA LEU A 42 0.94 -12.89 -5.11
C LEU A 42 0.83 -11.64 -5.96
N ASP A 43 0.37 -11.81 -7.19
CA ASP A 43 0.25 -10.70 -8.12
C ASP A 43 -0.60 -9.58 -7.54
N GLY A 44 -0.08 -8.37 -7.58
CA GLY A 44 -0.81 -7.22 -7.08
C GLY A 44 -0.61 -6.96 -5.59
N TRP A 45 -0.07 -7.92 -4.84
CA TRP A 45 0.19 -7.73 -3.43
C TRP A 45 1.60 -7.18 -3.27
N TRP A 46 1.73 -6.11 -2.51
CA TRP A 46 3.03 -5.46 -2.33
C TRP A 46 3.46 -5.63 -0.89
N LEU A 47 4.64 -6.19 -0.68
CA LEU A 47 5.17 -6.38 0.67
C LEU A 47 5.59 -5.01 1.16
N CYS A 48 5.03 -4.59 2.28
CA CYS A 48 5.39 -3.31 2.86
C CYS A 48 5.62 -3.45 4.35
N SER A 49 6.14 -2.40 4.94
CA SER A 49 6.38 -2.35 6.37
C SER A 49 5.73 -1.08 6.91
N LEU A 50 4.94 -1.24 7.95
CA LEU A 50 4.18 -0.15 8.56
C LEU A 50 4.09 -0.44 10.04
N HIS A 51 4.36 0.58 10.87
CA HIS A 51 4.34 0.45 12.34
C HIS A 51 5.26 -0.68 12.84
N GLY A 52 6.33 -0.96 12.09
CA GLY A 52 7.25 -2.01 12.47
C GLY A 52 6.75 -3.43 12.19
N ARG A 53 5.65 -3.56 11.48
CA ARG A 53 5.08 -4.86 11.14
C ARG A 53 5.23 -4.95 9.63
N GLN A 54 5.63 -6.10 9.15
CA GLN A 54 5.78 -6.35 7.72
C GLN A 54 4.61 -7.16 7.23
N GLY A 55 4.13 -6.88 6.03
CA GLY A 55 3.02 -7.63 5.49
C GLY A 55 2.62 -7.19 4.10
N ILE A 56 1.76 -7.97 3.45
CA ILE A 56 1.31 -7.66 2.10
C ILE A 56 0.22 -6.59 2.13
N VAL A 57 0.10 -5.87 1.03
CA VAL A 57 -0.88 -4.78 0.87
C VAL A 57 -1.39 -4.82 -0.55
N PRO A 58 -2.71 -4.60 -0.76
CA PRO A 58 -3.16 -4.57 -2.16
C PRO A 58 -2.67 -3.31 -2.89
N GLY A 59 -1.93 -3.51 -3.97
CA GLY A 59 -1.40 -2.40 -4.74
C GLY A 59 -2.47 -1.50 -5.31
N ASN A 60 -3.67 -2.04 -5.49
CA ASN A 60 -4.82 -1.28 -6.00
C ASN A 60 -5.25 -0.15 -5.05
N ARG A 61 -4.78 -0.18 -3.80
CA ARG A 61 -5.11 0.86 -2.82
C ARG A 61 -3.88 1.67 -2.43
N LEU A 62 -2.77 1.46 -3.12
CA LEU A 62 -1.51 2.15 -2.83
C LEU A 62 -0.98 2.98 -3.99
N LYS A 63 -0.23 4.01 -3.64
CA LYS A 63 0.46 4.83 -4.63
C LYS A 63 1.91 4.95 -4.27
N ILE A 64 2.76 4.50 -5.17
CA ILE A 64 4.19 4.63 -4.99
C ILE A 64 4.52 6.11 -5.11
N LEU A 65 5.20 6.65 -4.12
CA LEU A 65 5.51 8.08 -4.12
C LEU A 65 6.84 8.36 -4.81
N VAL A 66 6.83 8.20 -6.13
CA VAL A 66 7.98 8.56 -6.96
C VAL A 66 8.07 10.09 -6.95
N GLY A 67 6.93 10.72 -6.69
CA GLY A 67 6.85 12.17 -6.62
C GLY A 67 6.46 12.77 -7.95
N MET A 68 7.42 12.91 -8.84
CA MET A 68 7.20 13.52 -10.16
C MET A 68 8.17 12.93 -11.17
N TYR A 69 7.86 13.12 -12.45
CA TYR A 69 8.68 12.63 -13.54
C TYR A 69 8.33 13.43 -14.80
N ASP A 70 8.26 14.75 -14.62
CA ASP A 70 8.03 15.74 -15.69
C ASP A 70 6.76 15.60 -16.55
N LYS A 71 5.88 14.67 -16.19
CA LYS A 71 4.63 14.50 -16.93
C LYS A 71 3.71 15.70 -16.70
N LYS A 72 3.51 16.48 -17.75
CA LYS A 72 2.66 17.68 -17.69
C LYS A 72 1.22 17.27 -17.38
N PRO A 73 0.46 18.15 -16.70
CA PRO A 73 -0.92 17.77 -16.37
C PRO A 73 -1.84 17.74 -17.60
N ALA A 74 -2.88 16.91 -17.52
CA ALA A 74 -3.84 16.77 -18.63
C ALA A 74 -5.25 17.26 -18.24
N GLY A 75 -5.47 17.56 -16.97
CA GLY A 75 -6.77 18.04 -16.52
C GLY A 75 -7.89 17.00 -16.51
N SER A 76 -7.53 15.73 -16.68
CA SER A 76 -8.52 14.66 -16.79
C SER A 76 -9.13 14.21 -15.46
N GLY A 77 -9.91 15.08 -14.83
CA GLY A 77 -10.66 14.74 -13.63
C GLY A 77 -9.89 14.71 -12.32
N GLY A 78 -8.67 14.19 -12.33
CA GLY A 78 -7.86 14.13 -11.13
C GLY A 78 -8.07 12.86 -10.32
N SER A 79 -8.94 11.98 -10.83
CA SER A 79 -9.19 10.66 -10.23
C SER A 79 -9.67 10.67 -8.77
N GLY A 80 -10.48 11.64 -8.40
CA GLY A 80 -11.07 11.67 -7.06
C GLY A 80 -12.21 12.66 -7.04
N SER A 81 -13.18 12.47 -6.17
CA SER A 81 -14.36 13.37 -6.10
C SER A 81 -15.03 13.46 -4.73
N GLY A 82 -14.94 12.40 -3.93
CA GLY A 82 -15.53 12.42 -2.59
C GLY A 82 -17.05 12.39 -2.58
N LEU A 83 -17.63 11.85 -3.64
CA LEU A 83 -19.09 11.77 -3.75
C LEU A 83 -19.57 10.55 -2.98
N THR A 84 -20.34 10.78 -1.93
CA THR A 84 -20.89 9.73 -1.05
C THR A 84 -19.84 8.69 -0.64
N ASP A 85 -18.94 9.15 0.23
CA ASP A 85 -17.82 8.36 0.78
C ASP A 85 -16.77 8.05 -0.31
N GLU A 86 -15.67 7.43 0.09
CA GLU A 86 -14.59 7.07 -0.81
C GLU A 86 -14.35 5.57 -0.69
N LEU A 87 -15.38 4.82 -1.05
CA LEU A 87 -15.33 3.36 -0.97
C LEU A 87 -14.17 2.83 -1.81
N ALA A 88 -13.42 1.91 -1.23
CA ALA A 88 -12.19 1.43 -1.84
C ALA A 88 -12.41 0.38 -2.94
N PRO A 89 -11.50 0.33 -3.94
CA PRO A 89 -11.60 -0.72 -4.95
C PRO A 89 -11.24 -2.08 -4.35
N PRO A 90 -11.56 -3.18 -5.06
CA PRO A 90 -11.27 -4.49 -4.47
C PRO A 90 -9.78 -4.80 -4.39
N LYS A 91 -9.44 -5.78 -3.56
CA LYS A 91 -8.08 -6.27 -3.43
C LYS A 91 -7.94 -7.48 -4.33
N PRO A 92 -6.72 -7.78 -4.84
CA PRO A 92 -6.58 -8.99 -5.66
C PRO A 92 -6.77 -10.25 -4.79
N PRO A 93 -7.03 -11.40 -5.40
CA PRO A 93 -7.31 -12.60 -4.60
C PRO A 93 -6.07 -13.16 -3.91
N LEU A 94 -6.30 -14.13 -3.04
CA LEU A 94 -5.23 -14.80 -2.28
C LEU A 94 -5.41 -16.32 -2.31
N PRO A 95 -4.33 -17.09 -2.08
CA PRO A 95 -4.39 -18.54 -1.89
C PRO A 95 -4.88 -18.87 -0.48
N GLU A 96 -4.61 -20.09 -0.03
CA GLU A 96 -4.96 -20.59 1.30
C GLU A 96 -6.48 -20.71 1.47
N GLY A 97 -7.16 -20.79 0.34
CA GLY A 97 -8.59 -21.06 0.32
C GLY A 97 -8.91 -21.79 -0.96
N GLU A 98 -10.00 -22.54 -0.97
CA GLU A 98 -10.39 -23.31 -2.15
C GLU A 98 -11.08 -22.41 -3.17
N VAL A 99 -10.71 -22.57 -4.44
CA VAL A 99 -11.29 -21.79 -5.53
C VAL A 99 -12.67 -22.34 -5.93
N GLY A 1 19.48 -3.00 -7.28
CA GLY A 1 19.21 -4.41 -6.80
C GLY A 1 20.28 -4.93 -5.87
N SER A 2 21.16 -3.99 -5.51
CA SER A 2 22.26 -4.25 -4.58
C SER A 2 21.78 -4.13 -3.14
N MET A 3 20.67 -3.41 -2.97
CA MET A 3 20.06 -3.20 -1.67
C MET A 3 19.12 -4.37 -1.38
N LYS A 4 18.97 -4.73 -0.11
CA LYS A 4 18.00 -5.74 0.26
C LYS A 4 16.68 -4.98 0.22
N TYR A 5 15.74 -5.49 -0.58
CA TYR A 5 14.45 -4.87 -0.84
C TYR A 5 14.50 -3.47 -1.49
N LEU A 6 13.36 -3.04 -2.00
CA LEU A 6 13.23 -1.78 -2.74
C LEU A 6 13.32 -0.56 -1.81
N ASN A 7 12.68 -0.66 -0.66
CA ASN A 7 12.63 0.41 0.36
C ASN A 7 12.17 1.77 -0.18
N VAL A 8 11.03 1.78 -0.86
CA VAL A 8 10.45 3.01 -1.41
C VAL A 8 9.26 3.36 -0.54
N LEU A 9 8.82 4.60 -0.55
CA LEU A 9 7.65 5.00 0.25
C LEU A 9 6.40 4.95 -0.62
N ALA A 10 5.28 4.58 -0.02
CA ALA A 10 4.00 4.55 -0.74
C ALA A 10 2.88 5.06 0.17
N LYS A 11 1.93 5.79 -0.41
CA LYS A 11 0.78 6.34 0.34
C LYS A 11 -0.49 5.57 0.07
N ALA A 12 -1.26 5.35 1.12
CA ALA A 12 -2.57 4.72 1.02
C ALA A 12 -3.60 5.70 0.45
N LEU A 13 -4.26 5.34 -0.65
CA LEU A 13 -5.33 6.18 -1.21
C LEU A 13 -6.64 5.81 -0.56
N TYR A 14 -6.66 4.66 0.06
CA TYR A 14 -7.85 4.15 0.72
C TYR A 14 -7.35 3.43 1.95
N ASP A 15 -8.21 3.25 2.93
CA ASP A 15 -7.85 2.47 4.10
C ASP A 15 -7.92 0.99 3.73
N ASN A 16 -7.32 0.16 4.58
CA ASN A 16 -7.29 -1.26 4.33
C ASN A 16 -7.47 -2.01 5.63
N VAL A 17 -8.35 -3.00 5.60
CA VAL A 17 -8.58 -3.85 6.74
C VAL A 17 -7.90 -5.15 6.36
N ALA A 18 -7.00 -5.59 7.22
CA ALA A 18 -6.25 -6.80 6.99
C ALA A 18 -7.16 -7.99 7.25
N GLU A 19 -7.30 -8.85 6.26
CA GLU A 19 -8.16 -10.03 6.36
C GLU A 19 -7.29 -11.28 6.39
N SER A 20 -6.10 -11.16 5.82
CA SER A 20 -5.10 -12.23 5.85
C SER A 20 -4.14 -11.95 7.01
N PRO A 21 -3.59 -13.00 7.65
CA PRO A 21 -2.63 -12.77 8.72
C PRO A 21 -1.31 -12.17 8.24
N ASP A 22 -1.09 -12.15 6.93
CA ASP A 22 0.10 -11.57 6.34
C ASP A 22 -0.17 -10.15 5.88
N GLU A 23 -1.40 -9.67 5.99
CA GLU A 23 -1.76 -8.37 5.42
C GLU A 23 -1.63 -7.23 6.42
N LEU A 24 -1.28 -6.05 5.93
CA LEU A 24 -1.22 -4.86 6.77
C LEU A 24 -2.52 -4.10 6.75
N SER A 25 -2.86 -3.56 7.91
CA SER A 25 -4.03 -2.73 8.06
C SER A 25 -3.55 -1.31 8.28
N PHE A 26 -4.13 -0.38 7.55
CA PHE A 26 -3.75 1.03 7.61
C PHE A 26 -4.91 1.93 7.21
N ARG A 27 -4.76 3.22 7.43
CA ARG A 27 -5.80 4.21 7.11
C ARG A 27 -5.38 4.99 5.86
N LYS A 28 -6.37 5.54 5.17
CA LYS A 28 -6.12 6.39 4.00
C LYS A 28 -5.20 7.54 4.42
N GLY A 29 -4.16 7.76 3.63
CA GLY A 29 -3.19 8.80 3.90
C GLY A 29 -1.92 8.32 4.57
N ASP A 30 -1.92 7.08 5.05
CA ASP A 30 -0.76 6.52 5.75
C ASP A 30 0.37 6.26 4.78
N ILE A 31 1.59 6.20 5.29
CA ILE A 31 2.78 5.92 4.49
C ILE A 31 3.44 4.65 4.98
N MET A 32 3.73 3.73 4.05
CA MET A 32 4.43 2.49 4.37
C MET A 32 5.63 2.34 3.45
N THR A 33 6.59 1.57 3.92
CA THR A 33 7.81 1.30 3.16
C THR A 33 7.63 0.05 2.32
N VAL A 34 7.60 0.19 1.01
CA VAL A 34 7.45 -0.96 0.10
C VAL A 34 8.76 -1.67 -0.02
N LEU A 35 8.74 -2.96 0.27
CA LEU A 35 9.93 -3.78 0.25
C LEU A 35 10.02 -4.55 -1.05
N GLU A 36 8.91 -5.12 -1.49
CA GLU A 36 8.88 -5.77 -2.81
C GLU A 36 7.46 -5.74 -3.34
N ARG A 37 7.29 -6.13 -4.59
CA ARG A 37 5.97 -6.15 -5.22
C ARG A 37 5.76 -7.53 -5.77
N ASP A 38 4.51 -7.94 -5.82
CA ASP A 38 4.11 -9.25 -6.38
C ASP A 38 4.82 -10.34 -5.57
N THR A 39 4.95 -10.04 -4.29
CA THR A 39 5.65 -10.85 -3.32
C THR A 39 4.99 -12.21 -3.15
N GLN A 40 5.79 -13.24 -2.93
CA GLN A 40 5.33 -14.62 -2.76
C GLN A 40 4.53 -15.15 -3.96
N GLY A 41 4.60 -14.46 -5.09
CA GLY A 41 3.84 -14.85 -6.27
C GLY A 41 2.41 -14.35 -6.19
N LEU A 42 2.16 -13.44 -5.26
CA LEU A 42 0.84 -12.88 -5.06
C LEU A 42 0.73 -11.64 -5.92
N ASP A 43 0.24 -11.80 -7.13
CA ASP A 43 0.13 -10.70 -8.08
C ASP A 43 -0.70 -9.55 -7.50
N GLY A 44 -0.16 -8.35 -7.56
CA GLY A 44 -0.87 -7.18 -7.05
C GLY A 44 -0.66 -6.92 -5.57
N TRP A 45 -0.13 -7.89 -4.84
CA TRP A 45 0.16 -7.72 -3.43
C TRP A 45 1.57 -7.21 -3.28
N TRP A 46 1.75 -6.15 -2.52
CA TRP A 46 3.07 -5.54 -2.36
C TRP A 46 3.49 -5.66 -0.90
N LEU A 47 4.67 -6.22 -0.69
CA LEU A 47 5.20 -6.39 0.66
C LEU A 47 5.62 -5.03 1.14
N CYS A 48 5.08 -4.59 2.25
CA CYS A 48 5.44 -3.30 2.82
C CYS A 48 5.67 -3.45 4.32
N SER A 49 6.17 -2.39 4.91
CA SER A 49 6.39 -2.33 6.35
C SER A 49 5.75 -1.06 6.88
N LEU A 50 4.96 -1.20 7.92
CA LEU A 50 4.22 -0.10 8.52
C LEU A 50 4.19 -0.32 10.02
N HIS A 51 4.54 0.70 10.79
CA HIS A 51 4.56 0.64 12.26
C HIS A 51 5.42 -0.53 12.79
N GLY A 52 6.46 -0.90 12.03
CA GLY A 52 7.34 -1.98 12.44
C GLY A 52 6.80 -3.38 12.15
N ARG A 53 5.69 -3.49 11.45
CA ARG A 53 5.10 -4.79 11.10
C ARG A 53 5.24 -4.90 9.60
N GLN A 54 5.63 -6.06 9.13
CA GLN A 54 5.80 -6.31 7.70
C GLN A 54 4.60 -7.12 7.22
N GLY A 55 4.15 -6.85 6.01
CA GLY A 55 3.02 -7.59 5.47
C GLY A 55 2.64 -7.14 4.08
N ILE A 56 1.76 -7.89 3.43
CA ILE A 56 1.33 -7.58 2.07
C ILE A 56 0.24 -6.51 2.10
N VAL A 57 0.13 -5.81 0.99
CA VAL A 57 -0.81 -4.70 0.83
C VAL A 57 -1.38 -4.75 -0.59
N PRO A 58 -2.68 -4.49 -0.76
CA PRO A 58 -3.18 -4.43 -2.13
C PRO A 58 -2.68 -3.17 -2.85
N GLY A 59 -1.85 -3.37 -3.86
CA GLY A 59 -1.30 -2.25 -4.63
C GLY A 59 -2.39 -1.41 -5.28
N ASN A 60 -3.55 -2.00 -5.48
CA ASN A 60 -4.71 -1.30 -6.07
C ASN A 60 -5.24 -0.15 -5.17
N ARG A 61 -4.79 -0.12 -3.91
CA ARG A 61 -5.19 0.93 -2.97
C ARG A 61 -3.98 1.77 -2.54
N LEU A 62 -2.86 1.56 -3.20
CA LEU A 62 -1.60 2.19 -2.80
C LEU A 62 -0.92 2.93 -3.95
N LYS A 63 -0.28 4.03 -3.61
CA LYS A 63 0.48 4.81 -4.61
C LYS A 63 1.92 4.93 -4.22
N ILE A 64 2.78 4.44 -5.10
CA ILE A 64 4.21 4.56 -4.92
C ILE A 64 4.61 6.02 -5.06
N LEU A 65 5.27 6.56 -4.05
CA LEU A 65 5.67 7.96 -4.05
C LEU A 65 7.06 8.10 -4.64
N VAL A 66 7.13 8.06 -5.96
CA VAL A 66 8.42 8.23 -6.63
C VAL A 66 8.85 9.68 -6.39
N GLY A 67 10.09 9.87 -5.93
CA GLY A 67 10.63 11.19 -5.64
C GLY A 67 10.97 12.03 -6.87
N MET A 68 10.09 11.95 -7.85
CA MET A 68 10.24 12.66 -9.12
C MET A 68 8.85 12.90 -9.71
N TYR A 69 7.96 11.93 -9.54
CA TYR A 69 6.63 11.98 -10.17
C TYR A 69 5.43 12.10 -9.22
N ASP A 70 5.63 12.12 -7.91
CA ASP A 70 4.48 12.25 -7.00
C ASP A 70 3.71 13.54 -7.23
N LYS A 71 4.44 14.65 -7.30
CA LYS A 71 3.86 15.97 -7.55
C LYS A 71 4.94 17.00 -7.90
N LYS A 72 5.89 17.19 -7.00
CA LYS A 72 7.00 18.13 -7.19
C LYS A 72 8.17 17.57 -6.38
N PRO A 73 9.42 17.93 -6.72
CA PRO A 73 10.52 17.50 -5.84
C PRO A 73 10.58 18.31 -4.53
N ALA A 74 9.76 19.35 -4.42
CA ALA A 74 9.72 20.19 -3.24
C ALA A 74 8.38 20.03 -2.52
N GLY A 75 8.44 19.40 -1.34
CA GLY A 75 7.26 19.18 -0.52
C GLY A 75 7.10 17.70 -0.19
N SER A 76 6.31 17.39 0.82
CA SER A 76 6.08 15.99 1.22
C SER A 76 4.63 15.56 1.04
N GLY A 77 3.69 16.42 1.44
CA GLY A 77 2.28 16.09 1.31
C GLY A 77 1.78 15.20 2.44
N GLY A 78 1.24 15.81 3.48
CA GLY A 78 0.72 15.04 4.61
C GLY A 78 -0.67 14.48 4.35
N SER A 79 -1.31 14.06 5.42
CA SER A 79 -2.68 13.56 5.37
C SER A 79 -3.63 14.74 5.66
N GLY A 80 -4.93 14.48 5.68
CA GLY A 80 -5.90 15.52 5.98
C GLY A 80 -7.22 14.85 6.33
N SER A 81 -8.18 15.62 6.81
CA SER A 81 -9.48 15.06 7.17
C SER A 81 -10.31 14.86 5.91
N GLY A 82 -11.15 13.82 5.91
CA GLY A 82 -12.08 13.61 4.83
C GLY A 82 -13.38 14.30 5.17
N LEU A 83 -14.17 14.65 4.17
CA LEU A 83 -15.46 15.32 4.40
C LEU A 83 -16.60 14.55 3.70
N THR A 84 -16.24 13.55 2.92
CA THR A 84 -17.20 12.75 2.16
C THR A 84 -16.70 11.32 2.19
N ASP A 85 -17.58 10.38 1.91
CA ASP A 85 -17.20 8.97 1.79
C ASP A 85 -16.59 8.74 0.41
N GLU A 86 -15.73 7.75 0.31
CA GLU A 86 -15.09 7.41 -0.97
C GLU A 86 -14.89 5.90 -0.97
N LEU A 87 -15.51 5.20 -1.92
CA LEU A 87 -15.49 3.74 -1.94
C LEU A 87 -14.17 3.23 -2.50
N ALA A 88 -13.57 2.28 -1.80
CA ALA A 88 -12.29 1.72 -2.19
C ALA A 88 -12.44 0.63 -3.27
N PRO A 89 -11.47 0.53 -4.19
CA PRO A 89 -11.54 -0.54 -5.18
C PRO A 89 -11.23 -1.91 -4.56
N PRO A 90 -11.54 -3.01 -5.27
CA PRO A 90 -11.29 -4.31 -4.63
C PRO A 90 -9.81 -4.67 -4.52
N LYS A 91 -9.50 -5.54 -3.57
CA LYS A 91 -8.14 -6.06 -3.40
C LYS A 91 -8.03 -7.29 -4.32
N PRO A 92 -6.82 -7.61 -4.80
CA PRO A 92 -6.71 -8.84 -5.60
C PRO A 92 -6.93 -10.08 -4.71
N PRO A 93 -7.20 -11.25 -5.32
CA PRO A 93 -7.50 -12.41 -4.47
C PRO A 93 -6.27 -12.99 -3.79
N LEU A 94 -6.52 -13.91 -2.86
CA LEU A 94 -5.46 -14.57 -2.10
C LEU A 94 -5.72 -16.08 -2.05
N PRO A 95 -4.66 -16.87 -1.78
CA PRO A 95 -4.86 -18.30 -1.53
C PRO A 95 -5.46 -18.51 -0.14
N GLU A 96 -5.75 -19.75 0.21
CA GLU A 96 -6.34 -20.16 1.49
C GLU A 96 -7.76 -19.61 1.73
N GLY A 97 -8.29 -18.98 0.71
CA GLY A 97 -9.66 -18.48 0.74
C GLY A 97 -10.63 -19.47 0.14
N GLU A 98 -10.06 -20.52 -0.45
CA GLU A 98 -10.78 -21.63 -1.12
C GLU A 98 -12.15 -21.26 -1.71
N VAL A 99 -12.17 -20.29 -2.62
CA VAL A 99 -13.42 -19.78 -3.23
C VAL A 99 -14.03 -20.77 -4.27
N GLY A 1 26.69 -4.98 -1.45
CA GLY A 1 26.12 -3.61 -1.63
C GLY A 1 25.02 -3.29 -0.63
N SER A 2 24.69 -4.38 0.09
CA SER A 2 23.71 -4.45 1.20
C SER A 2 22.29 -4.01 0.79
N MET A 3 22.05 -3.93 -0.51
CA MET A 3 20.79 -3.40 -1.04
C MET A 3 19.63 -4.43 -1.05
N LYS A 4 19.22 -4.87 0.13
CA LYS A 4 18.08 -5.79 0.23
C LYS A 4 16.80 -4.96 0.13
N TYR A 5 15.87 -5.43 -0.70
CA TYR A 5 14.57 -4.80 -0.94
C TYR A 5 14.59 -3.40 -1.57
N LEU A 6 13.44 -3.00 -2.09
CA LEU A 6 13.28 -1.74 -2.81
C LEU A 6 13.33 -0.53 -1.88
N ASN A 7 12.69 -0.66 -0.72
CA ASN A 7 12.65 0.38 0.32
C ASN A 7 12.17 1.75 -0.21
N VAL A 8 11.06 1.76 -0.92
CA VAL A 8 10.48 3.00 -1.45
C VAL A 8 9.27 3.34 -0.57
N LEU A 9 8.84 4.58 -0.55
CA LEU A 9 7.67 4.95 0.24
C LEU A 9 6.42 4.95 -0.62
N ALA A 10 5.30 4.57 -0.04
CA ALA A 10 4.01 4.57 -0.74
C ALA A 10 2.90 5.10 0.16
N LYS A 11 1.97 5.87 -0.41
CA LYS A 11 0.84 6.42 0.34
C LYS A 11 -0.44 5.64 0.05
N ALA A 12 -1.20 5.37 1.09
CA ALA A 12 -2.49 4.71 0.98
C ALA A 12 -3.53 5.71 0.42
N LEU A 13 -4.26 5.33 -0.61
CA LEU A 13 -5.33 6.18 -1.15
C LEU A 13 -6.64 5.86 -0.46
N TYR A 14 -6.66 4.71 0.18
CA TYR A 14 -7.85 4.21 0.86
C TYR A 14 -7.35 3.54 2.11
N ASP A 15 -8.25 3.25 3.04
CA ASP A 15 -7.88 2.47 4.22
C ASP A 15 -7.83 1.00 3.82
N ASN A 16 -7.33 0.17 4.70
CA ASN A 16 -7.29 -1.26 4.48
C ASN A 16 -7.46 -1.97 5.80
N VAL A 17 -8.36 -2.93 5.84
CA VAL A 17 -8.56 -3.77 7.01
C VAL A 17 -7.92 -5.08 6.61
N ALA A 18 -6.96 -5.52 7.41
CA ALA A 18 -6.24 -6.74 7.15
C ALA A 18 -7.16 -7.92 7.43
N GLU A 19 -7.37 -8.77 6.43
CA GLU A 19 -8.24 -9.93 6.55
C GLU A 19 -7.40 -11.20 6.59
N SER A 20 -6.18 -11.09 6.09
CA SER A 20 -5.22 -12.18 6.12
C SER A 20 -4.19 -11.84 7.19
N PRO A 21 -3.65 -12.85 7.90
CA PRO A 21 -2.66 -12.53 8.93
C PRO A 21 -1.33 -12.01 8.36
N ASP A 22 -1.15 -12.11 7.06
CA ASP A 22 0.05 -11.60 6.40
C ASP A 22 -0.16 -10.18 5.93
N GLU A 23 -1.37 -9.70 6.05
CA GLU A 23 -1.75 -8.40 5.49
C GLU A 23 -1.60 -7.26 6.51
N LEU A 24 -1.35 -6.06 6.02
CA LEU A 24 -1.27 -4.88 6.87
C LEU A 24 -2.58 -4.10 6.89
N SER A 25 -2.90 -3.56 8.06
CA SER A 25 -4.06 -2.70 8.22
C SER A 25 -3.53 -1.28 8.37
N PHE A 26 -4.15 -0.38 7.65
CA PHE A 26 -3.77 1.04 7.67
C PHE A 26 -4.91 1.95 7.25
N ARG A 27 -4.71 3.23 7.42
CA ARG A 27 -5.68 4.25 7.10
C ARG A 27 -5.31 4.95 5.79
N LYS A 28 -6.29 5.53 5.13
CA LYS A 28 -6.05 6.37 3.97
C LYS A 28 -5.11 7.49 4.38
N GLY A 29 -4.07 7.73 3.58
CA GLY A 29 -3.11 8.76 3.86
C GLY A 29 -1.85 8.28 4.55
N ASP A 30 -1.85 7.03 5.03
CA ASP A 30 -0.70 6.49 5.74
C ASP A 30 0.43 6.22 4.76
N ILE A 31 1.64 6.15 5.29
CA ILE A 31 2.84 5.88 4.48
C ILE A 31 3.46 4.58 4.95
N MET A 32 3.73 3.69 4.01
CA MET A 32 4.41 2.43 4.31
C MET A 32 5.61 2.27 3.39
N THR A 33 6.58 1.52 3.87
CA THR A 33 7.80 1.26 3.12
C THR A 33 7.62 0.02 2.27
N VAL A 34 7.60 0.16 0.96
CA VAL A 34 7.45 -0.97 0.05
C VAL A 34 8.77 -1.69 -0.06
N LEU A 35 8.77 -2.95 0.33
CA LEU A 35 9.96 -3.75 0.32
C LEU A 35 10.06 -4.48 -1.00
N GLU A 36 8.97 -5.05 -1.47
CA GLU A 36 8.91 -5.63 -2.81
C GLU A 36 7.49 -5.61 -3.31
N ARG A 37 7.29 -5.95 -4.57
CA ARG A 37 5.96 -5.98 -5.16
C ARG A 37 5.78 -7.37 -5.72
N ASP A 38 4.53 -7.82 -5.78
CA ASP A 38 4.17 -9.10 -6.37
C ASP A 38 4.92 -10.21 -5.61
N THR A 39 5.01 -9.95 -4.30
CA THR A 39 5.75 -10.78 -3.35
C THR A 39 5.12 -12.15 -3.22
N GLN A 40 5.93 -13.17 -3.01
CA GLN A 40 5.47 -14.56 -2.86
C GLN A 40 4.66 -15.06 -4.06
N GLY A 41 4.82 -14.38 -5.21
CA GLY A 41 4.06 -14.75 -6.39
C GLY A 41 2.64 -14.24 -6.35
N LEU A 42 2.35 -13.37 -5.39
CA LEU A 42 1.02 -12.82 -5.22
C LEU A 42 0.91 -11.55 -6.04
N ASP A 43 0.56 -11.71 -7.31
CA ASP A 43 0.44 -10.57 -8.21
C ASP A 43 -0.53 -9.53 -7.62
N GLY A 44 -0.09 -8.28 -7.62
CA GLY A 44 -0.90 -7.20 -7.08
C GLY A 44 -0.72 -6.97 -5.59
N TRP A 45 -0.13 -7.91 -4.86
CA TRP A 45 0.15 -7.73 -3.45
C TRP A 45 1.56 -7.19 -3.28
N TRP A 46 1.72 -6.14 -2.51
CA TRP A 46 3.03 -5.52 -2.32
C TRP A 46 3.46 -5.70 -0.87
N LEU A 47 4.66 -6.22 -0.67
CA LEU A 47 5.20 -6.40 0.68
C LEU A 47 5.62 -5.04 1.16
N CYS A 48 5.04 -4.60 2.26
CA CYS A 48 5.40 -3.32 2.84
C CYS A 48 5.61 -3.45 4.33
N SER A 49 6.14 -2.38 4.91
CA SER A 49 6.36 -2.30 6.33
C SER A 49 5.72 -1.02 6.85
N LEU A 50 4.90 -1.16 7.88
CA LEU A 50 4.15 -0.05 8.45
C LEU A 50 4.11 -0.23 9.96
N HIS A 51 4.44 0.82 10.70
CA HIS A 51 4.47 0.79 12.17
C HIS A 51 5.39 -0.32 12.70
N GLY A 52 6.42 -0.69 11.93
CA GLY A 52 7.33 -1.74 12.34
C GLY A 52 6.80 -3.15 12.12
N ARG A 53 5.67 -3.28 11.44
CA ARG A 53 5.05 -4.57 11.15
C ARG A 53 5.13 -4.74 9.65
N GLN A 54 5.47 -5.93 9.21
CA GLN A 54 5.59 -6.21 7.78
C GLN A 54 4.39 -7.00 7.30
N GLY A 55 4.02 -6.83 6.04
CA GLY A 55 2.93 -7.60 5.47
C GLY A 55 2.57 -7.20 4.06
N ILE A 56 1.71 -7.97 3.42
CA ILE A 56 1.27 -7.69 2.07
C ILE A 56 0.18 -6.62 2.10
N VAL A 57 0.06 -5.90 1.00
CA VAL A 57 -0.90 -4.81 0.85
C VAL A 57 -1.44 -4.84 -0.57
N PRO A 58 -2.74 -4.61 -0.77
CA PRO A 58 -3.22 -4.54 -2.15
C PRO A 58 -2.70 -3.30 -2.87
N GLY A 59 -1.94 -3.50 -3.93
CA GLY A 59 -1.38 -2.39 -4.70
C GLY A 59 -2.46 -1.51 -5.30
N ASN A 60 -3.64 -2.10 -5.47
CA ASN A 60 -4.82 -1.39 -5.97
C ASN A 60 -5.27 -0.23 -5.07
N ARG A 61 -4.78 -0.20 -3.83
CA ARG A 61 -5.12 0.88 -2.89
C ARG A 61 -3.89 1.70 -2.51
N LEU A 62 -2.77 1.49 -3.20
CA LEU A 62 -1.52 2.20 -2.89
C LEU A 62 -1.00 3.03 -4.03
N LYS A 63 -0.28 4.09 -3.67
CA LYS A 63 0.43 4.91 -4.64
C LYS A 63 1.88 5.00 -4.25
N ILE A 64 2.74 4.53 -5.14
CA ILE A 64 4.18 4.64 -4.94
C ILE A 64 4.56 6.12 -5.02
N LEU A 65 5.28 6.60 -4.03
CA LEU A 65 5.74 7.99 -4.03
C LEU A 65 7.14 7.99 -4.61
N VAL A 66 7.20 8.04 -5.93
CA VAL A 66 8.48 7.94 -6.64
C VAL A 66 9.33 9.18 -6.39
N GLY A 67 8.67 10.32 -6.30
CA GLY A 67 9.37 11.59 -6.07
C GLY A 67 9.95 12.18 -7.33
N MET A 68 10.50 11.33 -8.19
CA MET A 68 11.08 11.77 -9.47
C MET A 68 9.99 12.23 -10.44
N TYR A 69 8.78 11.73 -10.24
CA TYR A 69 7.62 12.13 -11.02
C TYR A 69 6.38 11.77 -10.20
N ASP A 70 5.23 12.30 -10.55
CA ASP A 70 3.98 12.01 -9.85
C ASP A 70 2.87 11.94 -10.91
N LYS A 71 1.72 11.38 -10.56
CA LYS A 71 0.62 11.19 -11.51
C LYS A 71 -0.60 12.04 -11.15
N LYS A 72 -0.38 13.13 -10.45
CA LYS A 72 -1.43 14.11 -10.15
C LYS A 72 -0.79 15.46 -10.38
N PRO A 73 -1.56 16.47 -10.84
CA PRO A 73 -0.94 17.77 -11.11
C PRO A 73 -0.62 18.59 -9.86
N ALA A 74 -1.13 18.16 -8.72
CA ALA A 74 -0.91 18.87 -7.46
C ALA A 74 -1.03 17.86 -6.31
N GLY A 75 -0.54 18.28 -5.15
CA GLY A 75 -0.62 17.50 -3.94
C GLY A 75 -1.51 18.24 -2.95
N SER A 76 -1.37 17.96 -1.67
CA SER A 76 -2.11 18.69 -0.65
C SER A 76 -1.49 20.08 -0.50
N GLY A 77 -2.32 21.07 -0.19
CA GLY A 77 -1.82 22.42 0.09
C GLY A 77 -2.17 22.81 1.50
N GLY A 78 -3.43 22.60 1.86
CA GLY A 78 -3.87 22.83 3.22
C GLY A 78 -3.63 21.56 4.02
N SER A 79 -4.03 21.56 5.28
CA SER A 79 -3.86 20.38 6.13
C SER A 79 -4.61 19.19 5.55
N GLY A 80 -3.99 18.01 5.64
CA GLY A 80 -4.61 16.79 5.14
C GLY A 80 -5.45 16.09 6.20
N SER A 81 -5.75 16.82 7.26
CA SER A 81 -6.53 16.30 8.38
C SER A 81 -8.02 16.44 8.09
N GLY A 82 -8.81 15.55 8.64
CA GLY A 82 -10.26 15.59 8.46
C GLY A 82 -10.73 14.20 8.07
N LEU A 83 -11.94 14.11 7.54
CA LEU A 83 -12.49 12.85 7.08
C LEU A 83 -13.10 13.14 5.71
N THR A 84 -13.08 12.14 4.85
CA THR A 84 -13.63 12.25 3.50
C THR A 84 -14.24 10.88 3.22
N ASP A 85 -15.28 10.84 2.41
CA ASP A 85 -15.91 9.57 2.04
C ASP A 85 -15.42 9.14 0.66
N GLU A 86 -14.63 8.09 0.62
CA GLU A 86 -14.10 7.54 -0.63
C GLU A 86 -14.04 6.03 -0.47
N LEU A 87 -15.04 5.33 -1.00
CA LEU A 87 -15.09 3.87 -0.90
C LEU A 87 -13.94 3.28 -1.71
N ALA A 88 -13.36 2.21 -1.16
CA ALA A 88 -12.16 1.62 -1.74
C ALA A 88 -12.42 0.54 -2.79
N PRO A 89 -11.53 0.40 -3.78
CA PRO A 89 -11.70 -0.67 -4.76
C PRO A 89 -11.35 -2.05 -4.18
N PRO A 90 -11.74 -3.14 -4.88
CA PRO A 90 -11.48 -4.47 -4.30
C PRO A 90 -10.01 -4.87 -4.28
N LYS A 91 -9.72 -5.87 -3.45
CA LYS A 91 -8.37 -6.42 -3.31
C LYS A 91 -8.16 -7.48 -4.39
N PRO A 92 -6.91 -7.73 -4.81
CA PRO A 92 -6.69 -8.91 -5.65
C PRO A 92 -6.87 -10.19 -4.79
N PRO A 93 -7.11 -11.35 -5.43
CA PRO A 93 -7.36 -12.56 -4.62
C PRO A 93 -6.11 -13.12 -3.96
N LEU A 94 -6.28 -14.15 -3.16
CA LEU A 94 -5.17 -14.84 -2.51
C LEU A 94 -5.37 -16.35 -2.70
N PRO A 95 -4.26 -17.13 -2.67
CA PRO A 95 -4.32 -18.59 -2.81
C PRO A 95 -4.69 -19.27 -1.50
N GLU A 96 -4.78 -20.59 -1.53
CA GLU A 96 -5.07 -21.39 -0.34
C GLU A 96 -3.78 -21.76 0.41
N GLY A 97 -2.68 -21.12 0.00
CA GLY A 97 -1.38 -21.34 0.61
C GLY A 97 -0.47 -22.20 -0.25
N GLU A 98 0.76 -22.39 0.19
CA GLU A 98 1.75 -23.21 -0.53
C GLU A 98 2.50 -24.07 0.48
N VAL A 99 3.21 -25.08 -0.03
CA VAL A 99 4.05 -25.98 0.77
C VAL A 99 5.53 -25.98 0.31
N GLY A 1 22.36 -1.76 6.01
CA GLY A 1 23.25 -2.07 4.84
C GLY A 1 22.74 -3.21 3.98
N SER A 2 21.70 -3.82 4.52
CA SER A 2 21.01 -4.97 3.92
C SER A 2 19.90 -4.52 2.96
N MET A 3 20.26 -3.72 1.97
CA MET A 3 19.29 -3.27 0.95
C MET A 3 18.99 -4.43 -0.01
N LYS A 4 18.08 -5.30 0.41
CA LYS A 4 17.69 -6.48 -0.37
C LYS A 4 16.32 -6.24 -0.97
N TYR A 5 15.84 -5.02 -0.81
CA TYR A 5 14.49 -4.64 -1.19
C TYR A 5 14.48 -3.30 -1.91
N LEU A 6 13.33 -2.95 -2.46
CA LEU A 6 13.14 -1.68 -3.16
C LEU A 6 13.28 -0.50 -2.20
N ASN A 7 12.74 -0.67 -0.99
CA ASN A 7 12.81 0.33 0.09
C ASN A 7 12.30 1.72 -0.36
N VAL A 8 11.10 1.77 -0.93
CA VAL A 8 10.51 3.03 -1.41
C VAL A 8 9.35 3.40 -0.49
N LEU A 9 8.88 4.63 -0.55
CA LEU A 9 7.71 5.04 0.23
C LEU A 9 6.45 5.05 -0.64
N ALA A 10 5.35 4.61 -0.07
CA ALA A 10 4.06 4.60 -0.77
C ALA A 10 2.95 5.12 0.13
N LYS A 11 1.96 5.80 -0.45
CA LYS A 11 0.81 6.33 0.31
C LYS A 11 -0.44 5.54 0.04
N ALA A 12 -1.21 5.30 1.09
CA ALA A 12 -2.51 4.68 0.99
C ALA A 12 -3.53 5.66 0.40
N LEU A 13 -4.20 5.30 -0.69
CA LEU A 13 -5.24 6.17 -1.26
C LEU A 13 -6.56 5.86 -0.60
N TYR A 14 -6.64 4.70 0.01
CA TYR A 14 -7.84 4.22 0.67
C TYR A 14 -7.35 3.50 1.90
N ASP A 15 -8.22 3.26 2.87
CA ASP A 15 -7.86 2.48 4.03
C ASP A 15 -7.89 1.01 3.65
N ASN A 16 -7.37 0.17 4.54
CA ASN A 16 -7.36 -1.26 4.31
C ASN A 16 -7.53 -1.99 5.63
N VAL A 17 -8.36 -3.00 5.63
CA VAL A 17 -8.57 -3.86 6.78
C VAL A 17 -7.93 -5.16 6.41
N ALA A 18 -7.02 -5.61 7.26
CA ALA A 18 -6.29 -6.83 7.03
C ALA A 18 -7.20 -8.01 7.32
N GLU A 19 -7.35 -8.90 6.36
CA GLU A 19 -8.22 -10.07 6.49
C GLU A 19 -7.37 -11.33 6.64
N SER A 20 -6.14 -11.25 6.15
CA SER A 20 -5.20 -12.35 6.23
C SER A 20 -4.13 -12.01 7.24
N PRO A 21 -3.52 -13.04 7.87
CA PRO A 21 -2.50 -12.75 8.89
C PRO A 21 -1.21 -12.16 8.31
N ASP A 22 -1.06 -12.23 7.00
CA ASP A 22 0.12 -11.69 6.34
C ASP A 22 -0.14 -10.28 5.88
N GLU A 23 -1.36 -9.79 6.03
CA GLU A 23 -1.76 -8.50 5.47
C GLU A 23 -1.63 -7.35 6.47
N LEU A 24 -1.34 -6.15 5.97
CA LEU A 24 -1.28 -4.96 6.81
C LEU A 24 -2.58 -4.18 6.76
N SER A 25 -2.92 -3.58 7.89
CA SER A 25 -4.10 -2.74 8.00
C SER A 25 -3.61 -1.32 8.24
N PHE A 26 -4.17 -0.39 7.48
CA PHE A 26 -3.80 1.02 7.57
C PHE A 26 -4.95 1.93 7.16
N ARG A 27 -4.76 3.23 7.37
CA ARG A 27 -5.76 4.24 7.05
C ARG A 27 -5.37 4.96 5.77
N LYS A 28 -6.34 5.52 5.08
CA LYS A 28 -6.08 6.37 3.91
C LYS A 28 -5.15 7.51 4.34
N GLY A 29 -4.11 7.72 3.55
CA GLY A 29 -3.15 8.78 3.82
C GLY A 29 -1.87 8.29 4.48
N ASP A 30 -1.87 7.07 5.00
CA ASP A 30 -0.70 6.52 5.70
C ASP A 30 0.43 6.26 4.73
N ILE A 31 1.65 6.24 5.25
CA ILE A 31 2.84 5.96 4.45
C ILE A 31 3.47 4.68 4.96
N MET A 32 3.77 3.77 4.05
CA MET A 32 4.47 2.54 4.39
C MET A 32 5.67 2.38 3.50
N THR A 33 6.62 1.60 3.96
CA THR A 33 7.84 1.33 3.20
C THR A 33 7.63 0.10 2.35
N VAL A 34 7.63 0.24 1.03
CA VAL A 34 7.45 -0.89 0.14
C VAL A 34 8.78 -1.60 0.01
N LEU A 35 8.75 -2.88 0.30
CA LEU A 35 9.94 -3.70 0.24
C LEU A 35 9.99 -4.39 -1.11
N GLU A 36 8.89 -5.00 -1.53
CA GLU A 36 8.83 -5.57 -2.86
C GLU A 36 7.40 -5.53 -3.36
N ARG A 37 7.19 -5.87 -4.62
CA ARG A 37 5.85 -5.92 -5.20
C ARG A 37 5.67 -7.30 -5.77
N ASP A 38 4.42 -7.75 -5.79
CA ASP A 38 4.03 -9.03 -6.38
C ASP A 38 4.78 -10.16 -5.66
N THR A 39 4.93 -9.92 -4.36
CA THR A 39 5.69 -10.77 -3.45
C THR A 39 5.04 -12.14 -3.33
N GLN A 40 5.86 -13.17 -3.15
CA GLN A 40 5.40 -14.58 -3.02
C GLN A 40 4.60 -15.07 -4.23
N GLY A 41 4.65 -14.33 -5.32
CA GLY A 41 3.87 -14.68 -6.50
C GLY A 41 2.44 -14.20 -6.37
N LEU A 42 2.17 -13.38 -5.36
CA LEU A 42 0.86 -12.84 -5.13
C LEU A 42 0.76 -11.56 -5.95
N ASP A 43 0.35 -11.71 -7.19
CA ASP A 43 0.30 -10.56 -8.10
C ASP A 43 -0.63 -9.50 -7.53
N GLY A 44 -0.18 -8.27 -7.55
CA GLY A 44 -0.98 -7.18 -7.02
C GLY A 44 -0.78 -6.95 -5.53
N TRP A 45 -0.20 -7.91 -4.81
CA TRP A 45 0.07 -7.75 -3.39
C TRP A 45 1.49 -7.25 -3.23
N TRP A 46 1.69 -6.20 -2.46
CA TRP A 46 3.00 -5.59 -2.30
C TRP A 46 3.45 -5.70 -0.86
N LEU A 47 4.66 -6.22 -0.67
CA LEU A 47 5.21 -6.39 0.67
C LEU A 47 5.62 -5.02 1.17
N CYS A 48 5.07 -4.59 2.28
CA CYS A 48 5.42 -3.32 2.87
C CYS A 48 5.63 -3.46 4.36
N SER A 49 6.16 -2.40 4.96
CA SER A 49 6.38 -2.35 6.38
C SER A 49 5.73 -1.08 6.93
N LEU A 50 4.90 -1.26 7.96
CA LEU A 50 4.14 -0.18 8.56
C LEU A 50 3.99 -0.50 10.05
N HIS A 51 4.15 0.50 10.91
CA HIS A 51 4.06 0.34 12.37
C HIS A 51 5.01 -0.75 12.90
N GLY A 52 6.15 -0.92 12.23
CA GLY A 52 7.12 -1.93 12.64
C GLY A 52 6.68 -3.35 12.34
N ARG A 53 5.64 -3.50 11.52
CA ARG A 53 5.09 -4.80 11.16
C ARG A 53 5.21 -4.91 9.66
N GLN A 54 5.57 -6.09 9.18
CA GLN A 54 5.70 -6.32 7.75
C GLN A 54 4.50 -7.12 7.28
N GLY A 55 4.10 -6.92 6.03
CA GLY A 55 2.99 -7.68 5.49
C GLY A 55 2.62 -7.24 4.09
N ILE A 56 1.73 -7.98 3.44
CA ILE A 56 1.30 -7.67 2.09
C ILE A 56 0.22 -6.60 2.12
N VAL A 57 0.09 -5.89 1.02
CA VAL A 57 -0.85 -4.77 0.88
C VAL A 57 -1.43 -4.82 -0.54
N PRO A 58 -2.73 -4.55 -0.69
CA PRO A 58 -3.25 -4.48 -2.06
C PRO A 58 -2.72 -3.23 -2.79
N GLY A 59 -1.88 -3.44 -3.79
CA GLY A 59 -1.29 -2.34 -4.53
C GLY A 59 -2.34 -1.48 -5.21
N ASN A 60 -3.52 -2.06 -5.43
CA ASN A 60 -4.64 -1.36 -6.05
C ASN A 60 -5.16 -0.20 -5.16
N ARG A 61 -4.77 -0.18 -3.89
CA ARG A 61 -5.15 0.90 -2.97
C ARG A 61 -3.93 1.70 -2.54
N LEU A 62 -2.79 1.46 -3.18
CA LEU A 62 -1.53 2.08 -2.78
C LEU A 62 -0.86 2.83 -3.91
N LYS A 63 -0.23 3.95 -3.59
CA LYS A 63 0.49 4.73 -4.58
C LYS A 63 1.93 4.87 -4.23
N ILE A 64 2.78 4.38 -5.11
CA ILE A 64 4.21 4.52 -4.96
C ILE A 64 4.54 6.00 -5.16
N LEU A 65 5.25 6.58 -4.20
CA LEU A 65 5.56 8.02 -4.25
C LEU A 65 6.91 8.28 -4.88
N VAL A 66 7.41 7.28 -5.59
CA VAL A 66 8.68 7.30 -6.35
C VAL A 66 9.96 7.38 -5.49
N GLY A 67 9.98 8.23 -4.47
CA GLY A 67 11.13 8.35 -3.59
C GLY A 67 11.57 9.79 -3.46
N MET A 68 12.84 10.04 -3.67
CA MET A 68 13.43 11.39 -3.54
C MET A 68 13.09 12.33 -4.70
N TYR A 69 12.27 11.86 -5.64
CA TYR A 69 11.99 12.63 -6.84
C TYR A 69 10.72 13.45 -6.72
N ASP A 70 10.87 14.76 -6.80
CA ASP A 70 9.74 15.69 -6.80
C ASP A 70 10.00 16.74 -7.88
N LYS A 71 9.01 17.55 -8.19
CA LYS A 71 9.13 18.63 -9.17
C LYS A 71 8.49 19.93 -8.68
N LYS A 72 7.48 19.85 -7.81
CA LYS A 72 6.81 21.04 -7.27
C LYS A 72 6.12 20.67 -5.95
N PRO A 73 6.08 21.59 -4.99
CA PRO A 73 5.42 21.32 -3.70
C PRO A 73 3.89 21.46 -3.74
N ALA A 74 3.33 21.64 -4.92
CA ALA A 74 1.89 21.81 -5.09
C ALA A 74 1.45 21.18 -6.40
N GLY A 75 0.21 20.69 -6.43
CA GLY A 75 -0.34 20.08 -7.62
C GLY A 75 -1.11 21.09 -8.46
N SER A 76 -1.81 20.61 -9.48
CA SER A 76 -2.62 21.47 -10.34
C SER A 76 -3.83 20.67 -10.80
N GLY A 77 -4.89 21.36 -11.21
CA GLY A 77 -6.09 20.67 -11.69
C GLY A 77 -7.08 20.30 -10.61
N GLY A 78 -6.72 20.55 -9.36
CA GLY A 78 -7.58 20.22 -8.22
C GLY A 78 -8.68 21.23 -7.96
N SER A 79 -9.44 21.56 -8.99
CA SER A 79 -10.54 22.52 -8.86
C SER A 79 -11.74 21.79 -8.26
N GLY A 80 -12.61 22.53 -7.57
CA GLY A 80 -13.78 21.92 -6.96
C GLY A 80 -13.46 21.34 -5.61
N SER A 81 -14.20 20.32 -5.20
CA SER A 81 -13.98 19.66 -3.91
C SER A 81 -14.36 18.20 -4.04
N GLY A 82 -13.83 17.36 -3.16
CA GLY A 82 -14.17 15.94 -3.16
C GLY A 82 -15.31 15.68 -2.20
N LEU A 83 -15.71 14.42 -2.08
CA LEU A 83 -16.79 14.02 -1.18
C LEU A 83 -16.24 13.04 -0.17
N THR A 84 -16.98 12.82 0.92
CA THR A 84 -16.64 11.81 1.91
C THR A 84 -16.93 10.44 1.30
N ASP A 85 -17.89 10.44 0.39
CA ASP A 85 -18.35 9.23 -0.29
C ASP A 85 -17.36 8.82 -1.38
N GLU A 86 -16.41 7.98 -0.99
CA GLU A 86 -15.38 7.50 -1.89
C GLU A 86 -15.25 5.99 -1.70
N LEU A 87 -15.64 5.23 -2.71
CA LEU A 87 -15.60 3.78 -2.62
C LEU A 87 -14.22 3.27 -3.00
N ALA A 88 -13.63 2.47 -2.13
CA ALA A 88 -12.31 1.91 -2.36
C ALA A 88 -12.40 0.77 -3.39
N PRO A 89 -11.39 0.61 -4.25
CA PRO A 89 -11.43 -0.48 -5.22
C PRO A 89 -11.16 -1.85 -4.58
N PRO A 90 -11.47 -2.95 -5.28
CA PRO A 90 -11.26 -4.26 -4.66
C PRO A 90 -9.79 -4.64 -4.52
N LYS A 91 -9.51 -5.56 -3.60
CA LYS A 91 -8.16 -6.09 -3.41
C LYS A 91 -8.05 -7.36 -4.27
N PRO A 92 -6.84 -7.71 -4.74
CA PRO A 92 -6.72 -8.98 -5.48
C PRO A 92 -6.91 -10.18 -4.53
N PRO A 93 -7.22 -11.38 -5.07
CA PRO A 93 -7.47 -12.53 -4.20
C PRO A 93 -6.21 -13.13 -3.59
N LEU A 94 -6.39 -14.09 -2.68
CA LEU A 94 -5.29 -14.78 -2.01
C LEU A 94 -5.49 -16.29 -1.99
N PRO A 95 -4.40 -17.08 -1.87
CA PRO A 95 -4.47 -18.54 -1.78
C PRO A 95 -4.81 -19.06 -0.39
N GLU A 96 -5.05 -20.36 -0.32
CA GLU A 96 -5.41 -21.05 0.93
C GLU A 96 -4.17 -21.51 1.75
N GLY A 97 -3.06 -20.80 1.67
CA GLY A 97 -1.90 -21.20 2.46
C GLY A 97 -0.60 -20.47 2.21
N GLU A 98 0.27 -20.55 3.20
CA GLU A 98 1.60 -19.89 3.19
C GLU A 98 2.67 -20.89 2.74
N VAL A 99 2.38 -21.63 1.66
CA VAL A 99 3.29 -22.69 1.16
C VAL A 99 3.54 -22.61 -0.36
N GLY A 1 22.75 0.75 3.79
CA GLY A 1 21.58 1.28 3.02
C GLY A 1 20.63 0.19 2.55
N SER A 2 20.85 -0.96 3.21
CA SER A 2 20.20 -2.26 3.00
C SER A 2 20.71 -2.95 1.72
N MET A 3 20.73 -4.27 1.77
CA MET A 3 21.15 -5.10 0.64
C MET A 3 19.98 -6.00 0.29
N LYS A 4 18.79 -5.53 0.63
CA LYS A 4 17.54 -6.24 0.39
C LYS A 4 16.47 -5.21 0.12
N TYR A 5 15.50 -5.61 -0.69
CA TYR A 5 14.27 -4.84 -0.96
C TYR A 5 14.42 -3.49 -1.64
N LEU A 6 13.28 -2.98 -2.11
CA LEU A 6 13.21 -1.72 -2.85
C LEU A 6 13.34 -0.50 -1.95
N ASN A 7 12.81 -0.61 -0.74
CA ASN A 7 12.85 0.45 0.30
C ASN A 7 12.30 1.82 -0.16
N VAL A 8 11.18 1.82 -0.87
CA VAL A 8 10.57 3.06 -1.36
C VAL A 8 9.39 3.39 -0.44
N LEU A 9 8.90 4.61 -0.48
CA LEU A 9 7.72 4.98 0.31
C LEU A 9 6.48 4.98 -0.58
N ALA A 10 5.33 4.61 -0.03
CA ALA A 10 4.08 4.64 -0.76
C ALA A 10 2.95 5.15 0.14
N LYS A 11 1.99 5.87 -0.44
CA LYS A 11 0.85 6.41 0.30
C LYS A 11 -0.41 5.59 0.04
N ALA A 12 -1.17 5.33 1.09
CA ALA A 12 -2.46 4.66 0.97
C ALA A 12 -3.50 5.65 0.43
N LEU A 13 -4.22 5.28 -0.62
CA LEU A 13 -5.30 6.13 -1.14
C LEU A 13 -6.60 5.74 -0.51
N TYR A 14 -6.60 4.58 0.14
CA TYR A 14 -7.79 4.04 0.76
C TYR A 14 -7.42 3.32 2.04
N ASP A 15 -8.40 3.11 2.90
CA ASP A 15 -8.21 2.33 4.11
C ASP A 15 -8.06 0.86 3.74
N ASN A 16 -7.42 0.10 4.61
CA ASN A 16 -7.33 -1.34 4.42
C ASN A 16 -7.48 -2.06 5.74
N VAL A 17 -8.23 -3.14 5.73
CA VAL A 17 -8.42 -3.97 6.90
C VAL A 17 -7.75 -5.27 6.52
N ALA A 18 -6.85 -5.72 7.38
CA ALA A 18 -6.10 -6.92 7.13
C ALA A 18 -7.00 -8.13 7.41
N GLU A 19 -7.14 -8.99 6.41
CA GLU A 19 -7.97 -10.18 6.52
C GLU A 19 -7.07 -11.40 6.64
N SER A 20 -5.94 -11.33 5.96
CA SER A 20 -4.94 -12.38 6.02
C SER A 20 -3.99 -12.05 7.17
N PRO A 21 -3.43 -13.07 7.84
CA PRO A 21 -2.45 -12.78 8.88
C PRO A 21 -1.15 -12.20 8.31
N ASP A 22 -0.97 -12.28 7.00
CA ASP A 22 0.19 -11.72 6.35
C ASP A 22 -0.08 -10.30 5.90
N GLU A 23 -1.30 -9.80 6.04
CA GLU A 23 -1.68 -8.51 5.50
C GLU A 23 -1.54 -7.37 6.52
N LEU A 24 -1.32 -6.15 6.03
CA LEU A 24 -1.27 -4.96 6.88
C LEU A 24 -2.59 -4.20 6.87
N SER A 25 -2.93 -3.64 8.02
CA SER A 25 -4.10 -2.80 8.15
C SER A 25 -3.62 -1.38 8.33
N PHE A 26 -4.21 -0.47 7.59
CA PHE A 26 -3.83 0.95 7.61
C PHE A 26 -4.97 1.87 7.19
N ARG A 27 -4.73 3.17 7.36
CA ARG A 27 -5.70 4.21 7.06
C ARG A 27 -5.29 4.93 5.77
N LYS A 28 -6.28 5.44 5.07
CA LYS A 28 -6.09 6.29 3.92
C LYS A 28 -5.21 7.47 4.31
N GLY A 29 -4.14 7.67 3.56
CA GLY A 29 -3.18 8.73 3.82
C GLY A 29 -1.91 8.26 4.50
N ASP A 30 -1.89 7.02 4.98
CA ASP A 30 -0.71 6.49 5.68
C ASP A 30 0.44 6.26 4.72
N ILE A 31 1.65 6.24 5.25
CA ILE A 31 2.85 5.99 4.46
C ILE A 31 3.49 4.69 4.96
N MET A 32 3.74 3.78 4.04
CA MET A 32 4.43 2.52 4.38
C MET A 32 5.61 2.34 3.45
N THR A 33 6.57 1.56 3.91
CA THR A 33 7.79 1.30 3.16
C THR A 33 7.59 0.08 2.28
N VAL A 34 7.57 0.25 0.98
CA VAL A 34 7.42 -0.87 0.05
C VAL A 34 8.74 -1.59 -0.04
N LEU A 35 8.69 -2.88 0.23
CA LEU A 35 9.86 -3.72 0.23
C LEU A 35 9.94 -4.47 -1.07
N GLU A 36 8.84 -5.02 -1.53
CA GLU A 36 8.81 -5.63 -2.86
C GLU A 36 7.37 -5.63 -3.38
N ARG A 37 7.18 -6.03 -4.63
CA ARG A 37 5.85 -6.07 -5.22
C ARG A 37 5.68 -7.47 -5.75
N ASP A 38 4.44 -7.92 -5.80
CA ASP A 38 4.08 -9.23 -6.34
C ASP A 38 4.82 -10.31 -5.54
N THR A 39 4.93 -9.99 -4.25
CA THR A 39 5.64 -10.78 -3.27
C THR A 39 5.00 -12.14 -3.07
N GLN A 40 5.83 -13.16 -2.81
CA GLN A 40 5.38 -14.54 -2.63
C GLN A 40 4.62 -15.09 -3.85
N GLY A 41 4.71 -14.40 -4.98
CA GLY A 41 3.98 -14.80 -6.17
C GLY A 41 2.53 -14.32 -6.12
N LEU A 42 2.24 -13.44 -5.18
CA LEU A 42 0.90 -12.91 -5.01
C LEU A 42 0.76 -11.68 -5.88
N ASP A 43 0.28 -11.87 -7.09
CA ASP A 43 0.15 -10.76 -8.05
C ASP A 43 -0.70 -9.64 -7.47
N GLY A 44 -0.19 -8.42 -7.55
CA GLY A 44 -0.92 -7.27 -7.06
C GLY A 44 -0.70 -6.98 -5.59
N TRP A 45 -0.14 -7.92 -4.83
CA TRP A 45 0.14 -7.71 -3.43
C TRP A 45 1.54 -7.16 -3.28
N TRP A 46 1.69 -6.07 -2.53
CA TRP A 46 2.99 -5.44 -2.35
C TRP A 46 3.43 -5.63 -0.91
N LEU A 47 4.63 -6.16 -0.71
CA LEU A 47 5.16 -6.34 0.63
C LEU A 47 5.56 -4.98 1.13
N CYS A 48 5.01 -4.56 2.26
CA CYS A 48 5.37 -3.29 2.84
C CYS A 48 5.61 -3.44 4.32
N SER A 49 6.14 -2.39 4.92
CA SER A 49 6.38 -2.34 6.35
C SER A 49 5.72 -1.08 6.89
N LEU A 50 4.97 -1.24 7.96
CA LEU A 50 4.22 -0.16 8.58
C LEU A 50 4.12 -0.48 10.07
N HIS A 51 4.35 0.51 10.92
CA HIS A 51 4.31 0.34 12.39
C HIS A 51 5.26 -0.77 12.88
N GLY A 52 6.36 -0.98 12.17
CA GLY A 52 7.32 -2.01 12.55
C GLY A 52 6.84 -3.42 12.27
N ARG A 53 5.77 -3.55 11.49
CA ARG A 53 5.20 -4.84 11.15
C ARG A 53 5.31 -4.95 9.65
N GLN A 54 5.60 -6.13 9.16
CA GLN A 54 5.73 -6.36 7.73
C GLN A 54 4.52 -7.14 7.25
N GLY A 55 4.09 -6.90 6.03
CA GLY A 55 2.98 -7.64 5.48
C GLY A 55 2.61 -7.23 4.08
N ILE A 56 1.73 -7.98 3.45
CA ILE A 56 1.28 -7.68 2.09
C ILE A 56 0.20 -6.61 2.15
N VAL A 57 0.07 -5.90 1.04
CA VAL A 57 -0.89 -4.80 0.91
C VAL A 57 -1.43 -4.83 -0.52
N PRO A 58 -2.73 -4.59 -0.70
CA PRO A 58 -3.20 -4.54 -2.09
C PRO A 58 -2.65 -3.30 -2.81
N GLY A 59 -1.87 -3.52 -3.86
CA GLY A 59 -1.28 -2.43 -4.61
C GLY A 59 -2.32 -1.54 -5.25
N ASN A 60 -3.50 -2.10 -5.46
CA ASN A 60 -4.64 -1.38 -6.03
C ASN A 60 -5.13 -0.22 -5.12
N ARG A 61 -4.64 -0.18 -3.90
CA ARG A 61 -5.00 0.88 -2.94
C ARG A 61 -3.79 1.72 -2.53
N LEU A 62 -2.66 1.53 -3.22
CA LEU A 62 -1.44 2.24 -2.89
C LEU A 62 -0.90 3.06 -4.05
N LYS A 63 -0.14 4.09 -3.69
CA LYS A 63 0.60 4.87 -4.69
C LYS A 63 2.04 5.02 -4.28
N ILE A 64 2.92 4.52 -5.14
CA ILE A 64 4.35 4.66 -4.93
C ILE A 64 4.72 6.13 -5.01
N LEU A 65 5.41 6.63 -4.00
CA LEU A 65 5.85 8.03 -3.97
C LEU A 65 7.29 8.08 -4.46
N VAL A 66 7.45 8.41 -5.72
CA VAL A 66 8.76 8.46 -6.36
C VAL A 66 9.61 9.61 -5.79
N GLY A 67 8.94 10.67 -5.37
CA GLY A 67 9.64 11.84 -4.86
C GLY A 67 9.94 12.78 -6.01
N MET A 68 10.31 14.02 -5.68
CA MET A 68 10.53 15.13 -6.65
C MET A 68 9.20 15.60 -7.26
N TYR A 69 8.47 14.66 -7.84
CA TYR A 69 7.10 14.87 -8.29
C TYR A 69 6.21 14.90 -7.05
N ASP A 70 4.94 15.27 -7.22
CA ASP A 70 3.98 15.36 -6.11
C ASP A 70 4.45 16.28 -4.99
N LYS A 71 5.18 17.33 -5.36
CA LYS A 71 5.64 18.35 -4.40
C LYS A 71 4.44 19.10 -3.81
N LYS A 72 3.32 19.11 -4.52
CA LYS A 72 2.08 19.71 -4.01
C LYS A 72 1.32 18.61 -3.28
N PRO A 73 0.58 18.96 -2.22
CA PRO A 73 -0.20 17.90 -1.59
C PRO A 73 -1.37 17.48 -2.47
N ALA A 74 -1.82 16.25 -2.31
CA ALA A 74 -2.94 15.73 -3.09
C ALA A 74 -4.24 16.20 -2.44
N GLY A 75 -5.23 16.55 -3.26
CA GLY A 75 -6.51 17.00 -2.76
C GLY A 75 -6.44 18.42 -2.24
N SER A 76 -7.51 18.87 -1.61
CA SER A 76 -7.56 20.23 -1.05
C SER A 76 -8.22 20.17 0.32
N GLY A 77 -7.44 20.44 1.36
CA GLY A 77 -7.97 20.39 2.73
C GLY A 77 -7.92 19.01 3.36
N GLY A 78 -7.67 18.00 2.55
CA GLY A 78 -7.63 16.62 3.04
C GLY A 78 -9.02 16.02 3.00
N SER A 79 -9.20 14.86 3.63
CA SER A 79 -10.48 14.16 3.62
C SER A 79 -11.39 14.58 4.76
N GLY A 80 -10.90 15.43 5.64
CA GLY A 80 -11.67 15.82 6.80
C GLY A 80 -11.72 14.70 7.84
N SER A 81 -12.59 14.86 8.83
CA SER A 81 -12.74 13.88 9.91
C SER A 81 -14.20 13.45 10.06
N GLY A 82 -14.96 13.62 8.99
CA GLY A 82 -16.36 13.27 8.97
C GLY A 82 -16.70 13.27 7.50
N LEU A 83 -17.91 12.87 7.12
CA LEU A 83 -18.31 12.77 5.70
C LEU A 83 -17.27 11.93 4.94
N THR A 84 -16.99 10.76 5.46
CA THR A 84 -16.04 9.84 4.85
C THR A 84 -16.60 9.37 3.52
N ASP A 85 -15.86 9.60 2.45
CA ASP A 85 -16.31 9.31 1.09
C ASP A 85 -15.15 8.73 0.27
N GLU A 86 -15.41 8.48 -1.01
CA GLU A 86 -14.47 7.89 -1.98
C GLU A 86 -14.16 6.43 -1.62
N LEU A 87 -15.07 5.56 -2.05
CA LEU A 87 -15.02 4.13 -1.75
C LEU A 87 -13.84 3.46 -2.41
N ALA A 88 -13.31 2.45 -1.74
CA ALA A 88 -12.11 1.77 -2.19
C ALA A 88 -12.37 0.71 -3.27
N PRO A 89 -11.42 0.54 -4.22
CA PRO A 89 -11.54 -0.56 -5.18
C PRO A 89 -11.23 -1.91 -4.51
N PRO A 90 -11.56 -3.02 -5.18
CA PRO A 90 -11.32 -4.32 -4.51
C PRO A 90 -9.84 -4.70 -4.41
N LYS A 91 -9.53 -5.55 -3.46
CA LYS A 91 -8.17 -6.09 -3.30
C LYS A 91 -8.06 -7.31 -4.21
N PRO A 92 -6.86 -7.64 -4.70
CA PRO A 92 -6.74 -8.85 -5.53
C PRO A 92 -6.95 -10.10 -4.66
N PRO A 93 -7.22 -11.26 -5.29
CA PRO A 93 -7.49 -12.46 -4.49
C PRO A 93 -6.24 -13.04 -3.83
N LEU A 94 -6.45 -14.06 -3.00
CA LEU A 94 -5.37 -14.74 -2.30
C LEU A 94 -5.56 -16.25 -2.42
N PRO A 95 -4.49 -17.04 -2.22
CA PRO A 95 -4.62 -18.50 -2.23
C PRO A 95 -5.35 -19.01 -0.99
N GLU A 96 -5.46 -20.33 -0.86
CA GLU A 96 -6.15 -21.04 0.24
C GLU A 96 -7.68 -20.94 0.18
N GLY A 97 -8.09 -20.05 -0.68
CA GLY A 97 -9.51 -19.89 -1.02
C GLY A 97 -9.77 -20.46 -2.40
N GLU A 98 -8.76 -21.10 -2.96
CA GLU A 98 -8.84 -21.69 -4.29
C GLU A 98 -9.72 -22.94 -4.26
N VAL A 99 -10.63 -23.07 -5.22
CA VAL A 99 -11.52 -24.22 -5.30
C VAL A 99 -10.76 -25.48 -5.81
N GLY A 1 19.76 2.69 -4.58
CA GLY A 1 20.85 2.51 -3.56
C GLY A 1 20.57 1.41 -2.55
N SER A 2 19.31 0.99 -2.57
CA SER A 2 18.80 -0.07 -1.71
C SER A 2 19.51 -1.39 -1.98
N MET A 3 20.18 -1.93 -0.97
CA MET A 3 20.95 -3.16 -1.14
C MET A 3 20.13 -4.41 -0.74
N LYS A 4 18.96 -4.17 -0.17
CA LYS A 4 18.02 -5.24 0.20
C LYS A 4 16.67 -4.62 -0.02
N TYR A 5 15.80 -5.30 -0.74
CA TYR A 5 14.47 -4.80 -1.09
C TYR A 5 14.50 -3.44 -1.82
N LEU A 6 13.32 -2.93 -2.17
CA LEU A 6 13.20 -1.68 -2.91
C LEU A 6 13.36 -0.46 -2.00
N ASN A 7 12.82 -0.56 -0.79
CA ASN A 7 12.86 0.51 0.23
C ASN A 7 12.30 1.85 -0.26
N VAL A 8 11.10 1.84 -0.85
CA VAL A 8 10.48 3.07 -1.36
C VAL A 8 9.29 3.40 -0.47
N LEU A 9 8.83 4.64 -0.49
CA LEU A 9 7.65 5.01 0.30
C LEU A 9 6.41 5.03 -0.58
N ALA A 10 5.30 4.57 -0.04
CA ALA A 10 4.02 4.57 -0.77
C ALA A 10 2.90 5.09 0.13
N LYS A 11 1.96 5.84 -0.44
CA LYS A 11 0.82 6.39 0.31
C LYS A 11 -0.44 5.59 0.04
N ALA A 12 -1.20 5.33 1.10
CA ALA A 12 -2.49 4.68 0.99
C ALA A 12 -3.52 5.66 0.42
N LEU A 13 -4.22 5.28 -0.64
CA LEU A 13 -5.29 6.13 -1.19
C LEU A 13 -6.60 5.84 -0.51
N TYR A 14 -6.65 4.69 0.14
CA TYR A 14 -7.84 4.21 0.82
C TYR A 14 -7.33 3.53 2.06
N ASP A 15 -8.21 3.24 3.01
CA ASP A 15 -7.80 2.48 4.18
C ASP A 15 -7.72 1.01 3.80
N ASN A 16 -7.23 0.18 4.71
CA ASN A 16 -7.20 -1.25 4.49
C ASN A 16 -7.38 -1.95 5.82
N VAL A 17 -8.19 -2.97 5.82
CA VAL A 17 -8.41 -3.80 7.00
C VAL A 17 -7.68 -5.08 6.67
N ALA A 18 -6.77 -5.46 7.55
CA ALA A 18 -6.01 -6.68 7.37
C ALA A 18 -6.91 -7.85 7.76
N GLU A 19 -7.29 -8.64 6.78
CA GLU A 19 -8.20 -9.76 6.98
C GLU A 19 -7.42 -11.07 6.93
N SER A 20 -6.23 -10.99 6.35
CA SER A 20 -5.32 -12.12 6.30
C SER A 20 -4.21 -11.88 7.31
N PRO A 21 -3.63 -12.95 7.86
CA PRO A 21 -2.60 -12.77 8.88
C PRO A 21 -1.29 -12.19 8.35
N ASP A 22 -1.14 -12.17 7.03
CA ASP A 22 0.06 -11.62 6.41
C ASP A 22 -0.17 -10.20 5.94
N GLU A 23 -1.38 -9.70 6.09
CA GLU A 23 -1.76 -8.40 5.54
C GLU A 23 -1.54 -7.25 6.54
N LEU A 24 -1.33 -6.05 6.03
CA LEU A 24 -1.23 -4.85 6.87
C LEU A 24 -2.52 -4.04 6.88
N SER A 25 -2.80 -3.45 8.03
CA SER A 25 -3.95 -2.59 8.20
C SER A 25 -3.43 -1.18 8.38
N PHE A 26 -4.05 -0.25 7.67
CA PHE A 26 -3.68 1.17 7.71
C PHE A 26 -4.86 2.04 7.30
N ARG A 27 -4.70 3.35 7.44
CA ARG A 27 -5.75 4.30 7.09
C ARG A 27 -5.35 5.03 5.80
N LYS A 28 -6.32 5.59 5.10
CA LYS A 28 -6.05 6.43 3.93
C LYS A 28 -5.10 7.56 4.33
N GLY A 29 -4.07 7.76 3.53
CA GLY A 29 -3.10 8.82 3.77
C GLY A 29 -1.87 8.37 4.52
N ASP A 30 -1.85 7.13 4.97
CA ASP A 30 -0.71 6.60 5.73
C ASP A 30 0.43 6.29 4.76
N ILE A 31 1.64 6.15 5.27
CA ILE A 31 2.82 5.89 4.47
C ILE A 31 3.47 4.59 4.95
N MET A 32 3.69 3.66 4.03
CA MET A 32 4.38 2.42 4.34
C MET A 32 5.59 2.27 3.44
N THR A 33 6.56 1.51 3.93
CA THR A 33 7.79 1.27 3.20
C THR A 33 7.62 0.04 2.33
N VAL A 34 7.61 0.21 1.02
CA VAL A 34 7.46 -0.92 0.10
C VAL A 34 8.79 -1.63 0.01
N LEU A 35 8.75 -2.91 0.29
CA LEU A 35 9.92 -3.75 0.27
C LEU A 35 9.99 -4.46 -1.07
N GLU A 36 8.88 -5.04 -1.51
CA GLU A 36 8.84 -5.62 -2.85
C GLU A 36 7.42 -5.62 -3.36
N ARG A 37 7.23 -5.99 -4.61
CA ARG A 37 5.90 -6.03 -5.21
C ARG A 37 5.74 -7.43 -5.75
N ASP A 38 4.50 -7.89 -5.84
CA ASP A 38 4.16 -9.18 -6.42
C ASP A 38 4.90 -10.27 -5.63
N THR A 39 5.01 -9.99 -4.34
CA THR A 39 5.74 -10.81 -3.38
C THR A 39 5.09 -12.17 -3.24
N GLN A 40 5.92 -13.19 -3.01
CA GLN A 40 5.48 -14.59 -2.86
C GLN A 40 4.69 -15.11 -4.07
N GLY A 41 4.76 -14.40 -5.19
CA GLY A 41 4.00 -14.77 -6.37
C GLY A 41 2.57 -14.28 -6.29
N LEU A 42 2.30 -13.40 -5.34
CA LEU A 42 0.96 -12.86 -5.15
C LEU A 42 0.87 -11.60 -5.99
N ASP A 43 0.49 -11.76 -7.24
CA ASP A 43 0.40 -10.64 -8.16
C ASP A 43 -0.51 -9.56 -7.61
N GLY A 44 -0.03 -8.33 -7.61
CA GLY A 44 -0.81 -7.22 -7.11
C GLY A 44 -0.64 -6.96 -5.62
N TRP A 45 -0.09 -7.91 -4.88
CA TRP A 45 0.17 -7.72 -3.46
C TRP A 45 1.57 -7.16 -3.29
N TRP A 46 1.71 -6.10 -2.53
CA TRP A 46 3.01 -5.45 -2.33
C TRP A 46 3.44 -5.64 -0.90
N LEU A 47 4.63 -6.17 -0.70
CA LEU A 47 5.18 -6.38 0.64
C LEU A 47 5.60 -5.02 1.14
N CYS A 48 5.05 -4.61 2.26
CA CYS A 48 5.40 -3.32 2.84
C CYS A 48 5.61 -3.47 4.33
N SER A 49 6.10 -2.39 4.93
CA SER A 49 6.32 -2.34 6.36
C SER A 49 5.68 -1.06 6.91
N LEU A 50 4.89 -1.22 7.96
CA LEU A 50 4.17 -0.13 8.60
C LEU A 50 4.10 -0.43 10.09
N HIS A 51 4.37 0.56 10.93
CA HIS A 51 4.38 0.39 12.40
C HIS A 51 5.31 -0.75 12.85
N GLY A 52 6.39 -0.97 12.11
CA GLY A 52 7.34 -2.03 12.45
C GLY A 52 6.81 -3.44 12.18
N ARG A 53 5.70 -3.53 11.46
CA ARG A 53 5.09 -4.81 11.14
C ARG A 53 5.22 -4.93 9.64
N GLN A 54 5.54 -6.11 9.16
CA GLN A 54 5.68 -6.35 7.73
C GLN A 54 4.48 -7.12 7.25
N GLY A 55 4.07 -6.90 6.02
CA GLY A 55 2.95 -7.63 5.46
C GLY A 55 2.58 -7.21 4.06
N ILE A 56 1.70 -7.96 3.41
CA ILE A 56 1.27 -7.65 2.06
C ILE A 56 0.16 -6.59 2.10
N VAL A 57 0.04 -5.86 1.01
CA VAL A 57 -0.93 -4.78 0.86
C VAL A 57 -1.48 -4.83 -0.56
N PRO A 58 -2.80 -4.60 -0.75
CA PRO A 58 -3.28 -4.58 -2.12
C PRO A 58 -2.76 -3.34 -2.86
N GLY A 59 -2.01 -3.56 -3.93
CA GLY A 59 -1.44 -2.46 -4.70
C GLY A 59 -2.49 -1.54 -5.28
N ASN A 60 -3.70 -2.05 -5.46
CA ASN A 60 -4.82 -1.27 -5.98
C ASN A 60 -5.20 -0.10 -5.04
N ARG A 61 -4.77 -0.15 -3.77
CA ARG A 61 -5.08 0.91 -2.81
C ARG A 61 -3.83 1.71 -2.44
N LEU A 62 -2.73 1.47 -3.15
CA LEU A 62 -1.47 2.16 -2.85
C LEU A 62 -0.94 2.99 -4.01
N LYS A 63 -0.19 4.02 -3.66
CA LYS A 63 0.50 4.83 -4.64
C LYS A 63 1.95 4.96 -4.28
N ILE A 64 2.80 4.50 -5.17
CA ILE A 64 4.24 4.62 -4.97
C ILE A 64 4.60 6.09 -5.12
N LEU A 65 5.30 6.63 -4.13
CA LEU A 65 5.68 8.04 -4.16
C LEU A 65 7.08 8.17 -4.75
N VAL A 66 7.15 8.15 -6.07
CA VAL A 66 8.43 8.22 -6.78
C VAL A 66 8.97 9.64 -6.71
N GLY A 67 9.99 9.86 -5.89
CA GLY A 67 10.56 11.19 -5.71
C GLY A 67 11.55 11.62 -6.79
N MET A 68 11.34 11.15 -8.01
CA MET A 68 12.20 11.49 -9.14
C MET A 68 11.81 12.87 -9.67
N TYR A 69 10.57 13.27 -9.39
CA TYR A 69 10.03 14.52 -9.89
C TYR A 69 9.46 15.34 -8.73
N ASP A 70 9.57 16.65 -8.83
CA ASP A 70 9.02 17.56 -7.83
C ASP A 70 7.73 18.20 -8.37
N LYS A 71 7.29 19.29 -7.73
CA LYS A 71 6.05 20.00 -8.11
C LYS A 71 4.85 19.05 -8.06
N LYS A 72 4.87 18.20 -7.04
CA LYS A 72 3.78 17.25 -6.79
C LYS A 72 2.53 18.10 -6.55
N PRO A 73 1.35 17.63 -7.00
CA PRO A 73 0.16 18.48 -6.86
C PRO A 73 -0.37 18.61 -5.43
N ALA A 74 0.03 17.68 -4.55
CA ALA A 74 -0.39 17.68 -3.14
C ALA A 74 -1.92 17.72 -3.00
N GLY A 75 -2.39 18.32 -1.93
CA GLY A 75 -3.82 18.43 -1.66
C GLY A 75 -3.96 19.17 -0.34
N SER A 76 -5.18 19.49 0.06
CA SER A 76 -5.43 20.18 1.32
C SER A 76 -6.88 19.86 1.70
N GLY A 77 -7.31 20.29 2.88
CA GLY A 77 -8.68 20.10 3.32
C GLY A 77 -8.81 19.40 4.66
N GLY A 78 -7.98 18.41 4.92
CA GLY A 78 -8.04 17.72 6.19
C GLY A 78 -7.09 16.54 6.26
N SER A 79 -7.07 15.85 7.39
CA SER A 79 -6.17 14.73 7.62
C SER A 79 -6.93 13.49 8.11
N GLY A 80 -7.87 13.02 7.30
CA GLY A 80 -8.64 11.84 7.64
C GLY A 80 -10.07 12.12 8.07
N SER A 81 -10.51 13.36 7.89
CA SER A 81 -11.89 13.72 8.13
C SER A 81 -12.67 13.29 6.88
N GLY A 82 -13.95 12.95 7.06
CA GLY A 82 -14.77 12.47 5.96
C GLY A 82 -14.89 10.96 5.98
N LEU A 83 -16.10 10.46 5.78
CA LEU A 83 -16.42 9.04 5.83
C LEU A 83 -17.59 8.80 4.90
N THR A 84 -17.87 7.54 4.60
CA THR A 84 -19.07 7.12 3.84
C THR A 84 -19.11 7.64 2.39
N ASP A 85 -17.94 7.87 1.83
CA ASP A 85 -17.81 8.31 0.43
C ASP A 85 -16.46 7.78 -0.06
N GLU A 86 -16.21 7.89 -1.36
CA GLU A 86 -14.98 7.44 -2.01
C GLU A 86 -14.68 5.96 -1.72
N LEU A 87 -15.57 5.11 -2.20
CA LEU A 87 -15.49 3.66 -1.97
C LEU A 87 -14.20 3.08 -2.53
N ALA A 88 -13.58 2.21 -1.77
CA ALA A 88 -12.29 1.65 -2.11
C ALA A 88 -12.38 0.49 -3.12
N PRO A 89 -11.35 0.32 -3.97
CA PRO A 89 -11.33 -0.80 -4.92
C PRO A 89 -11.07 -2.15 -4.23
N PRO A 90 -11.36 -3.27 -4.92
CA PRO A 90 -11.17 -4.58 -4.28
C PRO A 90 -9.71 -5.01 -4.11
N LYS A 91 -9.51 -6.06 -3.34
CA LYS A 91 -8.19 -6.65 -3.14
C LYS A 91 -7.98 -7.71 -4.22
N PRO A 92 -6.74 -7.90 -4.70
CA PRO A 92 -6.54 -9.03 -5.61
C PRO A 92 -6.64 -10.36 -4.86
N PRO A 93 -6.92 -11.48 -5.57
CA PRO A 93 -7.06 -12.78 -4.91
C PRO A 93 -5.88 -13.22 -4.08
N LEU A 94 -6.18 -14.16 -3.21
CA LEU A 94 -5.20 -14.81 -2.35
C LEU A 94 -5.40 -16.32 -2.36
N PRO A 95 -4.33 -17.09 -2.05
CA PRO A 95 -4.40 -18.55 -1.90
C PRO A 95 -5.04 -18.93 -0.56
N GLU A 96 -4.91 -20.22 -0.19
CA GLU A 96 -5.46 -20.79 1.04
C GLU A 96 -7.00 -20.76 1.06
N GLY A 97 -7.57 -20.51 -0.12
CA GLY A 97 -8.99 -20.60 -0.32
C GLY A 97 -9.20 -21.13 -1.72
N GLU A 98 -10.30 -21.82 -1.97
CA GLU A 98 -10.56 -22.40 -3.28
C GLU A 98 -11.12 -21.34 -4.23
N VAL A 99 -10.22 -20.57 -4.83
CA VAL A 99 -10.57 -19.50 -5.76
C VAL A 99 -10.48 -19.98 -7.21
N GLY A 1 22.24 0.71 4.80
CA GLY A 1 23.26 0.14 3.89
C GLY A 1 22.87 -1.17 3.21
N SER A 2 23.84 -1.72 2.44
CA SER A 2 23.68 -2.95 1.65
C SER A 2 22.58 -2.78 0.59
N MET A 3 22.18 -3.88 -0.03
CA MET A 3 21.13 -3.84 -1.06
C MET A 3 20.15 -4.98 -0.84
N LYS A 4 19.11 -4.71 -0.05
CA LYS A 4 18.04 -5.66 0.21
C LYS A 4 16.76 -4.88 0.07
N TYR A 5 15.81 -5.45 -0.67
CA TYR A 5 14.50 -4.84 -0.93
C TYR A 5 14.53 -3.45 -1.61
N LEU A 6 13.37 -3.03 -2.07
CA LEU A 6 13.23 -1.77 -2.81
C LEU A 6 13.31 -0.56 -1.88
N ASN A 7 12.67 -0.69 -0.72
CA ASN A 7 12.63 0.37 0.32
C ASN A 7 12.18 1.73 -0.22
N VAL A 8 11.04 1.75 -0.88
CA VAL A 8 10.47 2.99 -1.43
C VAL A 8 9.27 3.34 -0.56
N LEU A 9 8.83 4.58 -0.56
CA LEU A 9 7.66 4.97 0.24
C LEU A 9 6.42 4.91 -0.64
N ALA A 10 5.29 4.54 -0.05
CA ALA A 10 4.01 4.53 -0.77
C ALA A 10 2.90 5.07 0.13
N LYS A 11 1.98 5.82 -0.44
CA LYS A 11 0.84 6.39 0.29
C LYS A 11 -0.44 5.62 0.03
N ALA A 12 -1.21 5.38 1.08
CA ALA A 12 -2.50 4.73 0.98
C ALA A 12 -3.53 5.72 0.41
N LEU A 13 -4.22 5.35 -0.67
CA LEU A 13 -5.28 6.20 -1.22
C LEU A 13 -6.59 5.85 -0.54
N TYR A 14 -6.58 4.72 0.14
CA TYR A 14 -7.76 4.20 0.81
C TYR A 14 -7.33 3.53 2.09
N ASP A 15 -8.26 3.24 2.97
CA ASP A 15 -7.96 2.48 4.17
C ASP A 15 -7.83 1.02 3.79
N ASN A 16 -7.28 0.23 4.69
CA ASN A 16 -7.23 -1.22 4.48
C ASN A 16 -7.42 -1.96 5.78
N VAL A 17 -8.30 -2.95 5.74
CA VAL A 17 -8.55 -3.82 6.85
C VAL A 17 -7.83 -5.10 6.48
N ALA A 18 -6.93 -5.52 7.34
CA ALA A 18 -6.19 -6.76 7.14
C ALA A 18 -7.12 -7.93 7.42
N GLU A 19 -7.40 -8.70 6.40
CA GLU A 19 -8.32 -9.84 6.52
C GLU A 19 -7.49 -11.11 6.60
N SER A 20 -6.26 -11.03 6.12
CA SER A 20 -5.32 -12.14 6.20
C SER A 20 -4.24 -11.80 7.22
N PRO A 21 -3.64 -12.82 7.86
CA PRO A 21 -2.62 -12.54 8.87
C PRO A 21 -1.31 -12.01 8.27
N ASP A 22 -1.15 -12.12 6.96
CA ASP A 22 0.04 -11.62 6.27
C ASP A 22 -0.19 -10.18 5.88
N GLU A 23 -1.41 -9.70 5.99
CA GLU A 23 -1.78 -8.39 5.46
C GLU A 23 -1.61 -7.27 6.50
N LEU A 24 -1.32 -6.07 6.00
CA LEU A 24 -1.24 -4.89 6.86
C LEU A 24 -2.53 -4.10 6.88
N SER A 25 -2.85 -3.56 8.05
CA SER A 25 -4.00 -2.72 8.23
C SER A 25 -3.49 -1.30 8.41
N PHE A 26 -4.12 -0.39 7.68
CA PHE A 26 -3.76 1.03 7.69
C PHE A 26 -4.96 1.84 7.26
N ARG A 27 -4.86 3.16 7.26
CA ARG A 27 -5.96 4.02 6.81
C ARG A 27 -5.51 4.92 5.66
N LYS A 28 -6.46 5.56 4.99
CA LYS A 28 -6.15 6.48 3.90
C LYS A 28 -5.20 7.56 4.36
N GLY A 29 -4.13 7.75 3.59
CA GLY A 29 -3.14 8.76 3.91
C GLY A 29 -1.91 8.20 4.63
N ASP A 30 -1.92 6.93 4.99
CA ASP A 30 -0.77 6.32 5.66
C ASP A 30 0.40 6.20 4.71
N ILE A 31 1.59 6.06 5.27
CA ILE A 31 2.80 5.86 4.48
C ILE A 31 3.46 4.58 4.94
N MET A 32 3.72 3.68 4.02
CA MET A 32 4.41 2.43 4.31
C MET A 32 5.61 2.27 3.39
N THR A 33 6.58 1.52 3.87
CA THR A 33 7.81 1.27 3.12
C THR A 33 7.63 0.01 2.29
N VAL A 34 7.60 0.15 0.97
CA VAL A 34 7.45 -0.98 0.06
C VAL A 34 8.77 -1.70 -0.05
N LEU A 35 8.76 -2.95 0.35
CA LEU A 35 9.94 -3.77 0.34
C LEU A 35 10.03 -4.50 -1.00
N GLU A 36 8.92 -5.04 -1.46
CA GLU A 36 8.88 -5.61 -2.80
C GLU A 36 7.44 -5.58 -3.31
N ARG A 37 7.25 -5.85 -4.59
CA ARG A 37 5.92 -5.88 -5.18
C ARG A 37 5.73 -7.25 -5.76
N ASP A 38 4.49 -7.69 -5.80
CA ASP A 38 4.10 -8.98 -6.39
C ASP A 38 4.85 -10.09 -5.65
N THR A 39 4.97 -9.85 -4.35
CA THR A 39 5.72 -10.70 -3.43
C THR A 39 5.12 -12.07 -3.31
N GLN A 40 5.95 -13.08 -3.11
CA GLN A 40 5.53 -14.49 -2.98
C GLN A 40 4.75 -15.00 -4.20
N GLY A 41 4.81 -14.27 -5.31
CA GLY A 41 4.06 -14.64 -6.50
C GLY A 41 2.63 -14.18 -6.43
N LEU A 42 2.34 -13.33 -5.46
CA LEU A 42 0.99 -12.80 -5.25
C LEU A 42 0.88 -11.53 -6.06
N ASP A 43 0.51 -11.66 -7.32
CA ASP A 43 0.40 -10.50 -8.20
C ASP A 43 -0.55 -9.48 -7.61
N GLY A 44 -0.10 -8.23 -7.57
CA GLY A 44 -0.93 -7.17 -7.02
C GLY A 44 -0.75 -6.95 -5.54
N TRP A 45 -0.15 -7.90 -4.83
CA TRP A 45 0.13 -7.74 -3.42
C TRP A 45 1.55 -7.21 -3.25
N TRP A 46 1.71 -6.15 -2.47
CA TRP A 46 3.02 -5.52 -2.30
C TRP A 46 3.46 -5.67 -0.87
N LEU A 47 4.64 -6.23 -0.66
CA LEU A 47 5.18 -6.40 0.68
C LEU A 47 5.60 -5.04 1.16
N CYS A 48 5.05 -4.61 2.28
CA CYS A 48 5.41 -3.33 2.85
C CYS A 48 5.64 -3.46 4.33
N SER A 49 6.15 -2.39 4.92
CA SER A 49 6.37 -2.32 6.36
C SER A 49 5.73 -1.03 6.87
N LEU A 50 4.94 -1.16 7.92
CA LEU A 50 4.19 -0.05 8.50
C LEU A 50 4.17 -0.24 10.01
N HIS A 51 4.52 0.81 10.76
CA HIS A 51 4.59 0.74 12.23
C HIS A 51 5.48 -0.42 12.73
N GLY A 52 6.49 -0.78 11.94
CA GLY A 52 7.40 -1.85 12.32
C GLY A 52 6.85 -3.24 12.09
N ARG A 53 5.70 -3.35 11.44
CA ARG A 53 5.08 -4.63 11.15
C ARG A 53 5.20 -4.79 9.65
N GLN A 54 5.55 -5.98 9.21
CA GLN A 54 5.69 -6.27 7.79
C GLN A 54 4.49 -7.06 7.32
N GLY A 55 4.10 -6.86 6.08
CA GLY A 55 3.00 -7.62 5.51
C GLY A 55 2.63 -7.20 4.11
N ILE A 56 1.77 -7.96 3.45
CA ILE A 56 1.33 -7.66 2.09
C ILE A 56 0.24 -6.59 2.14
N VAL A 57 0.11 -5.87 1.04
CA VAL A 57 -0.84 -4.76 0.91
C VAL A 57 -1.39 -4.79 -0.52
N PRO A 58 -2.71 -4.54 -0.69
CA PRO A 58 -3.21 -4.49 -2.07
C PRO A 58 -2.70 -3.25 -2.83
N GLY A 59 -1.99 -3.48 -3.91
CA GLY A 59 -1.44 -2.40 -4.71
C GLY A 59 -2.51 -1.51 -5.30
N ASN A 60 -3.70 -2.07 -5.45
CA ASN A 60 -4.86 -1.32 -5.97
C ASN A 60 -5.27 -0.15 -5.04
N ARG A 61 -4.78 -0.15 -3.80
CA ARG A 61 -5.09 0.92 -2.85
C ARG A 61 -3.86 1.74 -2.49
N LEU A 62 -2.76 1.52 -3.20
CA LEU A 62 -1.51 2.22 -2.91
C LEU A 62 -0.98 3.05 -4.07
N LYS A 63 -0.25 4.09 -3.72
CA LYS A 63 0.46 4.91 -4.70
C LYS A 63 1.91 4.98 -4.32
N ILE A 64 2.77 4.51 -5.20
CA ILE A 64 4.20 4.57 -4.98
C ILE A 64 4.65 6.03 -5.08
N LEU A 65 5.35 6.51 -4.06
CA LEU A 65 5.84 7.88 -4.04
C LEU A 65 7.24 7.98 -4.64
N VAL A 66 7.33 7.70 -5.93
CA VAL A 66 8.61 7.81 -6.67
C VAL A 66 8.97 9.28 -6.90
N GLY A 67 8.04 10.17 -6.58
CA GLY A 67 8.26 11.59 -6.69
C GLY A 67 6.99 12.28 -6.28
N MET A 68 6.98 13.59 -6.24
CA MET A 68 5.77 14.33 -5.88
C MET A 68 4.84 14.43 -7.09
N TYR A 69 4.14 13.34 -7.35
CA TYR A 69 3.20 13.25 -8.46
C TYR A 69 1.92 12.61 -7.98
N ASP A 70 0.80 13.00 -8.56
CA ASP A 70 -0.49 12.43 -8.23
C ASP A 70 -1.28 12.28 -9.51
N LYS A 71 -2.19 11.31 -9.52
CA LYS A 71 -3.06 10.95 -10.67
C LYS A 71 -2.70 11.59 -12.02
N LYS A 72 -1.60 11.14 -12.61
CA LYS A 72 -1.16 11.65 -13.92
C LYS A 72 -2.25 11.33 -14.93
N PRO A 73 -2.42 12.18 -15.97
CA PRO A 73 -3.58 11.94 -16.84
C PRO A 73 -3.52 10.64 -17.63
N ALA A 74 -4.68 10.00 -17.71
CA ALA A 74 -4.86 8.77 -18.47
C ALA A 74 -6.37 8.59 -18.75
N GLY A 75 -7.17 8.70 -17.70
CA GLY A 75 -8.62 8.54 -17.83
C GLY A 75 -9.33 9.73 -18.47
N SER A 76 -8.62 10.84 -18.62
CA SER A 76 -9.12 12.06 -19.27
C SER A 76 -10.42 12.65 -18.70
N GLY A 77 -10.75 12.28 -17.47
CA GLY A 77 -11.94 12.80 -16.82
C GLY A 77 -11.90 12.35 -15.37
N GLY A 78 -12.90 12.72 -14.58
CA GLY A 78 -12.94 12.31 -13.18
C GLY A 78 -11.80 12.88 -12.35
N SER A 79 -11.47 14.14 -12.60
CA SER A 79 -10.33 14.80 -11.93
C SER A 79 -10.39 14.72 -10.39
N GLY A 80 -11.56 15.02 -9.82
CA GLY A 80 -11.73 14.94 -8.38
C GLY A 80 -11.16 16.14 -7.63
N SER A 81 -11.96 17.18 -7.46
CA SER A 81 -11.53 18.39 -6.74
C SER A 81 -12.52 18.72 -5.63
N GLY A 82 -12.40 18.04 -4.51
CA GLY A 82 -13.28 18.27 -3.38
C GLY A 82 -12.94 17.26 -2.31
N LEU A 83 -13.63 17.31 -1.18
CA LEU A 83 -13.42 16.37 -0.09
C LEU A 83 -14.73 15.68 0.23
N THR A 84 -14.84 14.42 -0.16
CA THR A 84 -16.02 13.60 0.09
C THR A 84 -15.50 12.20 0.40
N ASP A 85 -16.38 11.33 0.88
CA ASP A 85 -16.02 9.94 1.10
C ASP A 85 -15.73 9.31 -0.26
N GLU A 86 -14.79 8.37 -0.29
CA GLU A 86 -14.36 7.74 -1.53
C GLU A 86 -14.18 6.25 -1.24
N LEU A 87 -15.12 5.44 -1.69
CA LEU A 87 -15.11 4.01 -1.39
C LEU A 87 -13.93 3.33 -2.07
N ALA A 88 -13.33 2.40 -1.36
CA ALA A 88 -12.12 1.75 -1.81
C ALA A 88 -12.37 0.66 -2.87
N PRO A 89 -11.43 0.49 -3.82
CA PRO A 89 -11.57 -0.58 -4.80
C PRO A 89 -11.27 -1.96 -4.19
N PRO A 90 -11.66 -3.05 -4.88
CA PRO A 90 -11.35 -4.38 -4.34
C PRO A 90 -9.86 -4.65 -4.19
N LYS A 91 -9.52 -5.64 -3.38
CA LYS A 91 -8.15 -6.11 -3.23
C LYS A 91 -8.02 -7.35 -4.11
N PRO A 92 -6.81 -7.65 -4.62
CA PRO A 92 -6.69 -8.88 -5.40
C PRO A 92 -6.87 -10.12 -4.52
N PRO A 93 -7.18 -11.29 -5.11
CA PRO A 93 -7.42 -12.48 -4.28
C PRO A 93 -6.12 -13.08 -3.72
N LEU A 94 -6.28 -14.11 -2.89
CA LEU A 94 -5.15 -14.81 -2.30
C LEU A 94 -5.34 -16.32 -2.43
N PRO A 95 -4.25 -17.10 -2.39
CA PRO A 95 -4.33 -18.56 -2.48
C PRO A 95 -4.77 -19.23 -1.19
N GLU A 96 -5.04 -20.52 -1.28
CA GLU A 96 -5.51 -21.32 -0.15
C GLU A 96 -4.39 -22.25 0.35
N GLY A 97 -3.20 -21.72 0.50
CA GLY A 97 -2.06 -22.51 0.96
C GLY A 97 -0.93 -21.63 1.44
N GLU A 98 -0.22 -22.08 2.47
CA GLU A 98 0.85 -21.28 3.09
C GLU A 98 2.09 -22.13 3.42
N VAL A 99 2.33 -23.17 2.62
CA VAL A 99 3.46 -24.10 2.86
C VAL A 99 4.62 -23.88 1.89
N GLY A 1 27.13 -0.25 -0.35
CA GLY A 1 26.43 -0.13 -1.68
C GLY A 1 25.45 -1.24 -2.00
N SER A 2 25.47 -2.26 -1.14
CA SER A 2 24.56 -3.39 -1.27
C SER A 2 23.19 -2.98 -0.74
N MET A 3 22.14 -3.54 -1.31
CA MET A 3 20.76 -3.19 -0.94
C MET A 3 19.96 -4.46 -0.68
N LYS A 4 18.83 -4.31 -0.02
CA LYS A 4 17.88 -5.41 0.18
C LYS A 4 16.53 -4.76 0.00
N TYR A 5 15.68 -5.37 -0.81
CA TYR A 5 14.36 -4.85 -1.15
C TYR A 5 14.40 -3.46 -1.82
N LEU A 6 13.24 -2.99 -2.26
CA LEU A 6 13.13 -1.74 -3.03
C LEU A 6 13.27 -0.50 -2.15
N ASN A 7 12.81 -0.62 -0.91
CA ASN A 7 12.87 0.46 0.10
C ASN A 7 12.26 1.81 -0.36
N VAL A 8 11.09 1.79 -0.99
CA VAL A 8 10.46 3.01 -1.49
C VAL A 8 9.29 3.36 -0.57
N LEU A 9 8.90 4.63 -0.56
CA LEU A 9 7.75 5.05 0.25
C LEU A 9 6.48 5.05 -0.60
N ALA A 10 5.36 4.65 -0.01
CA ALA A 10 4.07 4.66 -0.71
C ALA A 10 2.95 5.16 0.20
N LYS A 11 1.98 5.87 -0.37
CA LYS A 11 0.83 6.38 0.37
C LYS A 11 -0.43 5.58 0.07
N ALA A 12 -1.23 5.33 1.10
CA ALA A 12 -2.53 4.70 0.94
C ALA A 12 -3.55 5.68 0.35
N LEU A 13 -4.24 5.28 -0.72
CA LEU A 13 -5.30 6.10 -1.31
C LEU A 13 -6.62 5.81 -0.65
N TYR A 14 -6.71 4.66 -0.02
CA TYR A 14 -7.90 4.20 0.65
C TYR A 14 -7.40 3.50 1.88
N ASP A 15 -8.23 3.28 2.87
CA ASP A 15 -7.81 2.54 4.05
C ASP A 15 -7.90 1.05 3.74
N ASN A 16 -7.29 0.25 4.60
CA ASN A 16 -7.26 -1.19 4.42
C ASN A 16 -7.44 -1.87 5.75
N VAL A 17 -8.24 -2.91 5.76
CA VAL A 17 -8.44 -3.72 6.95
C VAL A 17 -7.79 -5.03 6.60
N ALA A 18 -6.87 -5.46 7.44
CA ALA A 18 -6.14 -6.68 7.22
C ALA A 18 -7.05 -7.86 7.57
N GLU A 19 -7.33 -8.68 6.59
CA GLU A 19 -8.23 -9.83 6.75
C GLU A 19 -7.40 -11.10 6.81
N SER A 20 -6.22 -11.04 6.22
CA SER A 20 -5.28 -12.15 6.25
C SER A 20 -4.21 -11.86 7.29
N PRO A 21 -3.62 -12.90 7.89
CA PRO A 21 -2.60 -12.67 8.91
C PRO A 21 -1.29 -12.10 8.35
N ASP A 22 -1.14 -12.13 7.03
CA ASP A 22 0.04 -11.59 6.37
C ASP A 22 -0.20 -10.15 5.97
N GLU A 23 -1.44 -9.70 6.06
CA GLU A 23 -1.80 -8.40 5.52
C GLU A 23 -1.61 -7.26 6.52
N LEU A 24 -1.35 -6.08 6.00
CA LEU A 24 -1.26 -4.87 6.82
C LEU A 24 -2.56 -4.09 6.81
N SER A 25 -2.86 -3.49 7.95
CA SER A 25 -4.00 -2.61 8.07
C SER A 25 -3.45 -1.21 8.23
N PHE A 26 -4.05 -0.27 7.54
CA PHE A 26 -3.66 1.14 7.59
C PHE A 26 -4.82 2.02 7.18
N ARG A 27 -4.69 3.32 7.38
CA ARG A 27 -5.74 4.28 7.05
C ARG A 27 -5.37 5.02 5.78
N LYS A 28 -6.36 5.57 5.09
CA LYS A 28 -6.11 6.40 3.91
C LYS A 28 -5.17 7.52 4.31
N GLY A 29 -4.11 7.70 3.55
CA GLY A 29 -3.13 8.74 3.83
C GLY A 29 -1.89 8.25 4.54
N ASP A 30 -1.88 6.99 5.01
CA ASP A 30 -0.72 6.43 5.70
C ASP A 30 0.43 6.26 4.75
N ILE A 31 1.63 6.15 5.31
CA ILE A 31 2.84 5.92 4.53
C ILE A 31 3.50 4.64 5.01
N MET A 32 3.78 3.74 4.08
CA MET A 32 4.48 2.50 4.41
C MET A 32 5.68 2.38 3.50
N THR A 33 6.63 1.58 3.95
CA THR A 33 7.84 1.31 3.19
C THR A 33 7.62 0.07 2.34
N VAL A 34 7.61 0.22 1.03
CA VAL A 34 7.42 -0.91 0.12
C VAL A 34 8.74 -1.64 0.00
N LEU A 35 8.68 -2.92 0.28
CA LEU A 35 9.86 -3.77 0.25
C LEU A 35 9.90 -4.47 -1.10
N GLU A 36 8.79 -5.03 -1.53
CA GLU A 36 8.73 -5.60 -2.88
C GLU A 36 7.31 -5.59 -3.41
N ARG A 37 7.13 -5.96 -4.67
CA ARG A 37 5.82 -6.03 -5.27
C ARG A 37 5.68 -7.43 -5.79
N ASP A 38 4.44 -7.90 -5.89
CA ASP A 38 4.11 -9.21 -6.44
C ASP A 38 4.85 -10.27 -5.61
N THR A 39 4.92 -9.96 -4.32
CA THR A 39 5.66 -10.74 -3.33
C THR A 39 5.06 -12.12 -3.17
N GLN A 40 5.91 -13.11 -2.95
CA GLN A 40 5.50 -14.52 -2.80
C GLN A 40 4.73 -15.05 -4.02
N GLY A 41 4.83 -14.34 -5.15
CA GLY A 41 4.11 -14.72 -6.35
C GLY A 41 2.66 -14.27 -6.30
N LEU A 42 2.34 -13.41 -5.34
CA LEU A 42 0.99 -12.91 -5.17
C LEU A 42 0.84 -11.65 -6.00
N ASP A 43 0.39 -11.80 -7.23
CA ASP A 43 0.27 -10.67 -8.15
C ASP A 43 -0.62 -9.58 -7.55
N GLY A 44 -0.10 -8.35 -7.57
CA GLY A 44 -0.85 -7.22 -7.05
C GLY A 44 -0.66 -6.98 -5.56
N TRP A 45 -0.14 -7.95 -4.82
CA TRP A 45 0.14 -7.77 -3.42
C TRP A 45 1.54 -7.20 -3.30
N TRP A 46 1.70 -6.13 -2.54
CA TRP A 46 3.00 -5.48 -2.38
C TRP A 46 3.42 -5.64 -0.93
N LEU A 47 4.61 -6.18 -0.71
CA LEU A 47 5.13 -6.37 0.63
C LEU A 47 5.57 -5.03 1.13
N CYS A 48 5.04 -4.60 2.27
CA CYS A 48 5.40 -3.33 2.84
C CYS A 48 5.64 -3.47 4.34
N SER A 49 6.16 -2.41 4.93
CA SER A 49 6.39 -2.35 6.35
C SER A 49 5.77 -1.06 6.88
N LEU A 50 4.96 -1.20 7.91
CA LEU A 50 4.23 -0.08 8.51
C LEU A 50 4.23 -0.28 10.01
N HIS A 51 4.66 0.73 10.76
CA HIS A 51 4.76 0.66 12.22
C HIS A 51 5.58 -0.54 12.72
N GLY A 52 6.58 -0.94 11.94
CA GLY A 52 7.44 -2.05 12.33
C GLY A 52 6.81 -3.41 12.12
N ARG A 53 5.67 -3.46 11.45
CA ARG A 53 4.99 -4.71 11.14
C ARG A 53 5.15 -4.85 9.65
N GLN A 54 5.46 -6.04 9.21
CA GLN A 54 5.63 -6.30 7.78
C GLN A 54 4.45 -7.09 7.29
N GLY A 55 4.07 -6.89 6.04
CA GLY A 55 2.98 -7.64 5.48
C GLY A 55 2.60 -7.22 4.08
N ILE A 56 1.74 -8.00 3.44
CA ILE A 56 1.29 -7.71 2.08
C ILE A 56 0.20 -6.64 2.12
N VAL A 57 0.09 -5.93 1.01
CA VAL A 57 -0.86 -4.82 0.86
C VAL A 57 -1.43 -4.88 -0.55
N PRO A 58 -2.74 -4.61 -0.71
CA PRO A 58 -3.25 -4.54 -2.08
C PRO A 58 -2.73 -3.29 -2.79
N GLY A 59 -1.88 -3.49 -3.80
CA GLY A 59 -1.31 -2.38 -4.54
C GLY A 59 -2.36 -1.54 -5.23
N ASN A 60 -3.53 -2.13 -5.42
CA ASN A 60 -4.69 -1.44 -5.99
C ASN A 60 -5.14 -0.23 -5.13
N ARG A 61 -4.74 -0.22 -3.87
CA ARG A 61 -5.09 0.88 -2.95
C ARG A 61 -3.87 1.68 -2.53
N LEU A 62 -2.74 1.45 -3.19
CA LEU A 62 -1.48 2.07 -2.79
C LEU A 62 -0.81 2.84 -3.92
N LYS A 63 -0.20 3.96 -3.57
CA LYS A 63 0.50 4.80 -4.54
C LYS A 63 1.94 5.04 -4.17
N ILE A 64 2.81 4.60 -5.05
CA ILE A 64 4.24 4.77 -4.87
C ILE A 64 4.60 6.26 -4.95
N LEU A 65 5.33 6.74 -3.96
CA LEU A 65 5.76 8.14 -3.89
C LEU A 65 7.23 8.28 -4.18
N VAL A 66 7.82 7.13 -4.44
CA VAL A 66 9.27 6.94 -4.61
C VAL A 66 10.01 7.24 -3.28
N GLY A 67 10.36 8.49 -3.05
CA GLY A 67 11.10 8.87 -1.86
C GLY A 67 12.15 9.86 -2.32
N MET A 68 12.90 10.46 -1.39
CA MET A 68 13.93 11.45 -1.73
C MET A 68 13.34 12.56 -2.62
N TYR A 69 12.13 13.00 -2.26
CA TYR A 69 11.35 13.94 -3.06
C TYR A 69 11.02 15.21 -2.27
N ASP A 70 11.90 16.21 -2.36
CA ASP A 70 11.68 17.51 -1.71
C ASP A 70 10.75 18.39 -2.56
N LYS A 71 9.76 17.74 -3.19
CA LYS A 71 8.88 18.41 -4.14
C LYS A 71 7.97 19.45 -3.47
N LYS A 72 7.79 19.31 -2.17
CA LYS A 72 7.07 20.28 -1.34
C LYS A 72 7.66 20.14 0.06
N PRO A 73 7.75 21.23 0.83
CA PRO A 73 8.35 21.11 2.18
C PRO A 73 7.42 20.54 3.25
N ALA A 74 6.16 20.32 2.92
CA ALA A 74 5.19 19.82 3.90
C ALA A 74 4.24 18.75 3.33
N GLY A 75 3.60 19.04 2.20
CA GLY A 75 2.69 18.08 1.61
C GLY A 75 1.47 18.73 1.00
N SER A 76 0.35 18.01 1.03
CA SER A 76 -0.90 18.48 0.45
C SER A 76 -1.87 19.04 1.49
N GLY A 77 -1.48 19.00 2.75
CA GLY A 77 -2.36 19.42 3.84
C GLY A 77 -2.78 18.21 4.65
N GLY A 78 -3.73 18.38 5.56
CA GLY A 78 -4.16 17.31 6.43
C GLY A 78 -5.27 17.80 7.32
N SER A 79 -5.48 17.14 8.45
CA SER A 79 -6.50 17.53 9.45
C SER A 79 -7.93 17.60 8.91
N GLY A 80 -8.26 16.74 7.97
CA GLY A 80 -9.62 16.68 7.44
C GLY A 80 -10.19 15.28 7.61
N SER A 81 -11.42 15.19 8.09
CA SER A 81 -12.10 13.92 8.30
C SER A 81 -13.59 14.22 8.28
N GLY A 82 -14.41 13.19 8.12
CA GLY A 82 -15.85 13.37 8.04
C GLY A 82 -16.42 12.16 7.35
N LEU A 83 -17.69 12.21 6.98
CA LEU A 83 -18.30 11.13 6.22
C LEU A 83 -17.91 11.38 4.76
N THR A 84 -17.38 10.36 4.11
CA THR A 84 -16.96 10.47 2.71
C THR A 84 -17.46 9.24 1.96
N ASP A 85 -18.22 9.47 0.91
CA ASP A 85 -18.74 8.38 0.08
C ASP A 85 -17.68 8.07 -0.96
N GLU A 86 -16.78 7.18 -0.60
CA GLU A 86 -15.67 6.79 -1.46
C GLU A 86 -15.49 5.27 -1.39
N LEU A 87 -15.75 4.61 -2.50
CA LEU A 87 -15.62 3.15 -2.57
C LEU A 87 -14.20 2.78 -2.98
N ALA A 88 -13.55 1.99 -2.15
CA ALA A 88 -12.19 1.53 -2.43
C ALA A 88 -12.23 0.37 -3.44
N PRO A 89 -11.20 0.25 -4.29
CA PRO A 89 -11.20 -0.87 -5.26
C PRO A 89 -10.94 -2.23 -4.58
N PRO A 90 -11.26 -3.34 -5.26
CA PRO A 90 -11.10 -4.65 -4.61
C PRO A 90 -9.65 -5.10 -4.45
N LYS A 91 -9.45 -6.04 -3.54
CA LYS A 91 -8.14 -6.64 -3.30
C LYS A 91 -7.92 -7.74 -4.35
N PRO A 92 -6.66 -7.96 -4.76
CA PRO A 92 -6.44 -9.17 -5.58
C PRO A 92 -6.64 -10.44 -4.72
N PRO A 93 -6.86 -11.61 -5.34
CA PRO A 93 -7.14 -12.80 -4.53
C PRO A 93 -5.92 -13.38 -3.84
N LEU A 94 -6.14 -14.36 -2.97
CA LEU A 94 -5.08 -15.04 -2.25
C LEU A 94 -5.27 -16.56 -2.28
N PRO A 95 -4.18 -17.32 -2.10
CA PRO A 95 -4.24 -18.79 -2.01
C PRO A 95 -4.71 -19.26 -0.62
N GLU A 96 -4.87 -20.56 -0.47
CA GLU A 96 -5.33 -21.17 0.79
C GLU A 96 -4.21 -21.31 1.84
N GLY A 97 -3.30 -20.34 1.88
CA GLY A 97 -2.21 -20.36 2.83
C GLY A 97 -0.88 -20.67 2.15
N GLU A 98 0.17 -20.76 2.94
CA GLU A 98 1.51 -21.02 2.41
C GLU A 98 2.06 -22.35 2.91
N VAL A 99 2.90 -22.96 2.08
CA VAL A 99 3.52 -24.26 2.37
C VAL A 99 4.73 -24.14 3.32
N GLY A 1 18.50 -0.77 -4.13
CA GLY A 1 19.79 -1.37 -4.61
C GLY A 1 20.83 -1.48 -3.54
N SER A 2 20.37 -1.22 -2.32
CA SER A 2 21.18 -1.27 -1.11
C SER A 2 20.26 -1.68 0.04
N MET A 3 20.83 -2.29 1.06
CA MET A 3 20.09 -2.78 2.26
C MET A 3 19.01 -3.81 1.92
N LYS A 4 19.08 -4.37 0.72
CA LYS A 4 18.10 -5.33 0.16
C LYS A 4 16.76 -4.63 -0.07
N TYR A 5 15.87 -5.28 -0.80
CA TYR A 5 14.53 -4.75 -1.12
C TYR A 5 14.54 -3.40 -1.85
N LEU A 6 13.34 -2.91 -2.19
CA LEU A 6 13.19 -1.67 -2.94
C LEU A 6 13.32 -0.43 -2.04
N ASN A 7 12.77 -0.54 -0.83
CA ASN A 7 12.76 0.56 0.17
C ASN A 7 12.27 1.90 -0.37
N VAL A 8 11.10 1.89 -1.00
CA VAL A 8 10.47 3.11 -1.52
C VAL A 8 9.30 3.40 -0.59
N LEU A 9 8.77 4.61 -0.61
CA LEU A 9 7.61 4.93 0.23
C LEU A 9 6.35 4.89 -0.62
N ALA A 10 5.22 4.54 -0.04
CA ALA A 10 3.95 4.54 -0.76
C ALA A 10 2.85 5.09 0.12
N LYS A 11 1.94 5.88 -0.45
CA LYS A 11 0.81 6.44 0.30
C LYS A 11 -0.45 5.64 0.05
N ALA A 12 -1.19 5.37 1.10
CA ALA A 12 -2.49 4.71 1.01
C ALA A 12 -3.52 5.68 0.45
N LEU A 13 -4.26 5.26 -0.56
CA LEU A 13 -5.36 6.07 -1.09
C LEU A 13 -6.64 5.73 -0.39
N TYR A 14 -6.64 4.60 0.30
CA TYR A 14 -7.82 4.10 0.98
C TYR A 14 -7.45 3.41 2.28
N ASP A 15 -8.43 3.27 3.14
CA ASP A 15 -8.28 2.48 4.36
C ASP A 15 -8.12 1.03 3.94
N ASN A 16 -7.40 0.26 4.73
CA ASN A 16 -7.29 -1.17 4.49
C ASN A 16 -7.41 -1.90 5.81
N VAL A 17 -8.23 -2.92 5.80
CA VAL A 17 -8.40 -3.78 6.96
C VAL A 17 -7.76 -5.08 6.53
N ALA A 18 -6.84 -5.55 7.33
CA ALA A 18 -6.14 -6.78 7.06
C ALA A 18 -7.09 -7.94 7.31
N GLU A 19 -7.40 -8.67 6.25
CA GLU A 19 -8.33 -9.79 6.31
C GLU A 19 -7.52 -11.08 6.28
N SER A 20 -6.36 -11.00 5.65
CA SER A 20 -5.41 -12.10 5.63
C SER A 20 -4.47 -11.91 6.81
N PRO A 21 -3.98 -13.01 7.42
CA PRO A 21 -3.06 -12.86 8.55
C PRO A 21 -1.70 -12.30 8.16
N ASP A 22 -1.42 -12.18 6.87
CA ASP A 22 -0.16 -11.58 6.39
C ASP A 22 -0.35 -10.14 5.97
N GLU A 23 -1.58 -9.73 5.86
CA GLU A 23 -1.91 -8.41 5.35
C GLU A 23 -1.73 -7.32 6.40
N LEU A 24 -1.47 -6.10 5.95
CA LEU A 24 -1.35 -4.95 6.84
C LEU A 24 -2.63 -4.11 6.90
N SER A 25 -2.90 -3.58 8.08
CA SER A 25 -4.01 -2.68 8.29
C SER A 25 -3.44 -1.28 8.39
N PHE A 26 -4.05 -0.37 7.65
CA PHE A 26 -3.66 1.04 7.65
C PHE A 26 -4.80 1.97 7.23
N ARG A 27 -4.58 3.27 7.43
CA ARG A 27 -5.57 4.30 7.13
C ARG A 27 -5.22 5.00 5.82
N LYS A 28 -6.22 5.57 5.17
CA LYS A 28 -6.01 6.41 4.00
C LYS A 28 -5.06 7.54 4.38
N GLY A 29 -4.03 7.72 3.58
CA GLY A 29 -3.03 8.74 3.84
C GLY A 29 -1.78 8.23 4.53
N ASP A 30 -1.78 6.98 4.99
CA ASP A 30 -0.61 6.42 5.67
C ASP A 30 0.53 6.27 4.70
N ILE A 31 1.75 6.24 5.23
CA ILE A 31 2.94 6.01 4.42
C ILE A 31 3.59 4.74 4.90
N MET A 32 3.77 3.79 3.99
CA MET A 32 4.43 2.53 4.32
C MET A 32 5.61 2.34 3.40
N THR A 33 6.58 1.58 3.88
CA THR A 33 7.80 1.31 3.12
C THR A 33 7.60 0.09 2.26
N VAL A 34 7.63 0.23 0.95
CA VAL A 34 7.47 -0.90 0.03
C VAL A 34 8.79 -1.62 -0.09
N LEU A 35 8.76 -2.89 0.24
CA LEU A 35 9.96 -3.71 0.23
C LEU A 35 10.03 -4.46 -1.09
N GLU A 36 8.93 -5.07 -1.50
CA GLU A 36 8.88 -5.68 -2.82
C GLU A 36 7.45 -5.67 -3.34
N ARG A 37 7.26 -6.04 -4.59
CA ARG A 37 5.93 -6.10 -5.18
C ARG A 37 5.78 -7.49 -5.71
N ASP A 38 4.54 -7.95 -5.79
CA ASP A 38 4.20 -9.24 -6.38
C ASP A 38 4.94 -10.34 -5.60
N THR A 39 5.06 -10.05 -4.31
CA THR A 39 5.77 -10.89 -3.34
C THR A 39 5.08 -12.24 -3.22
N GLN A 40 5.87 -13.29 -3.02
CA GLN A 40 5.38 -14.68 -2.89
C GLN A 40 4.62 -15.18 -4.13
N GLY A 41 4.66 -14.40 -5.20
CA GLY A 41 3.92 -14.74 -6.40
C GLY A 41 2.48 -14.25 -6.30
N LEU A 42 2.23 -13.37 -5.34
CA LEU A 42 0.90 -12.82 -5.13
C LEU A 42 0.83 -11.56 -5.96
N ASP A 43 0.46 -11.71 -7.22
CA ASP A 43 0.40 -10.57 -8.13
C ASP A 43 -0.52 -9.50 -7.58
N GLY A 44 -0.03 -8.27 -7.57
CA GLY A 44 -0.80 -7.16 -7.05
C GLY A 44 -0.63 -6.93 -5.56
N TRP A 45 -0.09 -7.88 -4.82
CA TRP A 45 0.18 -7.71 -3.41
C TRP A 45 1.60 -7.20 -3.24
N TRP A 46 1.76 -6.14 -2.47
CA TRP A 46 3.06 -5.51 -2.30
C TRP A 46 3.51 -5.68 -0.85
N LEU A 47 4.69 -6.22 -0.66
CA LEU A 47 5.24 -6.41 0.68
C LEU A 47 5.65 -5.04 1.17
N CYS A 48 5.09 -4.60 2.28
CA CYS A 48 5.44 -3.32 2.86
C CYS A 48 5.61 -3.43 4.35
N SER A 49 6.10 -2.34 4.94
CA SER A 49 6.27 -2.26 6.38
C SER A 49 5.52 -1.03 6.90
N LEU A 50 4.62 -1.25 7.85
CA LEU A 50 3.78 -0.19 8.44
C LEU A 50 3.51 -0.62 9.87
N HIS A 51 3.42 0.33 10.79
CA HIS A 51 3.10 0.05 12.21
C HIS A 51 4.11 -0.91 12.87
N GLY A 52 5.34 -0.92 12.37
CA GLY A 52 6.37 -1.79 12.92
C GLY A 52 6.13 -3.25 12.58
N ARG A 53 5.31 -3.50 11.57
CA ARG A 53 4.92 -4.84 11.17
C ARG A 53 5.15 -4.92 9.67
N GLN A 54 5.50 -6.09 9.17
CA GLN A 54 5.72 -6.30 7.75
C GLN A 54 4.58 -7.16 7.24
N GLY A 55 4.14 -6.93 6.02
CA GLY A 55 3.06 -7.72 5.46
C GLY A 55 2.67 -7.29 4.07
N ILE A 56 1.74 -7.99 3.47
CA ILE A 56 1.30 -7.68 2.10
C ILE A 56 0.20 -6.62 2.12
N VAL A 57 0.10 -5.89 1.02
CA VAL A 57 -0.86 -4.81 0.88
C VAL A 57 -1.39 -4.83 -0.55
N PRO A 58 -2.70 -4.61 -0.75
CA PRO A 58 -3.17 -4.56 -2.14
C PRO A 58 -2.67 -3.29 -2.85
N GLY A 59 -1.91 -3.48 -3.91
CA GLY A 59 -1.36 -2.36 -4.67
C GLY A 59 -2.45 -1.48 -5.25
N ASN A 60 -3.63 -2.06 -5.44
CA ASN A 60 -4.79 -1.33 -5.97
C ASN A 60 -5.29 -0.22 -5.03
N ARG A 61 -4.78 -0.19 -3.79
CA ARG A 61 -5.13 0.86 -2.83
C ARG A 61 -3.90 1.67 -2.43
N LEU A 62 -2.81 1.49 -3.14
CA LEU A 62 -1.55 2.18 -2.85
C LEU A 62 -1.03 3.00 -4.01
N LYS A 63 -0.28 4.03 -3.66
CA LYS A 63 0.40 4.85 -4.66
C LYS A 63 1.86 4.99 -4.29
N ILE A 64 2.72 4.53 -5.18
CA ILE A 64 4.15 4.62 -4.97
C ILE A 64 4.59 6.09 -5.02
N LEU A 65 5.31 6.51 -3.99
CA LEU A 65 5.93 7.82 -3.96
C LEU A 65 7.39 7.53 -4.25
N VAL A 66 7.83 7.89 -5.45
CA VAL A 66 9.17 7.51 -5.91
C VAL A 66 10.25 7.97 -4.93
N GLY A 67 10.96 6.99 -4.36
CA GLY A 67 11.97 7.29 -3.36
C GLY A 67 13.30 7.63 -3.97
N MET A 68 14.27 7.95 -3.12
CA MET A 68 15.66 8.25 -3.51
C MET A 68 15.84 9.49 -4.39
N TYR A 69 14.77 10.25 -4.64
CA TYR A 69 14.89 11.51 -5.36
C TYR A 69 15.18 12.64 -4.37
N ASP A 70 14.23 12.96 -3.51
CA ASP A 70 14.41 13.99 -2.49
C ASP A 70 13.38 13.77 -1.38
N LYS A 71 13.31 14.67 -0.41
CA LYS A 71 12.36 14.54 0.71
C LYS A 71 11.83 15.91 1.20
N LYS A 72 11.67 16.86 0.29
CA LYS A 72 11.15 18.18 0.68
C LYS A 72 9.62 18.08 0.82
N PRO A 73 9.03 18.84 1.75
CA PRO A 73 7.56 18.75 1.80
C PRO A 73 6.90 19.46 0.62
N ALA A 74 5.94 18.79 -0.01
CA ALA A 74 5.22 19.37 -1.15
C ALA A 74 3.86 18.69 -1.28
N GLY A 75 2.84 19.46 -1.63
CA GLY A 75 1.52 18.90 -1.83
C GLY A 75 0.94 18.27 -0.58
N SER A 76 0.29 17.12 -0.76
CA SER A 76 -0.29 16.32 0.33
C SER A 76 -1.31 17.08 1.19
N GLY A 77 -1.99 18.05 0.60
CA GLY A 77 -3.05 18.75 1.31
C GLY A 77 -4.32 17.91 1.32
N GLY A 78 -5.29 18.27 2.15
CA GLY A 78 -6.54 17.55 2.23
C GLY A 78 -7.38 18.19 3.30
N SER A 79 -8.62 17.73 3.47
CA SER A 79 -9.53 18.31 4.47
C SER A 79 -9.61 17.42 5.70
N GLY A 80 -9.44 18.01 6.88
CA GLY A 80 -9.50 17.27 8.13
C GLY A 80 -10.93 17.11 8.65
N SER A 81 -11.85 16.79 7.76
CA SER A 81 -13.26 16.69 8.11
C SER A 81 -13.58 15.56 9.08
N GLY A 82 -12.77 14.52 9.08
CA GLY A 82 -12.97 13.39 9.97
C GLY A 82 -14.03 12.40 9.49
N LEU A 83 -14.73 12.76 8.44
CA LEU A 83 -15.79 11.94 7.88
C LEU A 83 -15.20 10.76 7.10
N THR A 84 -16.00 9.71 6.95
CA THR A 84 -15.62 8.58 6.12
C THR A 84 -16.25 8.80 4.75
N ASP A 85 -15.44 8.79 3.70
CA ASP A 85 -15.92 9.06 2.35
C ASP A 85 -14.95 8.38 1.36
N GLU A 86 -15.35 8.34 0.09
CA GLU A 86 -14.58 7.74 -1.01
C GLU A 86 -14.32 6.23 -0.80
N LEU A 87 -15.29 5.43 -1.22
CA LEU A 87 -15.23 3.98 -1.04
C LEU A 87 -14.07 3.38 -1.83
N ALA A 88 -13.45 2.38 -1.24
CA ALA A 88 -12.25 1.78 -1.79
C ALA A 88 -12.53 0.73 -2.88
N PRO A 89 -11.63 0.61 -3.88
CA PRO A 89 -11.78 -0.47 -4.85
C PRO A 89 -11.42 -1.83 -4.24
N PRO A 90 -11.75 -2.94 -4.92
CA PRO A 90 -11.45 -4.25 -4.32
C PRO A 90 -9.96 -4.60 -4.29
N LYS A 91 -9.62 -5.58 -3.47
CA LYS A 91 -8.25 -6.09 -3.37
C LYS A 91 -8.15 -7.31 -4.29
N PRO A 92 -6.94 -7.64 -4.78
CA PRO A 92 -6.82 -8.86 -5.59
C PRO A 92 -7.02 -10.10 -4.72
N PRO A 93 -7.31 -11.27 -5.34
CA PRO A 93 -7.56 -12.47 -4.53
C PRO A 93 -6.29 -13.05 -3.91
N LEU A 94 -6.47 -14.07 -3.08
CA LEU A 94 -5.38 -14.73 -2.38
C LEU A 94 -5.51 -16.25 -2.47
N PRO A 95 -4.41 -16.99 -2.21
CA PRO A 95 -4.49 -18.46 -2.19
C PRO A 95 -5.24 -18.97 -0.94
N GLU A 96 -5.37 -20.29 -0.85
CA GLU A 96 -6.15 -20.99 0.18
C GLU A 96 -7.65 -20.75 0.00
N GLY A 97 -7.98 -20.11 -1.10
CA GLY A 97 -9.35 -19.87 -1.48
C GLY A 97 -9.93 -18.67 -0.77
N GLU A 98 -11.25 -18.51 -0.87
CA GLU A 98 -11.94 -17.41 -0.20
C GLU A 98 -12.29 -17.86 1.23
N VAL A 99 -11.23 -18.23 1.97
CA VAL A 99 -11.31 -18.76 3.32
C VAL A 99 -10.41 -17.95 4.26
N GLY A 1 20.55 0.35 2.96
CA GLY A 1 19.67 1.35 2.29
C GLY A 1 19.19 0.91 0.92
N SER A 2 20.09 0.14 0.28
CA SER A 2 19.86 -0.39 -1.06
C SER A 2 20.36 -1.84 -1.19
N MET A 3 20.74 -2.45 -0.08
CA MET A 3 21.29 -3.82 -0.10
C MET A 3 20.24 -4.91 -0.07
N LYS A 4 19.07 -4.60 0.45
CA LYS A 4 17.96 -5.55 0.52
C LYS A 4 16.70 -4.77 0.33
N TYR A 5 15.78 -5.31 -0.48
CA TYR A 5 14.49 -4.72 -0.78
C TYR A 5 14.52 -3.32 -1.43
N LEU A 6 13.37 -2.90 -1.93
CA LEU A 6 13.24 -1.64 -2.67
C LEU A 6 13.29 -0.42 -1.73
N ASN A 7 12.62 -0.55 -0.58
CA ASN A 7 12.57 0.49 0.45
C ASN A 7 12.08 1.85 -0.08
N VAL A 8 10.99 1.84 -0.84
CA VAL A 8 10.42 3.07 -1.40
C VAL A 8 9.20 3.43 -0.56
N LEU A 9 8.83 4.70 -0.54
CA LEU A 9 7.67 5.13 0.23
C LEU A 9 6.42 5.09 -0.64
N ALA A 10 5.31 4.65 -0.07
CA ALA A 10 4.04 4.62 -0.79
C ALA A 10 2.92 5.12 0.13
N LYS A 11 1.98 5.85 -0.44
CA LYS A 11 0.84 6.40 0.31
C LYS A 11 -0.44 5.60 0.05
N ALA A 12 -1.17 5.33 1.11
CA ALA A 12 -2.47 4.66 1.01
C ALA A 12 -3.51 5.65 0.47
N LEU A 13 -4.29 5.23 -0.51
CA LEU A 13 -5.37 6.06 -1.05
C LEU A 13 -6.68 5.74 -0.37
N TYR A 14 -6.71 4.61 0.31
CA TYR A 14 -7.92 4.15 0.99
C TYR A 14 -7.52 3.46 2.28
N ASP A 15 -8.47 3.30 3.18
CA ASP A 15 -8.25 2.54 4.40
C ASP A 15 -8.13 1.07 4.02
N ASN A 16 -7.43 0.28 4.83
CA ASN A 16 -7.35 -1.16 4.62
C ASN A 16 -7.44 -1.86 5.95
N VAL A 17 -8.28 -2.89 6.01
CA VAL A 17 -8.39 -3.72 7.19
C VAL A 17 -7.81 -5.04 6.76
N ALA A 18 -6.83 -5.51 7.52
CA ALA A 18 -6.14 -6.74 7.22
C ALA A 18 -7.04 -7.93 7.54
N GLU A 19 -7.24 -8.81 6.57
CA GLU A 19 -8.07 -9.99 6.77
C GLU A 19 -7.16 -11.20 6.94
N SER A 20 -6.01 -11.16 6.27
CA SER A 20 -5.04 -12.23 6.34
C SER A 20 -4.00 -11.91 7.40
N PRO A 21 -3.40 -12.93 8.03
CA PRO A 21 -2.35 -12.66 9.02
C PRO A 21 -1.07 -12.11 8.38
N ASP A 22 -1.00 -12.19 7.06
CA ASP A 22 0.13 -11.68 6.32
C ASP A 22 -0.13 -10.25 5.85
N GLU A 23 -1.33 -9.74 6.06
CA GLU A 23 -1.71 -8.44 5.50
C GLU A 23 -1.56 -7.30 6.51
N LEU A 24 -1.31 -6.08 6.02
CA LEU A 24 -1.24 -4.89 6.87
C LEU A 24 -2.54 -4.11 6.89
N SER A 25 -2.85 -3.54 8.04
CA SER A 25 -3.99 -2.67 8.21
C SER A 25 -3.46 -1.25 8.35
N PHE A 26 -4.10 -0.32 7.67
CA PHE A 26 -3.69 1.09 7.70
C PHE A 26 -4.81 2.02 7.28
N ARG A 27 -4.58 3.32 7.42
CA ARG A 27 -5.54 4.37 7.12
C ARG A 27 -5.19 5.04 5.79
N LYS A 28 -6.19 5.61 5.14
CA LYS A 28 -5.97 6.46 3.97
C LYS A 28 -5.01 7.57 4.39
N GLY A 29 -3.98 7.77 3.58
CA GLY A 29 -2.99 8.80 3.84
C GLY A 29 -1.74 8.30 4.53
N ASP A 30 -1.75 7.06 5.02
CA ASP A 30 -0.57 6.50 5.70
C ASP A 30 0.54 6.29 4.70
N ILE A 31 1.76 6.28 5.21
CA ILE A 31 2.93 6.03 4.39
C ILE A 31 3.56 4.73 4.89
N MET A 32 3.80 3.80 3.99
CA MET A 32 4.44 2.55 4.33
C MET A 32 5.63 2.33 3.42
N THR A 33 6.56 1.54 3.90
CA THR A 33 7.79 1.27 3.17
C THR A 33 7.60 0.04 2.30
N VAL A 34 7.60 0.20 0.98
CA VAL A 34 7.43 -0.93 0.07
C VAL A 34 8.75 -1.66 -0.05
N LEU A 35 8.73 -2.92 0.31
CA LEU A 35 9.91 -3.75 0.31
C LEU A 35 10.02 -4.47 -1.01
N GLU A 36 8.93 -5.04 -1.48
CA GLU A 36 8.89 -5.65 -2.81
C GLU A 36 7.46 -5.61 -3.31
N ARG A 37 7.25 -5.98 -4.57
CA ARG A 37 5.92 -6.02 -5.15
C ARG A 37 5.79 -7.38 -5.78
N ASP A 38 4.56 -7.89 -5.84
CA ASP A 38 4.25 -9.19 -6.42
C ASP A 38 4.98 -10.26 -5.60
N THR A 39 5.03 -9.98 -4.31
CA THR A 39 5.73 -10.79 -3.31
C THR A 39 5.09 -12.15 -3.17
N GLN A 40 5.92 -13.17 -2.91
CA GLN A 40 5.49 -14.57 -2.76
C GLN A 40 4.83 -15.12 -4.03
N GLY A 41 4.86 -14.34 -5.10
CA GLY A 41 4.19 -14.73 -6.34
C GLY A 41 2.74 -14.28 -6.33
N LEU A 42 2.38 -13.46 -5.35
CA LEU A 42 1.04 -12.94 -5.23
C LEU A 42 0.95 -11.66 -6.01
N ASP A 43 0.45 -11.76 -7.23
CA ASP A 43 0.39 -10.61 -8.11
C ASP A 43 -0.53 -9.55 -7.55
N GLY A 44 -0.10 -8.30 -7.65
CA GLY A 44 -0.88 -7.19 -7.13
C GLY A 44 -0.69 -6.97 -5.64
N TRP A 45 -0.12 -7.93 -4.92
CA TRP A 45 0.15 -7.77 -3.51
C TRP A 45 1.56 -7.22 -3.33
N TRP A 46 1.69 -6.16 -2.53
CA TRP A 46 2.99 -5.51 -2.33
C TRP A 46 3.42 -5.69 -0.89
N LEU A 47 4.61 -6.23 -0.68
CA LEU A 47 5.14 -6.40 0.67
C LEU A 47 5.57 -5.04 1.16
N CYS A 48 5.01 -4.59 2.25
CA CYS A 48 5.36 -3.31 2.82
C CYS A 48 5.57 -3.44 4.31
N SER A 49 6.07 -2.37 4.91
CA SER A 49 6.28 -2.32 6.35
C SER A 49 5.66 -1.04 6.90
N LEU A 50 4.90 -1.19 7.97
CA LEU A 50 4.18 -0.08 8.59
C LEU A 50 4.09 -0.40 10.08
N HIS A 51 4.35 0.59 10.93
CA HIS A 51 4.29 0.44 12.41
C HIS A 51 5.20 -0.69 12.92
N GLY A 52 6.31 -0.94 12.23
CA GLY A 52 7.23 -1.99 12.64
C GLY A 52 6.72 -3.40 12.35
N ARG A 53 5.69 -3.49 11.52
CA ARG A 53 5.08 -4.75 11.14
C ARG A 53 5.22 -4.87 9.64
N GLN A 54 5.47 -6.07 9.17
CA GLN A 54 5.63 -6.32 7.74
C GLN A 54 4.42 -7.10 7.24
N GLY A 55 4.02 -6.87 6.01
CA GLY A 55 2.93 -7.64 5.44
C GLY A 55 2.57 -7.23 4.02
N ILE A 56 1.71 -8.01 3.38
CA ILE A 56 1.27 -7.71 2.03
C ILE A 56 0.19 -6.64 2.07
N VAL A 57 0.06 -5.90 0.99
CA VAL A 57 -0.90 -4.82 0.87
C VAL A 57 -1.45 -4.85 -0.55
N PRO A 58 -2.76 -4.62 -0.74
CA PRO A 58 -3.22 -4.60 -2.11
C PRO A 58 -2.71 -3.35 -2.86
N GLY A 59 -1.96 -3.57 -3.93
CA GLY A 59 -1.39 -2.46 -4.70
C GLY A 59 -2.46 -1.58 -5.29
N ASN A 60 -3.65 -2.13 -5.48
CA ASN A 60 -4.79 -1.37 -6.00
C ASN A 60 -5.21 -0.20 -5.08
N ARG A 61 -4.73 -0.21 -3.83
CA ARG A 61 -5.07 0.84 -2.87
C ARG A 61 -3.84 1.65 -2.45
N LEU A 62 -2.73 1.43 -3.14
CA LEU A 62 -1.48 2.13 -2.83
C LEU A 62 -0.94 2.95 -3.97
N LYS A 63 -0.17 3.97 -3.64
CA LYS A 63 0.52 4.79 -4.64
C LYS A 63 1.97 4.97 -4.28
N ILE A 64 2.85 4.51 -5.16
CA ILE A 64 4.28 4.68 -4.98
C ILE A 64 4.62 6.16 -5.10
N LEU A 65 5.34 6.71 -4.13
CA LEU A 65 5.70 8.12 -4.13
C LEU A 65 7.14 8.28 -4.63
N VAL A 66 7.34 8.12 -5.93
CA VAL A 66 8.68 8.21 -6.52
C VAL A 66 9.28 9.62 -6.55
N GLY A 67 8.46 10.63 -6.29
CA GLY A 67 8.93 12.02 -6.35
C GLY A 67 9.01 12.59 -7.75
N MET A 68 9.49 11.77 -8.69
CA MET A 68 9.65 12.13 -10.10
C MET A 68 8.38 12.74 -10.73
N TYR A 69 7.22 12.32 -10.25
CA TYR A 69 5.95 12.86 -10.74
C TYR A 69 5.37 13.90 -9.78
N ASP A 70 5.94 15.10 -9.78
CA ASP A 70 5.40 16.20 -8.96
C ASP A 70 4.79 17.28 -9.87
N LYS A 71 3.47 17.24 -10.01
CA LYS A 71 2.74 18.18 -10.88
C LYS A 71 1.44 18.66 -10.24
N LYS A 72 1.18 18.20 -9.01
CA LYS A 72 0.03 18.66 -8.25
C LYS A 72 0.63 18.96 -6.90
N PRO A 73 0.08 19.92 -6.16
CA PRO A 73 0.76 20.24 -4.90
C PRO A 73 0.67 19.08 -3.92
N ALA A 74 1.66 19.00 -3.04
CA ALA A 74 1.78 17.91 -2.05
C ALA A 74 0.77 18.04 -0.88
N GLY A 75 -0.43 18.48 -1.19
CA GLY A 75 -1.48 18.66 -0.18
C GLY A 75 -1.84 20.13 -0.10
N SER A 76 -3.13 20.42 -0.18
CA SER A 76 -3.63 21.79 -0.10
C SER A 76 -5.08 21.68 0.34
N GLY A 77 -5.58 22.70 1.04
CA GLY A 77 -6.97 22.69 1.49
C GLY A 77 -7.19 21.75 2.66
N GLY A 78 -8.46 21.45 2.94
CA GLY A 78 -8.77 20.52 4.02
C GLY A 78 -8.83 19.12 3.46
N SER A 79 -8.55 18.11 4.29
CA SER A 79 -8.54 16.71 3.85
C SER A 79 -9.95 16.21 3.50
N GLY A 80 -10.97 16.86 4.04
CA GLY A 80 -12.34 16.44 3.78
C GLY A 80 -13.30 17.08 4.75
N SER A 81 -14.57 16.70 4.67
CA SER A 81 -15.60 17.20 5.58
C SER A 81 -16.68 16.12 5.63
N GLY A 82 -17.37 16.01 6.75
CA GLY A 82 -18.39 14.99 6.87
C GLY A 82 -17.78 13.60 6.90
N LEU A 83 -18.51 12.61 6.41
CA LEU A 83 -18.04 11.22 6.40
C LEU A 83 -17.19 10.88 5.18
N THR A 84 -17.08 11.84 4.26
CA THR A 84 -16.32 11.68 3.00
C THR A 84 -16.54 10.33 2.30
N ASP A 85 -17.73 10.17 1.74
CA ASP A 85 -18.14 8.94 1.06
C ASP A 85 -17.29 8.62 -0.18
N GLU A 86 -16.30 7.74 -0.01
CA GLU A 86 -15.42 7.34 -1.10
C GLU A 86 -15.12 5.84 -0.96
N LEU A 87 -15.56 5.05 -1.93
CA LEU A 87 -15.41 3.60 -1.88
C LEU A 87 -14.05 3.16 -2.44
N ALA A 88 -13.46 2.18 -1.78
CA ALA A 88 -12.17 1.63 -2.20
C ALA A 88 -12.35 0.55 -3.29
N PRO A 89 -11.38 0.41 -4.21
CA PRO A 89 -11.49 -0.67 -5.19
C PRO A 89 -11.22 -2.02 -4.52
N PRO A 90 -11.60 -3.14 -5.18
CA PRO A 90 -11.32 -4.44 -4.58
C PRO A 90 -9.84 -4.73 -4.36
N LYS A 91 -9.56 -5.69 -3.48
CA LYS A 91 -8.19 -6.19 -3.30
C LYS A 91 -8.09 -7.43 -4.23
N PRO A 92 -6.88 -7.77 -4.71
CA PRO A 92 -6.77 -8.97 -5.53
C PRO A 92 -6.98 -10.25 -4.69
N PRO A 93 -7.23 -11.40 -5.33
CA PRO A 93 -7.46 -12.64 -4.58
C PRO A 93 -6.19 -13.24 -3.98
N LEU A 94 -6.35 -14.35 -3.27
CA LEU A 94 -5.24 -15.06 -2.64
C LEU A 94 -5.35 -16.56 -2.92
N PRO A 95 -4.23 -17.30 -2.84
CA PRO A 95 -4.17 -18.75 -3.11
C PRO A 95 -4.84 -19.62 -2.04
N GLU A 96 -4.67 -20.94 -2.17
CA GLU A 96 -5.27 -21.97 -1.30
C GLU A 96 -6.78 -22.05 -1.49
N GLY A 97 -7.25 -21.33 -2.49
CA GLY A 97 -8.64 -21.37 -2.87
C GLY A 97 -8.90 -22.53 -3.80
N GLU A 98 -9.44 -23.61 -3.25
CA GLU A 98 -9.79 -24.79 -4.04
C GLU A 98 -11.11 -24.56 -4.84
N VAL A 99 -11.05 -23.61 -5.76
CA VAL A 99 -12.18 -23.23 -6.63
C VAL A 99 -12.25 -24.07 -7.93
N GLY A 1 25.74 -2.72 4.16
CA GLY A 1 25.77 -1.84 2.95
C GLY A 1 25.15 -2.43 1.69
N SER A 2 24.54 -3.60 1.87
CA SER A 2 23.89 -4.31 0.77
C SER A 2 22.46 -3.87 0.62
N MET A 3 22.13 -3.34 -0.56
CA MET A 3 20.76 -2.93 -0.86
C MET A 3 19.87 -4.16 -1.02
N LYS A 4 19.07 -4.45 0.00
CA LYS A 4 18.11 -5.55 -0.04
C LYS A 4 16.77 -4.86 -0.02
N TYR A 5 15.83 -5.37 -0.81
CA TYR A 5 14.50 -4.80 -1.01
C TYR A 5 14.52 -3.38 -1.63
N LEU A 6 13.36 -2.96 -2.11
CA LEU A 6 13.22 -1.68 -2.82
C LEU A 6 13.30 -0.49 -1.86
N ASN A 7 12.67 -0.62 -0.70
CA ASN A 7 12.64 0.42 0.35
C ASN A 7 12.17 1.79 -0.16
N VAL A 8 11.02 1.82 -0.81
CA VAL A 8 10.45 3.06 -1.33
C VAL A 8 9.26 3.41 -0.46
N LEU A 9 8.85 4.67 -0.45
CA LEU A 9 7.66 5.06 0.33
C LEU A 9 6.43 5.05 -0.56
N ALA A 10 5.30 4.62 -0.01
CA ALA A 10 4.04 4.62 -0.74
C ALA A 10 2.92 5.13 0.16
N LYS A 11 1.96 5.86 -0.42
CA LYS A 11 0.83 6.40 0.34
C LYS A 11 -0.44 5.62 0.06
N ALA A 12 -1.20 5.36 1.11
CA ALA A 12 -2.49 4.70 0.99
C ALA A 12 -3.51 5.68 0.39
N LEU A 13 -4.21 5.27 -0.67
CA LEU A 13 -5.27 6.10 -1.23
C LEU A 13 -6.56 5.82 -0.51
N TYR A 14 -6.61 4.68 0.15
CA TYR A 14 -7.83 4.21 0.82
C TYR A 14 -7.47 3.52 2.11
N ASP A 15 -8.47 3.31 2.95
CA ASP A 15 -8.33 2.48 4.15
C ASP A 15 -8.14 1.03 3.74
N ASN A 16 -7.64 0.24 4.67
CA ASN A 16 -7.44 -1.18 4.44
C ASN A 16 -7.50 -1.91 5.76
N VAL A 17 -8.60 -2.59 6.00
CA VAL A 17 -8.76 -3.42 7.15
C VAL A 17 -8.16 -4.74 6.71
N ALA A 18 -7.18 -5.19 7.47
CA ALA A 18 -6.50 -6.44 7.18
C ALA A 18 -7.43 -7.60 7.51
N GLU A 19 -7.54 -8.53 6.57
CA GLU A 19 -8.41 -9.68 6.73
C GLU A 19 -7.59 -10.97 6.68
N SER A 20 -6.44 -10.88 6.04
CA SER A 20 -5.49 -11.99 6.00
C SER A 20 -4.48 -11.73 7.12
N PRO A 21 -3.96 -12.79 7.77
CA PRO A 21 -2.99 -12.59 8.85
C PRO A 21 -1.66 -12.01 8.39
N ASP A 22 -1.43 -12.01 7.08
CA ASP A 22 -0.21 -11.51 6.48
C ASP A 22 -0.42 -10.11 5.94
N GLU A 23 -1.63 -9.60 6.02
CA GLU A 23 -1.97 -8.29 5.45
C GLU A 23 -1.80 -7.17 6.47
N LEU A 24 -1.38 -6.00 6.00
CA LEU A 24 -1.26 -4.83 6.87
C LEU A 24 -2.55 -4.03 6.91
N SER A 25 -2.83 -3.49 8.07
CA SER A 25 -4.02 -2.68 8.28
C SER A 25 -3.59 -1.22 8.43
N PHE A 26 -4.17 -0.36 7.61
CA PHE A 26 -3.83 1.06 7.61
C PHE A 26 -4.97 1.96 7.16
N ARG A 27 -4.78 3.26 7.38
CA ARG A 27 -5.76 4.29 7.07
C ARG A 27 -5.37 4.98 5.77
N LYS A 28 -6.35 5.56 5.10
CA LYS A 28 -6.10 6.40 3.92
C LYS A 28 -5.14 7.51 4.33
N GLY A 29 -4.10 7.69 3.54
CA GLY A 29 -3.11 8.74 3.79
C GLY A 29 -1.86 8.24 4.48
N ASP A 30 -1.88 7.02 5.00
CA ASP A 30 -0.73 6.47 5.71
C ASP A 30 0.42 6.20 4.77
N ILE A 31 1.63 6.15 5.30
CA ILE A 31 2.83 5.88 4.51
C ILE A 31 3.45 4.59 4.99
N MET A 32 3.72 3.69 4.05
CA MET A 32 4.41 2.44 4.36
C MET A 32 5.59 2.28 3.43
N THR A 33 6.56 1.53 3.90
CA THR A 33 7.79 1.28 3.15
C THR A 33 7.61 0.04 2.29
N VAL A 34 7.59 0.20 0.98
CA VAL A 34 7.43 -0.93 0.06
C VAL A 34 8.77 -1.63 -0.07
N LEU A 35 8.78 -2.91 0.26
CA LEU A 35 9.97 -3.71 0.23
C LEU A 35 10.05 -4.45 -1.10
N GLU A 36 8.93 -5.00 -1.54
CA GLU A 36 8.87 -5.59 -2.87
C GLU A 36 7.44 -5.57 -3.35
N ARG A 37 7.22 -5.92 -4.60
CA ARG A 37 5.88 -5.98 -5.17
C ARG A 37 5.71 -7.37 -5.69
N ASP A 38 4.47 -7.82 -5.76
CA ASP A 38 4.12 -9.10 -6.36
C ASP A 38 4.89 -10.20 -5.61
N THR A 39 5.00 -9.96 -4.31
CA THR A 39 5.76 -10.79 -3.39
C THR A 39 5.13 -12.16 -3.27
N GLN A 40 5.97 -13.19 -3.09
CA GLN A 40 5.53 -14.59 -2.99
C GLN A 40 4.78 -15.09 -4.24
N GLY A 41 4.82 -14.29 -5.29
CA GLY A 41 4.08 -14.60 -6.51
C GLY A 41 2.62 -14.18 -6.39
N LEU A 42 2.32 -13.36 -5.40
CA LEU A 42 0.98 -12.87 -5.18
C LEU A 42 0.83 -11.60 -6.00
N ASP A 43 0.41 -11.76 -7.24
CA ASP A 43 0.27 -10.63 -8.15
C ASP A 43 -0.61 -9.54 -7.55
N GLY A 44 -0.11 -8.32 -7.54
CA GLY A 44 -0.88 -7.21 -7.01
C GLY A 44 -0.69 -6.98 -5.52
N TRP A 45 -0.14 -7.94 -4.79
CA TRP A 45 0.12 -7.77 -3.38
C TRP A 45 1.54 -7.21 -3.23
N TRP A 46 1.69 -6.15 -2.46
CA TRP A 46 3.00 -5.52 -2.29
C TRP A 46 3.45 -5.71 -0.85
N LEU A 47 4.67 -6.21 -0.68
CA LEU A 47 5.23 -6.40 0.64
C LEU A 47 5.64 -5.05 1.14
N CYS A 48 5.06 -4.60 2.24
CA CYS A 48 5.42 -3.32 2.81
C CYS A 48 5.65 -3.47 4.29
N SER A 49 6.17 -2.42 4.89
CA SER A 49 6.39 -2.36 6.31
C SER A 49 5.74 -1.09 6.84
N LEU A 50 4.93 -1.23 7.87
CA LEU A 50 4.17 -0.13 8.46
C LEU A 50 4.15 -0.38 9.96
N HIS A 51 4.44 0.66 10.75
CA HIS A 51 4.50 0.56 12.21
C HIS A 51 5.48 -0.52 12.68
N GLY A 52 6.49 -0.81 11.88
CA GLY A 52 7.46 -1.84 12.23
C GLY A 52 6.98 -3.27 11.98
N ARG A 53 5.82 -3.43 11.36
CA ARG A 53 5.25 -4.74 11.06
C ARG A 53 5.32 -4.87 9.55
N GLN A 54 5.71 -6.03 9.08
CA GLN A 54 5.78 -6.30 7.66
C GLN A 54 4.57 -7.12 7.24
N GLY A 55 4.10 -6.92 6.02
CA GLY A 55 2.97 -7.68 5.52
C GLY A 55 2.61 -7.26 4.11
N ILE A 56 1.68 -7.97 3.49
CA ILE A 56 1.25 -7.67 2.13
C ILE A 56 0.16 -6.60 2.14
N VAL A 57 0.05 -5.87 1.04
CA VAL A 57 -0.92 -4.80 0.89
C VAL A 57 -1.45 -4.83 -0.54
N PRO A 58 -2.76 -4.61 -0.74
CA PRO A 58 -3.24 -4.56 -2.12
C PRO A 58 -2.71 -3.31 -2.84
N GLY A 59 -1.95 -3.52 -3.90
CA GLY A 59 -1.38 -2.41 -4.66
C GLY A 59 -2.44 -1.52 -5.27
N ASN A 60 -3.64 -2.08 -5.41
CA ASN A 60 -4.80 -1.35 -5.92
C ASN A 60 -5.20 -0.17 -5.02
N ARG A 61 -4.72 -0.18 -3.77
CA ARG A 61 -5.04 0.89 -2.81
C ARG A 61 -3.79 1.68 -2.42
N LEU A 62 -2.69 1.47 -3.14
CA LEU A 62 -1.44 2.15 -2.85
C LEU A 62 -0.90 2.95 -4.01
N LYS A 63 -0.17 4.00 -3.67
CA LYS A 63 0.52 4.82 -4.66
C LYS A 63 1.97 4.99 -4.28
N ILE A 64 2.84 4.54 -5.15
CA ILE A 64 4.28 4.68 -4.95
C ILE A 64 4.64 6.16 -5.05
N LEU A 65 5.32 6.68 -4.05
CA LEU A 65 5.70 8.08 -4.02
C LEU A 65 7.10 8.29 -4.58
N VAL A 66 7.25 8.10 -5.88
CA VAL A 66 8.53 8.33 -6.55
C VAL A 66 8.86 9.83 -6.45
N GLY A 67 7.82 10.66 -6.48
CA GLY A 67 7.98 12.10 -6.36
C GLY A 67 8.45 12.78 -7.62
N MET A 68 8.73 11.99 -8.65
CA MET A 68 9.26 12.51 -9.92
C MET A 68 8.53 11.89 -11.11
N TYR A 69 7.31 12.35 -11.36
CA TYR A 69 6.54 11.91 -12.51
C TYR A 69 5.45 12.93 -12.75
N ASP A 70 5.11 13.14 -14.00
CA ASP A 70 4.04 14.10 -14.36
C ASP A 70 3.58 13.83 -15.78
N LYS A 71 4.54 13.83 -16.70
CA LYS A 71 4.31 13.52 -18.13
C LYS A 71 3.26 14.42 -18.78
N LYS A 72 3.27 15.70 -18.43
CA LYS A 72 2.36 16.69 -19.02
C LYS A 72 3.21 17.62 -19.89
N PRO A 73 2.66 18.12 -21.01
CA PRO A 73 3.52 18.98 -21.81
C PRO A 73 3.77 20.35 -21.17
N ALA A 74 5.05 20.67 -20.99
CA ALA A 74 5.48 21.96 -20.41
C ALA A 74 4.77 22.34 -19.10
N GLY A 75 4.43 21.36 -18.27
CA GLY A 75 3.74 21.66 -17.03
C GLY A 75 3.73 20.49 -16.07
N SER A 76 3.17 20.73 -14.89
CA SER A 76 3.11 19.73 -13.83
C SER A 76 1.79 19.94 -13.11
N GLY A 77 1.32 18.97 -12.34
CA GLY A 77 0.08 19.15 -11.62
C GLY A 77 -0.33 18.00 -10.72
N GLY A 78 -1.10 18.33 -9.69
CA GLY A 78 -1.60 17.33 -8.75
C GLY A 78 -3.07 17.04 -9.03
N SER A 79 -3.79 16.60 -8.01
CA SER A 79 -5.23 16.33 -8.14
C SER A 79 -5.95 16.92 -6.94
N GLY A 80 -7.23 17.24 -7.12
CA GLY A 80 -8.03 17.77 -6.03
C GLY A 80 -8.77 16.66 -5.31
N SER A 81 -9.74 17.03 -4.49
CA SER A 81 -10.57 16.07 -3.77
C SER A 81 -11.94 16.71 -3.59
N GLY A 82 -12.96 15.92 -3.34
CA GLY A 82 -14.30 16.44 -3.14
C GLY A 82 -15.13 15.32 -2.55
N LEU A 83 -16.36 15.64 -2.13
CA LEU A 83 -17.28 14.70 -1.46
C LEU A 83 -16.68 14.14 -0.15
N THR A 84 -17.47 13.34 0.56
CA THR A 84 -17.01 12.69 1.79
C THR A 84 -17.17 11.18 1.64
N ASP A 85 -17.89 10.79 0.61
CA ASP A 85 -18.15 9.40 0.31
C ASP A 85 -17.18 8.98 -0.78
N GLU A 86 -16.31 8.03 -0.47
CA GLU A 86 -15.31 7.55 -1.40
C GLU A 86 -15.15 6.08 -1.10
N LEU A 87 -15.27 5.24 -2.12
CA LEU A 87 -15.22 3.80 -1.96
C LEU A 87 -13.91 3.23 -2.48
N ALA A 88 -13.39 2.24 -1.78
CA ALA A 88 -12.11 1.64 -2.13
C ALA A 88 -12.28 0.50 -3.16
N PRO A 89 -11.30 0.32 -4.06
CA PRO A 89 -11.39 -0.79 -5.02
C PRO A 89 -11.10 -2.16 -4.38
N PRO A 90 -11.44 -3.26 -5.06
CA PRO A 90 -11.24 -4.58 -4.45
C PRO A 90 -9.78 -5.03 -4.34
N LYS A 91 -9.55 -5.99 -3.46
CA LYS A 91 -8.23 -6.58 -3.23
C LYS A 91 -8.00 -7.68 -4.27
N PRO A 92 -6.74 -7.92 -4.68
CA PRO A 92 -6.50 -9.11 -5.51
C PRO A 92 -6.68 -10.39 -4.66
N PRO A 93 -6.85 -11.55 -5.31
CA PRO A 93 -7.12 -12.78 -4.53
C PRO A 93 -5.89 -13.34 -3.84
N LEU A 94 -6.11 -14.35 -2.99
CA LEU A 94 -5.04 -15.04 -2.28
C LEU A 94 -5.23 -16.56 -2.36
N PRO A 95 -4.13 -17.34 -2.26
CA PRO A 95 -4.17 -18.80 -2.25
C PRO A 95 -4.51 -19.41 -0.89
N GLU A 96 -4.69 -20.72 -0.86
CA GLU A 96 -4.92 -21.47 0.38
C GLU A 96 -3.57 -21.87 1.02
N GLY A 97 -2.74 -20.87 1.30
CA GLY A 97 -1.45 -21.13 1.94
C GLY A 97 -0.36 -21.62 0.98
N GLU A 98 0.68 -22.21 1.56
CA GLU A 98 1.82 -22.73 0.81
C GLU A 98 1.99 -24.21 1.14
N VAL A 99 2.34 -25.03 0.14
CA VAL A 99 2.57 -26.45 0.32
C VAL A 99 4.04 -26.72 0.67
N GLY A 1 23.33 1.15 3.29
CA GLY A 1 22.57 0.03 3.93
C GLY A 1 21.34 -0.44 3.19
N SER A 2 20.95 0.38 2.21
CA SER A 2 19.78 0.16 1.34
C SER A 2 19.97 -0.93 0.28
N MET A 3 20.79 -1.92 0.60
CA MET A 3 21.09 -3.03 -0.31
C MET A 3 20.06 -4.15 -0.16
N LYS A 4 19.00 -3.89 0.57
CA LYS A 4 17.93 -4.86 0.76
C LYS A 4 16.63 -4.22 0.36
N TYR A 5 15.88 -4.93 -0.48
CA TYR A 5 14.56 -4.55 -0.95
C TYR A 5 14.50 -3.20 -1.69
N LEU A 6 13.34 -2.89 -2.24
CA LEU A 6 13.12 -1.64 -2.98
C LEU A 6 13.22 -0.47 -2.00
N ASN A 7 12.67 -0.67 -0.81
CA ASN A 7 12.70 0.30 0.30
C ASN A 7 12.23 1.71 -0.13
N VAL A 8 11.06 1.77 -0.76
CA VAL A 8 10.49 3.03 -1.24
C VAL A 8 9.32 3.39 -0.33
N LEU A 9 8.86 4.63 -0.37
CA LEU A 9 7.69 5.02 0.40
C LEU A 9 6.45 5.00 -0.49
N ALA A 10 5.31 4.59 0.04
CA ALA A 10 4.07 4.59 -0.72
C ALA A 10 2.93 5.11 0.17
N LYS A 11 2.00 5.85 -0.42
CA LYS A 11 0.85 6.40 0.32
C LYS A 11 -0.42 5.60 0.06
N ALA A 12 -1.17 5.36 1.12
CA ALA A 12 -2.46 4.68 1.02
C ALA A 12 -3.50 5.65 0.43
N LEU A 13 -4.18 5.25 -0.64
CA LEU A 13 -5.24 6.07 -1.21
C LEU A 13 -6.55 5.74 -0.54
N TYR A 14 -6.59 4.60 0.11
CA TYR A 14 -7.78 4.12 0.78
C TYR A 14 -7.30 3.44 2.04
N ASP A 15 -8.18 3.22 2.99
CA ASP A 15 -7.82 2.48 4.19
C ASP A 15 -7.84 0.99 3.86
N ASN A 16 -7.28 0.20 4.74
CA ASN A 16 -7.24 -1.24 4.54
C ASN A 16 -7.40 -1.94 5.88
N VAL A 17 -8.29 -2.90 5.90
CA VAL A 17 -8.51 -3.73 7.07
C VAL A 17 -7.86 -5.04 6.70
N ALA A 18 -6.92 -5.47 7.52
CA ALA A 18 -6.20 -6.69 7.28
C ALA A 18 -7.12 -7.87 7.59
N GLU A 19 -7.38 -8.69 6.58
CA GLU A 19 -8.27 -9.84 6.72
C GLU A 19 -7.44 -11.11 6.84
N SER A 20 -6.22 -11.03 6.30
CA SER A 20 -5.29 -12.14 6.36
C SER A 20 -4.21 -11.80 7.36
N PRO A 21 -3.59 -12.81 7.99
CA PRO A 21 -2.55 -12.52 8.98
C PRO A 21 -1.27 -11.96 8.36
N ASP A 22 -1.14 -12.08 7.06
CA ASP A 22 0.03 -11.59 6.36
C ASP A 22 -0.20 -10.16 5.91
N GLU A 23 -1.41 -9.66 6.06
CA GLU A 23 -1.80 -8.36 5.52
C GLU A 23 -1.63 -7.22 6.53
N LEU A 24 -1.35 -6.02 6.04
CA LEU A 24 -1.24 -4.83 6.90
C LEU A 24 -2.54 -4.03 6.93
N SER A 25 -2.82 -3.47 8.10
CA SER A 25 -3.98 -2.62 8.31
C SER A 25 -3.48 -1.19 8.50
N PHE A 26 -4.08 -0.28 7.74
CA PHE A 26 -3.71 1.14 7.77
C PHE A 26 -4.87 2.01 7.34
N ARG A 27 -4.73 3.32 7.45
CA ARG A 27 -5.79 4.26 7.08
C ARG A 27 -5.39 4.99 5.79
N LYS A 28 -6.35 5.56 5.09
CA LYS A 28 -6.06 6.39 3.92
C LYS A 28 -5.12 7.51 4.33
N GLY A 29 -4.09 7.72 3.54
CA GLY A 29 -3.12 8.77 3.80
C GLY A 29 -1.88 8.29 4.51
N ASP A 30 -1.87 7.04 4.97
CA ASP A 30 -0.72 6.49 5.69
C ASP A 30 0.44 6.29 4.75
N ILE A 31 1.63 6.16 5.30
CA ILE A 31 2.84 5.92 4.51
C ILE A 31 3.47 4.62 4.98
N MET A 32 3.70 3.70 4.06
CA MET A 32 4.37 2.46 4.36
C MET A 32 5.55 2.28 3.43
N THR A 33 6.53 1.53 3.90
CA THR A 33 7.74 1.27 3.14
C THR A 33 7.54 0.05 2.26
N VAL A 34 7.52 0.21 0.95
CA VAL A 34 7.36 -0.93 0.04
C VAL A 34 8.70 -1.61 -0.10
N LEU A 35 8.72 -2.88 0.25
CA LEU A 35 9.92 -3.67 0.22
C LEU A 35 10.00 -4.40 -1.11
N GLU A 36 8.91 -4.98 -1.54
CA GLU A 36 8.85 -5.57 -2.87
C GLU A 36 7.41 -5.56 -3.35
N ARG A 37 7.20 -5.89 -4.61
CA ARG A 37 5.86 -5.95 -5.18
C ARG A 37 5.72 -7.33 -5.75
N ASP A 38 4.48 -7.80 -5.81
CA ASP A 38 4.13 -9.10 -6.42
C ASP A 38 4.89 -10.19 -5.65
N THR A 39 5.00 -9.93 -4.35
CA THR A 39 5.75 -10.76 -3.41
C THR A 39 5.13 -12.14 -3.26
N GLN A 40 5.97 -13.14 -3.03
CA GLN A 40 5.55 -14.55 -2.87
C GLN A 40 4.78 -15.09 -4.07
N GLY A 41 4.84 -14.38 -5.19
CA GLY A 41 4.10 -14.78 -6.38
C GLY A 41 2.66 -14.31 -6.31
N LEU A 42 2.36 -13.46 -5.35
CA LEU A 42 1.03 -12.93 -5.16
C LEU A 42 0.95 -11.66 -5.97
N ASP A 43 0.60 -11.79 -7.23
CA ASP A 43 0.56 -10.62 -8.10
C ASP A 43 -0.42 -9.60 -7.54
N GLY A 44 -0.02 -8.35 -7.59
CA GLY A 44 -0.87 -7.29 -7.09
C GLY A 44 -0.70 -7.04 -5.60
N TRP A 45 -0.12 -7.98 -4.85
CA TRP A 45 0.12 -7.80 -3.44
C TRP A 45 1.53 -7.25 -3.27
N TRP A 46 1.67 -6.18 -2.50
CA TRP A 46 2.97 -5.53 -2.32
C TRP A 46 3.42 -5.71 -0.89
N LEU A 47 4.63 -6.21 -0.69
CA LEU A 47 5.19 -6.39 0.64
C LEU A 47 5.59 -5.03 1.14
N CYS A 48 5.03 -4.60 2.24
CA CYS A 48 5.37 -3.32 2.81
C CYS A 48 5.60 -3.46 4.30
N SER A 49 6.10 -2.39 4.89
CA SER A 49 6.33 -2.33 6.32
C SER A 49 5.69 -1.06 6.85
N LEU A 50 4.87 -1.20 7.89
CA LEU A 50 4.17 -0.09 8.51
C LEU A 50 4.18 -0.34 10.01
N HIS A 51 4.53 0.68 10.80
CA HIS A 51 4.62 0.58 12.26
C HIS A 51 5.57 -0.53 12.70
N GLY A 52 6.58 -0.82 11.88
CA GLY A 52 7.54 -1.88 12.21
C GLY A 52 7.02 -3.29 11.97
N ARG A 53 5.84 -3.40 11.38
CA ARG A 53 5.22 -4.69 11.08
C ARG A 53 5.28 -4.84 9.59
N GLN A 54 5.64 -6.01 9.12
CA GLN A 54 5.74 -6.28 7.69
C GLN A 54 4.51 -7.07 7.24
N GLY A 55 4.09 -6.87 6.01
CA GLY A 55 2.96 -7.63 5.49
C GLY A 55 2.60 -7.20 4.08
N ILE A 56 1.71 -7.95 3.46
CA ILE A 56 1.27 -7.65 2.09
C ILE A 56 0.16 -6.60 2.11
N VAL A 57 0.04 -5.88 1.01
CA VAL A 57 -0.95 -4.81 0.87
C VAL A 57 -1.48 -4.84 -0.56
N PRO A 58 -2.79 -4.61 -0.77
CA PRO A 58 -3.26 -4.58 -2.15
C PRO A 58 -2.75 -3.35 -2.90
N GLY A 59 -2.02 -3.57 -3.98
CA GLY A 59 -1.43 -2.49 -4.74
C GLY A 59 -2.44 -1.51 -5.31
N ASN A 60 -3.66 -1.98 -5.53
CA ASN A 60 -4.74 -1.13 -6.05
C ASN A 60 -5.12 0.00 -5.08
N ARG A 61 -4.68 -0.10 -3.82
CA ARG A 61 -4.99 0.92 -2.81
C ARG A 61 -3.74 1.70 -2.42
N LEU A 62 -2.64 1.49 -3.13
CA LEU A 62 -1.38 2.17 -2.83
C LEU A 62 -0.83 2.97 -3.98
N LYS A 63 -0.09 4.01 -3.63
CA LYS A 63 0.62 4.82 -4.62
C LYS A 63 2.06 4.96 -4.24
N ILE A 64 2.93 4.48 -5.12
CA ILE A 64 4.37 4.58 -4.90
C ILE A 64 4.78 6.05 -5.02
N LEU A 65 5.49 6.54 -4.03
CA LEU A 65 5.95 7.92 -4.03
C LEU A 65 7.43 7.98 -4.45
N VAL A 66 7.67 8.02 -5.75
CA VAL A 66 9.04 8.05 -6.28
C VAL A 66 9.61 9.46 -6.17
N GLY A 67 10.53 9.66 -5.23
CA GLY A 67 11.14 10.96 -5.01
C GLY A 67 12.64 10.96 -5.20
N MET A 68 13.12 10.39 -6.30
CA MET A 68 14.56 10.29 -6.57
C MET A 68 14.95 10.76 -7.97
N TYR A 69 14.07 11.52 -8.61
CA TYR A 69 14.33 11.97 -9.99
C TYR A 69 14.09 13.46 -10.17
N ASP A 70 15.16 14.23 -10.05
CA ASP A 70 15.13 15.69 -10.22
C ASP A 70 14.92 16.11 -11.68
N LYS A 71 14.67 15.15 -12.54
CA LYS A 71 14.52 15.38 -13.98
C LYS A 71 13.33 16.28 -14.33
N LYS A 72 12.40 16.45 -13.40
CA LYS A 72 11.27 17.36 -13.58
C LYS A 72 10.74 17.72 -12.20
N PRO A 73 10.02 18.86 -12.06
CA PRO A 73 9.43 19.11 -10.74
C PRO A 73 8.28 18.17 -10.43
N ALA A 74 7.94 18.05 -9.15
CA ALA A 74 6.82 17.23 -8.72
C ALA A 74 5.52 18.04 -8.81
N GLY A 75 4.40 17.37 -9.03
CA GLY A 75 3.11 18.02 -9.05
C GLY A 75 2.03 16.98 -9.21
N SER A 76 0.87 17.21 -8.61
CA SER A 76 -0.26 16.29 -8.66
C SER A 76 -1.50 17.06 -8.23
N GLY A 77 -2.67 16.68 -8.73
CA GLY A 77 -3.91 17.35 -8.35
C GLY A 77 -5.04 16.62 -9.02
N GLY A 78 -6.28 16.98 -8.70
CA GLY A 78 -7.43 16.31 -9.30
C GLY A 78 -8.76 17.02 -9.14
N SER A 79 -8.72 18.32 -8.83
CA SER A 79 -9.92 19.16 -8.67
C SER A 79 -10.99 18.63 -7.70
N GLY A 80 -10.60 17.85 -6.71
CA GLY A 80 -11.56 17.34 -5.74
C GLY A 80 -12.12 18.45 -4.88
N SER A 81 -13.43 18.41 -4.62
CA SER A 81 -14.10 19.47 -3.89
C SER A 81 -14.34 19.18 -2.41
N GLY A 82 -14.14 17.94 -2.01
CA GLY A 82 -14.39 17.55 -0.63
C GLY A 82 -14.03 16.09 -0.43
N LEU A 83 -14.32 15.55 0.75
CA LEU A 83 -14.04 14.15 1.06
C LEU A 83 -15.33 13.45 1.45
N THR A 84 -15.99 12.82 0.49
CA THR A 84 -17.23 12.09 0.73
C THR A 84 -17.36 11.04 -0.36
N ASP A 85 -18.09 9.96 -0.06
CA ASP A 85 -18.48 8.94 -1.05
C ASP A 85 -17.34 8.35 -1.91
N GLU A 86 -16.17 8.24 -1.32
CA GLU A 86 -14.99 7.74 -2.02
C GLU A 86 -14.66 6.31 -1.57
N LEU A 87 -15.36 5.35 -2.16
CA LEU A 87 -15.21 3.93 -1.79
C LEU A 87 -13.94 3.32 -2.38
N ALA A 88 -13.42 2.33 -1.69
CA ALA A 88 -12.16 1.70 -2.09
C ALA A 88 -12.33 0.59 -3.15
N PRO A 89 -11.31 0.40 -4.01
CA PRO A 89 -11.35 -0.69 -4.98
C PRO A 89 -11.12 -2.05 -4.32
N PRO A 90 -11.43 -3.16 -5.03
CA PRO A 90 -11.26 -4.47 -4.40
C PRO A 90 -9.79 -4.89 -4.25
N LYS A 91 -9.58 -5.94 -3.48
CA LYS A 91 -8.25 -6.51 -3.28
C LYS A 91 -8.07 -7.62 -4.32
N PRO A 92 -6.83 -7.88 -4.76
CA PRO A 92 -6.65 -9.10 -5.55
C PRO A 92 -6.83 -10.32 -4.62
N PRO A 93 -7.13 -11.50 -5.18
CA PRO A 93 -7.38 -12.66 -4.30
C PRO A 93 -6.10 -13.22 -3.68
N LEU A 94 -6.27 -14.19 -2.79
CA LEU A 94 -5.15 -14.88 -2.16
C LEU A 94 -5.40 -16.38 -2.20
N PRO A 95 -4.33 -17.19 -2.19
CA PRO A 95 -4.44 -18.65 -2.13
C PRO A 95 -4.58 -19.19 -0.71
N GLU A 96 -4.86 -20.48 -0.63
CA GLU A 96 -4.89 -21.19 0.64
C GLU A 96 -3.51 -21.81 0.91
N GLY A 97 -2.63 -21.03 1.51
CA GLY A 97 -1.29 -21.53 1.83
C GLY A 97 -0.62 -20.70 2.90
N GLU A 98 0.50 -21.21 3.42
CA GLU A 98 1.25 -20.54 4.48
C GLU A 98 2.71 -20.97 4.34
N VAL A 99 3.63 -20.24 4.96
CA VAL A 99 5.06 -20.54 4.88
C VAL A 99 5.50 -21.56 5.95
N GLY A 1 20.30 -0.69 -6.34
CA GLY A 1 21.71 -0.94 -5.93
C GLY A 1 21.89 -2.19 -5.10
N SER A 2 20.79 -2.97 -5.14
CA SER A 2 20.64 -4.26 -4.44
C SER A 2 20.86 -4.15 -2.93
N MET A 3 20.61 -2.96 -2.39
CA MET A 3 20.83 -2.67 -0.97
C MET A 3 19.66 -3.16 -0.09
N LYS A 4 19.25 -4.42 -0.33
CA LYS A 4 18.15 -5.10 0.38
C LYS A 4 16.78 -4.45 0.15
N TYR A 5 15.98 -5.10 -0.67
CA TYR A 5 14.62 -4.65 -1.03
C TYR A 5 14.60 -3.29 -1.74
N LEU A 6 13.42 -2.87 -2.18
CA LEU A 6 13.24 -1.63 -2.94
C LEU A 6 13.39 -0.41 -2.04
N ASN A 7 12.85 -0.51 -0.83
CA ASN A 7 12.92 0.57 0.19
C ASN A 7 12.37 1.91 -0.33
N VAL A 8 11.16 1.89 -0.86
CA VAL A 8 10.52 3.10 -1.38
C VAL A 8 9.34 3.42 -0.47
N LEU A 9 8.83 4.64 -0.52
CA LEU A 9 7.66 5.00 0.29
C LEU A 9 6.42 4.96 -0.59
N ALA A 10 5.29 4.54 -0.03
CA ALA A 10 4.03 4.52 -0.76
C ALA A 10 2.92 5.05 0.15
N LYS A 11 1.98 5.79 -0.44
CA LYS A 11 0.85 6.36 0.31
C LYS A 11 -0.44 5.58 0.05
N ALA A 12 -1.19 5.34 1.11
CA ALA A 12 -2.49 4.70 1.02
C ALA A 12 -3.53 5.66 0.42
N LEU A 13 -4.22 5.24 -0.63
CA LEU A 13 -5.31 6.05 -1.19
C LEU A 13 -6.63 5.72 -0.50
N TYR A 14 -6.67 4.55 0.13
CA TYR A 14 -7.89 4.07 0.78
C TYR A 14 -7.48 3.33 2.04
N ASP A 15 -8.44 3.06 2.91
CA ASP A 15 -8.20 2.27 4.11
C ASP A 15 -7.93 0.80 3.78
N ASN A 16 -7.32 0.10 4.73
CA ASN A 16 -6.98 -1.31 4.58
C ASN A 16 -7.23 -1.98 5.91
N VAL A 17 -8.01 -3.05 5.88
CA VAL A 17 -8.28 -3.86 7.06
C VAL A 17 -7.70 -5.22 6.72
N ALA A 18 -6.83 -5.69 7.59
CA ALA A 18 -6.13 -6.94 7.37
C ALA A 18 -7.07 -8.10 7.65
N GLU A 19 -7.30 -8.91 6.63
CA GLU A 19 -8.16 -10.09 6.74
C GLU A 19 -7.29 -11.34 6.73
N SER A 20 -6.07 -11.16 6.26
CA SER A 20 -5.10 -12.24 6.16
C SER A 20 -4.05 -12.05 7.24
N PRO A 21 -3.44 -13.15 7.71
CA PRO A 21 -2.40 -13.00 8.74
C PRO A 21 -1.13 -12.34 8.21
N ASP A 22 -1.00 -12.30 6.89
CA ASP A 22 0.18 -11.73 6.23
C ASP A 22 -0.10 -10.31 5.81
N GLU A 23 -1.30 -9.80 6.08
CA GLU A 23 -1.71 -8.50 5.56
C GLU A 23 -1.51 -7.40 6.59
N LEU A 24 -1.26 -6.18 6.11
CA LEU A 24 -1.17 -5.02 6.98
C LEU A 24 -2.56 -4.40 7.14
N SER A 25 -2.68 -3.44 8.04
CA SER A 25 -3.91 -2.69 8.20
C SER A 25 -3.49 -1.24 8.37
N PHE A 26 -4.17 -0.34 7.67
CA PHE A 26 -3.83 1.09 7.70
C PHE A 26 -4.99 2.00 7.27
N ARG A 27 -4.78 3.30 7.44
CA ARG A 27 -5.77 4.33 7.12
C ARG A 27 -5.33 5.06 5.86
N LYS A 28 -6.30 5.56 5.10
CA LYS A 28 -6.03 6.39 3.93
C LYS A 28 -5.11 7.54 4.32
N GLY A 29 -4.04 7.71 3.55
CA GLY A 29 -3.07 8.75 3.79
C GLY A 29 -1.79 8.28 4.47
N ASP A 30 -1.80 7.07 5.02
CA ASP A 30 -0.65 6.53 5.73
C ASP A 30 0.47 6.25 4.75
N ILE A 31 1.70 6.22 5.27
CA ILE A 31 2.88 5.94 4.46
C ILE A 31 3.51 4.65 4.95
N MET A 32 3.76 3.74 4.03
CA MET A 32 4.44 2.48 4.35
C MET A 32 5.63 2.31 3.44
N THR A 33 6.60 1.56 3.93
CA THR A 33 7.84 1.30 3.18
C THR A 33 7.65 0.06 2.33
N VAL A 34 7.67 0.21 1.02
CA VAL A 34 7.52 -0.93 0.11
C VAL A 34 8.85 -1.63 0.02
N LEU A 35 8.81 -2.92 0.32
CA LEU A 35 9.99 -3.75 0.30
C LEU A 35 10.07 -4.45 -1.05
N GLU A 36 8.97 -5.02 -1.48
CA GLU A 36 8.90 -5.60 -2.83
C GLU A 36 7.46 -5.56 -3.31
N ARG A 37 7.24 -5.95 -4.55
CA ARG A 37 5.90 -5.97 -5.12
C ARG A 37 5.71 -7.34 -5.72
N ASP A 38 4.47 -7.80 -5.76
CA ASP A 38 4.11 -9.09 -6.35
C ASP A 38 4.88 -10.18 -5.59
N THR A 39 4.97 -9.94 -4.29
CA THR A 39 5.71 -10.77 -3.34
C THR A 39 5.07 -12.13 -3.18
N GLN A 40 5.90 -13.15 -2.95
CA GLN A 40 5.46 -14.54 -2.78
C GLN A 40 4.69 -15.07 -4.02
N GLY A 41 4.80 -14.37 -5.14
CA GLY A 41 4.08 -14.74 -6.35
C GLY A 41 2.63 -14.27 -6.29
N LEU A 42 2.32 -13.40 -5.34
CA LEU A 42 0.98 -12.88 -5.17
C LEU A 42 0.84 -11.62 -6.01
N ASP A 43 0.40 -11.79 -7.24
CA ASP A 43 0.26 -10.65 -8.16
C ASP A 43 -0.65 -9.59 -7.57
N GLY A 44 -0.19 -8.35 -7.58
CA GLY A 44 -0.97 -7.25 -7.08
C GLY A 44 -0.79 -7.00 -5.59
N TRP A 45 -0.19 -7.93 -4.86
CA TRP A 45 0.07 -7.75 -3.44
C TRP A 45 1.48 -7.20 -3.27
N TRP A 46 1.63 -6.14 -2.50
CA TRP A 46 2.94 -5.51 -2.32
C TRP A 46 3.40 -5.66 -0.88
N LEU A 47 4.61 -6.16 -0.70
CA LEU A 47 5.17 -6.35 0.64
C LEU A 47 5.61 -5.01 1.15
N CYS A 48 5.04 -4.57 2.25
CA CYS A 48 5.40 -3.29 2.84
C CYS A 48 5.62 -3.44 4.32
N SER A 49 6.16 -2.40 4.93
CA SER A 49 6.38 -2.34 6.36
C SER A 49 5.75 -1.05 6.87
N LEU A 50 4.95 -1.18 7.91
CA LEU A 50 4.22 -0.06 8.50
C LEU A 50 4.18 -0.29 10.00
N HIS A 51 4.58 0.71 10.76
CA HIS A 51 4.55 0.67 12.24
C HIS A 51 5.32 -0.54 12.80
N GLY A 52 6.37 -0.96 12.11
CA GLY A 52 7.17 -2.09 12.58
C GLY A 52 6.57 -3.45 12.29
N ARG A 53 5.51 -3.48 11.50
CA ARG A 53 4.84 -4.74 11.13
C ARG A 53 5.05 -4.85 9.64
N GLN A 54 5.32 -6.05 9.17
CA GLN A 54 5.53 -6.28 7.74
C GLN A 54 4.35 -7.09 7.23
N GLY A 55 3.95 -6.83 5.99
CA GLY A 55 2.86 -7.58 5.41
C GLY A 55 2.51 -7.15 4.01
N ILE A 56 1.63 -7.91 3.37
CA ILE A 56 1.19 -7.61 2.02
C ILE A 56 0.08 -6.57 2.06
N VAL A 57 -0.05 -5.85 0.97
CA VAL A 57 -1.03 -4.78 0.82
C VAL A 57 -1.55 -4.79 -0.61
N PRO A 58 -2.86 -4.55 -0.82
CA PRO A 58 -3.34 -4.49 -2.19
C PRO A 58 -2.78 -3.27 -2.93
N GLY A 59 -2.02 -3.51 -3.98
CA GLY A 59 -1.33 -2.45 -4.70
C GLY A 59 -2.24 -1.43 -5.34
N ASN A 60 -3.47 -1.83 -5.64
CA ASN A 60 -4.45 -0.93 -6.24
C ASN A 60 -5.05 0.07 -5.24
N ARG A 61 -4.67 -0.06 -3.96
CA ARG A 61 -5.06 0.93 -2.95
C ARG A 61 -3.83 1.71 -2.49
N LEU A 62 -2.71 1.48 -3.14
CA LEU A 62 -1.46 2.16 -2.81
C LEU A 62 -0.93 2.98 -3.96
N LYS A 63 -0.17 4.01 -3.62
CA LYS A 63 0.53 4.81 -4.61
C LYS A 63 1.98 4.88 -4.26
N ILE A 64 2.82 4.40 -5.14
CA ILE A 64 4.25 4.49 -4.96
C ILE A 64 4.62 5.96 -5.10
N LEU A 65 5.32 6.48 -4.11
CA LEU A 65 5.76 7.86 -4.14
C LEU A 65 7.16 7.90 -4.72
N VAL A 66 7.23 7.93 -6.05
CA VAL A 66 8.50 7.92 -6.77
C VAL A 66 9.18 9.27 -6.54
N GLY A 67 10.44 9.25 -6.15
CA GLY A 67 11.19 10.47 -5.97
C GLY A 67 11.73 10.95 -7.29
N MET A 68 11.81 12.27 -7.47
CA MET A 68 12.30 12.91 -8.71
C MET A 68 11.41 12.56 -9.93
N TYR A 69 11.85 13.01 -11.11
CA TYR A 69 11.19 12.78 -12.41
C TYR A 69 9.83 13.46 -12.63
N ASP A 70 8.99 13.52 -11.62
CA ASP A 70 7.70 14.20 -11.73
C ASP A 70 7.95 15.71 -11.91
N LYS A 71 7.25 16.30 -12.86
CA LYS A 71 7.41 17.71 -13.22
C LYS A 71 6.05 18.32 -13.55
N LYS A 72 5.04 17.83 -12.86
CA LYS A 72 3.67 18.32 -13.03
C LYS A 72 3.50 19.58 -12.19
N PRO A 73 2.49 20.42 -12.51
CA PRO A 73 2.29 21.55 -11.60
C PRO A 73 1.77 21.08 -10.24
N ALA A 74 2.04 21.86 -9.21
CA ALA A 74 1.62 21.54 -7.85
C ALA A 74 1.21 22.84 -7.18
N GLY A 75 0.55 22.74 -6.03
CA GLY A 75 0.09 23.91 -5.31
C GLY A 75 -0.48 23.50 -3.98
N SER A 76 -1.11 24.44 -3.28
CA SER A 76 -1.70 24.16 -1.97
C SER A 76 -2.86 23.18 -2.05
N GLY A 77 -3.09 22.48 -0.94
CA GLY A 77 -4.22 21.57 -0.83
C GLY A 77 -5.38 22.27 -0.15
N GLY A 78 -6.17 21.52 0.62
CA GLY A 78 -7.28 22.12 1.36
C GLY A 78 -8.63 21.98 0.66
N SER A 79 -8.74 21.00 -0.23
CA SER A 79 -10.01 20.73 -0.90
C SER A 79 -11.01 20.14 0.10
N GLY A 80 -12.29 20.24 -0.22
CA GLY A 80 -13.34 19.72 0.63
C GLY A 80 -13.59 18.24 0.43
N SER A 81 -14.87 17.85 0.53
CA SER A 81 -15.31 16.45 0.38
C SER A 81 -14.63 15.49 1.37
N GLY A 82 -14.30 16.00 2.55
CA GLY A 82 -13.69 15.16 3.57
C GLY A 82 -14.68 14.27 4.30
N LEU A 83 -15.96 14.54 4.10
CA LEU A 83 -17.04 13.77 4.73
C LEU A 83 -18.05 13.35 3.66
N THR A 84 -17.72 12.31 2.93
CA THR A 84 -18.58 11.76 1.88
C THR A 84 -18.21 10.28 1.80
N ASP A 85 -19.00 9.50 1.07
CA ASP A 85 -18.68 8.09 0.86
C ASP A 85 -17.59 7.98 -0.20
N GLU A 86 -16.67 7.06 0.01
CA GLU A 86 -15.58 6.80 -0.94
C GLU A 86 -15.26 5.31 -0.91
N LEU A 87 -15.83 4.58 -1.87
CA LEU A 87 -15.66 3.13 -1.91
C LEU A 87 -14.31 2.76 -2.53
N ALA A 88 -13.58 1.89 -1.85
CA ALA A 88 -12.26 1.46 -2.28
C ALA A 88 -12.37 0.30 -3.30
N PRO A 89 -11.40 0.16 -4.22
CA PRO A 89 -11.49 -0.99 -5.12
C PRO A 89 -11.22 -2.31 -4.40
N PRO A 90 -11.66 -3.44 -4.97
CA PRO A 90 -11.46 -4.71 -4.25
C PRO A 90 -10.00 -5.16 -4.24
N LYS A 91 -9.63 -5.93 -3.23
CA LYS A 91 -8.27 -6.46 -3.14
C LYS A 91 -8.15 -7.64 -4.10
N PRO A 92 -6.93 -7.92 -4.60
CA PRO A 92 -6.79 -9.12 -5.44
C PRO A 92 -6.95 -10.39 -4.59
N PRO A 93 -7.21 -11.55 -5.23
CA PRO A 93 -7.42 -12.76 -4.44
C PRO A 93 -6.14 -13.31 -3.81
N LEU A 94 -6.29 -14.35 -3.01
CA LEU A 94 -5.17 -15.02 -2.35
C LEU A 94 -5.32 -16.54 -2.51
N PRO A 95 -4.20 -17.29 -2.39
CA PRO A 95 -4.24 -18.75 -2.50
C PRO A 95 -4.82 -19.44 -1.26
N GLU A 96 -5.00 -20.74 -1.37
CA GLU A 96 -5.56 -21.58 -0.29
C GLU A 96 -4.51 -21.90 0.81
N GLY A 97 -3.94 -20.86 1.39
CA GLY A 97 -2.95 -21.05 2.44
C GLY A 97 -1.58 -21.40 1.89
N GLU A 98 -1.10 -22.59 2.22
CA GLU A 98 0.24 -23.05 1.81
C GLU A 98 0.33 -23.11 0.29
N VAL A 99 1.31 -22.40 -0.27
CA VAL A 99 1.44 -22.29 -1.72
C VAL A 99 2.07 -23.56 -2.34
N GLY A 1 26.00 -2.92 -0.40
CA GLY A 1 25.80 -1.53 0.09
C GLY A 1 24.36 -1.05 0.03
N SER A 2 23.49 -2.01 -0.21
CA SER A 2 22.05 -1.79 -0.30
C SER A 2 21.31 -3.01 0.23
N MET A 3 20.06 -2.81 0.64
CA MET A 3 19.23 -3.91 1.11
C MET A 3 18.76 -4.73 -0.07
N LYS A 4 18.25 -5.93 0.19
CA LYS A 4 17.70 -6.79 -0.86
C LYS A 4 16.23 -6.43 -1.16
N TYR A 5 15.84 -5.23 -0.81
CA TYR A 5 14.48 -4.76 -0.99
C TYR A 5 14.48 -3.35 -1.56
N LEU A 6 13.36 -2.99 -2.18
CA LEU A 6 13.21 -1.71 -2.87
C LEU A 6 13.28 -0.52 -1.90
N ASN A 7 12.65 -0.67 -0.74
CA ASN A 7 12.61 0.37 0.32
C ASN A 7 12.17 1.74 -0.20
N VAL A 8 11.01 1.78 -0.86
CA VAL A 8 10.46 3.03 -1.38
C VAL A 8 9.27 3.39 -0.49
N LEU A 9 8.84 4.64 -0.50
CA LEU A 9 7.67 5.03 0.30
C LEU A 9 6.43 4.99 -0.58
N ALA A 10 5.31 4.58 0.00
CA ALA A 10 4.04 4.56 -0.72
C ALA A 10 2.93 5.09 0.17
N LYS A 11 1.99 5.83 -0.40
CA LYS A 11 0.85 6.38 0.34
C LYS A 11 -0.42 5.59 0.05
N ALA A 12 -1.20 5.35 1.10
CA ALA A 12 -2.50 4.72 0.97
C ALA A 12 -3.51 5.70 0.37
N LEU A 13 -4.20 5.30 -0.68
CA LEU A 13 -5.27 6.13 -1.26
C LEU A 13 -6.58 5.81 -0.58
N TYR A 14 -6.61 4.65 0.05
CA TYR A 14 -7.82 4.15 0.69
C TYR A 14 -7.40 3.42 1.95
N ASP A 15 -8.34 3.22 2.85
CA ASP A 15 -8.11 2.44 4.05
C ASP A 15 -7.97 0.97 3.68
N ASN A 16 -7.32 0.21 4.54
CA ASN A 16 -7.24 -1.23 4.36
C ASN A 16 -7.41 -1.92 5.69
N VAL A 17 -8.22 -2.97 5.70
CA VAL A 17 -8.43 -3.78 6.87
C VAL A 17 -7.76 -5.10 6.54
N ALA A 18 -6.86 -5.52 7.42
CA ALA A 18 -6.12 -6.74 7.23
C ALA A 18 -7.05 -7.91 7.57
N GLU A 19 -7.37 -8.69 6.56
CA GLU A 19 -8.26 -9.84 6.72
C GLU A 19 -7.42 -11.11 6.74
N SER A 20 -6.20 -10.98 6.23
CA SER A 20 -5.26 -12.09 6.17
C SER A 20 -4.23 -11.90 7.27
N PRO A 21 -3.65 -13.00 7.78
CA PRO A 21 -2.66 -12.87 8.86
C PRO A 21 -1.35 -12.23 8.42
N ASP A 22 -1.15 -12.13 7.11
CA ASP A 22 0.05 -11.56 6.54
C ASP A 22 -0.20 -10.20 5.94
N GLU A 23 -1.41 -9.67 6.09
CA GLU A 23 -1.79 -8.40 5.50
C GLU A 23 -1.61 -7.24 6.49
N LEU A 24 -1.37 -6.04 5.97
CA LEU A 24 -1.27 -4.84 6.81
C LEU A 24 -2.57 -4.05 6.81
N SER A 25 -2.90 -3.51 7.97
CA SER A 25 -4.07 -2.66 8.14
C SER A 25 -3.58 -1.24 8.32
N PHE A 26 -4.16 -0.33 7.55
CA PHE A 26 -3.78 1.08 7.59
C PHE A 26 -4.92 2.00 7.16
N ARG A 27 -4.74 3.28 7.41
CA ARG A 27 -5.73 4.31 7.09
C ARG A 27 -5.33 4.99 5.78
N LYS A 28 -6.32 5.50 5.08
CA LYS A 28 -6.11 6.33 3.91
C LYS A 28 -5.21 7.50 4.28
N GLY A 29 -4.15 7.69 3.51
CA GLY A 29 -3.18 8.73 3.78
C GLY A 29 -1.91 8.28 4.47
N ASP A 30 -1.89 7.06 5.00
CA ASP A 30 -0.73 6.54 5.72
C ASP A 30 0.42 6.27 4.75
N ILE A 31 1.63 6.19 5.29
CA ILE A 31 2.83 5.92 4.51
C ILE A 31 3.46 4.63 5.00
N MET A 32 3.76 3.73 4.07
CA MET A 32 4.45 2.49 4.39
C MET A 32 5.65 2.34 3.48
N THR A 33 6.60 1.54 3.93
CA THR A 33 7.82 1.29 3.17
C THR A 33 7.63 0.04 2.31
N VAL A 34 7.60 0.19 1.01
CA VAL A 34 7.44 -0.95 0.11
C VAL A 34 8.76 -1.65 -0.04
N LEU A 35 8.77 -2.92 0.28
CA LEU A 35 9.97 -3.73 0.23
C LEU A 35 10.04 -4.46 -1.09
N GLU A 36 8.92 -5.02 -1.54
CA GLU A 36 8.87 -5.63 -2.87
C GLU A 36 7.44 -5.60 -3.38
N ARG A 37 7.24 -5.99 -4.63
CA ARG A 37 5.91 -6.03 -5.22
C ARG A 37 5.76 -7.41 -5.79
N ASP A 38 4.52 -7.89 -5.86
CA ASP A 38 4.19 -9.21 -6.40
C ASP A 38 4.92 -10.27 -5.57
N THR A 39 4.98 -9.97 -4.29
CA THR A 39 5.71 -10.76 -3.29
C THR A 39 5.08 -12.13 -3.14
N GLN A 40 5.92 -13.13 -2.93
CA GLN A 40 5.51 -14.54 -2.80
C GLN A 40 4.78 -15.07 -4.04
N GLY A 41 4.82 -14.30 -5.12
CA GLY A 41 4.11 -14.66 -6.34
C GLY A 41 2.67 -14.20 -6.29
N LEU A 42 2.34 -13.40 -5.28
CA LEU A 42 0.98 -12.88 -5.11
C LEU A 42 0.89 -11.61 -5.90
N ASP A 43 0.38 -11.71 -7.10
CA ASP A 43 0.34 -10.56 -7.99
C ASP A 43 -0.59 -9.50 -7.44
N GLY A 44 -0.16 -8.25 -7.57
CA GLY A 44 -0.94 -7.14 -7.05
C GLY A 44 -0.73 -6.92 -5.56
N TRP A 45 -0.17 -7.90 -4.84
CA TRP A 45 0.12 -7.74 -3.43
C TRP A 45 1.54 -7.22 -3.29
N TRP A 46 1.71 -6.16 -2.51
CA TRP A 46 3.03 -5.54 -2.35
C TRP A 46 3.47 -5.70 -0.90
N LEU A 47 4.68 -6.20 -0.69
CA LEU A 47 5.21 -6.37 0.65
C LEU A 47 5.63 -5.02 1.14
N CYS A 48 5.06 -4.59 2.25
CA CYS A 48 5.40 -3.31 2.84
C CYS A 48 5.62 -3.44 4.32
N SER A 49 6.14 -2.38 4.91
CA SER A 49 6.39 -2.33 6.33
C SER A 49 5.74 -1.07 6.88
N LEU A 50 4.94 -1.24 7.93
CA LEU A 50 4.17 -0.16 8.54
C LEU A 50 4.07 -0.46 10.01
N HIS A 51 4.29 0.55 10.86
CA HIS A 51 4.21 0.41 12.33
C HIS A 51 5.14 -0.70 12.85
N GLY A 52 6.25 -0.94 12.15
CA GLY A 52 7.19 -1.97 12.55
C GLY A 52 6.73 -3.39 12.25
N ARG A 53 5.67 -3.51 11.48
CA ARG A 53 5.09 -4.80 11.12
C ARG A 53 5.22 -4.91 9.61
N GLN A 54 5.57 -6.09 9.14
CA GLN A 54 5.69 -6.32 7.69
C GLN A 54 4.49 -7.11 7.22
N GLY A 55 4.06 -6.89 6.00
CA GLY A 55 2.94 -7.63 5.46
C GLY A 55 2.58 -7.20 4.05
N ILE A 56 1.68 -7.94 3.42
CA ILE A 56 1.25 -7.65 2.05
C ILE A 56 0.17 -6.57 2.08
N VAL A 57 0.07 -5.85 0.98
CA VAL A 57 -0.87 -4.75 0.82
C VAL A 57 -1.42 -4.79 -0.60
N PRO A 58 -2.73 -4.54 -0.77
CA PRO A 58 -3.25 -4.47 -2.13
C PRO A 58 -2.76 -3.21 -2.86
N GLY A 59 -1.99 -3.41 -3.92
CA GLY A 59 -1.46 -2.30 -4.70
C GLY A 59 -2.53 -1.43 -5.31
N ASN A 60 -3.73 -1.98 -5.46
CA ASN A 60 -4.87 -1.22 -6.00
C ASN A 60 -5.29 -0.07 -5.07
N ARG A 61 -4.84 -0.11 -3.82
CA ARG A 61 -5.15 0.94 -2.85
C ARG A 61 -3.91 1.70 -2.44
N LEU A 62 -2.80 1.45 -3.14
CA LEU A 62 -1.52 2.05 -2.77
C LEU A 62 -0.84 2.78 -3.91
N LYS A 63 -0.23 3.90 -3.58
CA LYS A 63 0.50 4.69 -4.57
C LYS A 63 1.94 4.85 -4.20
N ILE A 64 2.81 4.37 -5.07
CA ILE A 64 4.23 4.52 -4.90
C ILE A 64 4.59 6.00 -5.04
N LEU A 65 5.28 6.53 -4.05
CA LEU A 65 5.71 7.91 -4.08
C LEU A 65 7.08 7.97 -4.73
N VAL A 66 7.08 8.04 -6.05
CA VAL A 66 8.30 8.08 -6.84
C VAL A 66 9.00 9.42 -6.65
N GLY A 67 10.28 9.47 -7.00
CA GLY A 67 11.03 10.71 -6.91
C GLY A 67 10.53 11.74 -7.90
N MET A 68 11.03 12.98 -7.78
CA MET A 68 10.68 14.14 -8.62
C MET A 68 9.26 14.68 -8.37
N TYR A 69 8.29 13.81 -8.16
CA TYR A 69 6.90 14.22 -7.97
C TYR A 69 6.54 14.56 -6.51
N ASP A 70 7.11 15.66 -6.02
CA ASP A 70 6.77 16.20 -4.69
C ASP A 70 5.66 17.27 -4.84
N LYS A 71 6.03 18.43 -5.38
CA LYS A 71 5.09 19.54 -5.65
C LYS A 71 4.28 19.96 -4.41
N LYS A 72 4.99 20.48 -3.41
CA LYS A 72 4.36 20.99 -2.19
C LYS A 72 3.37 22.12 -2.51
N PRO A 73 2.26 22.22 -1.76
CA PRO A 73 1.25 23.24 -2.04
C PRO A 73 1.60 24.65 -1.55
N ALA A 74 0.75 25.60 -1.88
CA ALA A 74 0.86 26.98 -1.42
C ALA A 74 -0.58 27.45 -1.28
N GLY A 75 -0.80 28.60 -0.64
CA GLY A 75 -2.15 29.11 -0.46
C GLY A 75 -2.81 28.58 0.80
N SER A 76 -1.99 28.39 1.83
CA SER A 76 -2.42 27.86 3.13
C SER A 76 -3.00 26.44 3.01
N GLY A 77 -3.76 26.01 4.00
CA GLY A 77 -4.32 24.67 4.00
C GLY A 77 -4.84 24.37 5.38
N GLY A 78 -5.35 23.16 5.61
CA GLY A 78 -5.84 22.77 6.91
C GLY A 78 -6.32 21.33 6.85
N SER A 79 -6.83 20.81 7.96
CA SER A 79 -7.35 19.45 8.01
C SER A 79 -8.88 19.51 8.07
N GLY A 80 -9.55 18.86 7.14
CA GLY A 80 -11.01 18.90 7.09
C GLY A 80 -11.56 17.77 6.25
N SER A 81 -11.14 16.55 6.55
CA SER A 81 -11.51 15.38 5.76
C SER A 81 -13.00 15.04 5.80
N GLY A 82 -13.70 15.50 6.82
CA GLY A 82 -15.12 15.19 6.94
C GLY A 82 -15.37 13.85 7.58
N LEU A 83 -16.50 13.24 7.26
CA LEU A 83 -16.87 11.92 7.78
C LEU A 83 -16.18 10.87 6.91
N THR A 84 -16.22 9.62 7.33
CA THR A 84 -15.67 8.52 6.54
C THR A 84 -16.49 8.36 5.26
N ASP A 85 -15.81 8.33 4.12
CA ASP A 85 -16.46 8.25 2.82
C ASP A 85 -15.54 7.53 1.84
N GLU A 86 -15.93 7.50 0.57
CA GLU A 86 -15.19 6.86 -0.54
C GLU A 86 -14.94 5.36 -0.37
N LEU A 87 -15.82 4.56 -0.98
CA LEU A 87 -15.65 3.11 -0.94
C LEU A 87 -14.43 2.72 -1.77
N ALA A 88 -13.57 1.93 -1.15
CA ALA A 88 -12.31 1.54 -1.76
C ALA A 88 -12.48 0.46 -2.85
N PRO A 89 -11.57 0.41 -3.84
CA PRO A 89 -11.63 -0.66 -4.83
C PRO A 89 -11.30 -2.03 -4.22
N PRO A 90 -11.63 -3.13 -4.91
CA PRO A 90 -11.37 -4.44 -4.30
C PRO A 90 -9.88 -4.76 -4.19
N LYS A 91 -9.56 -5.72 -3.32
CA LYS A 91 -8.20 -6.22 -3.17
C LYS A 91 -8.10 -7.45 -4.08
N PRO A 92 -6.90 -7.75 -4.62
CA PRO A 92 -6.80 -8.98 -5.43
C PRO A 92 -6.96 -10.22 -4.55
N PRO A 93 -7.23 -11.39 -5.16
CA PRO A 93 -7.46 -12.59 -4.33
C PRO A 93 -6.18 -13.16 -3.73
N LEU A 94 -6.35 -14.17 -2.89
CA LEU A 94 -5.22 -14.84 -2.23
C LEU A 94 -5.40 -16.36 -2.31
N PRO A 95 -4.29 -17.11 -2.19
CA PRO A 95 -4.36 -18.57 -2.14
C PRO A 95 -4.86 -19.04 -0.77
N GLU A 96 -4.93 -20.35 -0.59
CA GLU A 96 -5.39 -21.03 0.63
C GLU A 96 -6.88 -20.87 0.91
N GLY A 97 -7.49 -20.04 0.09
CA GLY A 97 -8.93 -19.86 0.05
C GLY A 97 -9.52 -20.69 -1.08
N GLU A 98 -8.71 -21.61 -1.59
CA GLU A 98 -9.10 -22.48 -2.70
C GLU A 98 -8.60 -23.89 -2.36
N VAL A 99 -9.36 -24.90 -2.81
CA VAL A 99 -9.08 -26.34 -2.61
C VAL A 99 -9.13 -26.79 -1.14
N GLY A 1 17.95 -4.11 5.52
CA GLY A 1 17.23 -3.50 4.36
C GLY A 1 18.02 -2.42 3.65
N SER A 2 19.22 -2.19 4.19
CA SER A 2 20.13 -1.17 3.65
C SER A 2 20.67 -1.57 2.28
N MET A 3 20.59 -2.84 1.95
CA MET A 3 21.07 -3.36 0.67
C MET A 3 20.22 -4.54 0.20
N LYS A 4 18.95 -4.54 0.62
CA LYS A 4 18.00 -5.58 0.24
C LYS A 4 16.69 -4.87 0.06
N TYR A 5 15.80 -5.43 -0.76
CA TYR A 5 14.48 -4.87 -1.05
C TYR A 5 14.49 -3.46 -1.66
N LEU A 6 13.33 -3.03 -2.15
CA LEU A 6 13.18 -1.74 -2.82
C LEU A 6 13.28 -0.57 -1.84
N ASN A 7 12.66 -0.72 -0.68
CA ASN A 7 12.62 0.30 0.39
C ASN A 7 12.22 1.70 -0.11
N VAL A 8 11.06 1.76 -0.75
CA VAL A 8 10.52 3.03 -1.26
C VAL A 8 9.33 3.38 -0.36
N LEU A 9 8.85 4.60 -0.39
CA LEU A 9 7.67 4.96 0.41
C LEU A 9 6.44 4.97 -0.48
N ALA A 10 5.30 4.58 0.07
CA ALA A 10 4.03 4.58 -0.66
C ALA A 10 2.90 5.11 0.22
N LYS A 11 1.96 5.84 -0.37
CA LYS A 11 0.82 6.40 0.35
C LYS A 11 -0.46 5.62 0.03
N ALA A 12 -1.27 5.40 1.05
CA ALA A 12 -2.56 4.75 0.89
C ALA A 12 -3.57 5.73 0.29
N LEU A 13 -4.29 5.32 -0.74
CA LEU A 13 -5.36 6.14 -1.32
C LEU A 13 -6.66 5.80 -0.64
N TYR A 14 -6.67 4.65 0.02
CA TYR A 14 -7.86 4.15 0.68
C TYR A 14 -7.44 3.39 1.91
N ASP A 15 -8.33 3.30 2.88
CA ASP A 15 -8.10 2.54 4.08
C ASP A 15 -8.02 1.06 3.73
N ASN A 16 -7.33 0.30 4.56
CA ASN A 16 -7.26 -1.14 4.39
C ASN A 16 -7.38 -1.84 5.73
N VAL A 17 -8.18 -2.89 5.76
CA VAL A 17 -8.31 -3.72 6.94
C VAL A 17 -7.73 -5.06 6.53
N ALA A 18 -6.78 -5.53 7.30
CA ALA A 18 -6.11 -6.78 7.02
C ALA A 18 -7.05 -7.95 7.28
N GLU A 19 -7.21 -8.82 6.29
CA GLU A 19 -8.08 -9.99 6.42
C GLU A 19 -7.20 -11.24 6.50
N SER A 20 -5.97 -11.08 6.05
CA SER A 20 -4.97 -12.14 6.13
C SER A 20 -4.04 -11.79 7.29
N PRO A 21 -3.50 -12.81 8.00
CA PRO A 21 -2.55 -12.52 9.09
C PRO A 21 -1.21 -11.99 8.57
N ASP A 22 -1.04 -12.01 7.26
CA ASP A 22 0.19 -11.53 6.63
C ASP A 22 -0.07 -10.20 5.95
N GLU A 23 -1.26 -9.65 6.09
CA GLU A 23 -1.63 -8.38 5.47
C GLU A 23 -1.54 -7.23 6.49
N LEU A 24 -1.30 -6.02 6.01
CA LEU A 24 -1.24 -4.84 6.88
C LEU A 24 -2.54 -4.05 6.87
N SER A 25 -2.87 -3.50 8.03
CA SER A 25 -4.03 -2.64 8.19
C SER A 25 -3.51 -1.22 8.27
N PHE A 26 -4.10 -0.34 7.49
CA PHE A 26 -3.71 1.08 7.51
C PHE A 26 -4.83 2.02 7.08
N ARG A 27 -4.61 3.30 7.34
CA ARG A 27 -5.58 4.35 7.03
C ARG A 27 -5.31 4.94 5.66
N LYS A 28 -6.32 5.52 5.06
CA LYS A 28 -6.18 6.33 3.87
C LYS A 28 -5.25 7.49 4.22
N GLY A 29 -4.20 7.68 3.43
CA GLY A 29 -3.22 8.72 3.69
C GLY A 29 -1.98 8.25 4.41
N ASP A 30 -2.00 7.03 4.92
CA ASP A 30 -0.86 6.48 5.68
C ASP A 30 0.32 6.20 4.75
N ILE A 31 1.51 6.10 5.33
CA ILE A 31 2.74 5.86 4.56
C ILE A 31 3.42 4.59 5.03
N MET A 32 3.69 3.68 4.09
CA MET A 32 4.40 2.45 4.39
C MET A 32 5.60 2.28 3.49
N THR A 33 6.58 1.53 3.97
CA THR A 33 7.81 1.28 3.22
C THR A 33 7.63 0.04 2.35
N VAL A 34 7.61 0.20 1.04
CA VAL A 34 7.45 -0.92 0.13
C VAL A 34 8.76 -1.64 -0.06
N LEU A 35 8.75 -2.92 0.24
CA LEU A 35 9.94 -3.74 0.17
C LEU A 35 10.00 -4.48 -1.15
N GLU A 36 8.87 -5.04 -1.59
CA GLU A 36 8.82 -5.65 -2.92
C GLU A 36 7.39 -5.63 -3.42
N ARG A 37 7.18 -6.01 -4.67
CA ARG A 37 5.86 -6.03 -5.26
C ARG A 37 5.66 -7.39 -5.85
N ASP A 38 4.41 -7.84 -5.88
CA ASP A 38 4.03 -9.14 -6.43
C ASP A 38 4.77 -10.23 -5.64
N THR A 39 4.90 -9.94 -4.36
CA THR A 39 5.63 -10.75 -3.40
C THR A 39 4.99 -12.11 -3.22
N GLN A 40 5.81 -13.13 -2.99
CA GLN A 40 5.36 -14.52 -2.79
C GLN A 40 4.54 -15.07 -3.98
N GLY A 41 4.62 -14.40 -5.11
CA GLY A 41 3.85 -14.79 -6.28
C GLY A 41 2.42 -14.29 -6.20
N LEU A 42 2.16 -13.40 -5.25
CA LEU A 42 0.84 -12.85 -5.06
C LEU A 42 0.73 -11.60 -5.91
N ASP A 43 0.28 -11.77 -7.15
CA ASP A 43 0.17 -10.65 -8.07
C ASP A 43 -0.71 -9.55 -7.49
N GLY A 44 -0.21 -8.32 -7.54
CA GLY A 44 -0.96 -7.19 -7.02
C GLY A 44 -0.75 -6.94 -5.54
N TRP A 45 -0.19 -7.89 -4.80
CA TRP A 45 0.10 -7.72 -3.41
C TRP A 45 1.52 -7.22 -3.27
N TRP A 46 1.71 -6.16 -2.51
CA TRP A 46 3.03 -5.55 -2.36
C TRP A 46 3.49 -5.69 -0.91
N LEU A 47 4.68 -6.22 -0.71
CA LEU A 47 5.22 -6.39 0.63
C LEU A 47 5.64 -5.03 1.12
N CYS A 48 5.09 -4.60 2.23
CA CYS A 48 5.45 -3.32 2.81
C CYS A 48 5.66 -3.47 4.30
N SER A 49 6.13 -2.41 4.92
CA SER A 49 6.33 -2.37 6.35
C SER A 49 5.68 -1.10 6.89
N LEU A 50 4.88 -1.26 7.92
CA LEU A 50 4.14 -0.17 8.53
C LEU A 50 4.11 -0.41 10.03
N HIS A 51 4.40 0.62 10.81
CA HIS A 51 4.45 0.53 12.28
C HIS A 51 5.43 -0.56 12.75
N GLY A 52 6.46 -0.83 11.94
CA GLY A 52 7.44 -1.84 12.29
C GLY A 52 7.01 -3.28 12.02
N ARG A 53 5.86 -3.48 11.39
CA ARG A 53 5.37 -4.82 11.07
C ARG A 53 5.39 -4.93 9.57
N GLN A 54 5.84 -6.05 9.06
CA GLN A 54 5.87 -6.31 7.63
C GLN A 54 4.64 -7.08 7.22
N GLY A 55 4.16 -6.85 6.01
CA GLY A 55 3.02 -7.59 5.51
C GLY A 55 2.64 -7.16 4.10
N ILE A 56 1.76 -7.91 3.46
CA ILE A 56 1.34 -7.60 2.10
C ILE A 56 0.27 -6.52 2.13
N VAL A 57 0.13 -5.82 1.02
CA VAL A 57 -0.80 -4.72 0.87
C VAL A 57 -1.37 -4.76 -0.53
N PRO A 58 -2.67 -4.50 -0.70
CA PRO A 58 -3.19 -4.44 -2.07
C PRO A 58 -2.68 -3.19 -2.80
N GLY A 59 -1.86 -3.41 -3.82
CA GLY A 59 -1.30 -2.31 -4.58
C GLY A 59 -2.36 -1.47 -5.26
N ASN A 60 -3.53 -2.06 -5.44
CA ASN A 60 -4.69 -1.38 -6.03
C ASN A 60 -5.19 -0.21 -5.17
N ARG A 61 -4.76 -0.16 -3.90
CA ARG A 61 -5.14 0.92 -2.99
C ARG A 61 -3.91 1.72 -2.56
N LEU A 62 -2.78 1.48 -3.20
CA LEU A 62 -1.52 2.10 -2.80
C LEU A 62 -0.82 2.84 -3.92
N LYS A 63 -0.21 3.96 -3.57
CA LYS A 63 0.53 4.77 -4.54
C LYS A 63 1.97 4.89 -4.16
N ILE A 64 2.82 4.41 -5.04
CA ILE A 64 4.26 4.51 -4.85
C ILE A 64 4.67 5.97 -4.99
N LEU A 65 5.35 6.49 -3.98
CA LEU A 65 5.81 7.87 -4.00
C LEU A 65 7.25 7.85 -4.52
N VAL A 66 7.38 7.95 -5.83
CA VAL A 66 8.68 7.87 -6.49
C VAL A 66 9.44 9.18 -6.29
N GLY A 67 10.48 9.13 -5.47
CA GLY A 67 11.31 10.31 -5.21
C GLY A 67 12.39 10.49 -6.27
N MET A 68 12.00 10.36 -7.53
CA MET A 68 12.95 10.42 -8.65
C MET A 68 12.20 10.97 -9.86
N TYR A 69 12.94 11.64 -10.74
CA TYR A 69 12.42 12.23 -12.00
C TYR A 69 11.36 13.33 -11.84
N ASP A 70 11.15 13.82 -10.63
CA ASP A 70 10.16 14.88 -10.44
C ASP A 70 10.72 16.26 -10.78
N LYS A 71 10.03 16.95 -11.67
CA LYS A 71 10.37 18.32 -12.05
C LYS A 71 9.07 19.05 -12.43
N LYS A 72 7.98 18.62 -11.82
CA LYS A 72 6.65 19.11 -12.17
C LYS A 72 6.39 20.49 -11.55
N PRO A 73 5.48 21.27 -12.16
CA PRO A 73 5.20 22.58 -11.55
C PRO A 73 4.38 22.47 -10.26
N ALA A 74 4.45 23.52 -9.44
CA ALA A 74 3.73 23.62 -8.17
C ALA A 74 4.18 22.54 -7.16
N GLY A 75 3.46 22.44 -6.05
CA GLY A 75 3.78 21.47 -5.02
C GLY A 75 2.92 20.23 -5.13
N SER A 76 3.31 19.17 -4.43
CA SER A 76 2.55 17.91 -4.44
C SER A 76 1.18 18.06 -3.77
N GLY A 77 1.06 19.05 -2.90
CA GLY A 77 -0.22 19.33 -2.24
C GLY A 77 -0.43 18.56 -0.97
N GLY A 78 -1.43 18.96 -0.20
CA GLY A 78 -1.74 18.29 1.05
C GLY A 78 -2.74 17.18 0.82
N SER A 79 -2.45 15.99 1.32
CA SER A 79 -3.34 14.85 1.16
C SER A 79 -3.12 13.92 2.33
N GLY A 80 -4.14 13.15 2.69
CA GLY A 80 -4.04 12.22 3.81
C GLY A 80 -4.85 12.63 5.01
N SER A 81 -5.49 13.79 4.93
CA SER A 81 -6.39 14.23 6.00
C SER A 81 -7.57 13.27 6.07
N GLY A 82 -8.17 13.16 7.25
CA GLY A 82 -9.32 12.29 7.46
C GLY A 82 -10.62 12.85 6.91
N LEU A 83 -10.65 13.11 5.60
CA LEU A 83 -11.83 13.69 4.94
C LEU A 83 -12.96 12.67 4.80
N THR A 84 -12.60 11.40 4.96
CA THR A 84 -13.53 10.27 4.83
C THR A 84 -14.01 10.16 3.37
N ASP A 85 -15.09 9.43 3.16
CA ASP A 85 -15.70 9.19 1.83
C ASP A 85 -14.74 8.59 0.78
N GLU A 86 -15.27 8.44 -0.43
CA GLU A 86 -14.64 7.78 -1.58
C GLU A 86 -14.51 6.26 -1.38
N LEU A 87 -15.07 5.50 -2.32
CA LEU A 87 -15.15 4.05 -2.16
C LEU A 87 -13.89 3.37 -2.66
N ALA A 88 -13.36 2.48 -1.83
CA ALA A 88 -12.13 1.79 -2.14
C ALA A 88 -12.35 0.68 -3.19
N PRO A 89 -11.39 0.53 -4.12
CA PRO A 89 -11.51 -0.57 -5.09
C PRO A 89 -11.20 -1.91 -4.42
N PRO A 90 -11.55 -3.04 -5.08
CA PRO A 90 -11.30 -4.32 -4.40
C PRO A 90 -9.82 -4.70 -4.30
N LYS A 91 -9.51 -5.55 -3.35
CA LYS A 91 -8.15 -6.09 -3.20
C LYS A 91 -8.07 -7.34 -4.08
N PRO A 92 -6.87 -7.67 -4.60
CA PRO A 92 -6.79 -8.90 -5.40
C PRO A 92 -6.93 -10.15 -4.53
N PRO A 93 -7.29 -11.30 -5.13
CA PRO A 93 -7.45 -12.53 -4.35
C PRO A 93 -6.20 -13.02 -3.67
N LEU A 94 -6.40 -13.99 -2.80
CA LEU A 94 -5.34 -14.66 -2.08
C LEU A 94 -5.55 -16.18 -2.11
N PRO A 95 -4.48 -16.97 -1.98
CA PRO A 95 -4.58 -18.43 -1.93
C PRO A 95 -5.06 -18.94 -0.57
N GLU A 96 -5.37 -20.22 -0.53
CA GLU A 96 -5.87 -20.87 0.69
C GLU A 96 -4.73 -21.53 1.50
N GLY A 97 -3.56 -20.90 1.48
CA GLY A 97 -2.42 -21.39 2.24
C GLY A 97 -1.39 -22.10 1.38
N GLU A 98 -0.42 -22.73 2.03
CA GLU A 98 0.67 -23.43 1.36
C GLU A 98 0.47 -24.95 1.38
N VAL A 99 0.97 -25.61 0.33
CA VAL A 99 0.93 -27.07 0.22
C VAL A 99 1.95 -27.77 1.15
N GLY A 1 25.44 -1.58 2.50
CA GLY A 1 24.10 -1.12 3.02
C GLY A 1 23.09 -2.23 3.24
N SER A 2 23.49 -3.41 2.76
CA SER A 2 22.74 -4.68 2.87
C SER A 2 21.30 -4.61 2.34
N MET A 3 21.02 -3.66 1.46
CA MET A 3 19.68 -3.50 0.92
C MET A 3 19.32 -4.74 0.12
N LYS A 4 18.19 -5.33 0.45
CA LYS A 4 17.70 -6.54 -0.22
C LYS A 4 16.31 -6.33 -0.74
N TYR A 5 15.83 -5.10 -0.57
CA TYR A 5 14.48 -4.72 -0.94
C TYR A 5 14.52 -3.36 -1.60
N LEU A 6 13.39 -2.98 -2.20
CA LEU A 6 13.25 -1.71 -2.88
C LEU A 6 13.34 -0.54 -1.90
N ASN A 7 12.73 -0.72 -0.73
CA ASN A 7 12.74 0.27 0.36
C ASN A 7 12.25 1.66 -0.08
N VAL A 8 11.13 1.71 -0.79
CA VAL A 8 10.56 2.97 -1.30
C VAL A 8 9.35 3.32 -0.46
N LEU A 9 8.89 4.56 -0.49
CA LEU A 9 7.70 4.95 0.27
C LEU A 9 6.46 4.94 -0.62
N ALA A 10 5.33 4.54 -0.07
CA ALA A 10 4.06 4.56 -0.78
C ALA A 10 2.95 5.07 0.14
N LYS A 11 1.99 5.80 -0.42
CA LYS A 11 0.85 6.34 0.34
C LYS A 11 -0.43 5.56 0.07
N ALA A 12 -1.19 5.30 1.10
CA ALA A 12 -2.47 4.63 0.99
C ALA A 12 -3.52 5.60 0.41
N LEU A 13 -4.23 5.18 -0.63
CA LEU A 13 -5.30 6.00 -1.21
C LEU A 13 -6.62 5.71 -0.55
N TYR A 14 -6.69 4.57 0.13
CA TYR A 14 -7.88 4.12 0.81
C TYR A 14 -7.39 3.43 2.06
N ASP A 15 -8.25 3.20 3.04
CA ASP A 15 -7.88 2.44 4.23
C ASP A 15 -7.93 0.95 3.92
N ASN A 16 -7.41 0.15 4.83
CA ASN A 16 -7.38 -1.29 4.67
C ASN A 16 -7.47 -1.97 6.02
N VAL A 17 -8.21 -3.06 6.08
CA VAL A 17 -8.28 -3.88 7.28
C VAL A 17 -7.64 -5.19 6.85
N ALA A 18 -6.70 -5.65 7.65
CA ALA A 18 -5.96 -6.86 7.38
C ALA A 18 -6.85 -8.06 7.67
N GLU A 19 -7.27 -8.75 6.62
CA GLU A 19 -8.13 -9.92 6.74
C GLU A 19 -7.26 -11.16 6.69
N SER A 20 -6.09 -11.00 6.08
CA SER A 20 -5.13 -12.08 5.97
C SER A 20 -4.13 -11.91 7.11
N PRO A 21 -3.56 -13.02 7.61
CA PRO A 21 -2.58 -12.87 8.69
C PRO A 21 -1.29 -12.23 8.20
N ASP A 22 -1.11 -12.20 6.89
CA ASP A 22 0.08 -11.61 6.29
C ASP A 22 -0.15 -10.16 5.89
N GLU A 23 -1.36 -9.65 6.08
CA GLU A 23 -1.72 -8.34 5.56
C GLU A 23 -1.55 -7.21 6.58
N LEU A 24 -1.37 -6.00 6.09
CA LEU A 24 -1.27 -4.81 6.95
C LEU A 24 -2.58 -4.04 7.02
N SER A 25 -2.84 -3.50 8.20
CA SER A 25 -4.00 -2.63 8.41
C SER A 25 -3.49 -1.22 8.48
N PHE A 26 -4.13 -0.33 7.74
CA PHE A 26 -3.75 1.09 7.73
C PHE A 26 -4.91 1.99 7.31
N ARG A 27 -4.72 3.29 7.40
CA ARG A 27 -5.75 4.27 7.04
C ARG A 27 -5.34 5.00 5.75
N LYS A 28 -6.32 5.54 5.04
CA LYS A 28 -6.07 6.39 3.87
C LYS A 28 -5.14 7.52 4.29
N GLY A 29 -4.09 7.73 3.51
CA GLY A 29 -3.10 8.77 3.78
C GLY A 29 -1.84 8.26 4.45
N ASP A 30 -1.85 7.05 4.98
CA ASP A 30 -0.69 6.50 5.69
C ASP A 30 0.44 6.21 4.74
N ILE A 31 1.66 6.19 5.25
CA ILE A 31 2.86 5.91 4.46
C ILE A 31 3.46 4.61 4.96
N MET A 32 3.73 3.71 4.04
CA MET A 32 4.41 2.46 4.35
C MET A 32 5.59 2.27 3.43
N THR A 33 6.57 1.53 3.91
CA THR A 33 7.80 1.26 3.17
C THR A 33 7.61 0.02 2.31
N VAL A 34 7.59 0.18 1.00
CA VAL A 34 7.44 -0.94 0.08
C VAL A 34 8.77 -1.65 -0.02
N LEU A 35 8.74 -2.93 0.30
CA LEU A 35 9.92 -3.76 0.28
C LEU A 35 10.01 -4.45 -1.06
N GLU A 36 8.92 -5.04 -1.51
CA GLU A 36 8.87 -5.63 -2.85
C GLU A 36 7.43 -5.61 -3.34
N ARG A 37 7.23 -5.95 -4.60
CA ARG A 37 5.88 -5.95 -5.18
C ARG A 37 5.72 -7.31 -5.82
N ASP A 38 4.47 -7.77 -5.87
CA ASP A 38 4.12 -9.07 -6.46
C ASP A 38 4.86 -10.14 -5.63
N THR A 39 4.93 -9.83 -4.34
CA THR A 39 5.67 -10.60 -3.36
C THR A 39 5.10 -11.99 -3.19
N GLN A 40 5.99 -12.96 -2.96
CA GLN A 40 5.62 -14.39 -2.80
C GLN A 40 4.87 -14.95 -4.01
N GLY A 41 4.90 -14.24 -5.13
CA GLY A 41 4.17 -14.66 -6.32
C GLY A 41 2.71 -14.24 -6.26
N LEU A 42 2.39 -13.39 -5.30
CA LEU A 42 1.05 -12.90 -5.13
C LEU A 42 0.92 -11.64 -5.97
N ASP A 43 0.51 -11.82 -7.21
CA ASP A 43 0.41 -10.69 -8.13
C ASP A 43 -0.52 -9.65 -7.57
N GLY A 44 -0.11 -8.40 -7.67
CA GLY A 44 -0.92 -7.32 -7.16
C GLY A 44 -0.71 -7.01 -5.68
N TRP A 45 -0.14 -7.93 -4.91
CA TRP A 45 0.11 -7.72 -3.50
C TRP A 45 1.52 -7.14 -3.33
N TRP A 46 1.66 -6.07 -2.57
CA TRP A 46 2.95 -5.43 -2.36
C TRP A 46 3.40 -5.63 -0.92
N LEU A 47 4.60 -6.14 -0.73
CA LEU A 47 5.14 -6.34 0.62
C LEU A 47 5.57 -4.99 1.13
N CYS A 48 5.02 -4.58 2.25
CA CYS A 48 5.38 -3.31 2.85
C CYS A 48 5.63 -3.45 4.33
N SER A 49 6.13 -2.40 4.94
CA SER A 49 6.33 -2.35 6.38
C SER A 49 5.70 -1.06 6.90
N LEU A 50 4.92 -1.20 7.96
CA LEU A 50 4.19 -0.10 8.55
C LEU A 50 4.14 -0.35 10.05
N HIS A 51 4.47 0.68 10.85
CA HIS A 51 4.46 0.60 12.32
C HIS A 51 5.34 -0.55 12.86
N GLY A 52 6.39 -0.88 12.13
CA GLY A 52 7.28 -1.97 12.54
C GLY A 52 6.74 -3.37 12.26
N ARG A 53 5.65 -3.46 11.50
CA ARG A 53 5.04 -4.74 11.16
C ARG A 53 5.17 -4.86 9.66
N GLN A 54 5.55 -6.04 9.19
CA GLN A 54 5.68 -6.28 7.77
C GLN A 54 4.49 -7.06 7.27
N GLY A 55 4.06 -6.81 6.04
CA GLY A 55 2.95 -7.55 5.48
C GLY A 55 2.58 -7.12 4.08
N ILE A 56 1.70 -7.87 3.44
CA ILE A 56 1.25 -7.58 2.08
C ILE A 56 0.14 -6.55 2.11
N VAL A 57 0.02 -5.83 1.01
CA VAL A 57 -0.98 -4.78 0.87
C VAL A 57 -1.49 -4.83 -0.57
N PRO A 58 -2.80 -4.63 -0.80
CA PRO A 58 -3.24 -4.60 -2.20
C PRO A 58 -2.72 -3.35 -2.94
N GLY A 59 -1.98 -3.55 -4.01
CA GLY A 59 -1.41 -2.46 -4.78
C GLY A 59 -2.44 -1.51 -5.34
N ASN A 60 -3.66 -2.00 -5.53
CA ASN A 60 -4.78 -1.19 -6.02
C ASN A 60 -5.15 -0.07 -5.04
N ARG A 61 -4.68 -0.16 -3.80
CA ARG A 61 -4.96 0.85 -2.79
C ARG A 61 -3.71 1.64 -2.39
N LEU A 62 -2.63 1.46 -3.13
CA LEU A 62 -1.37 2.15 -2.83
C LEU A 62 -0.81 2.95 -3.98
N LYS A 63 -0.08 4.00 -3.62
CA LYS A 63 0.59 4.83 -4.61
C LYS A 63 2.06 4.99 -4.27
N ILE A 64 2.90 4.54 -5.17
CA ILE A 64 4.34 4.65 -4.99
C ILE A 64 4.71 6.13 -5.10
N LEU A 65 5.39 6.64 -4.09
CA LEU A 65 5.77 8.05 -4.06
C LEU A 65 7.18 8.24 -4.62
N VAL A 66 7.28 8.13 -5.95
CA VAL A 66 8.57 8.31 -6.64
C VAL A 66 9.08 9.75 -6.45
N GLY A 67 8.16 10.69 -6.31
CA GLY A 67 8.52 12.09 -6.08
C GLY A 67 8.84 12.84 -7.35
N MET A 68 8.02 13.85 -7.65
CA MET A 68 8.17 14.75 -8.83
C MET A 68 8.07 14.11 -10.22
N TYR A 69 8.81 13.03 -10.47
CA TYR A 69 8.80 12.34 -11.75
C TYR A 69 7.39 11.98 -12.17
N ASP A 70 7.13 12.04 -13.47
CA ASP A 70 5.84 11.68 -14.07
C ASP A 70 4.65 12.45 -13.48
N LYS A 71 4.62 13.74 -13.80
CA LYS A 71 3.46 14.62 -13.56
C LYS A 71 2.94 14.67 -12.12
N LYS A 72 3.80 14.45 -11.13
CA LYS A 72 3.38 14.49 -9.74
C LYS A 72 3.41 15.95 -9.28
N PRO A 73 2.44 16.36 -8.44
CA PRO A 73 2.36 17.79 -8.12
C PRO A 73 3.47 18.31 -7.21
N ALA A 74 3.83 19.56 -7.39
CA ALA A 74 4.84 20.23 -6.57
C ALA A 74 4.21 20.61 -5.22
N GLY A 75 5.06 20.87 -4.24
CA GLY A 75 4.59 21.24 -2.91
C GLY A 75 4.08 20.04 -2.15
N SER A 76 2.81 19.73 -2.34
CA SER A 76 2.17 18.55 -1.71
C SER A 76 2.35 18.45 -0.19
N GLY A 77 2.43 19.59 0.50
CA GLY A 77 2.61 19.58 1.94
C GLY A 77 1.41 19.00 2.67
N GLY A 78 0.22 19.24 2.12
CA GLY A 78 -0.99 18.68 2.69
C GLY A 78 -2.21 19.26 2.01
N SER A 79 -3.30 18.51 1.98
CA SER A 79 -4.55 18.96 1.39
C SER A 79 -5.62 17.98 1.85
N GLY A 80 -6.87 18.42 1.91
CA GLY A 80 -7.96 17.55 2.30
C GLY A 80 -9.24 18.36 2.37
N SER A 81 -10.38 17.71 2.20
CA SER A 81 -11.68 18.40 2.21
C SER A 81 -12.65 17.67 3.13
N GLY A 82 -12.09 16.86 4.02
CA GLY A 82 -12.88 16.01 4.90
C GLY A 82 -12.45 14.58 4.64
N LEU A 83 -13.14 13.62 5.26
CA LEU A 83 -12.78 12.22 5.05
C LEU A 83 -13.27 11.73 3.71
N THR A 84 -14.49 12.15 3.36
CA THR A 84 -15.20 11.79 2.12
C THR A 84 -15.64 10.32 2.12
N ASP A 85 -16.85 10.08 1.62
CA ASP A 85 -17.34 8.71 1.47
C ASP A 85 -16.74 8.20 0.17
N GLU A 86 -16.00 7.11 0.25
CA GLU A 86 -15.25 6.60 -0.89
C GLU A 86 -15.19 5.07 -0.82
N LEU A 87 -15.77 4.40 -1.80
CA LEU A 87 -15.73 2.94 -1.83
C LEU A 87 -14.43 2.48 -2.47
N ALA A 88 -13.59 1.88 -1.65
CA ALA A 88 -12.27 1.43 -2.08
C ALA A 88 -12.39 0.26 -3.08
N PRO A 89 -11.44 0.15 -4.03
CA PRO A 89 -11.52 -1.00 -4.94
C PRO A 89 -11.19 -2.31 -4.24
N PRO A 90 -11.61 -3.44 -4.83
CA PRO A 90 -11.36 -4.70 -4.13
C PRO A 90 -9.89 -5.11 -4.10
N LYS A 91 -9.53 -5.88 -3.10
CA LYS A 91 -8.18 -6.42 -2.99
C LYS A 91 -8.14 -7.65 -3.91
N PRO A 92 -6.97 -7.96 -4.51
CA PRO A 92 -6.92 -9.16 -5.35
C PRO A 92 -7.05 -10.42 -4.49
N PRO A 93 -7.36 -11.57 -5.11
CA PRO A 93 -7.52 -12.80 -4.31
C PRO A 93 -6.21 -13.32 -3.76
N LEU A 94 -6.30 -14.38 -2.97
CA LEU A 94 -5.14 -15.02 -2.35
C LEU A 94 -5.26 -16.52 -2.53
N PRO A 95 -4.14 -17.26 -2.41
CA PRO A 95 -4.15 -18.72 -2.52
C PRO A 95 -4.77 -19.37 -1.29
N GLU A 96 -4.76 -20.70 -1.26
CA GLU A 96 -5.32 -21.51 -0.18
C GLU A 96 -6.80 -21.27 0.12
N GLY A 97 -7.47 -20.61 -0.81
CA GLY A 97 -8.91 -20.44 -0.75
C GLY A 97 -9.61 -21.58 -1.48
N GLU A 98 -8.84 -22.61 -1.79
CA GLU A 98 -9.33 -23.76 -2.53
C GLU A 98 -10.28 -24.56 -1.63
N VAL A 99 -11.54 -24.67 -2.04
CA VAL A 99 -12.57 -25.37 -1.25
C VAL A 99 -12.28 -26.88 -1.08
N GLY A 1 21.20 4.09 2.95
CA GLY A 1 20.70 3.33 4.14
C GLY A 1 19.88 2.11 3.78
N SER A 2 19.50 2.11 2.50
CA SER A 2 18.71 1.02 1.93
C SER A 2 19.63 -0.18 1.71
N MET A 3 19.21 -1.33 2.22
CA MET A 3 19.97 -2.57 2.07
C MET A 3 18.95 -3.69 1.93
N LYS A 4 19.03 -4.43 0.81
CA LYS A 4 18.02 -5.43 0.39
C LYS A 4 16.71 -4.71 0.05
N TYR A 5 15.86 -5.35 -0.75
CA TYR A 5 14.55 -4.82 -1.12
C TYR A 5 14.58 -3.45 -1.84
N LEU A 6 13.39 -2.96 -2.19
CA LEU A 6 13.24 -1.70 -2.91
C LEU A 6 13.34 -0.50 -1.96
N ASN A 7 12.73 -0.64 -0.78
CA ASN A 7 12.66 0.42 0.24
C ASN A 7 12.20 1.79 -0.29
N VAL A 8 11.03 1.80 -0.93
CA VAL A 8 10.45 3.02 -1.46
C VAL A 8 9.27 3.38 -0.56
N LEU A 9 8.82 4.62 -0.58
CA LEU A 9 7.67 5.00 0.23
C LEU A 9 6.41 4.98 -0.63
N ALA A 10 5.29 4.57 -0.05
CA ALA A 10 4.02 4.56 -0.77
C ALA A 10 2.90 5.09 0.13
N LYS A 11 1.96 5.82 -0.45
CA LYS A 11 0.81 6.38 0.29
C LYS A 11 -0.45 5.57 0.02
N ALA A 12 -1.20 5.31 1.07
CA ALA A 12 -2.50 4.67 0.97
C ALA A 12 -3.53 5.64 0.35
N LEU A 13 -4.20 5.23 -0.73
CA LEU A 13 -5.25 6.04 -1.34
C LEU A 13 -6.57 5.80 -0.64
N TYR A 14 -6.67 4.67 0.01
CA TYR A 14 -7.88 4.25 0.71
C TYR A 14 -7.38 3.57 1.95
N ASP A 15 -8.24 3.28 2.90
CA ASP A 15 -7.85 2.51 4.08
C ASP A 15 -7.83 1.03 3.69
N ASN A 16 -7.31 0.21 4.58
CA ASN A 16 -7.30 -1.23 4.35
C ASN A 16 -7.49 -1.96 5.66
N VAL A 17 -8.33 -2.98 5.63
CA VAL A 17 -8.56 -3.82 6.79
C VAL A 17 -7.88 -5.13 6.46
N ALA A 18 -6.98 -5.54 7.32
CA ALA A 18 -6.23 -6.76 7.14
C ALA A 18 -7.14 -7.95 7.47
N GLU A 19 -7.39 -8.78 6.47
CA GLU A 19 -8.25 -9.95 6.65
C GLU A 19 -7.39 -11.19 6.80
N SER A 20 -6.16 -11.08 6.32
CA SER A 20 -5.18 -12.17 6.42
C SER A 20 -4.12 -11.79 7.43
N PRO A 21 -3.49 -12.79 8.07
CA PRO A 21 -2.45 -12.48 9.06
C PRO A 21 -1.17 -11.93 8.43
N ASP A 22 -1.05 -12.06 7.12
CA ASP A 22 0.10 -11.57 6.39
C ASP A 22 -0.16 -10.16 5.91
N GLU A 23 -1.37 -9.65 6.10
CA GLU A 23 -1.76 -8.38 5.50
C GLU A 23 -1.63 -7.20 6.49
N LEU A 24 -1.33 -6.03 5.96
CA LEU A 24 -1.25 -4.82 6.77
C LEU A 24 -2.56 -4.07 6.77
N SER A 25 -2.90 -3.50 7.91
CA SER A 25 -4.07 -2.67 8.05
C SER A 25 -3.58 -1.25 8.25
N PHE A 26 -4.19 -0.33 7.53
CA PHE A 26 -3.81 1.08 7.59
C PHE A 26 -4.96 1.99 7.19
N ARG A 27 -4.77 3.29 7.37
CA ARG A 27 -5.77 4.30 7.05
C ARG A 27 -5.36 5.01 5.76
N LYS A 28 -6.34 5.59 5.08
CA LYS A 28 -6.05 6.42 3.91
C LYS A 28 -5.09 7.52 4.33
N GLY A 29 -4.06 7.72 3.52
CA GLY A 29 -3.09 8.77 3.77
C GLY A 29 -1.84 8.30 4.49
N ASP A 30 -1.85 7.08 4.99
CA ASP A 30 -0.69 6.52 5.71
C ASP A 30 0.43 6.26 4.73
N ILE A 31 1.66 6.19 5.26
CA ILE A 31 2.84 5.92 4.46
C ILE A 31 3.47 4.64 4.96
N MET A 32 3.77 3.72 4.04
CA MET A 32 4.45 2.49 4.38
C MET A 32 5.65 2.31 3.47
N THR A 33 6.61 1.54 3.94
CA THR A 33 7.84 1.28 3.19
C THR A 33 7.63 0.05 2.33
N VAL A 34 7.62 0.20 1.02
CA VAL A 34 7.45 -0.93 0.10
C VAL A 34 8.77 -1.63 -0.04
N LEU A 35 8.76 -2.90 0.30
CA LEU A 35 9.96 -3.72 0.26
C LEU A 35 10.02 -4.44 -1.08
N GLU A 36 8.92 -5.01 -1.51
CA GLU A 36 8.87 -5.60 -2.85
C GLU A 36 7.44 -5.59 -3.35
N ARG A 37 7.25 -5.87 -4.63
CA ARG A 37 5.92 -5.91 -5.22
C ARG A 37 5.72 -7.28 -5.78
N ASP A 38 4.47 -7.72 -5.82
CA ASP A 38 4.08 -9.01 -6.39
C ASP A 38 4.83 -10.12 -5.65
N THR A 39 4.97 -9.86 -4.35
CA THR A 39 5.71 -10.72 -3.43
C THR A 39 5.06 -12.08 -3.29
N GLN A 40 5.88 -13.11 -3.07
CA GLN A 40 5.42 -14.50 -2.93
C GLN A 40 4.63 -15.02 -4.14
N GLY A 41 4.72 -14.30 -5.26
CA GLY A 41 3.97 -14.68 -6.45
C GLY A 41 2.54 -14.18 -6.38
N LEU A 42 2.25 -13.32 -5.41
CA LEU A 42 0.93 -12.78 -5.21
C LEU A 42 0.80 -11.52 -6.03
N ASP A 43 0.36 -11.66 -7.27
CA ASP A 43 0.24 -10.51 -8.17
C ASP A 43 -0.67 -9.45 -7.57
N GLY A 44 -0.18 -8.22 -7.54
CA GLY A 44 -0.96 -7.11 -7.00
C GLY A 44 -0.77 -6.90 -5.52
N TRP A 45 -0.19 -7.86 -4.81
CA TRP A 45 0.09 -7.72 -3.40
C TRP A 45 1.52 -7.20 -3.26
N TRP A 46 1.70 -6.15 -2.48
CA TRP A 46 3.01 -5.54 -2.32
C TRP A 46 3.47 -5.68 -0.88
N LEU A 47 4.66 -6.20 -0.68
CA LEU A 47 5.21 -6.38 0.66
C LEU A 47 5.64 -5.03 1.16
N CYS A 48 5.08 -4.61 2.27
CA CYS A 48 5.44 -3.34 2.88
C CYS A 48 5.64 -3.47 4.36
N SER A 49 6.17 -2.43 4.96
CA SER A 49 6.38 -2.37 6.39
C SER A 49 5.72 -1.11 6.94
N LEU A 50 4.91 -1.30 7.97
CA LEU A 50 4.13 -0.23 8.58
C LEU A 50 3.94 -0.57 10.06
N HIS A 51 4.11 0.43 10.93
CA HIS A 51 3.95 0.27 12.39
C HIS A 51 4.83 -0.86 12.96
N GLY A 52 5.99 -1.06 12.35
CA GLY A 52 6.91 -2.10 12.82
C GLY A 52 6.48 -3.52 12.47
N ARG A 53 5.52 -3.66 11.56
CA ARG A 53 5.05 -4.97 11.13
C ARG A 53 5.25 -5.02 9.64
N GLN A 54 5.56 -6.18 9.12
CA GLN A 54 5.72 -6.37 7.70
C GLN A 54 4.52 -7.16 7.22
N GLY A 55 4.07 -6.90 6.01
CA GLY A 55 2.94 -7.62 5.47
C GLY A 55 2.58 -7.18 4.06
N ILE A 56 1.69 -7.92 3.43
CA ILE A 56 1.26 -7.61 2.06
C ILE A 56 0.18 -6.54 2.09
N VAL A 57 0.08 -5.83 0.99
CA VAL A 57 -0.86 -4.72 0.83
C VAL A 57 -1.43 -4.76 -0.57
N PRO A 58 -2.73 -4.51 -0.75
CA PRO A 58 -3.23 -4.43 -2.12
C PRO A 58 -2.71 -3.19 -2.83
N GLY A 59 -1.93 -3.38 -3.88
CA GLY A 59 -1.40 -2.26 -4.66
C GLY A 59 -2.50 -1.44 -5.29
N ASN A 60 -3.68 -2.04 -5.42
CA ASN A 60 -4.86 -1.38 -5.95
C ASN A 60 -5.30 -0.20 -5.06
N ARG A 61 -4.85 -0.19 -3.81
CA ARG A 61 -5.17 0.88 -2.87
C ARG A 61 -3.92 1.65 -2.47
N LEU A 62 -2.80 1.41 -3.14
CA LEU A 62 -1.53 2.02 -2.77
C LEU A 62 -0.85 2.75 -3.92
N LYS A 63 -0.25 3.89 -3.60
CA LYS A 63 0.45 4.70 -4.60
C LYS A 63 1.89 4.89 -4.23
N ILE A 64 2.75 4.42 -5.12
CA ILE A 64 4.19 4.57 -4.95
C ILE A 64 4.55 6.04 -5.08
N LEU A 65 5.26 6.55 -4.09
CA LEU A 65 5.70 7.94 -4.10
C LEU A 65 7.10 8.01 -4.68
N VAL A 66 7.17 8.08 -6.00
CA VAL A 66 8.45 8.14 -6.72
C VAL A 66 9.18 9.44 -6.37
N GLY A 67 8.41 10.47 -6.02
CA GLY A 67 8.96 11.77 -5.69
C GLY A 67 9.22 12.57 -6.94
N MET A 68 9.94 11.98 -7.87
CA MET A 68 10.18 12.60 -9.17
C MET A 68 8.89 12.55 -9.98
N TYR A 69 8.81 13.46 -10.96
CA TYR A 69 7.70 13.55 -11.92
C TYR A 69 6.34 13.88 -11.31
N ASP A 70 6.31 14.28 -10.05
CA ASP A 70 5.08 14.68 -9.39
C ASP A 70 4.65 16.06 -9.90
N LYS A 71 3.40 16.44 -9.64
CA LYS A 71 2.82 17.67 -10.19
C LYS A 71 1.95 18.40 -9.17
N LYS A 72 2.42 18.49 -7.94
CA LYS A 72 1.69 19.26 -6.91
C LYS A 72 1.68 20.74 -7.28
N PRO A 73 0.66 21.50 -6.86
CA PRO A 73 0.72 22.94 -7.09
C PRO A 73 1.66 23.66 -6.12
N ALA A 74 2.02 22.98 -5.05
CA ALA A 74 2.91 23.51 -4.02
C ALA A 74 3.56 22.34 -3.25
N GLY A 75 3.09 22.10 -2.04
CA GLY A 75 3.61 20.99 -1.24
C GLY A 75 2.61 20.53 -0.21
N SER A 76 2.12 21.48 0.56
CA SER A 76 1.08 21.25 1.55
C SER A 76 -0.28 21.46 0.89
N GLY A 77 -1.35 21.29 1.65
CA GLY A 77 -2.71 21.54 1.15
C GLY A 77 -3.31 20.40 0.36
N GLY A 78 -2.57 19.86 -0.58
CA GLY A 78 -3.03 18.76 -1.42
C GLY A 78 -3.07 17.39 -0.76
N SER A 79 -3.47 17.33 0.50
CA SER A 79 -3.56 16.08 1.23
C SER A 79 -4.98 15.50 1.19
N GLY A 80 -5.97 16.39 1.27
CA GLY A 80 -7.36 15.96 1.35
C GLY A 80 -7.70 15.47 2.74
N SER A 81 -8.97 15.17 2.98
CA SER A 81 -9.41 14.68 4.31
C SER A 81 -10.10 13.33 4.23
N GLY A 82 -10.22 12.79 3.03
CA GLY A 82 -10.87 11.49 2.85
C GLY A 82 -12.33 11.59 2.42
N LEU A 83 -12.94 12.74 2.68
CA LEU A 83 -14.36 13.00 2.35
C LEU A 83 -15.24 11.90 2.97
N THR A 84 -16.34 11.57 2.29
CA THR A 84 -17.25 10.53 2.74
C THR A 84 -17.57 9.69 1.52
N ASP A 85 -18.17 8.52 1.75
CA ASP A 85 -18.71 7.64 0.70
C ASP A 85 -17.71 7.17 -0.36
N GLU A 86 -16.43 7.32 -0.04
CA GLU A 86 -15.36 6.91 -0.94
C GLU A 86 -15.10 5.41 -0.78
N LEU A 87 -15.83 4.63 -1.56
CA LEU A 87 -15.72 3.18 -1.51
C LEU A 87 -14.45 2.72 -2.21
N ALA A 88 -13.63 1.99 -1.46
CA ALA A 88 -12.34 1.53 -1.96
C ALA A 88 -12.47 0.37 -2.95
N PRO A 89 -11.54 0.27 -3.92
CA PRO A 89 -11.61 -0.84 -4.87
C PRO A 89 -11.23 -2.20 -4.24
N PRO A 90 -11.57 -3.31 -4.89
CA PRO A 90 -11.27 -4.61 -4.26
C PRO A 90 -9.80 -4.96 -4.22
N LYS A 91 -9.44 -5.82 -3.28
CA LYS A 91 -8.08 -6.33 -3.15
C LYS A 91 -7.95 -7.55 -4.06
N PRO A 92 -6.74 -7.85 -4.57
CA PRO A 92 -6.61 -9.07 -5.38
C PRO A 92 -6.79 -10.32 -4.50
N PRO A 93 -7.05 -11.50 -5.12
CA PRO A 93 -7.30 -12.69 -4.30
C PRO A 93 -6.05 -13.26 -3.67
N LEU A 94 -6.23 -14.24 -2.79
CA LEU A 94 -5.15 -14.92 -2.10
C LEU A 94 -5.34 -16.44 -2.14
N PRO A 95 -4.23 -17.21 -2.03
CA PRO A 95 -4.29 -18.67 -1.96
C PRO A 95 -4.70 -19.18 -0.58
N GLU A 96 -4.89 -20.48 -0.48
CA GLU A 96 -5.26 -21.14 0.79
C GLU A 96 -4.04 -21.40 1.70
N GLY A 97 -3.11 -20.46 1.72
CA GLY A 97 -1.90 -20.61 2.52
C GLY A 97 -0.79 -21.30 1.74
N GLU A 98 0.02 -22.08 2.44
CA GLU A 98 1.14 -22.79 1.81
C GLU A 98 0.60 -24.03 1.05
N VAL A 99 0.20 -23.81 -0.20
CA VAL A 99 -0.33 -24.86 -1.07
C VAL A 99 0.48 -25.02 -2.35
N GLY A 1 26.79 -0.99 0.64
CA GLY A 1 26.90 -2.44 0.91
C GLY A 1 25.96 -3.32 0.11
N SER A 2 25.80 -4.57 0.55
CA SER A 2 24.88 -5.51 -0.10
C SER A 2 23.45 -5.03 0.16
N MET A 3 22.60 -5.14 -0.84
CA MET A 3 21.23 -4.64 -0.76
C MET A 3 20.20 -5.76 -0.72
N LYS A 4 19.02 -5.42 -0.22
CA LYS A 4 17.85 -6.30 -0.25
C LYS A 4 16.68 -5.34 -0.37
N TYR A 5 15.62 -5.77 -1.04
CA TYR A 5 14.38 -5.01 -1.22
C TYR A 5 14.50 -3.63 -1.90
N LEU A 6 13.35 -3.09 -2.28
CA LEU A 6 13.23 -1.81 -2.98
C LEU A 6 13.33 -0.64 -1.99
N ASN A 7 12.68 -0.80 -0.84
CA ASN A 7 12.70 0.19 0.25
C ASN A 7 12.23 1.59 -0.18
N VAL A 8 11.06 1.68 -0.81
CA VAL A 8 10.53 2.95 -1.30
C VAL A 8 9.31 3.32 -0.48
N LEU A 9 8.91 4.58 -0.48
CA LEU A 9 7.72 4.99 0.28
C LEU A 9 6.47 4.98 -0.60
N ALA A 10 5.34 4.61 -0.03
CA ALA A 10 4.06 4.62 -0.75
C ALA A 10 2.94 5.14 0.17
N LYS A 11 1.97 5.85 -0.41
CA LYS A 11 0.82 6.38 0.34
C LYS A 11 -0.46 5.61 0.05
N ALA A 12 -1.25 5.36 1.09
CA ALA A 12 -2.54 4.70 0.96
C ALA A 12 -3.55 5.69 0.36
N LEU A 13 -4.25 5.30 -0.69
CA LEU A 13 -5.31 6.15 -1.25
C LEU A 13 -6.62 5.83 -0.58
N TYR A 14 -6.66 4.68 0.07
CA TYR A 14 -7.85 4.17 0.70
C TYR A 14 -7.44 3.48 1.97
N ASP A 15 -8.37 3.35 2.88
CA ASP A 15 -8.15 2.64 4.13
C ASP A 15 -8.06 1.15 3.81
N ASN A 16 -7.39 0.38 4.64
CA ASN A 16 -7.30 -1.06 4.43
C ASN A 16 -7.46 -1.82 5.72
N VAL A 17 -8.36 -2.79 5.72
CA VAL A 17 -8.56 -3.67 6.85
C VAL A 17 -7.94 -4.98 6.41
N ALA A 18 -7.03 -5.47 7.23
CA ALA A 18 -6.34 -6.71 6.96
C ALA A 18 -7.33 -7.87 7.15
N GLU A 19 -7.43 -8.72 6.14
CA GLU A 19 -8.32 -9.89 6.18
C GLU A 19 -7.47 -11.15 6.19
N SER A 20 -6.23 -11.00 5.77
CA SER A 20 -5.24 -12.08 5.82
C SER A 20 -4.33 -11.80 7.00
N PRO A 21 -3.83 -12.85 7.67
CA PRO A 21 -2.90 -12.63 8.77
C PRO A 21 -1.55 -12.06 8.32
N ASP A 22 -1.28 -12.10 7.02
CA ASP A 22 -0.04 -11.58 6.49
C ASP A 22 -0.22 -10.17 5.95
N GLU A 23 -1.44 -9.66 6.03
CA GLU A 23 -1.77 -8.35 5.46
C GLU A 23 -1.65 -7.22 6.48
N LEU A 24 -1.28 -6.04 6.02
CA LEU A 24 -1.22 -4.87 6.89
C LEU A 24 -2.53 -4.10 6.92
N SER A 25 -2.83 -3.56 8.09
CA SER A 25 -4.02 -2.74 8.28
C SER A 25 -3.56 -1.31 8.47
N PHE A 26 -4.12 -0.41 7.69
CA PHE A 26 -3.76 1.01 7.71
C PHE A 26 -4.96 1.83 7.26
N ARG A 27 -4.83 3.14 7.34
CA ARG A 27 -5.91 4.06 6.95
C ARG A 27 -5.48 4.88 5.73
N LYS A 28 -6.42 5.60 5.14
CA LYS A 28 -6.14 6.44 3.97
C LYS A 28 -5.15 7.53 4.35
N GLY A 29 -4.16 7.72 3.49
CA GLY A 29 -3.15 8.73 3.71
C GLY A 29 -1.93 8.25 4.47
N ASP A 30 -1.93 7.00 4.92
CA ASP A 30 -0.79 6.46 5.67
C ASP A 30 0.38 6.23 4.74
N ILE A 31 1.57 6.10 5.31
CA ILE A 31 2.79 5.88 4.52
C ILE A 31 3.46 4.59 4.99
N MET A 32 3.73 3.70 4.05
CA MET A 32 4.42 2.45 4.35
C MET A 32 5.62 2.29 3.43
N THR A 33 6.59 1.52 3.89
CA THR A 33 7.81 1.24 3.13
C THR A 33 7.61 0.01 2.27
N VAL A 34 7.59 0.17 0.96
CA VAL A 34 7.41 -0.95 0.03
C VAL A 34 8.73 -1.67 -0.10
N LEU A 35 8.74 -2.93 0.30
CA LEU A 35 9.93 -3.74 0.25
C LEU A 35 9.98 -4.46 -1.08
N GLU A 36 8.88 -5.02 -1.52
CA GLU A 36 8.82 -5.60 -2.87
C GLU A 36 7.39 -5.58 -3.37
N ARG A 37 7.19 -5.96 -4.62
CA ARG A 37 5.86 -5.99 -5.21
C ARG A 37 5.68 -7.36 -5.80
N ASP A 38 4.44 -7.81 -5.87
CA ASP A 38 4.07 -9.10 -6.43
C ASP A 38 4.83 -10.18 -5.64
N THR A 39 4.91 -9.89 -4.34
CA THR A 39 5.65 -10.69 -3.38
C THR A 39 5.04 -12.06 -3.23
N GLN A 40 5.90 -13.06 -3.01
CA GLN A 40 5.50 -14.47 -2.86
C GLN A 40 4.72 -15.00 -4.08
N GLY A 41 4.78 -14.29 -5.20
CA GLY A 41 4.03 -14.68 -6.39
C GLY A 41 2.59 -14.23 -6.32
N LEU A 42 2.29 -13.34 -5.38
CA LEU A 42 0.94 -12.85 -5.20
C LEU A 42 0.78 -11.58 -6.03
N ASP A 43 0.30 -11.75 -7.25
CA ASP A 43 0.14 -10.62 -8.17
C ASP A 43 -0.70 -9.52 -7.54
N GLY A 44 -0.19 -8.30 -7.58
CA GLY A 44 -0.92 -7.17 -7.04
C GLY A 44 -0.68 -6.93 -5.55
N TRP A 45 -0.13 -7.88 -4.83
CA TRP A 45 0.16 -7.70 -3.43
C TRP A 45 1.57 -7.15 -3.28
N TRP A 46 1.73 -6.08 -2.51
CA TRP A 46 3.04 -5.45 -2.33
C TRP A 46 3.47 -5.64 -0.89
N LEU A 47 4.66 -6.19 -0.69
CA LEU A 47 5.19 -6.38 0.66
C LEU A 47 5.61 -5.03 1.16
N CYS A 48 5.06 -4.61 2.28
CA CYS A 48 5.41 -3.34 2.86
C CYS A 48 5.63 -3.45 4.35
N SER A 49 6.15 -2.38 4.93
CA SER A 49 6.38 -2.31 6.36
C SER A 49 5.73 -1.04 6.88
N LEU A 50 4.94 -1.20 7.94
CA LEU A 50 4.20 -0.09 8.54
C LEU A 50 4.12 -0.33 10.04
N HIS A 51 4.40 0.71 10.83
CA HIS A 51 4.34 0.64 12.31
C HIS A 51 5.21 -0.50 12.88
N GLY A 52 6.30 -0.83 12.19
CA GLY A 52 7.18 -1.89 12.66
C GLY A 52 6.71 -3.30 12.34
N ARG A 53 5.67 -3.43 11.52
CA ARG A 53 5.10 -4.72 11.16
C ARG A 53 5.24 -4.85 9.65
N GLN A 54 5.62 -6.02 9.19
CA GLN A 54 5.77 -6.29 7.76
C GLN A 54 4.57 -7.10 7.29
N GLY A 55 4.14 -6.89 6.06
CA GLY A 55 3.03 -7.66 5.53
C GLY A 55 2.66 -7.24 4.12
N ILE A 56 1.80 -8.00 3.48
CA ILE A 56 1.36 -7.69 2.12
C ILE A 56 0.28 -6.61 2.17
N VAL A 57 0.15 -5.89 1.08
CA VAL A 57 -0.81 -4.79 0.96
C VAL A 57 -1.37 -4.81 -0.46
N PRO A 58 -2.68 -4.58 -0.65
CA PRO A 58 -3.16 -4.53 -2.02
C PRO A 58 -2.65 -3.29 -2.75
N GLY A 59 -1.90 -3.51 -3.81
CA GLY A 59 -1.33 -2.42 -4.59
C GLY A 59 -2.40 -1.57 -5.24
N ASN A 60 -3.59 -2.15 -5.40
CA ASN A 60 -4.74 -1.44 -5.95
C ASN A 60 -5.19 -0.27 -5.06
N ARG A 61 -4.73 -0.24 -3.81
CA ARG A 61 -5.07 0.84 -2.88
C ARG A 61 -3.83 1.66 -2.49
N LEU A 62 -2.71 1.43 -3.17
CA LEU A 62 -1.47 2.15 -2.88
C LEU A 62 -0.93 2.96 -4.04
N LYS A 63 -0.21 4.01 -3.69
CA LYS A 63 0.50 4.83 -4.68
C LYS A 63 1.94 4.98 -4.28
N ILE A 64 2.83 4.52 -5.14
CA ILE A 64 4.27 4.67 -4.92
C ILE A 64 4.60 6.14 -5.04
N LEU A 65 5.27 6.67 -4.02
CA LEU A 65 5.65 8.08 -4.01
C LEU A 65 7.01 8.25 -4.65
N VAL A 66 7.05 8.11 -5.98
CA VAL A 66 8.29 8.24 -6.73
C VAL A 66 8.86 9.65 -6.60
N GLY A 67 7.97 10.63 -6.51
CA GLY A 67 8.37 12.02 -6.34
C GLY A 67 8.91 12.69 -7.60
N MET A 68 8.99 11.95 -8.69
CA MET A 68 9.56 12.44 -9.95
C MET A 68 8.68 12.13 -11.16
N TYR A 69 8.06 10.97 -11.17
CA TYR A 69 7.32 10.48 -12.34
C TYR A 69 5.95 11.11 -12.61
N ASP A 70 5.49 11.95 -11.70
CA ASP A 70 4.11 12.53 -11.71
C ASP A 70 3.07 11.88 -12.64
N LYS A 71 2.61 10.69 -12.28
CA LYS A 71 1.61 9.98 -13.09
C LYS A 71 0.28 10.75 -13.08
N LYS A 72 0.07 11.51 -12.02
CA LYS A 72 -1.07 12.42 -11.87
C LYS A 72 -0.83 13.23 -10.60
N PRO A 73 -1.01 14.57 -10.65
CA PRO A 73 -0.67 15.40 -9.49
C PRO A 73 -1.69 15.34 -8.35
N ALA A 74 -2.86 14.80 -8.65
CA ALA A 74 -3.99 14.72 -7.71
C ALA A 74 -4.44 16.12 -7.28
N GLY A 75 -3.98 16.60 -6.13
CA GLY A 75 -4.37 17.91 -5.65
C GLY A 75 -5.74 17.88 -5.00
N SER A 76 -6.36 19.04 -4.87
CA SER A 76 -7.69 19.17 -4.28
C SER A 76 -8.74 19.16 -5.40
N GLY A 77 -9.95 18.78 -5.06
CA GLY A 77 -11.04 18.81 -6.03
C GLY A 77 -12.35 18.68 -5.29
N GLY A 78 -13.47 18.81 -6.00
CA GLY A 78 -14.79 18.72 -5.38
C GLY A 78 -15.73 17.88 -6.24
N SER A 79 -15.71 16.57 -6.02
CA SER A 79 -16.50 15.63 -6.83
C SER A 79 -17.41 14.76 -5.98
N GLY A 80 -17.71 15.21 -4.77
CA GLY A 80 -18.53 14.43 -3.84
C GLY A 80 -20.02 14.42 -4.12
N SER A 81 -20.39 14.36 -5.39
CA SER A 81 -21.79 14.34 -5.81
C SER A 81 -22.51 13.09 -5.33
N GLY A 82 -21.75 12.02 -5.11
CA GLY A 82 -22.30 10.78 -4.57
C GLY A 82 -22.42 10.84 -3.05
N LEU A 83 -22.96 11.95 -2.54
CA LEU A 83 -23.10 12.18 -1.08
C LEU A 83 -21.76 12.01 -0.34
N THR A 84 -20.68 12.35 -1.03
CA THR A 84 -19.30 12.29 -0.51
C THR A 84 -18.79 10.89 -0.14
N ASP A 85 -19.45 9.84 -0.63
CA ASP A 85 -18.99 8.48 -0.39
C ASP A 85 -17.75 8.17 -1.23
N GLU A 86 -16.68 7.69 -0.60
CA GLU A 86 -15.44 7.30 -1.31
C GLU A 86 -15.10 5.85 -1.03
N LEU A 87 -15.84 4.97 -1.68
CA LEU A 87 -15.64 3.53 -1.52
C LEU A 87 -14.30 3.11 -2.13
N ALA A 88 -13.64 2.18 -1.47
CA ALA A 88 -12.35 1.69 -1.93
C ALA A 88 -12.50 0.61 -3.02
N PRO A 89 -11.54 0.53 -3.95
CA PRO A 89 -11.62 -0.53 -4.98
C PRO A 89 -11.31 -1.90 -4.38
N PRO A 90 -11.67 -2.99 -5.08
CA PRO A 90 -11.36 -4.34 -4.56
C PRO A 90 -9.87 -4.59 -4.39
N LYS A 91 -9.55 -5.59 -3.58
CA LYS A 91 -8.17 -6.04 -3.40
C LYS A 91 -8.02 -7.29 -4.28
N PRO A 92 -6.79 -7.59 -4.74
CA PRO A 92 -6.65 -8.82 -5.52
C PRO A 92 -6.85 -10.06 -4.63
N PRO A 93 -7.13 -11.23 -5.23
CA PRO A 93 -7.38 -12.43 -4.43
C PRO A 93 -6.11 -13.03 -3.82
N LEU A 94 -6.29 -14.06 -3.00
CA LEU A 94 -5.19 -14.77 -2.35
C LEU A 94 -5.40 -16.27 -2.47
N PRO A 95 -4.30 -17.06 -2.39
CA PRO A 95 -4.39 -18.53 -2.41
C PRO A 95 -4.87 -19.09 -1.08
N GLU A 96 -5.10 -20.40 -1.06
CA GLU A 96 -5.54 -21.10 0.15
C GLU A 96 -4.33 -21.52 1.01
N GLY A 97 -3.47 -20.56 1.31
CA GLY A 97 -2.31 -20.81 2.14
C GLY A 97 -1.02 -21.02 1.36
N GLU A 98 0.08 -21.11 2.10
CA GLU A 98 1.41 -21.19 1.51
C GLU A 98 1.98 -22.61 1.64
N VAL A 99 2.34 -23.21 0.50
CA VAL A 99 2.91 -24.57 0.48
C VAL A 99 4.37 -24.64 1.02
N GLY A 1 26.20 -4.79 3.93
CA GLY A 1 26.11 -3.37 3.44
C GLY A 1 25.40 -3.19 2.11
N SER A 2 25.03 -4.34 1.53
CA SER A 2 24.32 -4.36 0.25
C SER A 2 22.85 -4.03 0.47
N MET A 3 22.28 -3.24 -0.44
CA MET A 3 20.86 -2.92 -0.38
C MET A 3 20.05 -4.20 -0.56
N LYS A 4 18.94 -4.30 0.16
CA LYS A 4 18.02 -5.42 0.04
C LYS A 4 16.66 -4.76 0.01
N TYR A 5 15.74 -5.33 -0.76
CA TYR A 5 14.42 -4.78 -1.00
C TYR A 5 14.45 -3.41 -1.70
N LEU A 6 13.29 -2.96 -2.14
CA LEU A 6 13.16 -1.72 -2.92
C LEU A 6 13.30 -0.48 -2.04
N ASN A 7 12.85 -0.59 -0.79
CA ASN A 7 12.91 0.48 0.22
C ASN A 7 12.29 1.82 -0.21
N VAL A 8 11.15 1.79 -0.91
CA VAL A 8 10.50 3.01 -1.39
C VAL A 8 9.36 3.35 -0.46
N LEU A 9 8.86 4.57 -0.51
CA LEU A 9 7.70 4.95 0.29
C LEU A 9 6.45 4.96 -0.59
N ALA A 10 5.31 4.58 -0.02
CA ALA A 10 4.05 4.57 -0.76
C ALA A 10 2.92 5.11 0.14
N LYS A 11 1.99 5.84 -0.45
CA LYS A 11 0.85 6.40 0.29
C LYS A 11 -0.43 5.61 0.03
N ALA A 12 -1.21 5.38 1.07
CA ALA A 12 -2.50 4.73 0.98
C ALA A 12 -3.54 5.69 0.39
N LEU A 13 -4.23 5.29 -0.68
CA LEU A 13 -5.30 6.11 -1.26
C LEU A 13 -6.62 5.76 -0.62
N TYR A 14 -6.65 4.62 0.04
CA TYR A 14 -7.83 4.12 0.70
C TYR A 14 -7.32 3.42 1.93
N ASP A 15 -8.18 3.15 2.88
CA ASP A 15 -7.80 2.39 4.06
C ASP A 15 -7.76 0.93 3.67
N ASN A 16 -7.27 0.10 4.57
CA ASN A 16 -7.24 -1.34 4.34
C ASN A 16 -7.41 -2.07 5.64
N VAL A 17 -8.16 -3.16 5.59
CA VAL A 17 -8.37 -4.01 6.74
C VAL A 17 -7.63 -5.28 6.40
N ALA A 18 -6.77 -5.69 7.33
CA ALA A 18 -5.98 -6.89 7.15
C ALA A 18 -6.87 -8.09 7.46
N GLU A 19 -7.20 -8.85 6.42
CA GLU A 19 -8.04 -10.03 6.56
C GLU A 19 -7.18 -11.27 6.60
N SER A 20 -6.03 -11.19 5.94
CA SER A 20 -5.03 -12.24 5.98
C SER A 20 -4.10 -11.93 7.13
N PRO A 21 -3.56 -12.97 7.80
CA PRO A 21 -2.60 -12.70 8.88
C PRO A 21 -1.27 -12.14 8.37
N ASP A 22 -1.06 -12.15 7.05
CA ASP A 22 0.14 -11.59 6.46
C ASP A 22 -0.10 -10.18 5.98
N GLU A 23 -1.34 -9.73 6.02
CA GLU A 23 -1.70 -8.43 5.47
C GLU A 23 -1.52 -7.30 6.47
N LEU A 24 -1.29 -6.10 5.95
CA LEU A 24 -1.21 -4.89 6.79
C LEU A 24 -2.51 -4.12 6.76
N SER A 25 -2.88 -3.60 7.92
CA SER A 25 -4.04 -2.75 8.06
C SER A 25 -3.52 -1.34 8.22
N PHE A 26 -4.12 -0.42 7.50
CA PHE A 26 -3.74 1.00 7.56
C PHE A 26 -4.89 1.90 7.15
N ARG A 27 -4.69 3.20 7.34
CA ARG A 27 -5.70 4.21 7.07
C ARG A 27 -5.33 5.00 5.81
N LYS A 28 -6.33 5.47 5.10
CA LYS A 28 -6.13 6.33 3.91
C LYS A 28 -5.27 7.54 4.28
N GLY A 29 -4.17 7.70 3.57
CA GLY A 29 -3.22 8.78 3.81
C GLY A 29 -1.94 8.32 4.47
N ASP A 30 -1.90 7.10 4.97
CA ASP A 30 -0.73 6.58 5.68
C ASP A 30 0.41 6.33 4.70
N ILE A 31 1.63 6.24 5.24
CA ILE A 31 2.83 5.96 4.46
C ILE A 31 3.46 4.67 4.96
N MET A 32 3.75 3.75 4.04
CA MET A 32 4.44 2.52 4.38
C MET A 32 5.63 2.34 3.47
N THR A 33 6.59 1.56 3.94
CA THR A 33 7.82 1.30 3.18
C THR A 33 7.62 0.06 2.34
N VAL A 34 7.62 0.19 1.02
CA VAL A 34 7.46 -0.95 0.13
C VAL A 34 8.78 -1.67 0.01
N LEU A 35 8.75 -2.95 0.29
CA LEU A 35 9.93 -3.79 0.28
C LEU A 35 10.00 -4.52 -1.03
N GLU A 36 8.90 -5.11 -1.47
CA GLU A 36 8.86 -5.72 -2.80
C GLU A 36 7.42 -5.71 -3.29
N ARG A 37 7.23 -6.03 -4.56
CA ARG A 37 5.90 -6.03 -5.16
C ARG A 37 5.72 -7.39 -5.77
N ASP A 38 4.47 -7.83 -5.82
CA ASP A 38 4.09 -9.12 -6.40
C ASP A 38 4.84 -10.21 -5.63
N THR A 39 4.94 -9.95 -4.34
CA THR A 39 5.65 -10.78 -3.38
C THR A 39 5.00 -12.15 -3.28
N GLN A 40 5.82 -13.18 -3.07
CA GLN A 40 5.39 -14.59 -3.00
C GLN A 40 4.69 -15.06 -4.29
N GLY A 41 4.74 -14.24 -5.32
CA GLY A 41 4.06 -14.56 -6.57
C GLY A 41 2.61 -14.12 -6.52
N LEU A 42 2.28 -13.30 -5.53
CA LEU A 42 0.92 -12.81 -5.35
C LEU A 42 0.76 -11.52 -6.14
N ASP A 43 0.28 -11.64 -7.36
CA ASP A 43 0.12 -10.48 -8.24
C ASP A 43 -0.72 -9.40 -7.58
N GLY A 44 -0.20 -8.18 -7.58
CA GLY A 44 -0.92 -7.06 -7.00
C GLY A 44 -0.72 -6.87 -5.51
N TRP A 45 -0.20 -7.87 -4.82
CA TRP A 45 0.09 -7.73 -3.40
C TRP A 45 1.51 -7.20 -3.26
N TRP A 46 1.68 -6.16 -2.47
CA TRP A 46 2.99 -5.53 -2.31
C TRP A 46 3.43 -5.66 -0.86
N LEU A 47 4.62 -6.23 -0.65
CA LEU A 47 5.16 -6.40 0.69
C LEU A 47 5.60 -5.04 1.18
N CYS A 48 5.05 -4.59 2.28
CA CYS A 48 5.40 -3.31 2.85
C CYS A 48 5.63 -3.43 4.33
N SER A 49 6.14 -2.37 4.93
CA SER A 49 6.37 -2.31 6.36
C SER A 49 5.74 -1.03 6.90
N LEU A 50 4.92 -1.19 7.93
CA LEU A 50 4.23 -0.07 8.57
C LEU A 50 4.22 -0.33 10.07
N HIS A 51 4.59 0.68 10.85
CA HIS A 51 4.66 0.58 12.33
C HIS A 51 5.56 -0.59 12.79
N GLY A 52 6.57 -0.92 11.99
CA GLY A 52 7.48 -2.00 12.34
C GLY A 52 6.90 -3.38 12.08
N ARG A 53 5.75 -3.46 11.44
CA ARG A 53 5.10 -4.72 11.12
C ARG A 53 5.23 -4.84 9.62
N GLN A 54 5.56 -6.02 9.15
CA GLN A 54 5.71 -6.27 7.73
C GLN A 54 4.51 -7.06 7.25
N GLY A 55 4.12 -6.86 6.00
CA GLY A 55 3.01 -7.62 5.45
C GLY A 55 2.61 -7.19 4.05
N ILE A 56 1.75 -7.98 3.42
CA ILE A 56 1.28 -7.69 2.06
C ILE A 56 0.20 -6.60 2.09
N VAL A 57 0.08 -5.90 0.97
CA VAL A 57 -0.86 -4.78 0.84
C VAL A 57 -1.43 -4.80 -0.58
N PRO A 58 -2.74 -4.54 -0.74
CA PRO A 58 -3.26 -4.44 -2.10
C PRO A 58 -2.75 -3.19 -2.82
N GLY A 59 -1.95 -3.38 -3.86
CA GLY A 59 -1.41 -2.27 -4.62
C GLY A 59 -2.48 -1.40 -5.25
N ASN A 60 -3.67 -1.95 -5.43
CA ASN A 60 -4.79 -1.21 -6.00
C ASN A 60 -5.24 -0.06 -5.08
N ARG A 61 -4.83 -0.11 -3.81
CA ARG A 61 -5.16 0.94 -2.84
C ARG A 61 -3.92 1.71 -2.44
N LEU A 62 -2.81 1.47 -3.13
CA LEU A 62 -1.54 2.08 -2.75
C LEU A 62 -0.87 2.81 -3.91
N LYS A 63 -0.24 3.94 -3.59
CA LYS A 63 0.48 4.71 -4.60
C LYS A 63 1.92 4.87 -4.24
N ILE A 64 2.78 4.38 -5.11
CA ILE A 64 4.21 4.50 -4.93
C ILE A 64 4.60 5.97 -5.09
N LEU A 65 5.30 6.50 -4.10
CA LEU A 65 5.76 7.89 -4.14
C LEU A 65 7.16 7.89 -4.73
N VAL A 66 7.21 7.80 -6.05
CA VAL A 66 8.48 7.72 -6.78
C VAL A 66 9.29 9.01 -6.61
N GLY A 67 10.49 8.88 -6.06
CA GLY A 67 11.34 10.03 -5.81
C GLY A 67 12.17 10.48 -7.00
N MET A 68 11.92 9.88 -8.17
CA MET A 68 12.66 10.23 -9.38
C MET A 68 12.11 11.49 -10.03
N TYR A 69 11.08 12.09 -9.43
CA TYR A 69 10.47 13.31 -9.94
C TYR A 69 10.53 14.42 -8.91
N ASP A 70 11.44 15.37 -9.11
CA ASP A 70 11.54 16.54 -8.24
C ASP A 70 10.40 17.50 -8.56
N LYS A 71 10.02 17.51 -9.83
CA LYS A 71 9.07 18.47 -10.36
C LYS A 71 7.71 17.86 -10.64
N LYS A 72 6.69 18.58 -10.23
CA LYS A 72 5.30 18.21 -10.47
C LYS A 72 4.55 19.52 -10.34
N PRO A 73 3.35 19.63 -10.92
CA PRO A 73 2.64 20.89 -10.63
C PRO A 73 2.11 20.91 -9.19
N ALA A 74 2.12 22.09 -8.58
CA ALA A 74 1.57 22.33 -7.23
C ALA A 74 2.13 21.42 -6.11
N GLY A 75 1.51 21.51 -4.95
CA GLY A 75 1.92 20.75 -3.79
C GLY A 75 1.00 21.13 -2.65
N SER A 76 1.18 20.50 -1.48
CA SER A 76 0.41 20.79 -0.25
C SER A 76 -1.11 20.68 -0.37
N GLY A 77 -1.60 20.01 -1.40
CA GLY A 77 -3.04 19.85 -1.57
C GLY A 77 -3.59 18.67 -0.77
N GLY A 78 -4.90 18.70 -0.53
CA GLY A 78 -5.58 17.63 0.18
C GLY A 78 -7.06 17.85 -0.04
N SER A 79 -7.91 16.94 0.44
CA SER A 79 -9.35 17.07 0.23
C SER A 79 -10.15 16.44 1.39
N GLY A 80 -10.44 15.16 1.29
CA GLY A 80 -11.18 14.48 2.35
C GLY A 80 -10.29 14.20 3.55
N SER A 81 -10.90 14.03 4.71
CA SER A 81 -10.17 13.72 5.94
C SER A 81 -10.99 12.82 6.88
N GLY A 82 -11.93 13.41 7.61
CA GLY A 82 -12.72 12.64 8.57
C GLY A 82 -14.02 12.08 8.02
N LEU A 83 -14.29 12.30 6.74
CA LEU A 83 -15.52 11.83 6.13
C LEU A 83 -15.39 10.37 5.74
N THR A 84 -16.50 9.66 5.72
CA THR A 84 -16.55 8.24 5.38
C THR A 84 -17.38 8.07 4.11
N ASP A 85 -16.70 8.19 2.98
CA ASP A 85 -17.31 8.11 1.65
C ASP A 85 -16.16 7.65 0.76
N GLU A 86 -16.40 7.59 -0.55
CA GLU A 86 -15.40 7.18 -1.57
C GLU A 86 -15.05 5.69 -1.44
N LEU A 87 -15.86 4.87 -2.10
CA LEU A 87 -15.71 3.41 -2.04
C LEU A 87 -14.35 2.98 -2.56
N ALA A 88 -13.69 2.15 -1.78
CA ALA A 88 -12.36 1.67 -2.13
C ALA A 88 -12.44 0.54 -3.16
N PRO A 89 -11.43 0.42 -4.05
CA PRO A 89 -11.43 -0.69 -5.01
C PRO A 89 -11.13 -2.03 -4.32
N PRO A 90 -11.41 -3.15 -5.00
CA PRO A 90 -11.16 -4.44 -4.34
C PRO A 90 -9.68 -4.77 -4.18
N LYS A 91 -9.39 -5.74 -3.32
CA LYS A 91 -8.03 -6.25 -3.15
C LYS A 91 -7.92 -7.49 -4.04
N PRO A 92 -6.71 -7.79 -4.54
CA PRO A 92 -6.61 -9.02 -5.35
C PRO A 92 -6.81 -10.27 -4.46
N PRO A 93 -7.13 -11.43 -5.08
CA PRO A 93 -7.38 -12.63 -4.28
C PRO A 93 -6.11 -13.25 -3.69
N LEU A 94 -6.29 -14.32 -2.93
CA LEU A 94 -5.19 -15.05 -2.32
C LEU A 94 -5.37 -16.56 -2.54
N PRO A 95 -4.27 -17.34 -2.50
CA PRO A 95 -4.28 -18.80 -2.69
C PRO A 95 -4.82 -19.57 -1.47
N GLU A 96 -4.66 -20.90 -1.51
CA GLU A 96 -5.19 -21.84 -0.52
C GLU A 96 -6.72 -21.79 -0.56
N GLY A 97 -7.22 -21.41 -1.73
CA GLY A 97 -8.64 -21.42 -1.99
C GLY A 97 -8.88 -21.66 -3.46
N GLU A 98 -9.77 -22.60 -3.79
CA GLU A 98 -10.06 -22.94 -5.17
C GLU A 98 -11.49 -22.56 -5.51
N VAL A 99 -11.71 -22.24 -6.79
CA VAL A 99 -13.04 -21.88 -7.30
C VAL A 99 -13.71 -23.05 -8.04
N GLY A 1 22.92 3.17 1.82
CA GLY A 1 21.54 2.63 2.02
C GLY A 1 21.43 1.11 1.94
N SER A 2 20.19 0.62 2.09
CA SER A 2 19.91 -0.81 2.03
C SER A 2 19.87 -1.28 0.58
N MET A 3 20.49 -2.43 0.32
CA MET A 3 20.49 -3.02 -1.03
C MET A 3 19.58 -4.26 -1.10
N LYS A 4 19.01 -4.63 0.04
CA LYS A 4 18.00 -5.67 0.09
C LYS A 4 16.69 -4.92 0.08
N TYR A 5 15.75 -5.38 -0.73
CA TYR A 5 14.44 -4.78 -0.93
C TYR A 5 14.47 -3.38 -1.55
N LEU A 6 13.33 -2.96 -2.07
CA LEU A 6 13.21 -1.69 -2.79
C LEU A 6 13.30 -0.49 -1.84
N ASN A 7 12.68 -0.62 -0.66
CA ASN A 7 12.66 0.43 0.38
C ASN A 7 12.18 1.79 -0.14
N VAL A 8 11.05 1.81 -0.82
CA VAL A 8 10.48 3.06 -1.36
C VAL A 8 9.27 3.40 -0.51
N LEU A 9 8.83 4.65 -0.54
CA LEU A 9 7.66 5.04 0.24
C LEU A 9 6.41 5.00 -0.63
N ALA A 10 5.30 4.58 -0.04
CA ALA A 10 4.02 4.55 -0.75
C ALA A 10 2.91 5.08 0.15
N LYS A 11 1.93 5.77 -0.43
CA LYS A 11 0.79 6.30 0.33
C LYS A 11 -0.48 5.50 0.07
N ALA A 12 -1.24 5.28 1.12
CA ALA A 12 -2.56 4.66 1.00
C ALA A 12 -3.56 5.65 0.42
N LEU A 13 -4.25 5.29 -0.65
CA LEU A 13 -5.30 6.15 -1.22
C LEU A 13 -6.61 5.86 -0.55
N TYR A 14 -6.67 4.74 0.13
CA TYR A 14 -7.88 4.26 0.78
C TYR A 14 -7.49 3.54 2.06
N ASP A 15 -8.45 3.33 2.94
CA ASP A 15 -8.23 2.55 4.15
C ASP A 15 -8.08 1.09 3.75
N ASN A 16 -7.42 0.30 4.59
CA ASN A 16 -7.32 -1.14 4.36
C ASN A 16 -7.50 -1.89 5.66
N VAL A 17 -8.33 -2.91 5.62
CA VAL A 17 -8.57 -3.76 6.77
C VAL A 17 -7.89 -5.07 6.44
N ALA A 18 -6.99 -5.48 7.31
CA ALA A 18 -6.24 -6.70 7.12
C ALA A 18 -7.15 -7.88 7.43
N GLU A 19 -7.27 -8.81 6.50
CA GLU A 19 -8.09 -9.99 6.68
C GLU A 19 -7.19 -11.22 6.74
N SER A 20 -6.07 -11.15 6.04
CA SER A 20 -5.09 -12.22 6.06
C SER A 20 -4.11 -11.98 7.20
N PRO A 21 -3.52 -13.05 7.75
CA PRO A 21 -2.52 -12.85 8.81
C PRO A 21 -1.24 -12.23 8.28
N ASP A 22 -1.10 -12.22 6.96
CA ASP A 22 0.05 -11.64 6.30
C ASP A 22 -0.19 -10.20 5.91
N GLU A 23 -1.41 -9.70 6.06
CA GLU A 23 -1.79 -8.39 5.52
C GLU A 23 -1.64 -7.24 6.53
N LEU A 24 -1.34 -6.06 6.01
CA LEU A 24 -1.28 -4.85 6.84
C LEU A 24 -2.59 -4.08 6.84
N SER A 25 -2.90 -3.49 7.98
CA SER A 25 -4.07 -2.66 8.15
C SER A 25 -3.61 -1.22 8.32
N PHE A 26 -4.21 -0.32 7.56
CA PHE A 26 -3.85 1.10 7.59
C PHE A 26 -4.98 2.02 7.16
N ARG A 27 -4.75 3.32 7.33
CA ARG A 27 -5.74 4.36 7.04
C ARG A 27 -5.37 5.10 5.74
N LYS A 28 -6.37 5.66 5.07
CA LYS A 28 -6.13 6.52 3.91
C LYS A 28 -5.17 7.62 4.32
N GLY A 29 -4.09 7.76 3.57
CA GLY A 29 -3.07 8.75 3.87
C GLY A 29 -1.81 8.20 4.51
N ASP A 30 -1.85 6.98 5.04
CA ASP A 30 -0.68 6.40 5.71
C ASP A 30 0.45 6.18 4.74
N ILE A 31 1.67 6.20 5.25
CA ILE A 31 2.87 5.96 4.45
C ILE A 31 3.53 4.69 4.93
N MET A 32 3.80 3.78 4.02
CA MET A 32 4.48 2.53 4.36
C MET A 32 5.67 2.34 3.44
N THR A 33 6.63 1.57 3.94
CA THR A 33 7.86 1.30 3.20
C THR A 33 7.66 0.05 2.34
N VAL A 34 7.65 0.20 1.03
CA VAL A 34 7.47 -0.92 0.11
C VAL A 34 8.79 -1.65 -0.03
N LEU A 35 8.77 -2.92 0.28
CA LEU A 35 9.94 -3.76 0.25
C LEU A 35 10.02 -4.49 -1.08
N GLU A 36 8.91 -5.04 -1.54
CA GLU A 36 8.86 -5.65 -2.87
C GLU A 36 7.44 -5.60 -3.39
N ARG A 37 7.24 -6.00 -4.64
CA ARG A 37 5.92 -6.04 -5.24
C ARG A 37 5.73 -7.44 -5.77
N ASP A 38 4.48 -7.89 -5.82
CA ASP A 38 4.11 -9.19 -6.36
C ASP A 38 4.86 -10.27 -5.55
N THR A 39 4.96 -9.97 -4.26
CA THR A 39 5.69 -10.78 -3.29
C THR A 39 5.07 -12.16 -3.15
N GLN A 40 5.91 -13.17 -2.95
CA GLN A 40 5.49 -14.59 -2.86
C GLN A 40 4.79 -15.09 -4.13
N GLY A 41 4.82 -14.28 -5.18
CA GLY A 41 4.11 -14.61 -6.41
C GLY A 41 2.66 -14.20 -6.33
N LEU A 42 2.31 -13.38 -5.35
CA LEU A 42 0.95 -12.92 -5.17
C LEU A 42 0.78 -11.66 -6.00
N ASP A 43 0.25 -11.83 -7.21
CA ASP A 43 0.08 -10.72 -8.13
C ASP A 43 -0.75 -9.60 -7.50
N GLY A 44 -0.24 -8.38 -7.56
CA GLY A 44 -0.95 -7.24 -7.02
C GLY A 44 -0.72 -6.97 -5.56
N TRP A 45 -0.16 -7.94 -4.83
CA TRP A 45 0.13 -7.75 -3.43
C TRP A 45 1.56 -7.22 -3.29
N TRP A 46 1.72 -6.15 -2.53
CA TRP A 46 3.03 -5.52 -2.36
C TRP A 46 3.47 -5.67 -0.92
N LEU A 47 4.67 -6.18 -0.71
CA LEU A 47 5.20 -6.35 0.63
C LEU A 47 5.62 -4.99 1.12
N CYS A 48 5.06 -4.56 2.25
CA CYS A 48 5.44 -3.29 2.85
C CYS A 48 5.66 -3.45 4.34
N SER A 49 6.17 -2.39 4.94
CA SER A 49 6.37 -2.35 6.39
C SER A 49 5.71 -1.08 6.91
N LEU A 50 4.92 -1.24 7.96
CA LEU A 50 4.16 -0.15 8.57
C LEU A 50 4.02 -0.48 10.05
N HIS A 51 4.21 0.52 10.92
CA HIS A 51 4.13 0.34 12.39
C HIS A 51 5.11 -0.73 12.90
N GLY A 52 6.20 -0.93 12.19
CA GLY A 52 7.17 -1.96 12.57
C GLY A 52 6.71 -3.37 12.28
N ARG A 53 5.65 -3.51 11.49
CA ARG A 53 5.08 -4.81 11.14
C ARG A 53 5.22 -4.93 9.65
N GLN A 54 5.57 -6.09 9.17
CA GLN A 54 5.70 -6.32 7.74
C GLN A 54 4.49 -7.11 7.25
N GLY A 55 4.09 -6.89 6.02
CA GLY A 55 2.97 -7.62 5.47
C GLY A 55 2.60 -7.19 4.07
N ILE A 56 1.71 -7.93 3.44
CA ILE A 56 1.27 -7.65 2.07
C ILE A 56 0.20 -6.57 2.09
N VAL A 57 0.10 -5.85 1.00
CA VAL A 57 -0.83 -4.74 0.84
C VAL A 57 -1.40 -4.78 -0.56
N PRO A 58 -2.72 -4.53 -0.73
CA PRO A 58 -3.25 -4.49 -2.09
C PRO A 58 -2.77 -3.24 -2.85
N GLY A 59 -1.98 -3.45 -3.90
CA GLY A 59 -1.44 -2.35 -4.69
C GLY A 59 -2.53 -1.49 -5.32
N ASN A 60 -3.72 -2.06 -5.47
CA ASN A 60 -4.86 -1.35 -6.03
C ASN A 60 -5.30 -0.16 -5.15
N ARG A 61 -4.88 -0.15 -3.88
CA ARG A 61 -5.24 0.90 -2.93
C ARG A 61 -4.00 1.69 -2.50
N LEU A 62 -2.88 1.45 -3.17
CA LEU A 62 -1.61 2.07 -2.79
C LEU A 62 -0.95 2.82 -3.93
N LYS A 63 -0.28 3.92 -3.62
CA LYS A 63 0.45 4.71 -4.61
C LYS A 63 1.88 4.87 -4.24
N ILE A 64 2.75 4.38 -5.11
CA ILE A 64 4.18 4.53 -4.93
C ILE A 64 4.51 6.01 -5.06
N LEU A 65 5.20 6.55 -4.07
CA LEU A 65 5.59 7.96 -4.06
C LEU A 65 7.03 8.05 -4.55
N VAL A 66 7.21 7.82 -5.83
CA VAL A 66 8.53 7.79 -6.45
C VAL A 66 9.33 9.07 -6.21
N GLY A 67 10.64 8.89 -6.04
CA GLY A 67 11.55 10.02 -5.91
C GLY A 67 11.94 10.49 -7.30
N MET A 68 12.84 11.46 -7.39
CA MET A 68 13.28 12.03 -8.68
C MET A 68 12.06 12.54 -9.46
N TYR A 69 11.19 13.24 -8.75
CA TYR A 69 9.97 13.80 -9.32
C TYR A 69 9.89 15.25 -8.90
N ASP A 70 9.50 16.11 -9.82
CA ASP A 70 9.36 17.54 -9.53
C ASP A 70 8.26 17.77 -8.50
N LYS A 71 8.64 18.33 -7.37
CA LYS A 71 7.74 18.56 -6.24
C LYS A 71 8.18 19.88 -5.65
N LYS A 72 7.32 20.52 -4.88
CA LYS A 72 7.66 21.79 -4.23
C LYS A 72 7.21 21.71 -2.77
N PRO A 73 7.82 22.51 -1.88
CA PRO A 73 7.31 22.52 -0.51
C PRO A 73 6.02 23.33 -0.38
N ALA A 74 5.39 23.21 0.79
CA ALA A 74 4.21 24.01 1.19
C ALA A 74 2.97 23.87 0.27
N GLY A 75 1.91 24.56 0.65
CA GLY A 75 0.64 24.46 -0.05
C GLY A 75 -0.33 23.66 0.81
N SER A 76 -1.53 23.43 0.30
CA SER A 76 -2.60 22.72 1.03
C SER A 76 -2.94 23.49 2.33
N GLY A 77 -3.68 22.84 3.23
CA GLY A 77 -4.04 23.45 4.50
C GLY A 77 -5.24 24.39 4.47
N GLY A 78 -5.37 25.16 3.40
CA GLY A 78 -6.45 26.14 3.31
C GLY A 78 -7.85 25.55 3.32
N SER A 79 -7.99 24.37 2.73
CA SER A 79 -9.27 23.68 2.70
C SER A 79 -8.98 22.19 2.49
N GLY A 80 -9.99 21.35 2.68
CA GLY A 80 -9.83 19.94 2.39
C GLY A 80 -10.10 19.69 0.92
N SER A 81 -9.54 18.62 0.38
CA SER A 81 -9.74 18.27 -1.03
C SER A 81 -10.96 17.35 -1.18
N GLY A 82 -11.69 17.21 -0.09
CA GLY A 82 -12.84 16.32 -0.02
C GLY A 82 -12.68 15.46 1.20
N LEU A 83 -13.78 14.93 1.74
CA LEU A 83 -13.76 14.10 2.94
C LEU A 83 -14.80 13.01 2.73
N THR A 84 -14.48 11.80 3.17
CA THR A 84 -15.35 10.62 3.03
C THR A 84 -15.91 10.49 1.59
N ASP A 85 -17.04 9.80 1.44
CA ASP A 85 -17.75 9.62 0.16
C ASP A 85 -16.91 9.06 -1.00
N GLU A 86 -15.78 8.44 -0.68
CA GLU A 86 -14.90 7.87 -1.69
C GLU A 86 -14.60 6.42 -1.33
N LEU A 87 -15.25 5.50 -2.04
CA LEU A 87 -15.16 4.07 -1.74
C LEU A 87 -13.91 3.45 -2.36
N ALA A 88 -13.37 2.45 -1.68
CA ALA A 88 -12.15 1.80 -2.12
C ALA A 88 -12.39 0.74 -3.23
N PRO A 89 -11.43 0.59 -4.16
CA PRO A 89 -11.51 -0.49 -5.14
C PRO A 89 -11.25 -1.84 -4.49
N PRO A 90 -11.52 -2.96 -5.20
CA PRO A 90 -11.29 -4.26 -4.56
C PRO A 90 -9.80 -4.58 -4.36
N LYS A 91 -9.53 -5.57 -3.52
CA LYS A 91 -8.17 -6.06 -3.31
C LYS A 91 -8.01 -7.29 -4.21
N PRO A 92 -6.79 -7.60 -4.68
CA PRO A 92 -6.63 -8.80 -5.50
C PRO A 92 -6.85 -10.08 -4.66
N PRO A 93 -7.09 -11.23 -5.30
CA PRO A 93 -7.37 -12.45 -4.53
C PRO A 93 -6.12 -13.05 -3.89
N LEU A 94 -6.33 -14.06 -3.06
CA LEU A 94 -5.24 -14.77 -2.40
C LEU A 94 -5.49 -16.28 -2.52
N PRO A 95 -4.42 -17.09 -2.45
CA PRO A 95 -4.58 -18.55 -2.46
C PRO A 95 -4.98 -19.10 -1.10
N GLU A 96 -5.34 -20.37 -1.09
CA GLU A 96 -5.67 -21.09 0.14
C GLU A 96 -4.45 -21.90 0.58
N GLY A 97 -3.38 -21.20 0.93
CA GLY A 97 -2.14 -21.85 1.34
C GLY A 97 -2.04 -22.00 2.85
N GLU A 98 -1.01 -22.67 3.31
CA GLU A 98 -0.77 -22.81 4.75
C GLU A 98 -0.40 -21.44 5.31
N VAL A 99 -0.96 -21.10 6.47
CA VAL A 99 -0.74 -19.80 7.13
C VAL A 99 -0.09 -19.95 8.52
N GLY A 1 23.81 -3.19 1.97
CA GLY A 1 23.96 -3.89 3.28
C GLY A 1 22.66 -4.45 3.85
N SER A 2 22.49 -5.77 3.67
CA SER A 2 21.34 -6.61 4.12
C SER A 2 19.94 -6.27 3.58
N MET A 3 19.73 -5.05 3.07
CA MET A 3 18.41 -4.59 2.58
C MET A 3 17.64 -5.57 1.69
N LYS A 4 18.21 -5.89 0.52
CA LYS A 4 17.59 -6.80 -0.47
C LYS A 4 16.19 -6.42 -0.95
N TYR A 5 15.82 -5.16 -0.77
CA TYR A 5 14.48 -4.71 -1.13
C TYR A 5 14.52 -3.37 -1.84
N LEU A 6 13.37 -2.99 -2.39
CA LEU A 6 13.19 -1.72 -3.08
C LEU A 6 13.31 -0.56 -2.08
N ASN A 7 12.73 -0.74 -0.90
CA ASN A 7 12.75 0.23 0.20
C ASN A 7 12.28 1.64 -0.22
N VAL A 8 11.10 1.71 -0.83
CA VAL A 8 10.53 2.98 -1.31
C VAL A 8 9.34 3.36 -0.43
N LEU A 9 8.91 4.60 -0.46
CA LEU A 9 7.73 5.00 0.31
C LEU A 9 6.48 4.97 -0.58
N ALA A 10 5.34 4.63 0.00
CA ALA A 10 4.08 4.63 -0.73
C ALA A 10 2.96 5.16 0.17
N LYS A 11 1.98 5.84 -0.42
CA LYS A 11 0.84 6.39 0.32
C LYS A 11 -0.44 5.61 0.04
N ALA A 12 -1.21 5.36 1.08
CA ALA A 12 -2.51 4.71 0.95
C ALA A 12 -3.52 5.68 0.33
N LEU A 13 -4.17 5.29 -0.75
CA LEU A 13 -5.24 6.12 -1.33
C LEU A 13 -6.55 5.80 -0.65
N TYR A 14 -6.60 4.64 -0.02
CA TYR A 14 -7.80 4.14 0.62
C TYR A 14 -7.39 3.40 1.87
N ASP A 15 -8.32 3.26 2.79
CA ASP A 15 -8.10 2.54 4.03
C ASP A 15 -8.01 1.04 3.74
N ASN A 16 -7.39 0.29 4.63
CA ASN A 16 -7.31 -1.17 4.48
C ASN A 16 -7.48 -1.88 5.80
N VAL A 17 -8.36 -2.86 5.80
CA VAL A 17 -8.58 -3.70 6.97
C VAL A 17 -7.94 -5.02 6.58
N ALA A 18 -7.01 -5.46 7.41
CA ALA A 18 -6.29 -6.69 7.16
C ALA A 18 -7.23 -7.87 7.42
N GLU A 19 -7.27 -8.79 6.46
CA GLU A 19 -8.08 -10.01 6.58
C GLU A 19 -7.16 -11.21 6.72
N SER A 20 -6.04 -11.17 6.00
CA SER A 20 -5.01 -12.20 6.12
C SER A 20 -4.12 -11.80 7.27
N PRO A 21 -3.57 -12.78 8.01
CA PRO A 21 -2.64 -12.41 9.08
C PRO A 21 -1.35 -11.82 8.53
N ASP A 22 -1.12 -12.00 7.24
CA ASP A 22 0.06 -11.48 6.56
C ASP A 22 -0.21 -10.10 6.02
N GLU A 23 -1.44 -9.63 6.11
CA GLU A 23 -1.80 -8.34 5.53
C GLU A 23 -1.65 -7.19 6.54
N LEU A 24 -1.33 -6.01 6.04
CA LEU A 24 -1.24 -4.83 6.90
C LEU A 24 -2.54 -4.06 6.94
N SER A 25 -2.84 -3.51 8.11
CA SER A 25 -4.01 -2.67 8.29
C SER A 25 -3.54 -1.23 8.44
N PHE A 26 -4.16 -0.35 7.69
CA PHE A 26 -3.83 1.07 7.70
C PHE A 26 -5.04 1.86 7.24
N ARG A 27 -4.94 3.18 7.28
CA ARG A 27 -6.03 4.06 6.86
C ARG A 27 -5.57 4.88 5.65
N LYS A 28 -6.47 5.60 5.01
CA LYS A 28 -6.11 6.43 3.87
C LYS A 28 -5.09 7.48 4.31
N GLY A 29 -4.08 7.67 3.48
CA GLY A 29 -3.09 8.70 3.72
C GLY A 29 -1.89 8.22 4.50
N ASP A 30 -1.91 6.97 4.94
CA ASP A 30 -0.79 6.41 5.68
C ASP A 30 0.39 6.22 4.74
N ILE A 31 1.58 6.16 5.30
CA ILE A 31 2.81 5.96 4.51
C ILE A 31 3.47 4.69 4.99
N MET A 32 3.74 3.77 4.07
CA MET A 32 4.43 2.53 4.39
C MET A 32 5.62 2.35 3.46
N THR A 33 6.58 1.58 3.93
CA THR A 33 7.79 1.30 3.16
C THR A 33 7.58 0.07 2.30
N VAL A 34 7.53 0.23 0.99
CA VAL A 34 7.37 -0.90 0.08
C VAL A 34 8.71 -1.59 -0.06
N LEU A 35 8.71 -2.87 0.24
CA LEU A 35 9.91 -3.67 0.21
C LEU A 35 9.99 -4.39 -1.13
N GLU A 36 8.89 -4.99 -1.55
CA GLU A 36 8.84 -5.57 -2.89
C GLU A 36 7.39 -5.54 -3.39
N ARG A 37 7.17 -5.91 -4.63
CA ARG A 37 5.84 -5.96 -5.19
C ARG A 37 5.65 -7.36 -5.72
N ASP A 38 4.42 -7.81 -5.78
CA ASP A 38 4.06 -9.09 -6.37
C ASP A 38 4.81 -10.20 -5.61
N THR A 39 4.94 -9.93 -4.31
CA THR A 39 5.71 -10.76 -3.38
C THR A 39 5.08 -12.13 -3.25
N GLN A 40 5.92 -13.15 -3.08
CA GLN A 40 5.50 -14.56 -2.97
C GLN A 40 4.77 -15.06 -4.22
N GLY A 41 4.81 -14.26 -5.29
CA GLY A 41 4.10 -14.59 -6.50
C GLY A 41 2.65 -14.13 -6.43
N LEU A 42 2.32 -13.34 -5.42
CA LEU A 42 0.97 -12.85 -5.23
C LEU A 42 0.80 -11.58 -6.03
N ASP A 43 0.36 -11.73 -7.27
CA ASP A 43 0.19 -10.59 -8.17
C ASP A 43 -0.69 -9.52 -7.54
N GLY A 44 -0.22 -8.29 -7.53
CA GLY A 44 -0.98 -7.19 -6.98
C GLY A 44 -0.78 -6.98 -5.49
N TRP A 45 -0.20 -7.94 -4.77
CA TRP A 45 0.08 -7.77 -3.36
C TRP A 45 1.49 -7.22 -3.23
N TRP A 46 1.67 -6.15 -2.48
CA TRP A 46 2.97 -5.52 -2.32
C TRP A 46 3.43 -5.69 -0.88
N LEU A 47 4.64 -6.19 -0.69
CA LEU A 47 5.20 -6.37 0.65
C LEU A 47 5.60 -5.00 1.14
N CYS A 48 5.05 -4.58 2.26
CA CYS A 48 5.39 -3.30 2.84
C CYS A 48 5.64 -3.45 4.32
N SER A 49 6.15 -2.40 4.93
CA SER A 49 6.38 -2.35 6.36
C SER A 49 5.71 -1.09 6.91
N LEU A 50 4.93 -1.28 7.98
CA LEU A 50 4.17 -0.19 8.60
C LEU A 50 4.04 -0.54 10.08
N HIS A 51 4.26 0.44 10.96
CA HIS A 51 4.18 0.24 12.42
C HIS A 51 5.09 -0.88 12.93
N GLY A 52 6.19 -1.13 12.21
CA GLY A 52 7.11 -2.20 12.61
C GLY A 52 6.63 -3.60 12.27
N ARG A 53 5.57 -3.70 11.48
CA ARG A 53 5.02 -4.99 11.07
C ARG A 53 5.25 -5.06 9.58
N GLN A 54 5.68 -6.21 9.10
CA GLN A 54 5.89 -6.41 7.67
C GLN A 54 4.74 -7.27 7.16
N GLY A 55 4.19 -6.93 6.00
CA GLY A 55 3.08 -7.70 5.46
C GLY A 55 2.65 -7.26 4.08
N ILE A 56 1.73 -7.99 3.47
CA ILE A 56 1.26 -7.70 2.12
C ILE A 56 0.18 -6.62 2.17
N VAL A 57 0.06 -5.91 1.06
CA VAL A 57 -0.90 -4.81 0.92
C VAL A 57 -1.45 -4.84 -0.49
N PRO A 58 -2.76 -4.60 -0.69
CA PRO A 58 -3.24 -4.54 -2.07
C PRO A 58 -2.72 -3.29 -2.81
N GLY A 59 -1.92 -3.51 -3.84
CA GLY A 59 -1.32 -2.43 -4.59
C GLY A 59 -2.33 -1.51 -5.24
N ASN A 60 -3.53 -2.03 -5.48
CA ASN A 60 -4.63 -1.23 -6.06
C ASN A 60 -5.06 -0.09 -5.13
N ARG A 61 -4.67 -0.14 -3.86
CA ARG A 61 -5.00 0.92 -2.90
C ARG A 61 -3.75 1.71 -2.50
N LEU A 62 -2.63 1.47 -3.17
CA LEU A 62 -1.39 2.17 -2.87
C LEU A 62 -0.85 2.97 -4.02
N LYS A 63 -0.09 4.01 -3.67
CA LYS A 63 0.61 4.82 -4.66
C LYS A 63 2.05 4.96 -4.26
N ILE A 64 2.92 4.48 -5.14
CA ILE A 64 4.35 4.60 -4.94
C ILE A 64 4.72 6.07 -5.03
N LEU A 65 5.38 6.56 -3.99
CA LEU A 65 5.84 7.93 -3.97
C LEU A 65 7.29 7.86 -4.42
N VAL A 66 7.49 8.07 -5.71
CA VAL A 66 8.82 7.95 -6.30
C VAL A 66 9.68 9.09 -5.76
N GLY A 67 10.81 8.74 -5.15
CA GLY A 67 11.69 9.74 -4.58
C GLY A 67 12.38 10.54 -5.66
N MET A 68 12.94 11.68 -5.27
CA MET A 68 13.65 12.64 -6.17
C MET A 68 12.73 13.38 -7.17
N TYR A 69 11.74 12.70 -7.70
CA TYR A 69 10.81 13.30 -8.66
C TYR A 69 9.59 13.95 -8.02
N ASP A 70 9.43 15.25 -8.22
CA ASP A 70 8.16 15.90 -7.93
C ASP A 70 7.28 15.68 -9.16
N LYS A 71 5.97 15.72 -8.97
CA LYS A 71 5.03 15.49 -10.08
C LYS A 71 3.92 16.53 -10.04
N LYS A 72 4.32 17.75 -9.67
CA LYS A 72 3.48 18.95 -9.52
C LYS A 72 2.71 18.88 -8.20
N PRO A 73 2.39 20.04 -7.61
CA PRO A 73 1.69 19.95 -6.32
C PRO A 73 0.31 19.34 -6.46
N ALA A 74 -0.07 18.51 -5.50
CA ALA A 74 -1.36 17.85 -5.50
C ALA A 74 -1.70 17.48 -4.06
N GLY A 75 -2.97 17.63 -3.70
CA GLY A 75 -3.40 17.33 -2.35
C GLY A 75 -4.90 17.52 -2.28
N SER A 76 -5.51 17.18 -1.17
CA SER A 76 -6.94 17.33 -0.96
C SER A 76 -7.14 17.28 0.55
N GLY A 77 -8.28 17.71 1.03
CA GLY A 77 -8.58 17.66 2.45
C GLY A 77 -10.05 17.95 2.64
N GLY A 78 -10.55 17.72 3.84
CA GLY A 78 -11.97 17.99 4.13
C GLY A 78 -12.09 19.02 5.23
N SER A 79 -11.68 18.63 6.43
CA SER A 79 -11.66 19.52 7.61
C SER A 79 -13.01 20.19 7.89
N GLY A 80 -14.09 19.53 7.50
CA GLY A 80 -15.42 20.07 7.64
C GLY A 80 -16.41 19.03 7.19
N SER A 81 -17.67 19.42 7.04
CA SER A 81 -18.75 18.51 6.64
C SER A 81 -18.74 18.16 5.14
N GLY A 82 -17.67 17.55 4.66
CA GLY A 82 -17.59 17.17 3.26
C GLY A 82 -18.59 16.08 2.92
N LEU A 83 -18.64 15.06 3.78
CA LEU A 83 -19.65 13.98 3.70
C LEU A 83 -19.77 13.35 2.31
N THR A 84 -18.65 13.22 1.61
CA THR A 84 -18.64 12.67 0.26
C THR A 84 -18.22 11.20 0.25
N ASP A 85 -17.12 10.94 0.96
CA ASP A 85 -16.48 9.62 1.05
C ASP A 85 -16.09 9.06 -0.33
N GLU A 86 -15.49 7.87 -0.33
CA GLU A 86 -15.00 7.25 -1.56
C GLU A 86 -14.90 5.75 -1.30
N LEU A 87 -15.37 4.97 -2.24
CA LEU A 87 -15.34 3.51 -2.09
C LEU A 87 -14.04 2.97 -2.67
N ALA A 88 -13.38 2.14 -1.89
CA ALA A 88 -12.09 1.57 -2.29
C ALA A 88 -12.25 0.43 -3.31
N PRO A 89 -11.27 0.27 -4.21
CA PRO A 89 -11.34 -0.88 -5.12
C PRO A 89 -11.08 -2.19 -4.36
N PRO A 90 -11.45 -3.34 -4.95
CA PRO A 90 -11.24 -4.58 -4.20
C PRO A 90 -9.77 -4.96 -4.11
N LYS A 91 -9.44 -5.80 -3.13
CA LYS A 91 -8.09 -6.33 -2.98
C LYS A 91 -8.02 -7.58 -3.87
N PRO A 92 -6.84 -7.90 -4.41
CA PRO A 92 -6.78 -9.13 -5.21
C PRO A 92 -6.94 -10.37 -4.32
N PRO A 93 -7.32 -11.52 -4.92
CA PRO A 93 -7.52 -12.73 -4.10
C PRO A 93 -6.20 -13.34 -3.63
N LEU A 94 -6.30 -14.45 -2.89
CA LEU A 94 -5.14 -15.16 -2.40
C LEU A 94 -5.25 -16.65 -2.77
N PRO A 95 -4.11 -17.36 -2.86
CA PRO A 95 -4.07 -18.79 -3.19
C PRO A 95 -4.40 -19.69 -1.99
N GLU A 96 -4.24 -20.99 -2.20
CA GLU A 96 -4.36 -22.02 -1.16
C GLU A 96 -5.68 -22.12 -0.40
N GLY A 97 -6.69 -21.42 -0.88
CA GLY A 97 -8.02 -21.47 -0.30
C GLY A 97 -8.38 -20.22 0.47
N GLU A 98 -9.30 -20.38 1.41
CA GLU A 98 -9.82 -19.26 2.23
C GLU A 98 -10.28 -18.06 1.39
N VAL A 99 -10.90 -18.37 0.25
CA VAL A 99 -11.44 -17.34 -0.63
C VAL A 99 -12.88 -16.98 -0.25
N GLY A 1 20.82 4.52 3.42
CA GLY A 1 20.85 3.53 2.31
C GLY A 1 19.75 2.48 2.36
N SER A 2 19.48 1.86 1.20
CA SER A 2 18.47 0.82 1.11
C SER A 2 18.89 -0.42 1.90
N MET A 3 18.18 -0.68 2.98
CA MET A 3 18.44 -1.85 3.82
C MET A 3 17.80 -3.08 3.18
N LYS A 4 18.41 -3.53 2.07
CA LYS A 4 17.88 -4.58 1.19
C LYS A 4 16.59 -4.06 0.55
N TYR A 5 15.94 -4.91 -0.23
CA TYR A 5 14.64 -4.61 -0.85
C TYR A 5 14.60 -3.31 -1.68
N LEU A 6 13.41 -2.96 -2.16
CA LEU A 6 13.22 -1.73 -2.93
C LEU A 6 13.34 -0.52 -1.98
N ASN A 7 12.75 -0.68 -0.80
CA ASN A 7 12.79 0.33 0.27
C ASN A 7 12.33 1.73 -0.20
N VAL A 8 11.12 1.79 -0.75
CA VAL A 8 10.55 3.04 -1.27
C VAL A 8 9.35 3.40 -0.41
N LEU A 9 8.90 4.65 -0.44
CA LEU A 9 7.72 5.05 0.33
C LEU A 9 6.48 5.06 -0.56
N ALA A 10 5.34 4.65 0.00
CA ALA A 10 4.07 4.66 -0.74
C ALA A 10 2.95 5.18 0.16
N LYS A 11 1.99 5.89 -0.43
CA LYS A 11 0.84 6.42 0.31
C LYS A 11 -0.42 5.63 0.03
N ALA A 12 -1.18 5.38 1.08
CA ALA A 12 -2.49 4.74 0.97
C ALA A 12 -3.51 5.71 0.38
N LEU A 13 -4.25 5.27 -0.62
CA LEU A 13 -5.34 6.08 -1.19
C LEU A 13 -6.66 5.75 -0.50
N TYR A 14 -6.70 4.61 0.17
CA TYR A 14 -7.92 4.11 0.80
C TYR A 14 -7.58 3.43 2.11
N ASP A 15 -8.59 3.28 2.96
CA ASP A 15 -8.47 2.53 4.21
C ASP A 15 -8.30 1.05 3.86
N ASN A 16 -7.61 0.32 4.73
CA ASN A 16 -7.31 -1.08 4.52
C ASN A 16 -7.40 -1.82 5.85
N VAL A 17 -8.16 -2.91 5.85
CA VAL A 17 -8.34 -3.73 7.03
C VAL A 17 -7.75 -5.07 6.64
N ALA A 18 -6.87 -5.57 7.47
CA ALA A 18 -6.19 -6.83 7.21
C ALA A 18 -7.17 -7.98 7.44
N GLU A 19 -7.37 -8.80 6.43
CA GLU A 19 -8.28 -9.94 6.50
C GLU A 19 -7.47 -11.23 6.54
N SER A 20 -6.22 -11.13 6.12
CA SER A 20 -5.28 -12.24 6.17
C SER A 20 -4.25 -11.95 7.24
N PRO A 21 -3.67 -12.99 7.85
CA PRO A 21 -2.68 -12.75 8.92
C PRO A 21 -1.37 -12.17 8.42
N ASP A 22 -1.17 -12.20 7.11
CA ASP A 22 0.04 -11.69 6.50
C ASP A 22 -0.18 -10.31 5.94
N GLU A 23 -1.40 -9.79 6.08
CA GLU A 23 -1.76 -8.49 5.52
C GLU A 23 -1.59 -7.39 6.57
N LEU A 24 -1.30 -6.18 6.12
CA LEU A 24 -1.22 -5.03 7.01
C LEU A 24 -2.58 -4.34 7.10
N SER A 25 -2.75 -3.48 8.09
CA SER A 25 -3.98 -2.71 8.25
C SER A 25 -3.61 -1.23 8.43
N PHE A 26 -4.03 -0.39 7.49
CA PHE A 26 -3.72 1.04 7.53
C PHE A 26 -4.87 1.94 7.10
N ARG A 27 -4.68 3.25 7.29
CA ARG A 27 -5.67 4.25 6.96
C ARG A 27 -5.27 4.99 5.69
N LYS A 28 -6.26 5.54 5.00
CA LYS A 28 -6.05 6.41 3.86
C LYS A 28 -5.14 7.55 4.27
N GLY A 29 -4.08 7.76 3.51
CA GLY A 29 -3.11 8.81 3.79
C GLY A 29 -1.86 8.32 4.49
N ASP A 30 -1.86 7.09 4.99
CA ASP A 30 -0.71 6.55 5.71
C ASP A 30 0.43 6.28 4.74
N ILE A 31 1.64 6.21 5.28
CA ILE A 31 2.83 5.93 4.49
C ILE A 31 3.45 4.63 4.98
N MET A 32 3.75 3.74 4.05
CA MET A 32 4.43 2.49 4.37
C MET A 32 5.63 2.34 3.47
N THR A 33 6.58 1.56 3.93
CA THR A 33 7.80 1.30 3.17
C THR A 33 7.60 0.07 2.30
N VAL A 34 7.57 0.24 0.99
CA VAL A 34 7.40 -0.89 0.07
C VAL A 34 8.73 -1.59 -0.08
N LEU A 35 8.72 -2.87 0.21
CA LEU A 35 9.91 -3.68 0.20
C LEU A 35 9.99 -4.45 -1.11
N GLU A 36 8.90 -5.05 -1.54
CA GLU A 36 8.86 -5.68 -2.85
C GLU A 36 7.42 -5.66 -3.35
N ARG A 37 7.22 -6.04 -4.61
CA ARG A 37 5.88 -6.07 -5.19
C ARG A 37 5.73 -7.44 -5.76
N ASP A 38 4.49 -7.93 -5.81
CA ASP A 38 4.14 -9.23 -6.36
C ASP A 38 4.90 -10.31 -5.57
N THR A 39 5.00 -10.01 -4.28
CA THR A 39 5.72 -10.84 -3.31
C THR A 39 5.08 -12.20 -3.16
N GLN A 40 5.89 -13.22 -2.94
CA GLN A 40 5.44 -14.62 -2.81
C GLN A 40 4.70 -15.14 -4.04
N GLY A 41 4.76 -14.39 -5.12
CA GLY A 41 4.04 -14.75 -6.33
C GLY A 41 2.60 -14.28 -6.26
N LEU A 42 2.29 -13.45 -5.28
CA LEU A 42 0.95 -12.93 -5.10
C LEU A 42 0.85 -11.66 -5.92
N ASP A 43 0.43 -11.80 -7.16
CA ASP A 43 0.36 -10.65 -8.05
C ASP A 43 -0.55 -9.60 -7.46
N GLY A 44 -0.11 -8.35 -7.56
CA GLY A 44 -0.90 -7.25 -7.05
C GLY A 44 -0.68 -6.97 -5.57
N TRP A 45 -0.13 -7.94 -4.84
CA TRP A 45 0.15 -7.75 -3.43
C TRP A 45 1.55 -7.21 -3.27
N TRP A 46 1.70 -6.14 -2.50
CA TRP A 46 3.00 -5.51 -2.34
C TRP A 46 3.44 -5.68 -0.89
N LEU A 47 4.64 -6.20 -0.70
CA LEU A 47 5.18 -6.37 0.64
C LEU A 47 5.58 -5.01 1.13
N CYS A 48 5.02 -4.58 2.24
CA CYS A 48 5.38 -3.30 2.82
C CYS A 48 5.61 -3.45 4.30
N SER A 49 6.15 -2.40 4.90
CA SER A 49 6.38 -2.35 6.33
C SER A 49 5.72 -1.08 6.86
N LEU A 50 4.93 -1.26 7.90
CA LEU A 50 4.15 -0.18 8.50
C LEU A 50 4.07 -0.46 9.99
N HIS A 51 4.31 0.55 10.82
CA HIS A 51 4.30 0.42 12.29
C HIS A 51 5.26 -0.68 12.78
N GLY A 52 6.34 -0.90 12.04
CA GLY A 52 7.30 -1.93 12.41
C GLY A 52 6.85 -3.35 12.13
N ARG A 53 5.73 -3.50 11.41
CA ARG A 53 5.18 -4.80 11.07
C ARG A 53 5.26 -4.93 9.57
N GLN A 54 5.62 -6.09 9.10
CA GLN A 54 5.72 -6.34 7.66
C GLN A 54 4.52 -7.15 7.21
N GLY A 55 4.06 -6.92 5.99
CA GLY A 55 2.94 -7.68 5.47
C GLY A 55 2.58 -7.29 4.06
N ILE A 56 1.68 -8.03 3.44
CA ILE A 56 1.25 -7.73 2.08
C ILE A 56 0.18 -6.64 2.13
N VAL A 57 0.06 -5.92 1.02
CA VAL A 57 -0.86 -4.81 0.88
C VAL A 57 -1.46 -4.84 -0.52
N PRO A 58 -2.76 -4.57 -0.67
CA PRO A 58 -3.33 -4.50 -2.02
C PRO A 58 -2.81 -3.26 -2.76
N GLY A 59 -1.97 -3.48 -3.77
CA GLY A 59 -1.39 -2.38 -4.53
C GLY A 59 -2.41 -1.48 -5.20
N ASN A 60 -3.61 -2.00 -5.43
CA ASN A 60 -4.70 -1.21 -6.03
C ASN A 60 -5.16 -0.07 -5.12
N ARG A 61 -4.77 -0.11 -3.85
CA ARG A 61 -5.12 0.94 -2.89
C ARG A 61 -3.88 1.71 -2.46
N LEU A 62 -2.77 1.49 -3.16
CA LEU A 62 -1.50 2.11 -2.80
C LEU A 62 -0.83 2.85 -3.94
N LYS A 63 -0.19 3.96 -3.62
CA LYS A 63 0.53 4.75 -4.62
C LYS A 63 1.97 4.96 -4.24
N ILE A 64 2.86 4.49 -5.10
CA ILE A 64 4.29 4.65 -4.90
C ILE A 64 4.65 6.13 -5.05
N LEU A 65 5.35 6.67 -4.07
CA LEU A 65 5.71 8.08 -4.07
C LEU A 65 7.10 8.32 -4.65
N VAL A 66 7.23 8.17 -5.96
CA VAL A 66 8.50 8.45 -6.63
C VAL A 66 8.73 9.96 -6.77
N GLY A 67 7.69 10.74 -6.49
CA GLY A 67 7.77 12.20 -6.62
C GLY A 67 7.64 12.61 -8.07
N MET A 68 7.65 13.90 -8.35
CA MET A 68 7.58 14.45 -9.73
C MET A 68 6.40 13.99 -10.59
N TYR A 69 5.39 13.40 -9.95
CA TYR A 69 4.22 12.87 -10.64
C TYR A 69 2.98 13.38 -9.90
N ASP A 70 1.81 13.13 -10.46
CA ASP A 70 0.51 13.56 -9.89
C ASP A 70 0.42 15.09 -9.76
N LYS A 71 0.87 15.79 -10.79
CA LYS A 71 0.81 17.26 -10.85
C LYS A 71 -0.62 17.75 -11.18
N LYS A 72 -1.56 17.41 -10.32
CA LYS A 72 -2.96 17.79 -10.49
C LYS A 72 -3.13 19.30 -10.27
N PRO A 73 -4.17 19.92 -10.86
CA PRO A 73 -4.33 21.36 -10.64
C PRO A 73 -4.89 21.73 -9.25
N ALA A 74 -5.48 20.77 -8.55
CA ALA A 74 -6.06 21.03 -7.24
C ALA A 74 -4.99 20.98 -6.15
N GLY A 75 -4.50 22.14 -5.73
CA GLY A 75 -3.46 22.22 -4.72
C GLY A 75 -3.94 22.29 -3.27
N SER A 76 -5.21 22.59 -3.06
CA SER A 76 -5.75 22.74 -1.70
C SER A 76 -6.33 21.43 -1.19
N GLY A 77 -6.27 21.21 0.13
CA GLY A 77 -6.85 20.03 0.74
C GLY A 77 -5.86 19.26 1.60
N GLY A 78 -6.26 18.08 2.04
CA GLY A 78 -5.38 17.23 2.85
C GLY A 78 -5.52 17.45 4.34
N SER A 79 -5.26 18.66 4.78
CA SER A 79 -5.38 19.02 6.20
C SER A 79 -6.12 20.33 6.32
N GLY A 80 -6.91 20.48 7.37
CA GLY A 80 -7.69 21.69 7.56
C GLY A 80 -8.92 21.71 6.67
N SER A 81 -9.21 20.59 6.03
CA SER A 81 -10.34 20.47 5.12
C SER A 81 -11.27 19.38 5.63
N GLY A 82 -12.52 19.41 5.17
CA GLY A 82 -13.47 18.37 5.52
C GLY A 82 -13.15 17.08 4.77
N LEU A 83 -13.88 16.03 5.10
CA LEU A 83 -13.69 14.73 4.46
C LEU A 83 -15.03 14.27 3.91
N THR A 84 -14.99 13.34 2.98
CA THR A 84 -16.19 12.76 2.38
C THR A 84 -15.86 11.27 2.23
N ASP A 85 -16.88 10.46 2.03
CA ASP A 85 -16.67 9.03 1.81
C ASP A 85 -16.09 8.83 0.41
N GLU A 86 -15.32 7.77 0.24
CA GLU A 86 -14.68 7.44 -1.03
C GLU A 86 -14.47 5.92 -1.04
N LEU A 87 -15.36 5.22 -1.72
CA LEU A 87 -15.35 3.76 -1.71
C LEU A 87 -14.09 3.20 -2.36
N ALA A 88 -13.55 2.17 -1.74
CA ALA A 88 -12.27 1.59 -2.16
C ALA A 88 -12.42 0.48 -3.21
N PRO A 89 -11.43 0.33 -4.11
CA PRO A 89 -11.47 -0.78 -5.07
C PRO A 89 -11.20 -2.13 -4.40
N PRO A 90 -11.51 -3.24 -5.08
CA PRO A 90 -11.29 -4.54 -4.44
C PRO A 90 -9.83 -4.91 -4.29
N LYS A 91 -9.57 -5.90 -3.46
CA LYS A 91 -8.21 -6.42 -3.25
C LYS A 91 -7.93 -7.45 -4.35
N PRO A 92 -6.66 -7.64 -4.72
CA PRO A 92 -6.37 -8.78 -5.62
C PRO A 92 -6.62 -10.08 -4.85
N PRO A 93 -6.82 -11.20 -5.57
CA PRO A 93 -7.15 -12.44 -4.86
C PRO A 93 -5.96 -13.06 -4.14
N LEU A 94 -6.25 -14.07 -3.33
CA LEU A 94 -5.23 -14.80 -2.59
C LEU A 94 -5.49 -16.30 -2.72
N PRO A 95 -4.45 -17.13 -2.57
CA PRO A 95 -4.62 -18.58 -2.61
C PRO A 95 -5.24 -19.16 -1.35
N GLU A 96 -5.65 -20.41 -1.44
CA GLU A 96 -6.30 -21.13 -0.34
C GLU A 96 -5.29 -22.03 0.38
N GLY A 97 -4.03 -21.63 0.36
CA GLY A 97 -2.98 -22.43 0.95
C GLY A 97 -2.41 -23.41 -0.08
N GLU A 98 -1.78 -24.48 0.39
CA GLU A 98 -1.20 -25.47 -0.51
C GLU A 98 -2.29 -26.32 -1.18
N VAL A 99 -2.01 -26.77 -2.40
CA VAL A 99 -2.94 -27.62 -3.15
C VAL A 99 -2.98 -29.06 -2.60
N GLY A 1 17.86 -1.91 4.17
CA GLY A 1 19.12 -2.13 4.92
C GLY A 1 20.04 -3.17 4.32
N SER A 2 21.35 -2.84 4.27
CA SER A 2 22.40 -3.69 3.71
C SER A 2 22.09 -4.09 2.25
N MET A 3 21.50 -3.15 1.51
CA MET A 3 21.10 -3.35 0.11
C MET A 3 20.19 -4.58 -0.07
N LYS A 4 19.00 -4.49 0.54
CA LYS A 4 17.98 -5.53 0.41
C LYS A 4 16.69 -4.78 0.14
N TYR A 5 15.80 -5.41 -0.62
CA TYR A 5 14.49 -4.85 -0.98
C TYR A 5 14.50 -3.48 -1.69
N LEU A 6 13.34 -3.07 -2.18
CA LEU A 6 13.19 -1.81 -2.91
C LEU A 6 13.30 -0.61 -1.96
N ASN A 7 12.69 -0.74 -0.79
CA ASN A 7 12.67 0.31 0.25
C ASN A 7 12.23 1.69 -0.29
N VAL A 8 11.04 1.73 -0.86
CA VAL A 8 10.47 2.98 -1.40
C VAL A 8 9.27 3.34 -0.54
N LEU A 9 8.86 4.59 -0.52
CA LEU A 9 7.68 4.98 0.28
C LEU A 9 6.44 5.00 -0.60
N ALA A 10 5.31 4.61 -0.03
CA ALA A 10 4.04 4.61 -0.76
C ALA A 10 2.91 5.12 0.15
N LYS A 11 1.95 5.83 -0.43
CA LYS A 11 0.79 6.36 0.32
C LYS A 11 -0.47 5.56 0.06
N ALA A 12 -1.23 5.29 1.12
CA ALA A 12 -2.53 4.65 1.01
C ALA A 12 -3.55 5.65 0.46
N LEU A 13 -4.33 5.24 -0.54
CA LEU A 13 -5.41 6.10 -1.07
C LEU A 13 -6.71 5.77 -0.40
N TYR A 14 -6.75 4.64 0.27
CA TYR A 14 -7.95 4.13 0.91
C TYR A 14 -7.56 3.42 2.18
N ASP A 15 -8.52 3.24 3.08
CA ASP A 15 -8.30 2.46 4.29
C ASP A 15 -8.14 1.01 3.88
N ASN A 16 -7.44 0.25 4.69
CA ASN A 16 -7.31 -1.18 4.47
C ASN A 16 -7.46 -1.91 5.79
N VAL A 17 -8.34 -2.88 5.80
CA VAL A 17 -8.54 -3.74 6.96
C VAL A 17 -7.88 -5.02 6.54
N ALA A 18 -6.94 -5.48 7.36
CA ALA A 18 -6.21 -6.69 7.08
C ALA A 18 -7.16 -7.87 7.30
N GLU A 19 -7.32 -8.69 6.28
CA GLU A 19 -8.23 -9.83 6.32
C GLU A 19 -7.40 -11.11 6.35
N SER A 20 -6.21 -11.01 5.78
CA SER A 20 -5.24 -12.09 5.83
C SER A 20 -4.33 -11.79 7.01
N PRO A 21 -3.83 -12.82 7.71
CA PRO A 21 -2.90 -12.55 8.81
C PRO A 21 -1.56 -12.00 8.32
N ASP A 22 -1.30 -12.10 7.03
CA ASP A 22 -0.06 -11.60 6.45
C ASP A 22 -0.23 -10.18 5.99
N GLU A 23 -1.45 -9.67 6.02
CA GLU A 23 -1.76 -8.36 5.46
C GLU A 23 -1.60 -7.25 6.50
N LEU A 24 -1.32 -6.04 6.02
CA LEU A 24 -1.26 -4.86 6.89
C LEU A 24 -2.56 -4.09 6.89
N SER A 25 -2.87 -3.54 8.04
CA SER A 25 -4.04 -2.69 8.20
C SER A 25 -3.53 -1.26 8.38
N PHE A 26 -4.13 -0.35 7.65
CA PHE A 26 -3.75 1.07 7.67
C PHE A 26 -4.89 1.99 7.24
N ARG A 27 -4.66 3.28 7.39
CA ARG A 27 -5.63 4.34 7.09
C ARG A 27 -5.26 5.05 5.79
N LYS A 28 -6.27 5.57 5.11
CA LYS A 28 -6.08 6.42 3.93
C LYS A 28 -5.18 7.59 4.30
N GLY A 29 -4.11 7.75 3.52
CA GLY A 29 -3.15 8.80 3.76
C GLY A 29 -1.87 8.33 4.44
N ASP A 30 -1.86 7.11 4.94
CA ASP A 30 -0.69 6.58 5.66
C ASP A 30 0.44 6.32 4.69
N ILE A 31 1.66 6.27 5.21
CA ILE A 31 2.85 5.99 4.42
C ILE A 31 3.48 4.70 4.92
N MET A 32 3.74 3.77 4.01
CA MET A 32 4.42 2.52 4.35
C MET A 32 5.61 2.33 3.43
N THR A 33 6.57 1.54 3.89
CA THR A 33 7.78 1.27 3.13
C THR A 33 7.58 0.03 2.29
N VAL A 34 7.54 0.19 0.97
CA VAL A 34 7.38 -0.94 0.05
C VAL A 34 8.70 -1.65 -0.07
N LEU A 35 8.69 -2.92 0.27
CA LEU A 35 9.87 -3.75 0.24
C LEU A 35 9.95 -4.49 -1.08
N GLU A 36 8.84 -5.06 -1.53
CA GLU A 36 8.80 -5.66 -2.86
C GLU A 36 7.38 -5.66 -3.39
N ARG A 37 7.20 -6.02 -4.66
CA ARG A 37 5.88 -6.06 -5.28
C ARG A 37 5.77 -7.43 -5.90
N ASP A 38 4.56 -7.98 -5.92
CA ASP A 38 4.30 -9.36 -6.40
C ASP A 38 5.11 -10.30 -5.51
N THR A 39 5.06 -9.97 -4.22
CA THR A 39 5.75 -10.73 -3.19
C THR A 39 5.11 -12.10 -3.07
N GLN A 40 5.94 -13.12 -2.86
CA GLN A 40 5.51 -14.52 -2.76
C GLN A 40 4.80 -15.04 -4.02
N GLY A 41 4.86 -14.26 -5.10
CA GLY A 41 4.15 -14.62 -6.32
C GLY A 41 2.70 -14.18 -6.26
N LEU A 42 2.39 -13.30 -5.32
CA LEU A 42 1.06 -12.78 -5.15
C LEU A 42 0.94 -11.48 -5.94
N ASP A 43 0.55 -11.59 -7.19
CA ASP A 43 0.37 -10.42 -8.01
C ASP A 43 -0.60 -9.43 -7.39
N GLY A 44 -0.30 -8.17 -7.60
CA GLY A 44 -1.08 -7.11 -7.00
C GLY A 44 -0.73 -6.86 -5.55
N TRP A 45 -0.22 -7.84 -4.84
CA TRP A 45 0.15 -7.68 -3.45
C TRP A 45 1.57 -7.15 -3.35
N TRP A 46 1.76 -6.12 -2.55
CA TRP A 46 3.07 -5.50 -2.37
C TRP A 46 3.48 -5.70 -0.92
N LEU A 47 4.67 -6.22 -0.69
CA LEU A 47 5.19 -6.39 0.65
C LEU A 47 5.58 -5.03 1.15
N CYS A 48 5.04 -4.61 2.27
CA CYS A 48 5.39 -3.33 2.85
C CYS A 48 5.62 -3.46 4.34
N SER A 49 6.15 -2.41 4.92
CA SER A 49 6.39 -2.34 6.35
C SER A 49 5.75 -1.06 6.86
N LEU A 50 4.96 -1.20 7.92
CA LEU A 50 4.23 -0.09 8.53
C LEU A 50 4.20 -0.33 10.02
N HIS A 51 4.53 0.70 10.80
CA HIS A 51 4.55 0.61 12.28
C HIS A 51 5.46 -0.52 12.78
N GLY A 52 6.50 -0.84 12.01
CA GLY A 52 7.42 -1.91 12.39
C GLY A 52 6.88 -3.31 12.13
N ARG A 53 5.75 -3.42 11.45
CA ARG A 53 5.15 -4.71 11.13
C ARG A 53 5.24 -4.85 9.64
N GLN A 54 5.57 -6.04 9.18
CA GLN A 54 5.69 -6.30 7.76
C GLN A 54 4.50 -7.12 7.29
N GLY A 55 4.08 -6.90 6.06
CA GLY A 55 2.98 -7.67 5.51
C GLY A 55 2.61 -7.27 4.10
N ILE A 56 1.74 -8.04 3.46
CA ILE A 56 1.30 -7.74 2.10
C ILE A 56 0.24 -6.64 2.14
N VAL A 57 0.12 -5.93 1.04
CA VAL A 57 -0.83 -4.83 0.91
C VAL A 57 -1.39 -4.85 -0.50
N PRO A 58 -2.70 -4.61 -0.69
CA PRO A 58 -3.19 -4.54 -2.06
C PRO A 58 -2.67 -3.28 -2.76
N GLY A 59 -1.85 -3.46 -3.79
CA GLY A 59 -1.27 -2.35 -4.51
C GLY A 59 -2.32 -1.49 -5.18
N ASN A 60 -3.50 -2.07 -5.39
CA ASN A 60 -4.65 -1.37 -5.95
C ASN A 60 -5.10 -0.19 -5.06
N ARG A 61 -4.68 -0.17 -3.80
CA ARG A 61 -5.03 0.89 -2.86
C ARG A 61 -3.81 1.70 -2.44
N LEU A 62 -2.68 1.49 -3.13
CA LEU A 62 -1.44 2.18 -2.81
C LEU A 62 -0.91 3.01 -3.96
N LYS A 63 -0.15 4.04 -3.59
CA LYS A 63 0.51 4.88 -4.58
C LYS A 63 1.96 5.04 -4.24
N ILE A 64 2.82 4.62 -5.15
CA ILE A 64 4.26 4.73 -4.94
C ILE A 64 4.64 6.21 -5.03
N LEU A 65 5.37 6.69 -4.03
CA LEU A 65 5.79 8.08 -3.99
C LEU A 65 7.29 8.17 -4.29
N VAL A 66 7.63 8.19 -5.57
CA VAL A 66 9.02 8.27 -5.99
C VAL A 66 9.60 9.67 -5.71
N GLY A 67 10.89 9.71 -5.40
CA GLY A 67 11.59 10.97 -5.18
C GLY A 67 12.23 11.41 -6.47
N MET A 68 13.05 12.47 -6.41
CA MET A 68 13.80 13.01 -7.57
C MET A 68 12.93 13.56 -8.72
N TYR A 69 11.63 13.65 -8.50
CA TYR A 69 10.71 14.20 -9.51
C TYR A 69 9.85 15.30 -8.89
N ASP A 70 10.39 15.95 -7.85
CA ASP A 70 9.70 17.02 -7.12
C ASP A 70 8.26 16.64 -6.77
N LYS A 71 8.09 15.46 -6.18
CA LYS A 71 6.77 14.91 -5.89
C LYS A 71 6.04 15.67 -4.76
N LYS A 72 5.40 16.76 -5.13
CA LYS A 72 4.60 17.56 -4.20
C LYS A 72 3.26 16.85 -3.93
N PRO A 73 2.66 17.06 -2.74
CA PRO A 73 1.43 16.32 -2.43
C PRO A 73 0.17 16.81 -3.16
N ALA A 74 0.25 18.01 -3.73
CA ALA A 74 -0.85 18.66 -4.46
C ALA A 74 -2.11 18.93 -3.60
N GLY A 75 -1.92 19.01 -2.29
CA GLY A 75 -3.01 19.34 -1.38
C GLY A 75 -3.04 18.43 -0.17
N SER A 76 -3.98 18.70 0.73
CA SER A 76 -4.20 17.90 1.93
C SER A 76 -5.62 18.26 2.37
N GLY A 77 -6.19 17.50 3.30
CA GLY A 77 -7.53 17.79 3.78
C GLY A 77 -8.41 16.55 3.74
N GLY A 78 -9.71 16.76 3.61
CA GLY A 78 -10.67 15.65 3.54
C GLY A 78 -11.95 16.03 4.26
N SER A 79 -11.80 16.69 5.41
CA SER A 79 -12.93 17.23 6.19
C SER A 79 -14.04 16.24 6.56
N GLY A 80 -13.72 14.95 6.62
CA GLY A 80 -14.71 13.95 6.98
C GLY A 80 -14.14 12.90 7.91
N SER A 81 -15.01 12.30 8.70
CA SER A 81 -14.61 11.29 9.68
C SER A 81 -14.81 9.89 9.12
N GLY A 82 -14.44 8.87 9.88
CA GLY A 82 -14.59 7.51 9.41
C GLY A 82 -13.61 7.26 8.28
N LEU A 83 -14.12 6.82 7.14
CA LEU A 83 -13.27 6.56 5.98
C LEU A 83 -12.83 7.85 5.27
N THR A 84 -13.58 8.93 5.51
CA THR A 84 -13.44 10.18 4.75
C THR A 84 -13.77 9.87 3.29
N ASP A 85 -14.76 8.99 3.15
CA ASP A 85 -15.38 8.60 1.89
C ASP A 85 -14.41 8.18 0.77
N GLU A 86 -14.90 8.24 -0.47
CA GLU A 86 -14.20 7.75 -1.67
C GLU A 86 -14.06 6.22 -1.63
N LEU A 87 -14.98 5.54 -2.30
CA LEU A 87 -15.05 4.07 -2.22
C LEU A 87 -13.80 3.42 -2.78
N ALA A 88 -13.31 2.44 -2.05
CA ALA A 88 -12.06 1.78 -2.39
C ALA A 88 -12.25 0.68 -3.45
N PRO A 89 -11.24 0.47 -4.32
CA PRO A 89 -11.33 -0.64 -5.27
C PRO A 89 -11.09 -1.99 -4.58
N PRO A 90 -11.43 -3.10 -5.25
CA PRO A 90 -11.26 -4.41 -4.60
C PRO A 90 -9.80 -4.85 -4.47
N LYS A 91 -9.56 -5.84 -3.62
CA LYS A 91 -8.23 -6.40 -3.43
C LYS A 91 -7.98 -7.47 -4.50
N PRO A 92 -6.72 -7.71 -4.87
CA PRO A 92 -6.43 -8.86 -5.72
C PRO A 92 -6.66 -10.17 -4.92
N PRO A 93 -6.80 -11.32 -5.60
CA PRO A 93 -7.11 -12.55 -4.87
C PRO A 93 -5.93 -13.13 -4.11
N LEU A 94 -6.20 -14.16 -3.30
CA LEU A 94 -5.18 -14.85 -2.53
C LEU A 94 -5.36 -16.38 -2.66
N PRO A 95 -4.28 -17.15 -2.44
CA PRO A 95 -4.31 -18.62 -2.48
C PRO A 95 -4.92 -19.23 -1.21
N GLU A 96 -4.65 -20.52 -0.99
CA GLU A 96 -5.11 -21.29 0.17
C GLU A 96 -6.63 -21.50 0.20
N GLY A 97 -7.26 -21.22 -0.93
CA GLY A 97 -8.67 -21.51 -1.12
C GLY A 97 -8.85 -22.90 -1.70
N GLU A 98 -8.77 -22.99 -3.02
CA GLU A 98 -8.86 -24.27 -3.72
C GLU A 98 -7.52 -24.57 -4.37
N VAL A 99 -6.94 -25.72 -4.06
CA VAL A 99 -5.63 -26.11 -4.60
C VAL A 99 -5.74 -26.58 -6.08
N GLY A 1 27.67 -2.26 0.76
CA GLY A 1 27.86 -2.08 -0.71
C GLY A 1 26.80 -2.80 -1.54
N SER A 2 25.75 -3.18 -0.82
CA SER A 2 24.61 -3.91 -1.39
C SER A 2 23.35 -3.50 -0.65
N MET A 3 22.20 -3.79 -1.24
CA MET A 3 20.91 -3.45 -0.66
C MET A 3 20.00 -4.66 -0.74
N LYS A 4 19.04 -4.75 0.17
CA LYS A 4 18.01 -5.79 0.15
C LYS A 4 16.73 -5.02 0.08
N TYR A 5 15.75 -5.53 -0.67
CA TYR A 5 14.45 -4.88 -0.92
C TYR A 5 14.52 -3.49 -1.58
N LEU A 6 13.38 -3.04 -2.06
CA LEU A 6 13.27 -1.77 -2.79
C LEU A 6 13.39 -0.57 -1.86
N ASN A 7 12.73 -0.65 -0.71
CA ASN A 7 12.71 0.41 0.32
C ASN A 7 12.27 1.78 -0.24
N VAL A 8 11.07 1.81 -0.82
CA VAL A 8 10.50 3.05 -1.36
C VAL A 8 9.29 3.40 -0.51
N LEU A 9 8.84 4.65 -0.54
CA LEU A 9 7.66 5.04 0.24
C LEU A 9 6.41 5.02 -0.63
N ALA A 10 5.29 4.59 -0.06
CA ALA A 10 4.01 4.58 -0.75
C ALA A 10 2.91 5.10 0.16
N LYS A 11 1.93 5.80 -0.41
CA LYS A 11 0.81 6.35 0.35
C LYS A 11 -0.47 5.59 0.07
N ALA A 12 -1.26 5.37 1.10
CA ALA A 12 -2.56 4.73 0.98
C ALA A 12 -3.59 5.69 0.37
N LEU A 13 -4.28 5.27 -0.67
CA LEU A 13 -5.35 6.09 -1.26
C LEU A 13 -6.66 5.80 -0.56
N TYR A 14 -6.70 4.68 0.14
CA TYR A 14 -7.90 4.20 0.81
C TYR A 14 -7.48 3.48 2.07
N ASP A 15 -8.44 3.21 2.93
CA ASP A 15 -8.20 2.41 4.12
C ASP A 15 -7.98 0.98 3.67
N ASN A 16 -7.32 0.20 4.51
CA ASN A 16 -7.20 -1.23 4.29
C ASN A 16 -7.38 -1.95 5.61
N VAL A 17 -8.18 -3.00 5.59
CA VAL A 17 -8.41 -3.84 6.74
C VAL A 17 -7.71 -5.13 6.39
N ALA A 18 -6.83 -5.56 7.27
CA ALA A 18 -6.07 -6.79 7.06
C ALA A 18 -7.01 -7.94 7.37
N GLU A 19 -7.27 -8.75 6.36
CA GLU A 19 -8.19 -9.88 6.48
C GLU A 19 -7.40 -11.17 6.55
N SER A 20 -6.16 -11.10 6.09
CA SER A 20 -5.24 -12.23 6.18
C SER A 20 -4.18 -11.89 7.21
N PRO A 21 -3.60 -12.92 7.86
CA PRO A 21 -2.61 -12.64 8.91
C PRO A 21 -1.30 -12.08 8.39
N ASP A 22 -1.08 -12.15 7.08
CA ASP A 22 0.13 -11.63 6.47
C ASP A 22 -0.11 -10.25 5.92
N GLU A 23 -1.32 -9.72 6.06
CA GLU A 23 -1.68 -8.44 5.47
C GLU A 23 -1.52 -7.29 6.48
N LEU A 24 -1.31 -6.08 5.97
CA LEU A 24 -1.24 -4.89 6.82
C LEU A 24 -2.55 -4.11 6.80
N SER A 25 -2.87 -3.53 7.93
CA SER A 25 -4.04 -2.68 8.07
C SER A 25 -3.54 -1.26 8.24
N PHE A 26 -4.17 -0.36 7.53
CA PHE A 26 -3.82 1.07 7.57
C PHE A 26 -4.98 1.98 7.16
N ARG A 27 -4.80 3.27 7.37
CA ARG A 27 -5.80 4.30 7.08
C ARG A 27 -5.39 5.05 5.80
N LYS A 28 -6.38 5.60 5.11
CA LYS A 28 -6.14 6.44 3.94
C LYS A 28 -5.18 7.58 4.32
N GLY A 29 -4.12 7.72 3.54
CA GLY A 29 -3.12 8.74 3.79
C GLY A 29 -1.87 8.23 4.48
N ASP A 30 -1.88 7.02 5.00
CA ASP A 30 -0.73 6.46 5.71
C ASP A 30 0.41 6.19 4.75
N ILE A 31 1.62 6.15 5.29
CA ILE A 31 2.82 5.88 4.50
C ILE A 31 3.46 4.59 4.97
N MET A 32 3.73 3.69 4.03
CA MET A 32 4.43 2.44 4.34
C MET A 32 5.64 2.31 3.45
N THR A 33 6.61 1.54 3.92
CA THR A 33 7.83 1.29 3.16
C THR A 33 7.65 0.05 2.32
N VAL A 34 7.63 0.21 1.01
CA VAL A 34 7.48 -0.92 0.10
C VAL A 34 8.79 -1.65 -0.02
N LEU A 35 8.75 -2.93 0.29
CA LEU A 35 9.93 -3.78 0.29
C LEU A 35 10.02 -4.51 -1.02
N GLU A 36 8.91 -5.10 -1.48
CA GLU A 36 8.86 -5.69 -2.81
C GLU A 36 7.44 -5.67 -3.33
N ARG A 37 7.26 -6.03 -4.59
CA ARG A 37 5.93 -6.02 -5.21
C ARG A 37 5.73 -7.39 -5.81
N ASP A 38 4.48 -7.81 -5.88
CA ASP A 38 4.10 -9.11 -6.44
C ASP A 38 4.82 -10.21 -5.66
N THR A 39 4.94 -9.92 -4.37
CA THR A 39 5.66 -10.75 -3.41
C THR A 39 5.02 -12.11 -3.26
N GLN A 40 5.84 -13.13 -3.05
CA GLN A 40 5.41 -14.53 -2.90
C GLN A 40 4.63 -15.05 -4.12
N GLY A 41 4.68 -14.34 -5.24
CA GLY A 41 3.94 -14.72 -6.43
C GLY A 41 2.50 -14.25 -6.34
N LEU A 42 2.22 -13.37 -5.39
CA LEU A 42 0.89 -12.84 -5.19
C LEU A 42 0.75 -11.57 -6.03
N ASP A 43 0.25 -11.73 -7.23
CA ASP A 43 0.13 -10.61 -8.16
C ASP A 43 -0.71 -9.48 -7.54
N GLY A 44 -0.17 -8.27 -7.58
CA GLY A 44 -0.87 -7.12 -7.05
C GLY A 44 -0.66 -6.89 -5.57
N TRP A 45 -0.14 -7.88 -4.84
CA TRP A 45 0.13 -7.71 -3.43
C TRP A 45 1.56 -7.20 -3.29
N TRP A 46 1.73 -6.14 -2.51
CA TRP A 46 3.05 -5.52 -2.34
C TRP A 46 3.48 -5.67 -0.89
N LEU A 47 4.65 -6.23 -0.68
CA LEU A 47 5.18 -6.40 0.66
C LEU A 47 5.63 -5.05 1.15
N CYS A 48 5.08 -4.61 2.27
CA CYS A 48 5.43 -3.34 2.85
C CYS A 48 5.64 -3.46 4.34
N SER A 49 6.18 -2.39 4.92
CA SER A 49 6.41 -2.33 6.35
C SER A 49 5.77 -1.05 6.86
N LEU A 50 4.97 -1.18 7.91
CA LEU A 50 4.22 -0.08 8.49
C LEU A 50 4.17 -0.28 9.99
N HIS A 51 4.50 0.78 10.74
CA HIS A 51 4.47 0.75 12.22
C HIS A 51 5.31 -0.39 12.81
N GLY A 52 6.38 -0.77 12.13
CA GLY A 52 7.23 -1.84 12.62
C GLY A 52 6.71 -3.24 12.35
N ARG A 53 5.68 -3.37 11.53
CA ARG A 53 5.10 -4.67 11.19
C ARG A 53 5.25 -4.80 9.70
N GLN A 54 5.46 -6.00 9.22
CA GLN A 54 5.61 -6.27 7.80
C GLN A 54 4.43 -7.07 7.31
N GLY A 55 4.03 -6.87 6.07
CA GLY A 55 2.93 -7.63 5.51
C GLY A 55 2.60 -7.19 4.09
N ILE A 56 1.73 -7.94 3.43
CA ILE A 56 1.31 -7.63 2.07
C ILE A 56 0.23 -6.55 2.09
N VAL A 57 0.13 -5.84 0.99
CA VAL A 57 -0.82 -4.74 0.84
C VAL A 57 -1.36 -4.77 -0.58
N PRO A 58 -2.68 -4.53 -0.77
CA PRO A 58 -3.17 -4.47 -2.14
C PRO A 58 -2.68 -3.20 -2.86
N GLY A 59 -1.88 -3.40 -3.91
CA GLY A 59 -1.35 -2.27 -4.68
C GLY A 59 -2.46 -1.44 -5.30
N ASN A 60 -3.63 -2.03 -5.46
CA ASN A 60 -4.80 -1.32 -6.00
C ASN A 60 -5.28 -0.18 -5.09
N ARG A 61 -4.83 -0.18 -3.84
CA ARG A 61 -5.20 0.86 -2.87
C ARG A 61 -3.96 1.67 -2.45
N LEU A 62 -2.86 1.45 -3.14
CA LEU A 62 -1.59 2.08 -2.77
C LEU A 62 -0.91 2.83 -3.91
N LYS A 63 -0.27 3.95 -3.58
CA LYS A 63 0.44 4.75 -4.57
C LYS A 63 1.89 4.94 -4.21
N ILE A 64 2.75 4.47 -5.10
CA ILE A 64 4.19 4.62 -4.94
C ILE A 64 4.57 6.09 -5.11
N LEU A 65 5.26 6.65 -4.12
CA LEU A 65 5.62 8.07 -4.12
C LEU A 65 7.03 8.33 -4.65
N VAL A 66 7.41 7.64 -5.71
CA VAL A 66 8.75 7.82 -6.29
C VAL A 66 8.70 8.59 -7.60
N GLY A 67 7.96 8.10 -8.58
CA GLY A 67 8.03 8.68 -9.91
C GLY A 67 9.29 8.10 -10.56
N MET A 68 10.38 8.85 -10.55
CA MET A 68 11.65 8.35 -11.08
C MET A 68 12.82 8.99 -10.34
N TYR A 69 13.51 8.20 -9.52
CA TYR A 69 14.71 8.64 -8.80
C TYR A 69 15.66 7.47 -8.68
N ASP A 70 16.95 7.78 -8.66
CA ASP A 70 17.99 6.79 -8.36
C ASP A 70 18.22 6.72 -6.84
N LYS A 71 17.90 7.81 -6.15
CA LYS A 71 18.12 7.90 -4.72
C LYS A 71 16.80 7.90 -3.96
N LYS A 72 16.86 7.57 -2.69
CA LYS A 72 15.67 7.56 -1.83
C LYS A 72 15.39 9.00 -1.42
N PRO A 73 14.14 9.32 -1.02
CA PRO A 73 13.87 10.71 -0.62
C PRO A 73 14.54 11.13 0.70
N ALA A 74 15.04 10.15 1.45
CA ALA A 74 15.77 10.40 2.71
C ALA A 74 15.01 11.29 3.71
N GLY A 75 13.69 11.12 3.75
CA GLY A 75 12.86 11.90 4.66
C GLY A 75 11.51 11.22 4.77
N SER A 76 10.60 11.81 5.53
CA SER A 76 9.27 11.23 5.74
C SER A 76 8.24 12.35 5.86
N GLY A 77 6.97 12.01 5.76
CA GLY A 77 5.91 12.99 5.87
C GLY A 77 4.61 12.24 6.09
N GLY A 78 3.52 12.95 6.37
CA GLY A 78 2.24 12.32 6.66
C GLY A 78 1.09 12.85 5.83
N SER A 79 -0.11 12.78 6.40
CA SER A 79 -1.32 13.30 5.78
C SER A 79 -2.20 13.89 6.86
N GLY A 80 -3.16 14.72 6.46
CA GLY A 80 -4.13 15.28 7.40
C GLY A 80 -5.50 15.28 6.75
N SER A 81 -6.39 14.41 7.22
CA SER A 81 -7.74 14.32 6.68
C SER A 81 -8.64 13.74 7.76
N GLY A 82 -9.87 14.24 7.84
CA GLY A 82 -10.81 13.78 8.85
C GLY A 82 -12.03 13.10 8.26
N LEU A 83 -12.13 13.09 6.94
CA LEU A 83 -13.28 12.51 6.24
C LEU A 83 -12.77 11.55 5.17
N THR A 84 -13.55 10.53 4.86
CA THR A 84 -13.19 9.53 3.85
C THR A 84 -14.42 9.13 3.05
N ASP A 85 -14.93 10.08 2.29
CA ASP A 85 -16.17 9.93 1.53
C ASP A 85 -15.94 9.33 0.14
N GLU A 86 -15.27 8.19 0.10
CA GLU A 86 -14.96 7.51 -1.14
C GLU A 86 -14.72 6.06 -0.78
N LEU A 87 -15.21 5.18 -1.63
CA LEU A 87 -15.13 3.73 -1.41
C LEU A 87 -13.88 3.17 -2.07
N ALA A 88 -13.31 2.15 -1.45
CA ALA A 88 -12.08 1.57 -1.95
C ALA A 88 -12.33 0.52 -3.04
N PRO A 89 -11.43 0.41 -4.03
CA PRO A 89 -11.57 -0.65 -5.03
C PRO A 89 -11.26 -2.01 -4.40
N PRO A 90 -11.60 -3.11 -5.11
CA PRO A 90 -11.33 -4.42 -4.49
C PRO A 90 -9.84 -4.73 -4.39
N LYS A 91 -9.52 -5.69 -3.53
CA LYS A 91 -8.15 -6.18 -3.40
C LYS A 91 -8.05 -7.41 -4.29
N PRO A 92 -6.86 -7.72 -4.80
CA PRO A 92 -6.77 -9.00 -5.54
C PRO A 92 -6.96 -10.15 -4.55
N PRO A 93 -7.40 -11.33 -5.03
CA PRO A 93 -7.65 -12.44 -4.10
C PRO A 93 -6.36 -13.09 -3.59
N LEU A 94 -6.51 -14.01 -2.66
CA LEU A 94 -5.38 -14.71 -2.07
C LEU A 94 -5.60 -16.24 -2.07
N PRO A 95 -4.51 -17.02 -1.91
CA PRO A 95 -4.62 -18.49 -1.83
C PRO A 95 -5.13 -18.98 -0.47
N GLU A 96 -4.95 -20.27 -0.20
CA GLU A 96 -5.33 -20.94 1.06
C GLU A 96 -6.84 -20.94 1.33
N GLY A 97 -7.61 -20.57 0.32
CA GLY A 97 -9.06 -20.60 0.42
C GLY A 97 -9.69 -19.25 0.65
N GLU A 98 -8.88 -18.19 0.61
CA GLU A 98 -9.40 -16.84 0.68
C GLU A 98 -10.25 -16.62 -0.59
N VAL A 99 -11.35 -15.88 -0.45
CA VAL A 99 -12.37 -15.74 -1.50
C VAL A 99 -12.22 -14.52 -2.44
N GLY A 1 26.37 -0.47 0.92
CA GLY A 1 27.30 -1.60 1.20
C GLY A 1 26.66 -2.98 1.18
N SER A 2 25.33 -2.98 1.30
CA SER A 2 24.51 -4.17 1.23
C SER A 2 23.19 -3.75 0.63
N MET A 3 22.52 -4.65 -0.09
CA MET A 3 21.26 -4.32 -0.75
C MET A 3 20.26 -5.43 -0.53
N LYS A 4 19.03 -5.06 -0.23
CA LYS A 4 17.92 -6.00 -0.08
C LYS A 4 16.70 -5.14 -0.28
N TYR A 5 15.70 -5.68 -0.97
CA TYR A 5 14.44 -4.98 -1.20
C TYR A 5 14.54 -3.62 -1.93
N LEU A 6 13.38 -3.06 -2.23
CA LEU A 6 13.26 -1.80 -2.96
C LEU A 6 13.38 -0.60 -2.02
N ASN A 7 12.80 -0.74 -0.84
CA ASN A 7 12.78 0.30 0.22
C ASN A 7 12.27 1.67 -0.27
N VAL A 8 11.12 1.70 -0.93
CA VAL A 8 10.54 2.96 -1.44
C VAL A 8 9.33 3.29 -0.58
N LEU A 9 8.89 4.53 -0.58
CA LEU A 9 7.71 4.91 0.21
C LEU A 9 6.46 4.92 -0.66
N ALA A 10 5.35 4.53 -0.06
CA ALA A 10 4.05 4.55 -0.75
C ALA A 10 2.96 5.10 0.18
N LYS A 11 1.98 5.79 -0.40
CA LYS A 11 0.86 6.33 0.36
C LYS A 11 -0.42 5.54 0.09
N ALA A 12 -1.20 5.31 1.12
CA ALA A 12 -2.50 4.68 0.99
C ALA A 12 -3.53 5.65 0.39
N LEU A 13 -4.23 5.24 -0.66
CA LEU A 13 -5.28 6.06 -1.26
C LEU A 13 -6.59 5.80 -0.55
N TYR A 14 -6.67 4.65 0.11
CA TYR A 14 -7.89 4.22 0.78
C TYR A 14 -7.49 3.49 2.06
N ASP A 15 -8.46 3.25 2.93
CA ASP A 15 -8.28 2.41 4.12
C ASP A 15 -8.07 0.97 3.68
N ASN A 16 -7.50 0.17 4.56
CA ASN A 16 -7.39 -1.26 4.35
C ASN A 16 -7.49 -1.97 5.68
N VAL A 17 -8.36 -2.98 5.73
CA VAL A 17 -8.50 -3.82 6.90
C VAL A 17 -7.87 -5.12 6.50
N ALA A 18 -6.91 -5.56 7.30
CA ALA A 18 -6.18 -6.78 7.03
C ALA A 18 -7.09 -7.98 7.32
N GLU A 19 -7.21 -8.87 6.33
CA GLU A 19 -8.02 -10.07 6.47
C GLU A 19 -7.12 -11.29 6.57
N SER A 20 -5.96 -11.20 5.95
CA SER A 20 -4.95 -12.24 6.04
C SER A 20 -4.05 -11.88 7.21
N PRO A 21 -3.52 -12.88 7.93
CA PRO A 21 -2.58 -12.55 9.01
C PRO A 21 -1.26 -11.99 8.48
N ASP A 22 -1.05 -12.10 7.18
CA ASP A 22 0.15 -11.58 6.54
C ASP A 22 -0.12 -10.23 5.93
N GLU A 23 -1.33 -9.69 6.06
CA GLU A 23 -1.68 -8.41 5.44
C GLU A 23 -1.54 -7.26 6.43
N LEU A 24 -1.26 -6.06 5.92
CA LEU A 24 -1.22 -4.86 6.77
C LEU A 24 -2.52 -4.10 6.72
N SER A 25 -2.90 -3.58 7.88
CA SER A 25 -4.07 -2.74 8.00
C SER A 25 -3.57 -1.32 8.20
N PHE A 26 -4.18 -0.40 7.49
CA PHE A 26 -3.81 1.02 7.54
C PHE A 26 -4.93 1.95 7.10
N ARG A 27 -4.76 3.24 7.36
CA ARG A 27 -5.76 4.25 7.05
C ARG A 27 -5.39 4.96 5.75
N LYS A 28 -6.36 5.56 5.09
CA LYS A 28 -6.07 6.40 3.94
C LYS A 28 -5.10 7.50 4.36
N GLY A 29 -4.05 7.68 3.57
CA GLY A 29 -3.06 8.71 3.86
C GLY A 29 -1.82 8.20 4.53
N ASP A 30 -1.84 6.98 5.04
CA ASP A 30 -0.67 6.40 5.72
C ASP A 30 0.47 6.20 4.76
N ILE A 31 1.68 6.18 5.30
CA ILE A 31 2.89 5.95 4.51
C ILE A 31 3.53 4.67 4.99
N MET A 32 3.84 3.79 4.06
CA MET A 32 4.51 2.53 4.37
C MET A 32 5.69 2.33 3.46
N THR A 33 6.65 1.56 3.93
CA THR A 33 7.87 1.28 3.19
C THR A 33 7.67 0.03 2.34
N VAL A 34 7.65 0.19 1.02
CA VAL A 34 7.48 -0.94 0.11
C VAL A 34 8.80 -1.65 -0.03
N LEU A 35 8.79 -2.91 0.34
CA LEU A 35 9.96 -3.75 0.29
C LEU A 35 10.01 -4.44 -1.05
N GLU A 36 8.90 -5.01 -1.49
CA GLU A 36 8.85 -5.59 -2.83
C GLU A 36 7.41 -5.59 -3.33
N ARG A 37 7.21 -5.88 -4.59
CA ARG A 37 5.88 -5.92 -5.17
C ARG A 37 5.72 -7.29 -5.79
N ASP A 38 4.47 -7.77 -5.83
CA ASP A 38 4.13 -9.08 -6.37
C ASP A 38 4.90 -10.15 -5.58
N THR A 39 4.99 -9.86 -4.29
CA THR A 39 5.74 -10.67 -3.33
C THR A 39 5.13 -12.06 -3.20
N GLN A 40 5.97 -13.05 -2.99
CA GLN A 40 5.56 -14.47 -2.87
C GLN A 40 4.80 -14.98 -4.11
N GLY A 41 4.85 -14.23 -5.21
CA GLY A 41 4.12 -14.59 -6.41
C GLY A 41 2.67 -14.17 -6.33
N LEU A 42 2.36 -13.32 -5.36
CA LEU A 42 1.01 -12.84 -5.16
C LEU A 42 0.81 -11.60 -6.02
N ASP A 43 0.27 -11.78 -7.20
CA ASP A 43 0.09 -10.67 -8.14
C ASP A 43 -0.76 -9.57 -7.50
N GLY A 44 -0.25 -8.34 -7.57
CA GLY A 44 -0.97 -7.20 -7.04
C GLY A 44 -0.74 -6.96 -5.56
N TRP A 45 -0.17 -7.91 -4.85
CA TRP A 45 0.11 -7.74 -3.44
C TRP A 45 1.53 -7.21 -3.26
N TRP A 46 1.68 -6.16 -2.48
CA TRP A 46 2.97 -5.51 -2.30
C TRP A 46 3.43 -5.66 -0.85
N LEU A 47 4.64 -6.18 -0.65
CA LEU A 47 5.18 -6.35 0.68
C LEU A 47 5.62 -4.99 1.17
N CYS A 48 5.03 -4.54 2.27
CA CYS A 48 5.39 -3.27 2.85
C CYS A 48 5.60 -3.40 4.33
N SER A 49 6.11 -2.35 4.93
CA SER A 49 6.32 -2.30 6.37
C SER A 49 5.69 -1.02 6.90
N LEU A 50 4.87 -1.15 7.94
CA LEU A 50 4.15 -0.03 8.54
C LEU A 50 4.09 -0.30 10.04
N HIS A 51 4.40 0.73 10.83
CA HIS A 51 4.44 0.61 12.32
C HIS A 51 5.40 -0.50 12.78
N GLY A 52 6.43 -0.79 11.99
CA GLY A 52 7.38 -1.82 12.33
C GLY A 52 6.88 -3.24 12.09
N ARG A 53 5.73 -3.37 11.44
CA ARG A 53 5.14 -4.67 11.12
C ARG A 53 5.21 -4.80 9.62
N GLN A 54 5.56 -5.99 9.16
CA GLN A 54 5.65 -6.25 7.72
C GLN A 54 4.43 -7.03 7.25
N GLY A 55 4.03 -6.82 6.02
CA GLY A 55 2.92 -7.57 5.46
C GLY A 55 2.56 -7.18 4.04
N ILE A 56 1.69 -7.96 3.41
CA ILE A 56 1.26 -7.68 2.04
C ILE A 56 0.18 -6.60 2.07
N VAL A 57 0.03 -5.92 0.94
CA VAL A 57 -0.90 -4.80 0.81
C VAL A 57 -1.50 -4.86 -0.59
N PRO A 58 -2.82 -4.62 -0.74
CA PRO A 58 -3.39 -4.55 -2.08
C PRO A 58 -2.90 -3.31 -2.83
N GLY A 59 -2.06 -3.50 -3.83
CA GLY A 59 -1.49 -2.39 -4.58
C GLY A 59 -2.51 -1.48 -5.23
N ASN A 60 -3.72 -2.00 -5.45
CA ASN A 60 -4.80 -1.20 -6.04
C ASN A 60 -5.25 -0.05 -5.11
N ARG A 61 -4.86 -0.12 -3.84
CA ARG A 61 -5.21 0.92 -2.86
C ARG A 61 -3.96 1.68 -2.43
N LEU A 62 -2.84 1.43 -3.12
CA LEU A 62 -1.56 2.03 -2.74
C LEU A 62 -0.92 2.79 -3.87
N LYS A 63 -0.25 3.89 -3.54
CA LYS A 63 0.47 4.70 -4.53
C LYS A 63 1.92 4.83 -4.19
N ILE A 64 2.75 4.36 -5.08
CA ILE A 64 4.19 4.50 -4.94
C ILE A 64 4.51 5.96 -5.12
N LEU A 65 5.20 6.54 -4.16
CA LEU A 65 5.56 7.95 -4.21
C LEU A 65 6.93 8.08 -4.88
N VAL A 66 6.95 7.78 -6.17
CA VAL A 66 8.21 7.70 -6.93
C VAL A 66 8.97 9.01 -7.07
N GLY A 67 8.25 10.13 -7.05
CA GLY A 67 8.87 11.44 -7.23
C GLY A 67 9.26 11.74 -8.67
N MET A 68 8.94 10.83 -9.57
CA MET A 68 9.32 10.96 -10.98
C MET A 68 8.32 11.73 -11.84
N TYR A 69 7.14 12.01 -11.28
CA TYR A 69 6.07 12.66 -12.04
C TYR A 69 5.31 13.65 -11.17
N ASP A 70 5.08 14.85 -11.70
CA ASP A 70 4.49 15.95 -10.94
C ASP A 70 3.19 16.48 -11.52
N LYS A 71 2.63 17.47 -10.82
CA LYS A 71 1.48 18.27 -11.28
C LYS A 71 0.24 17.47 -11.68
N LYS A 72 -0.08 16.47 -10.88
CA LYS A 72 -1.35 15.73 -11.02
C LYS A 72 -2.06 15.90 -9.68
N PRO A 73 -3.41 15.90 -9.68
CA PRO A 73 -4.08 16.09 -8.40
C PRO A 73 -3.89 14.87 -7.49
N ALA A 74 -3.90 15.11 -6.18
CA ALA A 74 -3.65 14.05 -5.21
C ALA A 74 -4.34 14.24 -3.84
N GLY A 75 -4.54 15.48 -3.42
CA GLY A 75 -5.15 15.73 -2.12
C GLY A 75 -6.66 15.80 -2.21
N SER A 76 -7.37 15.13 -1.32
CA SER A 76 -8.84 15.13 -1.31
C SER A 76 -9.40 16.10 -0.27
N GLY A 77 -8.56 16.53 0.66
CA GLY A 77 -9.01 17.38 1.75
C GLY A 77 -8.10 17.18 2.95
N GLY A 78 -8.67 17.28 4.15
CA GLY A 78 -7.90 17.09 5.38
C GLY A 78 -7.49 15.65 5.62
N SER A 79 -6.70 15.45 6.68
CA SER A 79 -6.20 14.12 7.04
C SER A 79 -7.13 13.49 8.08
N GLY A 80 -7.17 12.16 8.10
CA GLY A 80 -7.96 11.44 9.10
C GLY A 80 -9.45 11.36 8.80
N SER A 81 -9.85 11.77 7.61
CA SER A 81 -11.25 11.79 7.21
C SER A 81 -11.92 10.42 7.30
N GLY A 82 -13.22 10.43 7.56
CA GLY A 82 -14.00 9.21 7.68
C GLY A 82 -15.44 9.45 7.28
N LEU A 83 -15.61 10.08 6.12
CA LEU A 83 -16.93 10.42 5.61
C LEU A 83 -17.41 9.33 4.65
N THR A 84 -18.54 9.56 4.02
CA THR A 84 -19.12 8.66 3.03
C THR A 84 -18.32 8.75 1.72
N ASP A 85 -18.77 8.00 0.73
CA ASP A 85 -18.22 8.01 -0.63
C ASP A 85 -16.74 7.58 -0.66
N GLU A 86 -16.04 7.96 -1.72
CA GLU A 86 -14.62 7.57 -1.94
C GLU A 86 -14.41 6.07 -1.75
N LEU A 87 -15.34 5.29 -2.26
CA LEU A 87 -15.34 3.83 -2.08
C LEU A 87 -14.09 3.20 -2.67
N ALA A 88 -13.51 2.30 -1.90
CA ALA A 88 -12.25 1.68 -2.27
C ALA A 88 -12.44 0.55 -3.29
N PRO A 89 -11.44 0.33 -4.18
CA PRO A 89 -11.53 -0.80 -5.10
C PRO A 89 -11.32 -2.15 -4.41
N PRO A 90 -11.69 -3.26 -5.07
CA PRO A 90 -11.52 -4.57 -4.42
C PRO A 90 -10.05 -4.98 -4.32
N LYS A 91 -9.79 -5.97 -3.47
CA LYS A 91 -8.44 -6.51 -3.30
C LYS A 91 -8.17 -7.52 -4.41
N PRO A 92 -6.89 -7.71 -4.80
CA PRO A 92 -6.59 -8.83 -5.71
C PRO A 92 -6.78 -10.16 -4.96
N PRO A 93 -6.90 -11.27 -5.70
CA PRO A 93 -7.16 -12.55 -5.02
C PRO A 93 -5.94 -13.11 -4.29
N LEU A 94 -6.16 -14.17 -3.53
CA LEU A 94 -5.11 -14.86 -2.79
C LEU A 94 -5.23 -16.36 -3.03
N PRO A 95 -4.12 -17.12 -2.85
CA PRO A 95 -4.11 -18.57 -3.03
C PRO A 95 -4.77 -19.31 -1.87
N GLU A 96 -4.73 -20.64 -1.95
CA GLU A 96 -5.29 -21.55 -0.95
C GLU A 96 -6.81 -21.44 -0.82
N GLY A 97 -7.42 -20.74 -1.76
CA GLY A 97 -8.87 -20.63 -1.81
C GLY A 97 -9.47 -21.87 -2.49
N GLU A 98 -10.75 -22.10 -2.26
CA GLU A 98 -11.45 -23.24 -2.83
C GLU A 98 -12.55 -22.80 -3.79
N VAL A 99 -13.00 -23.73 -4.64
CA VAL A 99 -14.04 -23.42 -5.61
C VAL A 99 -15.42 -23.19 -4.95
N GLY A 1 24.25 -9.01 -4.11
CA GLY A 1 24.68 -7.69 -4.68
C GLY A 1 24.20 -6.46 -3.92
N SER A 2 24.06 -6.66 -2.59
CA SER A 2 23.53 -5.65 -1.65
C SER A 2 22.11 -5.28 -2.07
N MET A 3 21.66 -4.08 -1.71
CA MET A 3 20.33 -3.54 -2.07
C MET A 3 19.19 -4.57 -1.95
N LYS A 4 19.06 -5.16 -0.77
CA LYS A 4 17.95 -6.07 -0.51
C LYS A 4 16.73 -5.20 -0.38
N TYR A 5 15.65 -5.59 -1.06
CA TYR A 5 14.40 -4.88 -1.14
C TYR A 5 14.48 -3.48 -1.79
N LEU A 6 13.33 -2.99 -2.21
CA LEU A 6 13.24 -1.74 -2.96
C LEU A 6 13.36 -0.51 -2.06
N ASN A 7 12.82 -0.63 -0.84
CA ASN A 7 12.84 0.44 0.17
C ASN A 7 12.30 1.80 -0.32
N VAL A 8 11.13 1.79 -0.95
CA VAL A 8 10.52 3.02 -1.47
C VAL A 8 9.33 3.37 -0.57
N LEU A 9 8.86 4.60 -0.60
CA LEU A 9 7.70 4.99 0.22
C LEU A 9 6.43 4.98 -0.63
N ALA A 10 5.32 4.62 -0.03
CA ALA A 10 4.04 4.59 -0.74
C ALA A 10 2.91 5.12 0.17
N LYS A 11 1.97 5.85 -0.41
CA LYS A 11 0.83 6.39 0.34
C LYS A 11 -0.44 5.61 0.05
N ALA A 12 -1.23 5.36 1.08
CA ALA A 12 -2.53 4.73 0.96
C ALA A 12 -3.54 5.71 0.34
N LEU A 13 -4.22 5.31 -0.73
CA LEU A 13 -5.28 6.13 -1.31
C LEU A 13 -6.59 5.81 -0.63
N TYR A 14 -6.63 4.66 0.03
CA TYR A 14 -7.84 4.19 0.68
C TYR A 14 -7.47 3.42 1.93
N ASP A 15 -8.42 3.30 2.84
CA ASP A 15 -8.27 2.50 4.04
C ASP A 15 -8.18 1.02 3.68
N ASN A 16 -7.59 0.24 4.57
CA ASN A 16 -7.32 -1.16 4.33
C ASN A 16 -7.47 -1.93 5.64
N VAL A 17 -8.19 -3.03 5.57
CA VAL A 17 -8.42 -3.89 6.72
C VAL A 17 -7.78 -5.21 6.35
N ALA A 18 -6.93 -5.70 7.24
CA ALA A 18 -6.24 -6.95 7.03
C ALA A 18 -7.21 -8.11 7.22
N GLU A 19 -7.37 -8.93 6.19
CA GLU A 19 -8.24 -10.10 6.24
C GLU A 19 -7.39 -11.36 6.31
N SER A 20 -6.14 -11.19 5.91
CA SER A 20 -5.14 -12.26 5.97
C SER A 20 -4.18 -11.91 7.09
N PRO A 21 -3.61 -12.93 7.79
CA PRO A 21 -2.63 -12.62 8.83
C PRO A 21 -1.32 -12.07 8.28
N ASP A 22 -1.13 -12.21 6.97
CA ASP A 22 0.04 -11.70 6.29
C ASP A 22 -0.19 -10.25 5.87
N GLU A 23 -1.41 -9.77 6.00
CA GLU A 23 -1.78 -8.47 5.44
C GLU A 23 -1.64 -7.37 6.50
N LEU A 24 -1.30 -6.16 6.04
CA LEU A 24 -1.26 -5.00 6.93
C LEU A 24 -2.65 -4.37 7.02
N SER A 25 -2.83 -3.55 8.04
CA SER A 25 -4.09 -2.82 8.24
C SER A 25 -3.77 -1.33 8.44
N PHE A 26 -4.08 -0.52 7.43
CA PHE A 26 -3.77 0.92 7.49
C PHE A 26 -4.93 1.84 7.08
N ARG A 27 -4.74 3.12 7.36
CA ARG A 27 -5.74 4.16 7.13
C ARG A 27 -5.35 4.96 5.88
N LYS A 28 -6.35 5.50 5.20
CA LYS A 28 -6.11 6.34 4.02
C LYS A 28 -5.19 7.50 4.38
N GLY A 29 -4.12 7.65 3.60
CA GLY A 29 -3.16 8.71 3.83
C GLY A 29 -1.89 8.24 4.50
N ASP A 30 -1.88 7.02 5.03
CA ASP A 30 -0.70 6.50 5.74
C ASP A 30 0.43 6.23 4.76
N ILE A 31 1.65 6.21 5.29
CA ILE A 31 2.85 5.94 4.50
C ILE A 31 3.49 4.65 4.99
N MET A 32 3.79 3.76 4.06
CA MET A 32 4.48 2.52 4.37
C MET A 32 5.68 2.36 3.46
N THR A 33 6.63 1.58 3.91
CA THR A 33 7.85 1.31 3.15
C THR A 33 7.65 0.06 2.32
N VAL A 34 7.65 0.21 1.00
CA VAL A 34 7.50 -0.92 0.10
C VAL A 34 8.82 -1.65 0.00
N LEU A 35 8.79 -2.93 0.30
CA LEU A 35 9.97 -3.76 0.27
C LEU A 35 10.05 -4.51 -1.04
N GLU A 36 8.94 -5.09 -1.47
CA GLU A 36 8.89 -5.70 -2.80
C GLU A 36 7.47 -5.65 -3.30
N ARG A 37 7.26 -6.02 -4.55
CA ARG A 37 5.92 -6.04 -5.13
C ARG A 37 5.74 -7.41 -5.73
N ASP A 38 4.49 -7.86 -5.77
CA ASP A 38 4.11 -9.15 -6.36
C ASP A 38 4.85 -10.25 -5.58
N THR A 39 4.96 -9.98 -4.28
CA THR A 39 5.66 -10.82 -3.32
C THR A 39 4.99 -12.17 -3.17
N GLN A 40 5.79 -13.21 -2.94
CA GLN A 40 5.33 -14.60 -2.81
C GLN A 40 4.58 -15.11 -4.06
N GLY A 41 4.69 -14.38 -5.16
CA GLY A 41 3.97 -14.72 -6.38
C GLY A 41 2.53 -14.24 -6.32
N LEU A 42 2.23 -13.37 -5.35
CA LEU A 42 0.91 -12.83 -5.18
C LEU A 42 0.80 -11.57 -6.00
N ASP A 43 0.41 -11.71 -7.25
CA ASP A 43 0.33 -10.58 -8.17
C ASP A 43 -0.59 -9.50 -7.59
N GLY A 44 -0.11 -8.27 -7.58
CA GLY A 44 -0.88 -7.15 -7.05
C GLY A 44 -0.71 -6.92 -5.57
N TRP A 45 -0.14 -7.88 -4.84
CA TRP A 45 0.12 -7.72 -3.42
C TRP A 45 1.54 -7.21 -3.25
N TRP A 46 1.72 -6.16 -2.47
CA TRP A 46 3.03 -5.55 -2.30
C TRP A 46 3.47 -5.69 -0.85
N LEU A 47 4.65 -6.23 -0.64
CA LEU A 47 5.19 -6.39 0.71
C LEU A 47 5.61 -5.02 1.18
N CYS A 48 5.03 -4.57 2.27
CA CYS A 48 5.39 -3.28 2.84
C CYS A 48 5.60 -3.42 4.33
N SER A 49 6.16 -2.37 4.91
CA SER A 49 6.39 -2.31 6.33
C SER A 49 5.75 -1.03 6.86
N LEU A 50 4.93 -1.18 7.89
CA LEU A 50 4.18 -0.08 8.46
C LEU A 50 4.16 -0.31 9.97
N HIS A 51 4.49 0.72 10.75
CA HIS A 51 4.53 0.63 12.22
C HIS A 51 5.47 -0.50 12.69
N GLY A 52 6.47 -0.83 11.88
CA GLY A 52 7.40 -1.90 12.22
C GLY A 52 6.88 -3.29 11.95
N ARG A 53 5.68 -3.42 11.37
CA ARG A 53 5.09 -4.72 11.06
C ARG A 53 5.21 -4.84 9.56
N GLN A 54 5.60 -6.02 9.10
CA GLN A 54 5.74 -6.29 7.68
C GLN A 54 4.56 -7.14 7.22
N GLY A 55 4.05 -6.86 6.03
CA GLY A 55 2.95 -7.65 5.49
C GLY A 55 2.57 -7.24 4.08
N ILE A 56 1.70 -7.99 3.44
CA ILE A 56 1.27 -7.70 2.08
C ILE A 56 0.21 -6.61 2.11
N VAL A 57 0.12 -5.89 1.00
CA VAL A 57 -0.81 -4.77 0.85
C VAL A 57 -1.40 -4.81 -0.55
N PRO A 58 -2.71 -4.55 -0.70
CA PRO A 58 -3.27 -4.48 -2.05
C PRO A 58 -2.76 -3.23 -2.80
N GLY A 59 -1.92 -3.45 -3.79
CA GLY A 59 -1.37 -2.34 -4.57
C GLY A 59 -2.43 -1.50 -5.23
N ASN A 60 -3.61 -2.08 -5.42
CA ASN A 60 -4.75 -1.38 -6.01
C ASN A 60 -5.24 -0.21 -5.13
N ARG A 61 -4.83 -0.18 -3.87
CA ARG A 61 -5.20 0.90 -2.95
C ARG A 61 -3.97 1.71 -2.53
N LEU A 62 -2.84 1.48 -3.19
CA LEU A 62 -1.59 2.13 -2.81
C LEU A 62 -0.94 2.90 -3.95
N LYS A 63 -0.30 4.02 -3.62
CA LYS A 63 0.41 4.83 -4.62
C LYS A 63 1.86 4.95 -4.23
N ILE A 64 2.72 4.48 -5.10
CA ILE A 64 4.16 4.61 -4.92
C ILE A 64 4.51 6.08 -5.04
N LEU A 65 5.22 6.60 -4.06
CA LEU A 65 5.68 7.98 -4.08
C LEU A 65 7.09 7.96 -4.65
N VAL A 66 7.20 8.23 -5.93
CA VAL A 66 8.49 8.12 -6.62
C VAL A 66 9.34 9.36 -6.33
N GLY A 67 8.69 10.52 -6.29
CA GLY A 67 9.41 11.77 -6.04
C GLY A 67 10.21 12.16 -7.27
N MET A 68 9.70 11.79 -8.43
CA MET A 68 10.40 12.04 -9.69
C MET A 68 9.47 12.50 -10.80
N TYR A 69 8.84 11.56 -11.51
CA TYR A 69 7.96 11.92 -12.63
C TYR A 69 6.52 12.11 -12.16
N ASP A 70 6.24 11.60 -10.96
CA ASP A 70 4.94 11.66 -10.26
C ASP A 70 3.70 12.03 -11.09
N LYS A 71 3.41 11.23 -12.12
CA LYS A 71 2.30 11.52 -13.03
C LYS A 71 0.94 11.21 -12.42
N LYS A 72 0.92 10.61 -11.24
CA LYS A 72 -0.34 10.40 -10.52
C LYS A 72 -0.54 11.65 -9.67
N PRO A 73 -1.77 12.18 -9.62
CA PRO A 73 -1.92 13.50 -9.01
C PRO A 73 -1.76 13.56 -7.50
N ALA A 74 -1.51 14.77 -7.02
CA ALA A 74 -1.41 15.10 -5.61
C ALA A 74 -1.94 16.53 -5.57
N GLY A 75 -2.32 17.00 -4.39
CA GLY A 75 -2.91 18.33 -4.27
C GLY A 75 -4.00 18.24 -3.22
N SER A 76 -5.02 19.07 -3.33
CA SER A 76 -6.17 19.06 -2.40
C SER A 76 -6.96 17.74 -2.46
N GLY A 77 -6.79 17.00 -3.55
CA GLY A 77 -7.48 15.72 -3.70
C GLY A 77 -8.79 15.86 -4.45
N GLY A 78 -9.54 16.89 -4.11
CA GLY A 78 -10.82 17.17 -4.75
C GLY A 78 -11.77 17.57 -3.65
N SER A 79 -13.05 17.73 -3.97
CA SER A 79 -14.07 18.03 -2.97
C SER A 79 -15.40 17.62 -3.59
N GLY A 80 -16.32 17.10 -2.79
CA GLY A 80 -17.62 16.71 -3.31
C GLY A 80 -17.62 15.47 -4.19
N SER A 81 -17.39 14.31 -3.60
CA SER A 81 -17.40 13.04 -4.34
C SER A 81 -17.98 11.95 -3.47
N GLY A 82 -18.60 10.95 -4.09
CA GLY A 82 -19.14 9.80 -3.37
C GLY A 82 -20.10 10.09 -2.24
N LEU A 83 -20.82 11.21 -2.32
CA LEU A 83 -21.73 11.66 -1.26
C LEU A 83 -20.99 11.80 0.09
N THR A 84 -19.72 12.21 -0.02
CA THR A 84 -18.78 12.48 1.09
C THR A 84 -18.00 11.23 1.55
N ASP A 85 -18.35 10.07 1.01
CA ASP A 85 -17.58 8.85 1.27
C ASP A 85 -16.66 8.57 0.09
N GLU A 86 -15.56 7.89 0.33
CA GLU A 86 -14.60 7.54 -0.72
C GLU A 86 -14.30 6.06 -0.65
N LEU A 87 -15.28 5.29 -1.06
CA LEU A 87 -15.22 3.83 -1.01
C LEU A 87 -14.07 3.30 -1.86
N ALA A 88 -13.46 2.25 -1.34
CA ALA A 88 -12.25 1.71 -1.95
C ALA A 88 -12.52 0.62 -3.00
N PRO A 89 -11.63 0.50 -4.00
CA PRO A 89 -11.79 -0.60 -4.96
C PRO A 89 -11.43 -1.96 -4.33
N PRO A 90 -11.79 -3.06 -4.99
CA PRO A 90 -11.49 -4.36 -4.36
C PRO A 90 -9.99 -4.69 -4.33
N LYS A 91 -9.62 -5.55 -3.40
CA LYS A 91 -8.24 -6.04 -3.29
C LYS A 91 -8.13 -7.21 -4.26
N PRO A 92 -6.91 -7.51 -4.75
CA PRO A 92 -6.79 -8.70 -5.60
C PRO A 92 -7.02 -9.97 -4.77
N PRO A 93 -7.31 -11.10 -5.43
CA PRO A 93 -7.59 -12.32 -4.66
C PRO A 93 -6.33 -12.90 -4.03
N LEU A 94 -6.51 -13.95 -3.24
CA LEU A 94 -5.41 -14.67 -2.61
C LEU A 94 -5.63 -16.16 -2.88
N PRO A 95 -4.54 -16.95 -2.90
CA PRO A 95 -4.63 -18.39 -3.18
C PRO A 95 -5.10 -19.22 -1.99
N GLU A 96 -5.43 -20.46 -2.30
CA GLU A 96 -5.87 -21.43 -1.30
C GLU A 96 -4.67 -22.29 -0.92
N GLY A 97 -3.94 -21.87 0.09
CA GLY A 97 -2.75 -22.59 0.51
C GLY A 97 -2.17 -22.03 1.79
N GLU A 98 -1.00 -22.52 2.19
CA GLU A 98 -0.32 -22.07 3.39
C GLU A 98 1.18 -22.13 3.12
N VAL A 99 1.98 -21.46 3.97
CA VAL A 99 3.44 -21.45 3.83
C VAL A 99 4.13 -21.94 5.12
#